data_7KS9
#
_entry.id   7KS9
#
loop_
_entity.id
_entity.type
_entity.pdbx_description
1 polymer '910-30 Fab light chain'
2 polymer '910-30 Fab heavy chain'
3 polymer 'Spike glycoprotein'
4 branched 2-acetamido-2-deoxy-beta-D-glucopyranose-(1-4)-2-acetamido-2-deoxy-beta-D-glucopyranose
5 non-polymer 2-acetamido-2-deoxy-beta-D-glucopyranose
#
loop_
_entity_poly.entity_id
_entity_poly.type
_entity_poly.pdbx_seq_one_letter_code
_entity_poly.pdbx_strand_id
1 'polypeptide(L)'
;DIQMTQSPSSLSASVGDRVTITCQASQDISNYLNWYQQKPGKAPKLLIYDASNLETGVPSRFSGSRSGTDFTFTISSLQP
EDIATYYCHQYDNLPLTFGGGTKVEIKRTVAAPSVFIFPPSDEQLKSGTASVVCLLNNFYPREAKVQWKVDNALQSGNSQ
ESVTEQDSKDSTYSLSSTLTLSKADYEKHKVYACEVTHQGLSSPVTKSFNRGEC
;
L
2 'polypeptide(L)'
;EVQLVESGGGLVQPGGSLRLSCAASGFTVSSNYMSWVRQAPGKGLEWVSLIYSGGSTYYADSVKGRFTISRHNSKNTLYL
QMNSLRAEDTAVYYCARIYGDYAWGQGTLVTVSSASTKGPSVFPLAPSSKSTSGGTAALGCLVKDYFPEPVTVSWNSGAL
TSGVHTFPAVLQSSGLYSLSSVVTVPSSSLGTQTYICNVNHKPSNTKVDKKVEPKSCDKTH
;
H
3 'polypeptide(L)'
;MFVFLVLLPLVSSQCVNLTTRTQLPPAYTNSFTRGVYYPDKVFRSSVLHSTQDLFLPFFSNVTWFHAIHVSGTNGTKRFD
NPVLPFNDGVYFASTEKSNIIRGWIFGTTLDSKTQSLLIVNNATNVVIKVCEFQFCNDPFLGVYYHKNNKSWMESEFRVY
SSANNCTFEYVSQPFLMDLEGKQGNFKNLREFVFKNIDGYFKIYSKHTPINLVRDLPQGFSALEPLVDLPIGINITRFQT
LLALHRSYLTPGDSSSGWTAGAAAYYVGYLQPRTFLLKYNENGTITDAVDCALDPLSETKCTLKSFTVEKGIYQTSNFRV
QPTESIVRFPNITNLCPFGEVFNATRFASVYAWNRKRISNCVADYSVLYNSASFSTFKCYGVSPTKLNDLCFTNVYADSF
VIRGDEVRQIAPGQTGKIADYNYKLPDDFTGCVIAWNSNNLDSKVGGNYNYLYRLFRKSNLKPFERDISTEIYQAGSTPC
NGVEGFNCYFPLQSYGFQPTNGVGYQPYRVVVLSFELLHAPATVCGPKKSTNLVKNKCVNFNFNGLTGTGVLTESNKKFL
PFQQFGRDIADTTDAVRDPQTLEILDITPCSFGGVSVITPGTNTSNQVAVLYQDVNCTEVPVAIHADQLTPTWRVYSTGS
NVFQTRAGCLIGAEHVNNSYECDIPIGAGICASYQTQTNSPGSASSVASQSIIAYTMSLGAENSVAYSNNSIAIPTNFTI
SVTTEILPVSMTKTSVDCTMYICGDSTECSNLLLQYGSFCTQLNRALTGIAVEQDKNTQEVFAQVKQIYKTPPIKDFGGF
NFSQILPDPSKPSKRSFIEDLLFNKVTLADAGFIKQYGDCLGDIAARDLICAQKFNGLTVLPPLLTDEMIAQYTSALLAG
TITSGWTFGAGAALQIPFAMQMAYRFNGIGVTQNVLYENQKLIANQFNSAIGKIQDSLSSTASALGKLQDVVNQNAQALN
TLVKQLSSNFGAISSVLNDILSRLDPPEAEVQIDRLITGRLQSLQTYVTQQLIRAAEIRASANLAATKMSECVLGQSKRV
DFCGKGYHLMSFPQSAPHGVVFLHVTYVPAQEKNFTTAPAICHDGKAHFPREGVFVSNGTHWFVTQRNFYEPQIITTDNT
FVSGNCDVVIGIVNNTVYDPLQPELDSFKEELDKYFKNHTSPDVDLGDISGINASVVNIQKEIDRLNEVAKNLNESLIDL
QELGKYEQGSGYIPEAPRDGQAYVRKDGEWVLLSTFLGRSLEVLFQGPGHHHHHHHHSAWSHPQFEKGGGSGGGGSGGSA
WSHPQFEK
;
A,B,C
#
loop_
_chem_comp.id
_chem_comp.type
_chem_comp.name
_chem_comp.formula
NAG D-saccharide, beta linking 2-acetamido-2-deoxy-beta-D-glucopyranose 'C8 H15 N O6'
#
# COMPACT_ATOMS: atom_id res chain seq x y z
N ASP A 1 54.34 44.85 19.69
CA ASP A 1 54.71 45.33 21.05
C ASP A 1 54.81 46.86 21.03
N ILE A 2 54.46 47.51 22.13
CA ILE A 2 54.55 49.01 22.22
C ILE A 2 56.02 49.42 22.12
N GLN A 3 56.31 50.51 21.42
CA GLN A 3 57.71 51.00 21.29
C GLN A 3 57.93 52.09 22.34
N MET A 4 58.99 51.96 23.15
CA MET A 4 59.25 52.94 24.23
C MET A 4 60.77 53.04 24.46
N THR A 5 61.32 54.26 24.36
CA THR A 5 62.76 54.45 24.55
C THR A 5 62.98 55.61 25.52
N GLN A 6 63.92 55.44 26.44
CA GLN A 6 64.27 56.48 27.40
C GLN A 6 65.37 57.37 26.85
N SER A 7 65.43 58.60 27.36
CA SER A 7 66.43 59.56 26.94
C SER A 7 66.73 60.52 28.09
N PRO A 8 68.01 60.83 28.38
CA PRO A 8 69.21 60.30 27.73
C PRO A 8 69.67 58.97 28.33
N SER A 9 70.71 58.37 27.74
CA SER A 9 71.23 57.11 28.25
C SER A 9 71.94 57.28 29.58
N SER A 10 72.76 58.32 29.72
CA SER A 10 73.49 58.55 30.96
C SER A 10 73.81 60.03 31.09
N LEU A 11 73.96 60.48 32.34
CA LEU A 11 74.33 61.86 32.63
C LEU A 11 75.00 61.91 33.99
N SER A 12 75.69 63.01 34.25
CA SER A 12 76.37 63.25 35.51
C SER A 12 76.04 64.64 36.01
N ALA A 13 75.74 64.74 37.31
CA ALA A 13 75.40 66.02 37.92
C ALA A 13 75.92 66.05 39.35
N SER A 14 76.12 67.26 39.86
CA SER A 14 76.64 67.44 41.21
C SER A 14 75.52 67.31 42.24
N VAL A 15 75.89 67.55 43.51
CA VAL A 15 74.94 67.45 44.60
C VAL A 15 74.03 68.67 44.59
N GLY A 16 72.72 68.44 44.59
CA GLY A 16 71.75 69.51 44.58
C GLY A 16 71.46 70.12 43.23
N ASP A 17 72.02 69.57 42.16
CA ASP A 17 71.80 70.12 40.84
C ASP A 17 70.41 69.75 40.32
N ARG A 18 69.99 70.46 39.28
CA ARG A 18 68.69 70.23 38.65
C ARG A 18 68.83 69.18 37.56
N VAL A 19 68.19 68.03 37.76
CA VAL A 19 68.27 66.91 36.83
C VAL A 19 66.89 66.72 36.20
N THR A 20 66.85 66.68 34.86
CA THR A 20 65.62 66.51 34.12
C THR A 20 65.84 65.49 33.02
N ILE A 21 65.04 64.42 33.03
CA ILE A 21 65.08 63.40 31.99
C ILE A 21 63.69 63.33 31.36
N THR A 22 63.59 62.64 30.24
CA THR A 22 62.33 62.49 29.53
C THR A 22 62.09 61.02 29.19
N CYS A 23 60.82 60.65 29.09
CA CYS A 23 60.43 59.29 28.73
C CYS A 23 59.57 59.36 27.48
N GLN A 24 60.00 58.70 26.41
CA GLN A 24 59.41 58.85 25.10
C GLN A 24 58.59 57.63 24.75
N ALA A 25 57.36 57.86 24.29
CA ALA A 25 56.44 56.79 23.94
C ALA A 25 55.92 57.02 22.53
N SER A 26 55.98 55.96 21.70
CA SER A 26 55.46 56.07 20.34
C SER A 26 53.94 56.14 20.33
N GLN A 27 53.31 55.33 21.21
CA GLN A 27 51.83 55.36 21.32
C GLN A 27 51.47 56.20 22.54
N ASP A 28 50.37 56.94 22.46
CA ASP A 28 49.99 57.85 23.54
C ASP A 28 49.39 57.10 24.72
N ILE A 29 50.05 57.21 25.87
CA ILE A 29 49.48 56.80 27.15
C ILE A 29 48.91 57.99 27.92
N SER A 30 47.68 57.88 28.42
CA SER A 30 46.98 58.98 29.08
C SER A 30 47.74 59.34 30.37
N ASN A 31 47.81 58.45 31.35
CA ASN A 31 48.51 58.71 32.60
C ASN A 31 49.17 57.47 33.17
N TYR A 32 49.20 56.37 32.42
CA TYR A 32 49.65 55.08 32.93
C TYR A 32 51.16 54.97 32.74
N LEU A 33 51.90 55.52 33.70
CA LEU A 33 53.34 55.43 33.71
C LEU A 33 53.86 55.51 35.14
N ASN A 34 54.85 54.69 35.46
CA ASN A 34 55.46 54.67 36.79
C ASN A 34 56.96 54.82 36.65
N TRP A 35 57.58 55.36 37.71
CA TRP A 35 59.02 55.59 37.75
C TRP A 35 59.65 54.73 38.82
N TYR A 36 60.84 54.21 38.53
CA TYR A 36 61.52 53.27 39.42
C TYR A 36 62.99 53.65 39.55
N GLN A 37 63.56 53.28 40.72
CA GLN A 37 64.95 53.65 41.09
C GLN A 37 65.72 52.38 41.46
N GLN A 38 66.54 51.85 40.55
CA GLN A 38 67.29 50.61 40.78
C GLN A 38 68.67 50.94 41.32
N LYS A 39 68.87 50.74 42.62
CA LYS A 39 70.19 50.89 43.21
C LYS A 39 71.10 49.76 42.74
N PRO A 40 72.41 49.99 42.70
CA PRO A 40 73.34 48.91 42.35
C PRO A 40 73.32 47.80 43.38
N GLY A 41 72.96 46.60 42.93
CA GLY A 41 72.83 45.47 43.82
C GLY A 41 71.50 45.38 44.56
N LYS A 42 70.56 46.25 44.24
CA LYS A 42 69.27 46.29 44.91
C LYS A 42 68.15 46.39 43.88
N ALA A 43 66.97 45.95 44.27
CA ALA A 43 65.80 45.96 43.40
C ALA A 43 65.34 47.40 43.13
N PRO A 44 64.67 47.63 41.99
CA PRO A 44 64.07 48.95 41.75
C PRO A 44 63.00 49.27 42.78
N LYS A 45 62.83 50.56 43.05
CA LYS A 45 61.87 51.03 44.04
C LYS A 45 60.91 52.02 43.39
N LEU A 46 59.61 51.79 43.57
CA LEU A 46 58.60 52.67 43.01
C LEU A 46 58.56 53.99 43.77
N LEU A 47 58.57 55.09 43.03
CA LEU A 47 58.47 56.42 43.62
C LEU A 47 57.19 57.14 43.21
N ILE A 48 56.87 57.16 41.93
CA ILE A 48 55.67 57.84 41.42
C ILE A 48 54.80 56.79 40.75
N TYR A 49 53.55 56.70 41.21
CA TYR A 49 52.56 55.81 40.62
C TYR A 49 51.49 56.65 39.95
N ASP A 50 51.02 56.18 38.79
CA ASP A 50 50.07 56.84 37.88
C ASP A 50 50.62 58.17 37.36
N ALA A 51 51.94 58.39 37.41
CA ALA A 51 52.67 59.53 36.85
C ALA A 51 52.30 60.88 37.48
N SER A 52 51.44 60.92 38.49
CA SER A 52 51.06 62.17 39.12
C SER A 52 50.89 62.08 40.63
N ASN A 53 51.07 60.92 41.24
CA ASN A 53 50.80 60.72 42.66
C ASN A 53 52.06 60.25 43.36
N LEU A 54 52.20 60.64 44.63
CA LEU A 54 53.37 60.31 45.44
C LEU A 54 53.11 59.02 46.22
N GLU A 55 54.02 58.05 46.09
CA GLU A 55 53.93 56.85 46.90
C GLU A 55 54.30 57.16 48.34
N THR A 56 53.65 56.48 49.28
CA THR A 56 53.91 56.69 50.70
C THR A 56 55.31 56.23 51.06
N GLY A 57 56.06 57.08 51.76
CA GLY A 57 57.43 56.80 52.12
C GLY A 57 58.46 57.42 51.19
N VAL A 58 58.04 57.92 50.03
CA VAL A 58 58.93 58.56 49.07
C VAL A 58 59.07 60.03 49.42
N PRO A 59 60.29 60.58 49.43
CA PRO A 59 60.44 62.03 49.66
C PRO A 59 59.82 62.85 48.55
N SER A 60 59.42 64.07 48.89
CA SER A 60 58.72 64.96 47.98
C SER A 60 59.60 65.52 46.87
N ARG A 61 60.92 65.33 47.00
CA ARG A 61 61.88 65.91 46.00
C ARG A 61 61.77 65.16 44.68
N PHE A 62 60.95 64.10 44.63
CA PHE A 62 60.77 63.33 43.37
C PHE A 62 59.35 63.58 42.86
N SER A 63 59.23 64.03 41.60
CA SER A 63 57.89 64.33 41.03
C SER A 63 57.84 63.92 39.56
N GLY A 64 56.65 63.57 39.06
CA GLY A 64 56.50 63.25 37.62
C GLY A 64 55.56 64.24 36.96
N SER A 65 56.01 64.87 35.86
CA SER A 65 55.18 65.91 35.18
C SER A 65 54.84 65.45 33.76
N ARG A 66 53.56 65.25 33.48
CA ARG A 66 53.12 64.81 32.12
C ARG A 66 53.42 65.92 31.10
N SER A 67 53.95 65.55 29.93
CA SER A 67 54.19 66.54 28.85
C SER A 67 53.60 65.96 27.56
N GLY A 68 52.27 65.92 27.44
CA GLY A 68 51.63 65.27 26.28
C GLY A 68 51.97 63.78 26.27
N THR A 69 52.32 63.23 25.10
CA THR A 69 52.59 61.77 25.02
C THR A 69 53.80 61.41 25.90
N ASP A 70 54.83 62.25 25.88
CA ASP A 70 56.05 62.00 26.71
C ASP A 70 55.80 62.39 28.17
N PHE A 71 56.54 61.78 29.11
CA PHE A 71 56.42 62.16 30.54
C PHE A 71 57.81 62.51 31.07
N THR A 72 57.94 63.61 31.83
CA THR A 72 59.28 64.05 32.29
C THR A 72 59.42 63.89 33.81
N PHE A 73 60.56 63.36 34.28
CA PHE A 73 60.82 63.24 35.73
C PHE A 73 61.43 64.55 36.26
N THR A 74 61.25 64.83 37.55
CA THR A 74 61.75 66.11 38.14
C THR A 74 62.55 65.82 39.41
N ILE A 75 63.79 66.33 39.50
CA ILE A 75 64.61 66.17 40.69
C ILE A 75 64.97 67.56 41.19
N SER A 76 64.45 67.93 42.36
CA SER A 76 64.73 69.26 42.90
C SER A 76 66.15 69.37 43.44
N SER A 77 66.61 68.35 44.14
CA SER A 77 67.94 68.34 44.76
C SER A 77 68.53 66.94 44.65
N LEU A 78 69.64 66.83 43.93
CA LEU A 78 70.32 65.54 43.77
C LEU A 78 71.24 65.30 44.96
N GLN A 79 71.27 64.05 45.44
CA GLN A 79 72.08 63.63 46.56
C GLN A 79 72.95 62.44 46.17
N PRO A 80 74.09 62.23 46.85
CA PRO A 80 74.94 61.07 46.53
C PRO A 80 74.30 59.72 46.79
N GLU A 81 73.26 59.65 47.62
CA GLU A 81 72.55 58.40 47.86
C GLU A 81 71.43 58.16 46.85
N ASP A 82 71.28 59.04 45.87
CA ASP A 82 70.27 58.89 44.83
C ASP A 82 70.82 58.27 43.55
N ILE A 83 72.03 57.72 43.59
CA ILE A 83 72.63 57.10 42.41
C ILE A 83 71.89 55.81 42.11
N ALA A 84 71.11 55.79 41.04
CA ALA A 84 70.32 54.63 40.65
C ALA A 84 70.05 54.70 39.16
N THR A 85 69.41 53.64 38.65
CA THR A 85 69.04 53.56 37.25
C THR A 85 67.56 53.90 37.11
N TYR A 86 67.29 54.85 36.21
CA TYR A 86 65.90 55.37 36.06
C TYR A 86 65.13 54.61 34.99
N TYR A 87 63.94 54.16 35.34
CA TYR A 87 63.07 53.42 34.43
C TYR A 87 61.68 54.04 34.41
N CYS A 88 61.09 54.11 33.22
CA CYS A 88 59.67 54.39 33.08
C CYS A 88 58.98 53.18 32.45
N HIS A 89 57.90 52.72 33.10
CA HIS A 89 57.21 51.49 32.62
C HIS A 89 55.72 51.78 32.41
N GLN A 90 55.26 51.66 31.16
CA GLN A 90 53.83 51.90 30.82
C GLN A 90 53.01 50.70 31.29
N TYR A 91 51.78 50.93 31.77
CA TYR A 91 50.96 49.81 32.31
C TYR A 91 49.60 49.79 31.62
N ASP A 92 48.87 48.67 31.73
CA ASP A 92 47.53 48.49 31.09
C ASP A 92 47.72 48.01 29.65
N ASN A 93 48.97 47.85 29.22
CA ASN A 93 49.23 47.28 27.87
C ASN A 93 50.10 46.03 28.02
N LEU A 94 49.71 44.94 27.36
CA LEU A 94 50.50 43.69 27.42
C LEU A 94 51.17 43.48 26.06
N PRO A 95 52.49 43.22 25.98
CA PRO A 95 53.36 43.08 27.16
C PRO A 95 53.68 44.37 27.93
N LEU A 96 53.82 44.28 29.26
CA LEU A 96 54.23 45.48 30.04
C LEU A 96 55.64 45.84 29.59
N THR A 97 55.94 47.12 29.42
CA THR A 97 57.28 47.48 28.86
C THR A 97 58.15 48.19 29.89
N PHE A 98 59.37 47.69 30.12
CA PHE A 98 60.33 48.36 31.02
C PHE A 98 61.45 48.89 30.14
N GLY A 99 61.85 50.16 30.32
CA GLY A 99 62.83 50.77 29.41
C GLY A 99 64.26 50.28 29.57
N GLY A 100 65.18 50.79 28.73
CA GLY A 100 66.59 50.44 28.80
C GLY A 100 67.26 50.91 30.07
N GLY A 101 66.86 52.06 30.57
CA GLY A 101 67.41 52.59 31.81
C GLY A 101 68.22 53.85 31.57
N THR A 102 68.23 54.72 32.59
CA THR A 102 68.97 55.97 32.56
C THR A 102 69.82 56.05 33.82
N LYS A 103 71.13 56.18 33.66
CA LYS A 103 72.06 56.19 34.77
C LYS A 103 72.48 57.61 35.11
N VAL A 104 72.34 57.98 36.38
CA VAL A 104 72.72 59.30 36.87
C VAL A 104 73.82 59.11 37.90
N GLU A 105 74.97 59.74 37.67
CA GLU A 105 76.12 59.65 38.53
C GLU A 105 76.40 60.99 39.20
N ILE A 106 77.26 60.96 40.22
CA ILE A 106 77.67 62.16 40.94
C ILE A 106 79.07 62.54 40.53
N LYS A 107 79.23 63.74 40.01
CA LYS A 107 80.54 64.24 39.58
C LYS A 107 81.15 65.09 40.68
N GLU B 1 57.14 42.55 59.01
CA GLU B 1 55.69 42.51 58.69
C GLU B 1 55.51 42.08 57.23
N VAL B 2 55.89 42.94 56.28
CA VAL B 2 55.74 42.62 54.84
C VAL B 2 57.14 42.42 54.23
N GLN B 3 57.37 41.28 53.60
CA GLN B 3 58.69 40.97 52.98
C GLN B 3 58.54 39.80 52.01
N LEU B 4 59.13 39.89 50.81
CA LEU B 4 59.07 38.79 49.87
C LEU B 4 60.42 38.10 49.86
N VAL B 5 60.41 36.77 50.00
CA VAL B 5 61.63 35.97 50.00
C VAL B 5 61.56 35.01 48.81
N GLU B 6 62.68 34.86 48.12
CA GLU B 6 62.76 33.99 46.95
C GLU B 6 63.80 32.89 47.15
N SER B 7 63.56 31.75 46.51
CA SER B 7 64.45 30.61 46.59
C SER B 7 64.24 29.73 45.36
N GLY B 8 65.19 28.84 45.12
CA GLY B 8 65.11 27.89 44.02
C GLY B 8 66.08 28.15 42.89
N GLY B 9 66.89 29.20 42.96
CA GLY B 9 67.84 29.47 41.90
C GLY B 9 69.01 28.51 41.91
N GLY B 10 69.66 28.39 40.76
CA GLY B 10 70.79 27.50 40.64
C GLY B 10 71.30 27.46 39.21
N LEU B 11 72.21 26.52 38.97
CA LEU B 11 72.80 26.32 37.64
C LEU B 11 72.08 25.17 36.95
N VAL B 12 71.47 25.47 35.81
CA VAL B 12 70.67 24.50 35.07
C VAL B 12 71.20 24.41 33.64
N GLN B 13 71.42 23.18 33.19
CA GLN B 13 71.85 22.92 31.82
C GLN B 13 70.74 23.30 30.84
N PRO B 14 71.09 23.66 29.61
CA PRO B 14 70.07 23.94 28.59
C PRO B 14 69.20 22.72 28.31
N GLY B 15 67.90 22.97 28.12
CA GLY B 15 66.93 21.91 27.97
C GLY B 15 66.35 21.38 29.27
N GLY B 16 66.84 21.86 30.41
CA GLY B 16 66.36 21.39 31.69
C GLY B 16 65.15 22.17 32.18
N SER B 17 64.78 21.89 33.43
CA SER B 17 63.64 22.53 34.07
C SER B 17 64.00 22.95 35.48
N LEU B 18 63.30 23.96 35.98
CA LEU B 18 63.52 24.48 37.32
C LEU B 18 62.22 25.07 37.85
N ARG B 19 62.11 25.17 39.16
CA ARG B 19 60.95 25.77 39.82
C ARG B 19 61.44 26.75 40.88
N LEU B 20 60.90 27.96 40.87
CA LEU B 20 61.21 28.97 41.85
C LEU B 20 60.07 29.11 42.86
N SER B 21 60.36 29.75 43.98
CA SER B 21 59.38 29.99 45.03
C SER B 21 59.43 31.44 45.46
N CYS B 22 58.28 31.97 45.89
CA CYS B 22 58.20 33.34 46.39
C CYS B 22 57.17 33.35 47.53
N ALA B 23 57.66 33.24 48.76
CA ALA B 23 56.80 33.23 49.93
C ALA B 23 56.53 34.66 50.38
N ALA B 24 55.30 34.94 50.76
CA ALA B 24 54.88 36.28 51.15
C ALA B 24 54.36 36.31 52.58
N SER B 25 54.49 37.48 53.22
CA SER B 25 53.98 37.69 54.56
C SER B 25 53.38 39.08 54.65
N GLY B 26 52.34 39.21 55.46
CA GLY B 26 51.68 40.48 55.69
C GLY B 26 50.55 40.80 54.75
N PHE B 27 50.31 39.99 53.72
CA PHE B 27 49.23 40.23 52.78
C PHE B 27 48.83 38.90 52.14
N THR B 28 47.75 38.96 51.36
CA THR B 28 47.19 37.79 50.70
C THR B 28 47.63 37.79 49.24
N VAL B 29 48.23 36.68 48.80
CA VAL B 29 48.74 36.57 47.43
C VAL B 29 47.59 36.46 46.44
N SER B 30 46.59 35.63 46.78
CA SER B 30 45.50 35.34 45.85
C SER B 30 44.58 36.53 45.58
N SER B 31 44.55 37.53 46.47
CA SER B 31 43.72 38.69 46.29
C SER B 31 44.43 39.84 45.58
N ASN B 32 45.66 39.63 45.12
CA ASN B 32 46.46 40.67 44.50
C ASN B 32 47.12 40.14 43.24
N TYR B 33 47.47 41.07 42.36
CA TYR B 33 48.10 40.73 41.08
C TYR B 33 49.58 40.43 41.31
N MET B 34 50.00 39.22 40.97
CA MET B 34 51.39 38.79 41.09
C MET B 34 52.06 38.77 39.74
N SER B 35 53.37 38.97 39.73
CA SER B 35 54.16 38.94 38.50
C SER B 35 55.55 38.40 38.78
N TRP B 36 56.14 37.81 37.75
CA TRP B 36 57.55 37.42 37.77
C TRP B 36 58.30 38.27 36.75
N VAL B 37 59.31 39.00 37.23
CA VAL B 37 60.07 39.93 36.41
C VAL B 37 61.55 39.60 36.56
N ARG B 38 62.24 39.40 35.43
CA ARG B 38 63.64 39.03 35.42
C ARG B 38 64.47 40.19 34.90
N GLN B 39 65.80 40.07 35.05
CA GLN B 39 66.71 41.09 34.58
C GLN B 39 68.03 40.44 34.20
N ALA B 40 68.32 40.36 32.91
CA ALA B 40 69.59 39.85 32.45
C ALA B 40 70.70 40.86 32.73
N PRO B 41 71.89 40.38 33.12
CA PRO B 41 73.01 41.29 33.36
C PRO B 41 73.46 41.99 32.08
N GLY B 42 73.90 43.24 32.23
CA GLY B 42 74.39 44.00 31.09
C GLY B 42 73.33 44.71 30.28
N LYS B 43 72.05 44.55 30.61
CA LYS B 43 70.96 45.17 29.88
C LYS B 43 69.87 45.61 30.86
N GLY B 44 68.73 46.03 30.30
CA GLY B 44 67.65 46.58 31.08
C GLY B 44 66.78 45.51 31.73
N LEU B 45 65.69 45.99 32.33
CA LEU B 45 64.77 45.11 33.03
C LEU B 45 63.73 44.58 32.05
N GLU B 46 63.24 43.36 32.30
CA GLU B 46 62.34 42.69 31.36
C GLU B 46 61.21 42.01 32.11
N TRP B 47 59.98 42.38 31.75
CA TRP B 47 58.80 41.69 32.27
C TRP B 47 58.65 40.32 31.60
N VAL B 48 58.12 39.35 32.35
CA VAL B 48 57.92 37.99 31.86
C VAL B 48 56.45 37.60 31.88
N SER B 49 55.82 37.58 33.05
CA SER B 49 54.48 37.03 33.16
C SER B 49 53.73 37.68 34.32
N LEU B 50 52.41 37.50 34.31
CA LEU B 50 51.55 37.94 35.40
C LEU B 50 50.46 36.89 35.60
N ILE B 51 49.85 36.92 36.79
CA ILE B 51 48.69 36.09 37.09
C ILE B 51 47.64 36.98 37.73
N TYR B 52 46.38 36.74 37.38
CA TYR B 52 45.29 37.52 37.95
C TYR B 52 44.86 36.95 39.29
N SER B 53 44.00 37.70 39.99
CA SER B 53 43.46 37.22 41.26
C SER B 53 42.51 36.05 41.04
N GLY B 54 41.78 36.05 39.93
CA GLY B 54 40.85 34.97 39.63
C GLY B 54 41.50 33.73 39.04
N GLY B 55 42.76 33.83 38.59
CA GLY B 55 43.49 32.69 38.05
C GLY B 55 43.88 32.83 36.61
N SER B 56 43.58 33.96 35.96
CA SER B 56 43.98 34.16 34.57
C SER B 56 45.49 34.32 34.46
N THR B 57 46.06 33.65 33.47
CA THR B 57 47.51 33.61 33.30
C THR B 57 47.89 34.11 31.91
N TYR B 58 48.95 34.90 31.85
CA TYR B 58 49.51 35.38 30.60
C TYR B 58 51.03 35.37 30.69
N TYR B 59 51.68 35.32 29.53
CA TYR B 59 53.13 35.22 29.46
C TYR B 59 53.64 36.12 28.34
N ALA B 60 54.93 36.42 28.36
CA ALA B 60 55.53 37.24 27.32
C ALA B 60 55.68 36.43 26.03
N ASP B 61 55.90 37.15 24.92
CA ASP B 61 55.99 36.50 23.61
C ASP B 61 57.20 35.58 23.50
N SER B 62 58.27 35.85 24.26
CA SER B 62 59.46 35.01 24.21
C SER B 62 59.31 33.73 25.01
N VAL B 63 58.32 33.63 25.88
CA VAL B 63 58.15 32.48 26.77
C VAL B 63 56.85 31.72 26.53
N LYS B 64 56.27 31.82 25.34
CA LYS B 64 55.13 30.96 24.99
C LYS B 64 55.54 29.50 24.97
N GLY B 65 54.76 28.67 25.66
CA GLY B 65 54.98 27.24 25.67
C GLY B 65 56.08 26.74 26.57
N ARG B 66 56.75 27.62 27.31
CA ARG B 66 57.88 27.22 28.14
C ARG B 66 57.71 27.53 29.62
N PHE B 67 57.07 28.64 29.97
CA PHE B 67 56.98 29.09 31.35
C PHE B 67 55.58 28.82 31.89
N THR B 68 55.51 28.50 33.18
CA THR B 68 54.25 28.19 33.85
C THR B 68 54.26 28.82 35.24
N ILE B 69 53.17 29.50 35.59
CA ILE B 69 53.01 30.11 36.90
C ILE B 69 51.90 29.39 37.65
N SER B 70 52.04 29.28 38.96
CA SER B 70 51.07 28.57 39.78
C SER B 70 51.10 29.13 41.20
N ARG B 71 50.22 28.61 42.06
CA ARG B 71 50.17 29.09 43.46
C ARG B 71 49.53 28.03 44.37
N HIS B 72 50.17 27.72 45.50
CA HIS B 72 49.68 26.78 46.49
C HIS B 72 48.96 27.58 47.55
N ASN B 73 47.75 27.15 47.92
CA ASN B 73 46.85 28.00 48.71
C ASN B 73 47.32 28.07 50.16
N SER B 74 47.70 26.93 50.74
CA SER B 74 47.87 26.85 52.19
C SER B 74 49.09 27.61 52.69
N LYS B 75 50.23 27.46 52.04
CA LYS B 75 51.47 28.09 52.50
C LYS B 75 51.70 29.45 51.88
N ASN B 76 50.83 29.89 50.96
CA ASN B 76 50.85 31.23 50.36
C ASN B 76 52.17 31.52 49.66
N THR B 77 52.58 30.59 48.80
CA THR B 77 53.84 30.69 48.08
C THR B 77 53.58 30.75 46.58
N LEU B 78 54.19 31.72 45.92
CA LEU B 78 54.07 31.88 44.47
C LEU B 78 55.22 31.15 43.77
N TYR B 79 54.88 30.41 42.73
CA TYR B 79 55.82 29.58 42.01
C TYR B 79 55.90 29.97 40.55
N LEU B 80 57.04 29.69 39.94
CA LEU B 80 57.26 29.88 38.51
C LEU B 80 57.97 28.65 37.97
N GLN B 81 57.27 27.85 37.18
CA GLN B 81 57.84 26.65 36.57
C GLN B 81 58.28 26.97 35.15
N MET B 82 59.53 26.69 34.83
CA MET B 82 60.09 26.91 33.51
C MET B 82 60.57 25.59 32.92
N ASN B 83 60.40 25.42 31.61
CA ASN B 83 60.84 24.24 30.88
C ASN B 83 61.62 24.66 29.64
N SER B 84 62.62 23.85 29.31
CA SER B 84 63.49 24.05 28.13
C SER B 84 64.16 25.42 28.15
N LEU B 85 65.01 25.62 29.16
CA LEU B 85 65.69 26.90 29.32
C LEU B 85 66.71 27.12 28.22
N ARG B 86 66.80 28.37 27.78
CA ARG B 86 67.75 28.73 26.69
C ARG B 86 68.88 29.58 27.28
N ALA B 87 69.87 29.90 26.46
CA ALA B 87 71.02 30.68 26.90
C ALA B 87 70.65 32.11 27.24
N GLU B 88 69.66 32.67 26.55
CA GLU B 88 69.23 34.04 26.80
C GLU B 88 68.34 34.16 28.03
N ASP B 89 67.94 33.05 28.65
CA ASP B 89 67.09 33.07 29.83
C ASP B 89 67.86 33.27 31.12
N THR B 90 69.19 33.36 31.06
CA THR B 90 69.97 33.63 32.26
C THR B 90 69.74 35.05 32.74
N ALA B 91 69.07 35.18 33.88
CA ALA B 91 68.66 36.48 34.40
C ALA B 91 68.39 36.34 35.89
N VAL B 92 68.34 37.49 36.57
CA VAL B 92 67.97 37.53 37.98
C VAL B 92 66.47 37.77 38.10
N TYR B 93 65.76 36.77 38.61
CA TYR B 93 64.30 36.77 38.64
C TYR B 93 63.80 37.40 39.94
N TYR B 94 62.67 38.09 39.85
CA TYR B 94 62.02 38.73 40.99
C TYR B 94 60.52 38.44 40.95
N CYS B 95 59.90 38.44 42.13
CA CYS B 95 58.44 38.40 42.23
C CYS B 95 57.94 39.74 42.77
N ALA B 96 56.93 40.32 42.13
CA ALA B 96 56.47 41.68 42.52
C ALA B 96 54.95 41.80 42.57
N ARG B 97 54.45 42.97 43.02
CA ARG B 97 52.98 43.23 43.03
C ARG B 97 52.67 44.21 41.90
N ILE B 98 51.68 43.90 41.06
CA ILE B 98 51.38 44.76 39.88
C ILE B 98 50.85 46.17 40.22
N TYR B 99 49.90 46.29 41.15
CA TYR B 99 49.30 47.65 41.35
C TYR B 99 48.97 47.99 42.81
N GLY B 100 48.98 49.29 43.13
CA GLY B 100 48.63 49.79 44.48
C GLY B 100 49.88 49.96 45.31
N ASP B 101 50.95 49.25 44.96
CA ASP B 101 52.25 49.39 45.65
C ASP B 101 53.23 48.50 44.90
N TYR B 102 54.54 48.71 45.07
CA TYR B 102 55.50 47.79 44.41
C TYR B 102 56.30 47.07 45.51
N ALA B 103 56.18 45.75 45.56
CA ALA B 103 56.90 44.97 46.59
C ALA B 103 57.89 44.06 45.85
N TRP B 104 59.16 44.07 46.26
CA TRP B 104 60.18 43.30 45.51
C TRP B 104 60.88 42.31 46.42
N GLY B 105 61.07 41.06 45.96
CA GLY B 105 61.83 40.10 46.72
C GLY B 105 63.31 40.49 46.74
N GLN B 106 64.10 39.62 47.37
CA GLN B 106 65.55 39.86 47.43
C GLN B 106 66.25 39.45 46.13
N GLY B 107 65.60 38.67 45.28
CA GLY B 107 66.19 38.24 44.03
C GLY B 107 66.91 36.91 44.15
N THR B 108 66.88 36.15 43.06
CA THR B 108 67.59 34.87 43.00
C THR B 108 68.31 34.79 41.65
N LEU B 109 69.37 33.98 41.61
CA LEU B 109 70.20 33.88 40.41
C LEU B 109 69.92 32.57 39.69
N VAL B 110 69.58 32.67 38.41
CA VAL B 110 69.36 31.52 37.56
C VAL B 110 70.34 31.62 36.39
N THR B 111 71.21 30.62 36.26
CA THR B 111 72.25 30.61 35.23
C THR B 111 72.04 29.40 34.33
N VAL B 112 71.99 29.64 33.03
CA VAL B 112 71.85 28.57 32.05
C VAL B 112 73.07 28.51 31.16
N ALA C 27 23.86 -54.59 14.31
CA ALA C 27 22.41 -54.76 14.31
C ALA C 27 21.69 -53.41 14.29
N TYR C 28 20.58 -53.35 13.55
CA TYR C 28 19.80 -52.13 13.44
C TYR C 28 18.32 -52.47 13.60
N THR C 29 17.58 -51.53 14.19
CA THR C 29 16.15 -51.68 14.41
C THR C 29 15.41 -50.55 13.72
N ASN C 30 14.08 -50.61 13.77
CA ASN C 30 13.23 -49.66 13.07
C ASN C 30 12.61 -48.70 14.08
N SER C 31 12.89 -47.40 13.91
CA SER C 31 12.25 -46.37 14.72
C SER C 31 10.94 -45.88 14.13
N PHE C 32 9.86 -46.64 14.30
CA PHE C 32 8.59 -46.44 13.59
C PHE C 32 7.99 -45.05 13.79
N THR C 33 7.62 -44.71 15.02
CA THR C 33 7.02 -43.41 15.34
C THR C 33 7.62 -42.80 16.60
N ARG C 34 8.72 -43.36 17.10
CA ARG C 34 9.35 -42.85 18.30
C ARG C 34 10.38 -41.77 17.96
N GLY C 35 10.70 -40.96 18.95
CA GLY C 35 11.65 -39.88 18.79
C GLY C 35 11.07 -38.49 18.83
N VAL C 36 9.79 -38.34 19.13
CA VAL C 36 9.15 -37.02 19.18
C VAL C 36 9.12 -36.52 20.61
N TYR C 37 9.16 -35.21 20.79
CA TYR C 37 9.03 -34.61 22.10
C TYR C 37 8.21 -33.32 22.01
N TYR C 38 7.79 -32.82 23.17
CA TYR C 38 7.15 -31.51 23.22
C TYR C 38 8.19 -30.45 22.88
N PRO C 39 7.99 -29.66 21.82
CA PRO C 39 9.04 -28.72 21.40
C PRO C 39 9.23 -27.55 22.32
N ASP C 40 8.26 -27.24 23.17
CA ASP C 40 8.33 -26.09 24.05
C ASP C 40 7.60 -26.42 25.35
N LYS C 41 7.34 -25.38 26.14
CA LYS C 41 6.69 -25.52 27.44
C LYS C 41 5.39 -24.70 27.49
N VAL C 42 4.63 -24.72 26.41
CA VAL C 42 3.37 -23.99 26.31
C VAL C 42 2.26 -24.99 26.04
N PHE C 43 1.18 -24.91 26.83
CA PHE C 43 0.09 -25.88 26.75
C PHE C 43 -0.74 -25.63 25.50
N ARG C 44 -0.99 -26.70 24.74
CA ARG C 44 -1.90 -26.66 23.60
C ARG C 44 -2.83 -27.86 23.69
N SER C 45 -4.09 -27.66 23.30
CA SER C 45 -5.08 -28.72 23.39
C SER C 45 -6.03 -28.63 22.21
N SER C 46 -6.34 -29.79 21.63
CA SER C 46 -7.30 -29.96 20.55
C SER C 46 -6.94 -29.10 19.33
N VAL C 47 -5.64 -29.06 19.01
CA VAL C 47 -5.14 -28.26 17.91
C VAL C 47 -3.98 -29.00 17.27
N LEU C 48 -3.86 -28.84 15.94
CA LEU C 48 -2.74 -29.40 15.19
C LEU C 48 -1.69 -28.30 15.03
N HIS C 49 -0.58 -28.43 15.74
CA HIS C 49 0.45 -27.41 15.77
C HIS C 49 1.65 -27.88 14.96
N SER C 50 2.12 -27.01 14.05
CA SER C 50 3.29 -27.30 13.24
C SER C 50 4.48 -26.55 13.79
N THR C 51 5.60 -27.26 13.97
CA THR C 51 6.81 -26.69 14.52
C THR C 51 8.01 -27.35 13.87
N GLN C 52 9.15 -26.66 13.92
CA GLN C 52 10.41 -27.16 13.38
C GLN C 52 11.47 -27.15 14.48
N ASP C 53 12.05 -28.32 14.72
CA ASP C 53 13.12 -28.47 15.71
C ASP C 53 13.88 -29.75 15.37
N LEU C 54 14.89 -30.06 16.18
CA LEU C 54 15.64 -31.30 16.07
C LEU C 54 14.72 -32.45 16.45
N PHE C 55 14.32 -33.26 15.47
CA PHE C 55 13.50 -34.43 15.74
C PHE C 55 14.09 -35.65 15.04
N LEU C 56 13.92 -36.80 15.68
CA LEU C 56 14.32 -38.07 15.08
C LEU C 56 13.39 -38.38 13.91
N PRO C 57 13.91 -38.73 12.74
CA PRO C 57 13.04 -39.09 11.62
C PRO C 57 12.28 -40.37 11.90
N PHE C 58 11.06 -40.45 11.38
CA PHE C 58 10.28 -41.67 11.50
C PHE C 58 10.85 -42.74 10.58
N PHE C 59 10.80 -43.99 11.04
CA PHE C 59 11.32 -45.16 10.32
C PHE C 59 12.78 -44.98 9.93
N SER C 60 13.55 -44.34 10.79
CA SER C 60 14.94 -44.04 10.51
C SER C 60 15.84 -45.23 10.84
N ASN C 61 17.13 -45.06 10.56
CA ASN C 61 18.11 -46.12 10.81
C ASN C 61 18.79 -45.84 12.15
N VAL C 62 18.48 -46.66 13.15
CA VAL C 62 19.06 -46.55 14.47
C VAL C 62 19.87 -47.81 14.75
N THR C 63 20.88 -47.69 15.60
CA THR C 63 21.81 -48.80 15.84
C THR C 63 21.40 -49.57 17.09
N TRP C 64 21.42 -50.89 16.99
CA TRP C 64 21.04 -51.77 18.09
C TRP C 64 22.31 -52.26 18.77
N PHE C 65 22.42 -52.03 20.07
CA PHE C 65 23.51 -52.52 20.90
C PHE C 65 22.92 -53.46 21.95
N HIS C 66 23.43 -54.69 21.99
CA HIS C 66 22.94 -55.67 22.96
C HIS C 66 24.00 -55.88 24.03
N ALA C 67 23.58 -56.40 25.19
CA ALA C 67 24.42 -56.43 26.38
C ALA C 67 24.41 -57.79 27.04
N ILE C 68 24.64 -58.86 26.26
CA ILE C 68 24.81 -60.19 26.82
C ILE C 68 26.12 -60.77 26.31
N HIS C 69 26.67 -61.69 27.10
CA HIS C 69 27.89 -62.44 26.79
C HIS C 69 29.09 -61.54 26.48
N PRO C 82 30.94 -48.86 24.63
CA PRO C 82 31.47 -48.27 23.39
C PRO C 82 31.22 -46.77 23.29
N VAL C 83 32.13 -46.06 22.62
CA VAL C 83 32.05 -44.61 22.50
C VAL C 83 31.39 -44.28 21.17
N LEU C 84 30.33 -43.45 21.23
CA LEU C 84 29.55 -43.10 20.05
C LEU C 84 29.49 -41.58 19.86
N PRO C 85 29.43 -41.10 18.62
CA PRO C 85 29.46 -39.65 18.38
C PRO C 85 28.19 -38.95 18.84
N PHE C 86 28.32 -37.66 19.14
CA PHE C 86 27.25 -36.79 19.58
C PHE C 86 27.02 -35.62 18.63
N ASN C 87 26.89 -35.89 17.33
CA ASN C 87 26.91 -34.92 16.24
C ASN C 87 25.97 -33.73 16.42
N ASP C 88 24.66 -33.99 16.48
CA ASP C 88 23.66 -32.93 16.55
C ASP C 88 22.59 -33.19 17.59
N GLY C 89 22.70 -34.26 18.36
CA GLY C 89 21.70 -34.65 19.32
C GLY C 89 21.44 -36.13 19.11
N VAL C 90 21.37 -36.87 20.22
CA VAL C 90 21.26 -38.32 20.18
C VAL C 90 20.02 -38.75 20.94
N TYR C 91 19.16 -39.50 20.26
CA TYR C 91 17.97 -40.09 20.86
C TYR C 91 18.37 -41.43 21.49
N PHE C 92 17.97 -41.64 22.73
CA PHE C 92 18.31 -42.86 23.46
C PHE C 92 17.04 -43.63 23.76
N ALA C 93 17.12 -44.95 23.70
CA ALA C 93 16.03 -45.83 24.08
C ALA C 93 16.61 -47.12 24.63
N SER C 94 16.02 -47.62 25.71
CA SER C 94 16.51 -48.81 26.36
C SER C 94 15.36 -49.62 26.90
N THR C 95 15.45 -50.95 26.72
CA THR C 95 14.50 -51.90 27.28
C THR C 95 15.17 -52.64 28.42
N GLU C 96 14.47 -52.75 29.55
CA GLU C 96 15.08 -53.27 30.76
C GLU C 96 14.20 -54.34 31.40
N LYS C 97 14.86 -55.20 32.16
CA LYS C 97 14.21 -56.23 32.98
C LYS C 97 14.49 -56.05 34.47
N SER C 98 15.73 -55.71 34.84
CA SER C 98 16.06 -55.49 36.24
C SER C 98 16.96 -54.28 36.44
N ASN C 99 16.88 -53.28 35.56
CA ASN C 99 17.61 -52.00 35.67
C ASN C 99 19.12 -52.22 35.66
N ILE C 100 19.62 -52.78 34.57
CA ILE C 100 21.06 -53.00 34.44
C ILE C 100 21.77 -51.71 34.05
N ILE C 101 21.28 -51.04 33.01
CA ILE C 101 21.88 -49.78 32.55
C ILE C 101 21.51 -48.69 33.56
N ARG C 102 22.52 -48.01 34.10
CA ARG C 102 22.33 -47.06 35.18
C ARG C 102 22.78 -45.64 34.88
N GLY C 103 23.68 -45.44 33.93
CA GLY C 103 24.24 -44.10 33.78
C GLY C 103 24.79 -43.82 32.40
N TRP C 104 25.22 -42.57 32.22
CA TRP C 104 25.77 -42.08 30.97
C TRP C 104 26.89 -41.10 31.28
N ILE C 105 27.82 -40.96 30.33
CA ILE C 105 28.89 -39.97 30.40
C ILE C 105 28.95 -39.23 29.07
N PHE C 106 29.35 -37.96 29.12
CA PHE C 106 29.39 -37.10 27.95
C PHE C 106 30.67 -36.28 27.94
N GLY C 107 31.10 -35.88 26.75
CA GLY C 107 32.29 -35.04 26.65
C GLY C 107 32.95 -35.19 25.29
N THR C 108 34.21 -34.75 25.23
CA THR C 108 35.04 -34.89 24.03
C THR C 108 36.02 -36.04 24.20
N THR C 109 36.85 -36.02 25.25
CA THR C 109 37.81 -37.09 25.49
C THR C 109 37.32 -38.12 26.48
N LEU C 110 36.38 -37.73 27.37
CA LEU C 110 35.71 -38.64 28.30
C LEU C 110 36.68 -39.30 29.28
N ASP C 111 37.79 -38.62 29.55
CA ASP C 111 38.78 -39.16 30.51
C ASP C 111 39.50 -37.97 31.16
N SER C 112 39.00 -37.58 32.34
CA SER C 112 39.63 -36.57 33.21
C SER C 112 39.83 -35.24 32.50
N LYS C 113 38.88 -34.89 31.64
CA LYS C 113 38.95 -33.64 30.89
C LYS C 113 37.57 -33.19 30.43
N SER C 116 33.39 -32.77 31.58
CA SER C 116 32.60 -33.96 31.24
C SER C 116 31.32 -34.01 32.07
N LEU C 117 30.52 -35.06 31.85
CA LEU C 117 29.27 -35.26 32.55
C LEU C 117 29.23 -36.65 33.17
N LEU C 118 28.52 -36.75 34.30
CA LEU C 118 28.40 -38.01 35.02
C LEU C 118 27.06 -38.06 35.72
N ILE C 119 26.09 -38.74 35.12
CA ILE C 119 24.78 -38.97 35.72
C ILE C 119 24.71 -40.44 36.08
N VAL C 120 24.56 -40.73 37.37
CA VAL C 120 24.54 -42.09 37.88
C VAL C 120 23.32 -42.27 38.77
N ASN C 121 22.50 -43.27 38.45
CA ASN C 121 21.37 -43.68 39.29
C ASN C 121 21.82 -44.94 40.04
N ASN C 122 22.41 -44.73 41.22
CA ASN C 122 22.97 -45.82 42.01
C ASN C 122 21.92 -46.41 42.96
N ALA C 123 20.83 -46.90 42.36
CA ALA C 123 19.90 -47.91 42.90
C ALA C 123 18.97 -47.39 43.99
N THR C 124 19.18 -46.18 44.48
CA THR C 124 18.22 -45.56 45.39
C THR C 124 17.99 -44.08 45.10
N ASN C 125 18.95 -43.40 44.47
CA ASN C 125 18.85 -41.97 44.21
C ASN C 125 19.52 -41.68 42.88
N VAL C 126 18.92 -40.78 42.10
CA VAL C 126 19.54 -40.35 40.85
C VAL C 126 20.51 -39.20 41.15
N VAL C 127 21.77 -39.40 40.79
CA VAL C 127 22.83 -38.45 41.11
C VAL C 127 23.41 -37.92 39.80
N ILE C 128 23.49 -36.59 39.69
CA ILE C 128 23.98 -35.92 38.50
C ILE C 128 25.22 -35.11 38.89
N LYS C 129 26.32 -35.34 38.16
CA LYS C 129 27.56 -34.60 38.38
C LYS C 129 28.16 -34.22 37.04
N VAL C 130 28.96 -33.15 37.05
CA VAL C 130 29.63 -32.68 35.84
C VAL C 130 31.13 -32.63 36.09
N CYS C 131 31.60 -33.38 37.08
CA CYS C 131 33.01 -33.41 37.41
C CYS C 131 33.80 -34.20 36.37
N GLU C 132 35.10 -33.90 36.27
CA GLU C 132 36.00 -34.60 35.37
C GLU C 132 36.46 -35.88 36.06
N PHE C 133 35.57 -36.86 36.09
CA PHE C 133 35.85 -38.13 36.75
C PHE C 133 36.81 -38.97 35.92
N GLN C 134 37.70 -39.67 36.62
CA GLN C 134 38.68 -40.53 35.97
C GLN C 134 38.05 -41.89 35.70
N PHE C 135 37.73 -42.15 34.43
CA PHE C 135 37.12 -43.40 34.02
C PHE C 135 38.17 -44.31 33.39
N CYS C 136 37.92 -45.61 33.49
CA CYS C 136 38.84 -46.60 32.94
C CYS C 136 38.62 -46.74 31.43
N ASN C 137 39.38 -47.68 30.84
CA ASN C 137 39.22 -47.96 29.42
C ASN C 137 37.88 -48.61 29.13
N ASP C 138 37.36 -49.40 30.07
CA ASP C 138 36.03 -49.99 29.98
C ASP C 138 35.21 -49.69 31.23
N PRO C 139 34.64 -48.48 31.30
CA PRO C 139 33.88 -48.09 32.50
C PRO C 139 32.63 -48.95 32.70
N PHE C 140 32.37 -49.28 33.96
CA PHE C 140 31.28 -50.17 34.31
C PHE C 140 30.91 -49.94 35.77
N LEU C 141 29.75 -50.46 36.16
CA LEU C 141 29.28 -50.38 37.54
C LEU C 141 29.05 -51.79 38.07
N GLY C 142 29.51 -52.02 39.30
CA GLY C 142 29.40 -53.32 39.93
C GLY C 142 28.02 -53.58 40.50
N VAL C 143 27.83 -54.82 40.95
CA VAL C 143 26.55 -55.24 41.52
C VAL C 143 26.71 -55.53 43.00
N CYS C 166 33.31 -29.69 38.52
CA CYS C 166 32.29 -29.86 39.55
C CYS C 166 31.47 -28.59 39.73
N THR C 167 30.87 -28.11 38.64
CA THR C 167 30.05 -26.91 38.69
C THR C 167 28.58 -27.20 39.02
N PHE C 168 28.21 -28.47 39.16
CA PHE C 168 26.84 -28.84 39.47
C PHE C 168 26.82 -30.21 40.11
N GLU C 169 25.95 -30.37 41.10
CA GLU C 169 25.77 -31.66 41.76
C GLU C 169 24.36 -31.71 42.34
N TYR C 170 23.62 -32.77 41.98
CA TYR C 170 22.26 -32.94 42.46
C TYR C 170 22.04 -34.41 42.78
N VAL C 171 21.45 -34.69 43.95
CA VAL C 171 21.11 -36.04 44.37
C VAL C 171 19.61 -36.11 44.60
N SER C 172 18.95 -37.05 43.93
CA SER C 172 17.51 -37.22 44.07
C SER C 172 17.15 -37.83 45.42
N PHE C 186 11.82 -58.18 28.42
CA PHE C 186 11.96 -56.88 29.05
C PHE C 186 10.62 -56.41 29.61
N LYS C 187 10.66 -55.78 30.79
CA LYS C 187 9.45 -55.36 31.47
C LYS C 187 9.24 -53.86 31.48
N ASN C 188 10.29 -53.06 31.37
CA ASN C 188 10.18 -51.61 31.40
C ASN C 188 10.95 -51.01 30.24
N LEU C 189 10.38 -49.94 29.67
CA LEU C 189 10.99 -49.21 28.57
C LEU C 189 11.37 -47.82 29.02
N ARG C 190 12.64 -47.47 28.88
CA ARG C 190 13.13 -46.13 29.22
C ARG C 190 13.80 -45.53 28.00
N GLU C 191 13.31 -44.39 27.55
CA GLU C 191 13.85 -43.71 26.38
C GLU C 191 14.19 -42.27 26.73
N PHE C 192 15.23 -41.73 26.07
CA PHE C 192 15.77 -40.44 26.42
C PHE C 192 16.10 -39.65 25.16
N VAL C 193 16.06 -38.32 25.27
CA VAL C 193 16.51 -37.42 24.22
C VAL C 193 17.62 -36.55 24.79
N PHE C 194 18.78 -36.57 24.15
CA PHE C 194 19.96 -35.86 24.63
C PHE C 194 20.41 -34.87 23.56
N LYS C 195 20.30 -33.58 23.91
CA LYS C 195 20.70 -32.50 22.98
C LYS C 195 21.38 -31.38 23.77
N ASN C 196 22.35 -30.70 23.16
CA ASN C 196 23.06 -29.58 23.78
C ASN C 196 23.09 -28.43 22.79
N ILE C 197 22.26 -27.40 23.03
CA ILE C 197 22.18 -26.23 22.17
C ILE C 197 22.49 -25.01 23.01
N ASP C 198 23.50 -24.23 22.59
CA ASP C 198 23.93 -22.99 23.25
C ASP C 198 24.29 -23.22 24.71
N GLY C 199 24.88 -24.38 25.00
CA GLY C 199 25.28 -24.72 26.35
C GLY C 199 24.17 -25.29 27.22
N TYR C 200 22.97 -25.47 26.69
CA TYR C 200 21.84 -26.00 27.45
C TYR C 200 21.66 -27.48 27.11
N PHE C 201 21.90 -28.34 28.08
CA PHE C 201 21.73 -29.78 27.92
C PHE C 201 20.39 -30.18 28.52
N LYS C 202 19.40 -30.40 27.65
CA LYS C 202 18.04 -30.68 28.08
C LYS C 202 17.76 -32.18 27.96
N ILE C 203 17.00 -32.70 28.90
CA ILE C 203 16.69 -34.13 28.97
C ILE C 203 15.17 -34.31 28.86
N TYR C 204 14.77 -35.37 28.13
CA TYR C 204 13.34 -35.72 27.98
C TYR C 204 13.27 -37.22 28.27
N SER C 205 12.35 -37.68 29.13
CA SER C 205 12.33 -39.09 29.52
C SER C 205 10.93 -39.55 29.92
N LYS C 206 10.66 -40.83 29.61
CA LYS C 206 9.53 -41.61 30.13
C LYS C 206 9.90 -43.05 30.43
N HIS C 207 9.16 -43.61 31.39
CA HIS C 207 9.21 -45.01 31.77
C HIS C 207 7.85 -45.59 31.45
N THR C 208 7.80 -46.77 30.83
CA THR C 208 6.50 -47.34 30.50
C THR C 208 6.62 -48.86 30.50
N PRO C 209 5.58 -49.57 30.95
CA PRO C 209 5.67 -51.04 30.98
C PRO C 209 5.42 -51.64 29.60
N ILE C 210 6.29 -52.58 29.24
CA ILE C 210 6.24 -53.26 27.95
C ILE C 210 6.40 -54.76 28.20
N ASN C 211 6.00 -55.56 27.20
CA ASN C 211 6.21 -57.00 27.25
C ASN C 211 6.67 -57.42 25.86
N LEU C 212 7.99 -57.36 25.65
CA LEU C 212 8.60 -57.67 24.36
C LEU C 212 10.09 -57.87 24.59
N VAL C 213 10.65 -58.91 23.99
CA VAL C 213 12.05 -59.27 24.18
C VAL C 213 12.85 -59.14 22.89
N ARG C 214 12.22 -58.65 21.82
CA ARG C 214 12.89 -58.57 20.53
C ARG C 214 13.55 -57.22 20.32
N ASP C 215 12.75 -56.16 20.32
CA ASP C 215 13.24 -54.81 20.04
C ASP C 215 12.30 -53.81 20.70
N LEU C 216 12.40 -52.55 20.31
CA LEU C 216 11.47 -51.54 20.80
C LEU C 216 10.07 -51.81 20.25
N PRO C 217 9.03 -51.75 21.07
CA PRO C 217 7.68 -51.99 20.58
C PRO C 217 7.23 -50.89 19.64
N GLN C 218 6.37 -51.26 18.68
CA GLN C 218 5.81 -50.30 17.75
C GLN C 218 4.70 -49.52 18.44
N GLY C 219 4.79 -48.20 18.39
CA GLY C 219 3.84 -47.35 19.05
C GLY C 219 4.30 -45.91 19.04
N PHE C 220 3.53 -45.07 19.73
CA PHE C 220 3.76 -43.64 19.75
C PHE C 220 3.75 -43.10 21.18
N SER C 221 4.70 -42.21 21.47
CA SER C 221 4.78 -41.53 22.76
C SER C 221 5.59 -40.25 22.60
N ALA C 222 5.23 -39.23 23.37
CA ALA C 222 5.83 -37.90 23.28
C ALA C 222 6.52 -37.52 24.58
N LEU C 223 7.71 -36.91 24.44
CA LEU C 223 8.53 -36.66 25.65
C LEU C 223 8.45 -35.20 26.11
N GLU C 224 8.73 -34.96 27.39
CA GLU C 224 8.68 -33.63 27.98
C GLU C 224 9.99 -33.31 28.71
N PRO C 225 10.37 -32.03 28.81
CA PRO C 225 11.59 -31.70 29.58
C PRO C 225 11.37 -31.85 31.08
N LEU C 226 12.40 -32.30 31.76
CA LEU C 226 12.39 -32.33 33.22
C LEU C 226 13.53 -31.55 33.84
N VAL C 227 14.74 -31.67 33.31
CA VAL C 227 15.93 -31.03 33.86
C VAL C 227 16.62 -30.28 32.74
N ASP C 228 17.00 -29.03 33.00
CA ASP C 228 17.78 -28.23 32.06
C ASP C 228 19.12 -27.92 32.73
N LEU C 229 20.22 -28.29 32.08
CA LEU C 229 21.55 -28.06 32.62
C LEU C 229 22.30 -27.06 31.76
N PRO C 230 22.60 -25.85 32.26
CA PRO C 230 23.43 -24.89 31.50
C PRO C 230 24.92 -25.18 31.67
N ILE C 231 25.35 -26.31 31.11
CA ILE C 231 26.73 -26.77 31.32
C ILE C 231 27.73 -25.93 30.53
N GLY C 232 27.37 -25.47 29.33
CA GLY C 232 28.31 -24.77 28.49
C GLY C 232 29.51 -25.59 28.06
N ILE C 233 29.33 -26.89 27.84
CA ILE C 233 30.42 -27.81 27.56
C ILE C 233 30.28 -28.32 26.13
N ASN C 234 31.36 -28.23 25.36
CA ASN C 234 31.40 -28.79 24.01
C ASN C 234 31.44 -30.31 24.10
N ILE C 235 30.43 -30.97 23.55
CA ILE C 235 30.29 -32.43 23.62
C ILE C 235 30.28 -32.98 22.20
N THR C 236 31.16 -33.96 21.94
CA THR C 236 31.20 -34.64 20.66
C THR C 236 31.02 -36.15 20.75
N ARG C 237 31.21 -36.75 21.93
CA ARG C 237 31.12 -38.20 22.09
C ARG C 237 30.40 -38.51 23.40
N PHE C 238 29.95 -39.75 23.54
CA PHE C 238 29.35 -40.21 24.78
C PHE C 238 29.61 -41.70 24.93
N GLN C 239 29.26 -42.22 26.10
CA GLN C 239 29.32 -43.65 26.37
C GLN C 239 28.25 -44.01 27.39
N THR C 240 27.61 -45.16 27.18
CA THR C 240 26.55 -45.64 28.05
C THR C 240 27.14 -46.53 29.13
N LEU C 241 26.72 -46.31 30.38
CA LEU C 241 27.19 -47.09 31.52
C LEU C 241 26.12 -48.08 31.95
N LEU C 242 26.51 -49.33 32.13
CA LEU C 242 25.59 -50.37 32.56
C LEU C 242 25.97 -50.91 33.94
N ALA C 263 20.05 -56.29 28.81
CA ALA C 263 19.54 -54.92 28.73
C ALA C 263 20.10 -54.21 27.50
N ALA C 264 19.39 -54.33 26.39
CA ALA C 264 19.81 -53.71 25.14
C ALA C 264 19.36 -52.25 25.09
N TYR C 265 20.13 -51.44 24.37
CA TYR C 265 19.82 -50.03 24.21
C TYR C 265 19.97 -49.63 22.75
N TYR C 266 19.28 -48.55 22.38
CA TYR C 266 19.19 -48.10 21.00
C TYR C 266 19.60 -46.64 20.92
N VAL C 267 20.27 -46.27 19.83
CA VAL C 267 20.86 -44.95 19.65
C VAL C 267 20.37 -44.36 18.34
N GLY C 268 19.81 -43.16 18.41
CA GLY C 268 19.40 -42.42 17.23
C GLY C 268 20.11 -41.09 17.14
N TYR C 269 19.76 -40.32 16.10
CA TYR C 269 20.33 -39.00 15.88
C TYR C 269 19.23 -38.00 15.54
N LEU C 270 19.30 -36.83 16.17
CA LEU C 270 18.30 -35.79 16.01
C LEU C 270 18.60 -34.96 14.77
N GLN C 271 17.57 -34.67 14.00
CA GLN C 271 17.71 -33.89 12.77
C GLN C 271 16.68 -32.77 12.73
N PRO C 272 17.04 -31.61 12.17
CA PRO C 272 16.09 -30.47 12.14
C PRO C 272 15.03 -30.60 11.07
N ARG C 273 13.96 -31.33 11.39
CA ARG C 273 12.85 -31.55 10.48
C ARG C 273 11.56 -30.97 11.06
N THR C 274 10.74 -30.40 10.19
CA THR C 274 9.47 -29.81 10.59
C THR C 274 8.44 -30.90 10.85
N PHE C 275 7.76 -30.80 11.99
CA PHE C 275 6.79 -31.80 12.41
C PHE C 275 5.46 -31.15 12.75
N LEU C 276 4.37 -31.82 12.37
CA LEU C 276 3.02 -31.44 12.73
C LEU C 276 2.55 -32.33 13.88
N LEU C 277 2.17 -31.70 14.99
CA LEU C 277 1.84 -32.42 16.22
C LEU C 277 0.34 -32.35 16.49
N LYS C 278 -0.25 -33.48 16.86
CA LYS C 278 -1.66 -33.58 17.17
C LYS C 278 -1.85 -33.59 18.68
N TYR C 279 -2.51 -32.56 19.21
CA TYR C 279 -2.82 -32.46 20.63
C TYR C 279 -4.26 -32.86 20.87
N ASN C 280 -4.49 -33.66 21.92
CA ASN C 280 -5.83 -34.09 22.27
C ASN C 280 -6.49 -33.03 23.16
N GLU C 281 -7.62 -33.38 23.77
CA GLU C 281 -8.27 -32.47 24.71
C GLU C 281 -7.45 -32.28 25.98
N ASN C 282 -6.70 -33.30 26.39
CA ASN C 282 -5.89 -33.23 27.60
C ASN C 282 -4.50 -32.64 27.35
N GLY C 283 -4.17 -32.30 26.10
CA GLY C 283 -2.87 -31.74 25.80
C GLY C 283 -1.77 -32.75 25.62
N THR C 284 -2.10 -34.03 25.46
CA THR C 284 -1.12 -35.07 25.22
C THR C 284 -1.00 -35.34 23.72
N ILE C 285 0.21 -35.32 23.21
CA ILE C 285 0.46 -35.54 21.79
C ILE C 285 0.19 -37.00 21.47
N THR C 286 -0.80 -37.25 20.61
CA THR C 286 -1.20 -38.61 20.26
C THR C 286 -0.75 -39.05 18.89
N ASP C 287 -0.34 -38.14 18.02
CA ASP C 287 0.14 -38.48 16.68
C ASP C 287 1.06 -37.37 16.19
N ALA C 288 1.85 -37.70 15.17
CA ALA C 288 2.81 -36.73 14.62
C ALA C 288 3.00 -37.02 13.14
N VAL C 289 3.51 -36.01 12.42
CA VAL C 289 3.70 -36.07 10.98
C VAL C 289 5.14 -35.68 10.67
N ASP C 290 5.85 -36.53 9.93
CA ASP C 290 7.20 -36.24 9.47
C ASP C 290 7.11 -35.64 8.07
N CYS C 291 7.42 -34.35 7.93
CA CYS C 291 7.18 -33.63 6.70
C CYS C 291 8.20 -33.91 5.60
N ALA C 292 9.10 -34.88 5.78
CA ALA C 292 10.14 -35.13 4.79
C ALA C 292 10.31 -36.62 4.48
N LEU C 293 9.44 -37.47 5.01
CA LEU C 293 9.61 -38.90 4.79
C LEU C 293 9.03 -39.31 3.44
N ASP C 294 7.82 -38.85 3.13
CA ASP C 294 7.09 -39.31 1.96
C ASP C 294 6.08 -38.23 1.57
N PRO C 295 5.63 -38.22 0.31
CA PRO C 295 4.69 -37.16 -0.12
C PRO C 295 3.37 -37.12 0.64
N LEU C 296 2.88 -38.25 1.17
CA LEU C 296 1.60 -38.23 1.86
C LEU C 296 1.66 -37.42 3.15
N SER C 297 2.74 -37.54 3.92
CA SER C 297 2.87 -36.73 5.13
C SER C 297 3.19 -35.28 4.78
N GLU C 298 3.80 -35.06 3.61
CA GLU C 298 3.97 -33.70 3.10
C GLU C 298 2.61 -33.05 2.82
N THR C 299 1.67 -33.82 2.26
CA THR C 299 0.31 -33.32 2.09
C THR C 299 -0.37 -33.10 3.44
N LYS C 300 -0.11 -34.01 4.38
CA LYS C 300 -0.78 -33.93 5.68
C LYS C 300 -0.37 -32.67 6.45
N CYS C 301 0.94 -32.37 6.49
CA CYS C 301 1.38 -31.19 7.23
C CYS C 301 1.32 -29.94 6.35
N THR C 302 1.15 -30.13 5.03
CA THR C 302 0.90 -28.98 4.17
C THR C 302 -0.53 -28.49 4.32
N LEU C 303 -1.49 -29.40 4.34
CA LEU C 303 -2.89 -29.06 4.53
C LEU C 303 -3.27 -28.91 6.00
N LYS C 304 -2.32 -29.16 6.91
CA LYS C 304 -2.52 -29.03 8.36
C LYS C 304 -3.67 -29.91 8.86
N SER C 305 -3.74 -31.12 8.33
CA SER C 305 -4.75 -32.08 8.72
C SER C 305 -4.19 -33.49 8.61
N PHE C 306 -4.70 -34.38 9.46
CA PHE C 306 -4.25 -35.76 9.47
C PHE C 306 -5.06 -36.66 8.53
N THR C 307 -6.04 -36.09 7.85
CA THR C 307 -6.83 -36.81 6.85
C THR C 307 -6.83 -36.01 5.56
N VAL C 308 -6.51 -36.67 4.46
CA VAL C 308 -6.38 -36.03 3.15
C VAL C 308 -7.47 -36.57 2.24
N GLU C 309 -8.27 -35.66 1.69
CA GLU C 309 -9.30 -36.02 0.73
C GLU C 309 -8.67 -36.34 -0.62
N LYS C 310 -9.36 -37.19 -1.39
CA LYS C 310 -8.89 -37.57 -2.72
C LYS C 310 -8.80 -36.35 -3.63
N GLY C 311 -7.67 -36.22 -4.31
CA GLY C 311 -7.44 -35.11 -5.20
C GLY C 311 -5.95 -34.90 -5.43
N ILE C 312 -5.64 -33.77 -6.04
CA ILE C 312 -4.26 -33.39 -6.38
C ILE C 312 -3.93 -32.11 -5.60
N TYR C 313 -2.77 -32.10 -4.95
CA TYR C 313 -2.36 -30.99 -4.10
C TYR C 313 -0.93 -30.59 -4.40
N GLN C 314 -0.71 -29.28 -4.47
CA GLN C 314 0.63 -28.71 -4.64
C GLN C 314 1.28 -28.54 -3.28
N THR C 315 2.40 -29.23 -3.06
CA THR C 315 3.02 -29.27 -1.74
C THR C 315 4.43 -28.71 -1.68
N SER C 316 5.29 -29.00 -2.65
CA SER C 316 6.70 -28.62 -2.55
C SER C 316 7.21 -28.27 -3.94
N ASN C 317 8.53 -28.06 -4.03
CA ASN C 317 9.16 -27.67 -5.27
C ASN C 317 10.45 -28.48 -5.42
N PHE C 318 10.60 -29.18 -6.53
CA PHE C 318 11.80 -29.96 -6.78
C PHE C 318 12.92 -29.05 -7.25
N ARG C 319 14.05 -29.09 -6.55
CA ARG C 319 15.22 -28.29 -6.90
C ARG C 319 16.45 -29.19 -6.93
N VAL C 320 17.27 -29.02 -7.95
CA VAL C 320 18.51 -29.78 -8.05
C VAL C 320 19.61 -29.05 -7.28
N GLN C 321 20.14 -29.72 -6.26
CA GLN C 321 21.17 -29.10 -5.42
C GLN C 321 22.51 -29.10 -6.14
N PRO C 322 23.25 -27.99 -6.06
CA PRO C 322 24.59 -27.95 -6.64
C PRO C 322 25.56 -28.85 -5.87
N THR C 323 26.53 -29.40 -6.59
CA THR C 323 27.51 -30.30 -6.00
C THR C 323 28.93 -29.74 -6.01
N GLU C 324 29.20 -28.69 -6.78
CA GLU C 324 30.52 -28.11 -6.88
C GLU C 324 30.45 -26.62 -6.55
N SER C 325 31.55 -26.11 -6.00
CA SER C 325 31.69 -24.69 -5.68
C SER C 325 32.82 -24.12 -6.54
N ILE C 326 32.46 -23.23 -7.46
CA ILE C 326 33.41 -22.64 -8.39
C ILE C 326 33.55 -21.16 -8.05
N VAL C 327 34.75 -20.75 -7.66
CA VAL C 327 35.08 -19.36 -7.37
C VAL C 327 36.22 -18.95 -8.30
N ARG C 328 36.00 -17.91 -9.10
CA ARG C 328 36.96 -17.50 -10.11
C ARG C 328 37.28 -16.01 -9.97
N PHE C 329 38.55 -15.68 -10.16
CA PHE C 329 39.04 -14.31 -10.21
C PHE C 329 40.13 -14.25 -11.26
N PRO C 330 40.37 -13.08 -11.85
CA PRO C 330 41.56 -12.92 -12.71
C PRO C 330 42.84 -13.13 -11.91
N ASN C 331 43.82 -13.77 -12.55
CA ASN C 331 45.02 -14.21 -11.83
C ASN C 331 46.13 -13.15 -11.89
N ILE C 332 45.75 -11.91 -11.58
CA ILE C 332 46.72 -10.78 -11.68
C ILE C 332 47.65 -10.79 -10.48
N THR C 333 48.94 -11.06 -10.71
CA THR C 333 49.95 -11.06 -9.62
C THR C 333 50.05 -9.64 -9.03
N ASN C 334 49.99 -8.62 -9.88
CA ASN C 334 50.43 -7.24 -9.50
C ASN C 334 49.59 -6.77 -8.32
N LEU C 335 50.21 -6.13 -7.34
CA LEU C 335 49.47 -5.75 -6.11
C LEU C 335 49.08 -4.27 -6.17
N CYS C 336 48.00 -3.90 -5.47
CA CYS C 336 47.53 -2.52 -5.45
C CYS C 336 48.36 -1.69 -4.47
N PRO C 337 48.87 -0.53 -4.89
CA PRO C 337 49.82 0.24 -4.07
C PRO C 337 49.13 1.00 -2.94
N PHE C 338 48.70 0.27 -1.91
CA PHE C 338 48.09 0.91 -0.75
C PHE C 338 49.14 1.53 0.16
N GLY C 339 50.41 1.10 0.03
CA GLY C 339 51.47 1.73 0.79
C GLY C 339 51.80 3.13 0.29
N GLU C 340 51.49 3.41 -0.98
CA GLU C 340 51.71 4.75 -1.52
C GLU C 340 50.71 5.75 -0.96
N VAL C 341 49.51 5.29 -0.63
CA VAL C 341 48.45 6.18 -0.16
C VAL C 341 48.43 6.25 1.37
N PHE C 342 48.41 5.10 2.03
CA PHE C 342 48.29 5.07 3.49
C PHE C 342 49.59 5.50 4.16
N ASN C 343 50.73 5.05 3.65
CA ASN C 343 52.03 5.38 4.22
C ASN C 343 52.72 6.51 3.46
N ALA C 344 51.96 7.44 2.90
CA ALA C 344 52.55 8.59 2.23
C ALA C 344 53.22 9.52 3.24
N THR C 345 54.34 10.11 2.84
CA THR C 345 55.07 11.01 3.72
C THR C 345 54.29 12.30 3.95
N ARG C 346 53.80 12.92 2.88
CA ARG C 346 53.05 14.16 2.96
C ARG C 346 51.64 13.95 2.43
N PHE C 347 50.66 14.49 3.15
CA PHE C 347 49.26 14.40 2.78
C PHE C 347 48.77 15.76 2.28
N ALA C 348 47.83 15.71 1.35
CA ALA C 348 47.27 16.93 0.77
C ALA C 348 46.26 17.56 1.72
N SER C 349 45.98 18.84 1.49
CA SER C 349 44.99 19.54 2.29
C SER C 349 43.58 19.10 1.90
N VAL C 350 42.61 19.44 2.75
CA VAL C 350 41.25 18.96 2.55
C VAL C 350 40.57 19.66 1.37
N TYR C 351 40.88 20.94 1.13
CA TYR C 351 40.29 21.62 -0.01
C TYR C 351 40.97 21.21 -1.31
N ALA C 352 42.20 20.73 -1.23
CA ALA C 352 42.96 20.26 -2.38
C ALA C 352 43.26 18.76 -2.26
N TRP C 353 42.24 17.98 -1.91
CA TRP C 353 42.41 16.56 -1.64
C TRP C 353 42.87 15.81 -2.89
N ASN C 354 43.87 14.94 -2.69
CA ASN C 354 44.42 14.15 -3.78
C ASN C 354 43.56 12.92 -4.03
N ARG C 355 43.41 12.56 -5.30
CA ARG C 355 42.68 11.37 -5.70
C ARG C 355 43.64 10.41 -6.38
N LYS C 356 43.67 9.17 -5.91
CA LYS C 356 44.54 8.15 -6.47
C LYS C 356 43.71 7.10 -7.18
N ARG C 357 44.02 6.87 -8.45
CA ARG C 357 43.32 5.88 -9.26
C ARG C 357 43.99 4.52 -9.13
N ILE C 358 43.21 3.52 -8.75
CA ILE C 358 43.70 2.17 -8.47
C ILE C 358 42.94 1.19 -9.35
N SER C 359 43.68 0.48 -10.21
CA SER C 359 43.10 -0.56 -11.04
C SER C 359 44.20 -1.50 -11.50
N ASN C 360 43.79 -2.60 -12.13
CA ASN C 360 44.66 -3.59 -12.75
C ASN C 360 45.64 -4.18 -11.73
N CYS C 361 45.10 -4.55 -10.57
CA CYS C 361 45.91 -5.10 -9.49
C CYS C 361 45.02 -5.92 -8.57
N VAL C 362 45.66 -6.67 -7.67
CA VAL C 362 44.97 -7.46 -6.67
C VAL C 362 45.08 -6.75 -5.33
N ALA C 363 43.97 -6.68 -4.61
CA ALA C 363 43.90 -5.94 -3.35
C ALA C 363 43.39 -6.85 -2.25
N ASP C 364 44.07 -6.83 -1.11
CA ASP C 364 43.68 -7.59 0.08
C ASP C 364 43.25 -6.58 1.14
N TYR C 365 41.93 -6.41 1.28
CA TYR C 365 41.39 -5.43 2.23
C TYR C 365 41.41 -5.93 3.67
N SER C 366 41.73 -7.20 3.88
CA SER C 366 41.70 -7.76 5.24
C SER C 366 42.83 -7.22 6.10
N VAL C 367 43.99 -6.94 5.52
CA VAL C 367 45.12 -6.44 6.30
C VAL C 367 44.89 -4.98 6.70
N LEU C 368 44.05 -4.26 5.96
CA LEU C 368 43.69 -2.90 6.37
C LEU C 368 42.70 -2.93 7.52
N TYR C 369 41.76 -3.88 7.48
CA TYR C 369 40.80 -4.03 8.58
C TYR C 369 41.48 -4.56 9.83
N ASN C 370 42.36 -5.56 9.67
CA ASN C 370 43.05 -6.16 10.81
C ASN C 370 44.41 -5.48 10.96
N SER C 371 44.37 -4.23 11.38
CA SER C 371 45.60 -3.45 11.58
C SER C 371 45.69 -2.76 12.94
N ALA C 372 44.56 -2.44 13.59
CA ALA C 372 44.49 -1.86 14.93
C ALA C 372 45.15 -0.49 15.05
N SER C 373 45.50 0.12 13.92
CA SER C 373 46.10 1.45 13.94
C SER C 373 45.12 2.53 13.48
N PHE C 374 43.89 2.17 13.13
CA PHE C 374 42.91 3.11 12.62
C PHE C 374 41.80 3.32 13.66
N SER C 375 41.63 4.57 14.10
CA SER C 375 40.57 4.88 15.03
C SER C 375 39.20 4.94 14.38
N THR C 376 39.15 5.14 13.06
CA THR C 376 37.90 5.23 12.33
C THR C 376 37.91 4.24 11.17
N PHE C 377 36.94 3.33 11.16
CA PHE C 377 36.79 2.39 10.05
C PHE C 377 35.29 2.10 9.91
N LYS C 378 34.63 2.86 9.04
CA LYS C 378 33.21 2.71 8.77
C LYS C 378 33.00 2.56 7.27
N CYS C 379 32.47 1.41 6.86
CA CYS C 379 32.22 1.13 5.46
C CYS C 379 30.73 1.31 5.16
N TYR C 380 30.44 2.07 4.11
CA TYR C 380 29.07 2.41 3.75
C TYR C 380 28.72 1.77 2.42
N GLY C 381 27.65 0.97 2.42
CA GLY C 381 27.26 0.18 1.26
C GLY C 381 27.89 -1.20 1.25
N VAL C 382 29.08 -1.32 1.82
CA VAL C 382 29.76 -2.60 1.94
C VAL C 382 30.01 -2.89 3.42
N SER C 383 30.24 -4.14 3.71
CA SER C 383 30.62 -4.58 5.05
C SER C 383 32.10 -4.34 5.31
N PRO C 384 32.49 -4.12 6.57
CA PRO C 384 33.93 -4.11 6.90
C PRO C 384 34.61 -5.43 6.57
N THR C 385 33.91 -6.54 6.77
CA THR C 385 34.43 -7.83 6.36
C THR C 385 33.90 -8.22 4.98
N LYS C 386 34.29 -9.41 4.53
CA LYS C 386 33.89 -10.01 3.25
C LYS C 386 34.28 -9.16 2.05
N LEU C 387 35.30 -8.31 2.18
CA LEU C 387 35.67 -7.41 1.10
C LEU C 387 36.56 -8.07 0.06
N ASN C 388 37.10 -9.25 0.36
CA ASN C 388 38.00 -9.94 -0.56
C ASN C 388 37.27 -10.74 -1.62
N ASP C 389 35.93 -10.79 -1.58
CA ASP C 389 35.14 -11.54 -2.54
C ASP C 389 34.47 -10.64 -3.58
N LEU C 390 34.84 -9.36 -3.64
CA LEU C 390 34.22 -8.41 -4.54
C LEU C 390 35.24 -7.87 -5.53
N CYS C 391 34.72 -7.44 -6.68
CA CYS C 391 35.54 -6.86 -7.73
C CYS C 391 34.88 -5.57 -8.22
N PHE C 392 35.70 -4.62 -8.64
CA PHE C 392 35.21 -3.33 -9.11
C PHE C 392 35.99 -2.92 -10.35
N THR C 393 35.37 -2.03 -11.14
CA THR C 393 36.03 -1.53 -12.34
C THR C 393 37.14 -0.55 -12.01
N ASN C 394 36.89 0.34 -11.05
CA ASN C 394 37.88 1.34 -10.66
C ASN C 394 37.67 1.68 -9.19
N VAL C 395 38.77 1.93 -8.48
CA VAL C 395 38.75 2.29 -7.07
C VAL C 395 39.54 3.57 -6.89
N TYR C 396 38.91 4.56 -6.26
CA TYR C 396 39.54 5.84 -5.99
C TYR C 396 39.90 5.95 -4.52
N ALA C 397 41.12 6.42 -4.26
CA ALA C 397 41.62 6.61 -2.90
C ALA C 397 41.84 8.10 -2.68
N ASP C 398 40.96 8.72 -1.89
CA ASP C 398 41.04 10.14 -1.59
C ASP C 398 41.65 10.35 -0.21
N SER C 399 42.69 11.18 -0.14
CA SER C 399 43.42 11.38 1.10
C SER C 399 43.51 12.87 1.40
N PHE C 400 43.32 13.21 2.67
CA PHE C 400 43.38 14.58 3.16
C PHE C 400 43.57 14.55 4.66
N VAL C 401 43.80 15.73 5.25
CA VAL C 401 44.04 15.88 6.67
C VAL C 401 43.01 16.86 7.24
N ILE C 402 42.30 16.42 8.28
CA ILE C 402 41.33 17.24 9.00
C ILE C 402 41.58 17.07 10.50
N ARG C 403 40.85 17.83 11.30
CA ARG C 403 40.92 17.74 12.74
C ARG C 403 40.09 16.56 13.26
N GLY C 404 40.22 16.30 14.56
CA GLY C 404 39.53 15.18 15.15
C GLY C 404 38.03 15.39 15.30
N ASP C 405 37.61 16.65 15.38
CA ASP C 405 36.18 16.94 15.55
C ASP C 405 35.40 16.80 14.25
N GLU C 406 36.08 16.83 13.11
CA GLU C 406 35.41 16.79 11.82
C GLU C 406 35.46 15.43 11.15
N VAL C 407 35.92 14.39 11.84
CA VAL C 407 35.99 13.06 11.24
C VAL C 407 34.59 12.47 11.09
N ARG C 408 33.63 12.97 11.86
CA ARG C 408 32.24 12.52 11.69
C ARG C 408 31.63 13.10 10.42
N GLN C 409 32.16 14.20 9.90
CA GLN C 409 31.66 14.79 8.68
C GLN C 409 32.02 13.99 7.43
N ILE C 410 33.01 13.11 7.51
CA ILE C 410 33.36 12.27 6.37
C ILE C 410 32.50 11.01 6.41
N ALA C 411 31.28 11.14 5.89
CA ALA C 411 30.29 10.07 5.86
C ALA C 411 29.18 10.49 4.91
N PRO C 412 28.46 9.54 4.32
CA PRO C 412 27.37 9.93 3.40
C PRO C 412 26.24 10.65 4.12
N GLY C 413 25.88 11.81 3.60
CA GLY C 413 24.75 12.56 4.10
C GLY C 413 24.99 13.43 5.30
N GLN C 414 26.25 13.74 5.64
CA GLN C 414 26.56 14.59 6.76
C GLN C 414 26.61 16.06 6.35
N THR C 415 26.35 16.93 7.32
CA THR C 415 26.43 18.36 7.15
C THR C 415 27.51 18.91 8.09
N GLY C 416 28.17 19.98 7.65
CA GLY C 416 29.22 20.58 8.43
C GLY C 416 30.17 21.43 7.61
N LYS C 417 31.29 21.83 8.21
CA LYS C 417 32.24 22.70 7.51
C LYS C 417 32.96 21.97 6.39
N ILE C 418 33.48 20.77 6.66
CA ILE C 418 34.19 20.01 5.64
C ILE C 418 33.23 19.47 4.59
N ALA C 419 32.05 19.00 5.02
CA ALA C 419 31.10 18.39 4.09
C ALA C 419 30.55 19.40 3.09
N ASP C 420 30.23 20.61 3.56
CA ASP C 420 29.65 21.60 2.66
C ASP C 420 30.67 22.21 1.71
N TYR C 421 31.85 22.56 2.20
CA TYR C 421 32.78 23.41 1.45
C TYR C 421 34.11 22.76 1.13
N ASN C 422 34.42 21.59 1.67
CA ASN C 422 35.76 21.03 1.46
C ASN C 422 35.71 19.69 0.74
N TYR C 423 34.87 18.77 1.22
CA TYR C 423 34.80 17.42 0.64
C TYR C 423 33.44 16.83 0.97
N LYS C 424 32.64 16.55 -0.05
CA LYS C 424 31.25 16.13 0.13
C LYS C 424 31.11 14.70 -0.36
N LEU C 425 30.44 13.85 0.45
CA LEU C 425 30.13 12.48 0.07
C LEU C 425 28.68 12.38 -0.41
N PRO C 426 28.44 11.62 -1.48
CA PRO C 426 27.07 11.44 -1.96
C PRO C 426 26.23 10.60 -1.01
N ASP C 427 24.91 10.77 -1.12
CA ASP C 427 23.99 10.02 -0.27
C ASP C 427 24.00 8.54 -0.61
N ASP C 428 24.30 8.20 -1.87
CA ASP C 428 24.44 6.82 -2.31
C ASP C 428 25.90 6.38 -2.40
N PHE C 429 26.73 6.83 -1.47
CA PHE C 429 28.16 6.53 -1.50
C PHE C 429 28.42 5.03 -1.31
N THR C 430 29.28 4.47 -2.16
CA THR C 430 29.67 3.08 -2.11
C THR C 430 31.16 3.01 -1.82
N GLY C 431 31.52 2.73 -0.58
CA GLY C 431 32.92 2.65 -0.22
C GLY C 431 33.10 2.62 1.29
N CYS C 432 34.32 2.90 1.72
CA CYS C 432 34.65 2.86 3.13
C CYS C 432 35.48 4.08 3.50
N VAL C 433 35.35 4.52 4.75
CA VAL C 433 36.05 5.68 5.27
C VAL C 433 37.04 5.21 6.33
N ILE C 434 38.32 5.52 6.13
CA ILE C 434 39.39 5.11 7.04
C ILE C 434 40.11 6.36 7.53
N ALA C 435 40.29 6.47 8.83
CA ALA C 435 40.99 7.60 9.42
C ALA C 435 41.75 7.15 10.66
N TRP C 436 42.81 7.88 10.98
CA TRP C 436 43.60 7.60 12.17
C TRP C 436 44.25 8.88 12.65
N ASN C 437 44.65 8.89 13.93
CA ASN C 437 45.28 10.06 14.52
C ASN C 437 46.66 10.27 13.93
N SER C 438 47.01 11.53 13.66
CA SER C 438 48.30 11.89 13.10
C SER C 438 48.91 13.08 13.80
N ASN C 439 48.81 13.12 15.14
CA ASN C 439 49.41 14.22 15.90
C ASN C 439 50.92 14.13 15.91
N ASN C 440 51.47 12.91 15.84
CA ASN C 440 52.91 12.73 15.86
C ASN C 440 53.59 13.10 14.55
N LEU C 441 52.83 13.31 13.47
CA LEU C 441 53.39 13.58 12.16
C LEU C 441 52.98 14.92 11.58
N ASP C 442 51.77 15.41 11.88
CA ASP C 442 51.27 16.63 11.28
C ASP C 442 51.26 17.82 12.22
N SER C 443 51.70 17.67 13.46
CA SER C 443 51.74 18.76 14.41
C SER C 443 53.18 19.21 14.63
N LYS C 444 53.36 20.53 14.77
CA LYS C 444 54.66 21.12 14.99
C LYS C 444 54.58 22.08 16.16
N VAL C 445 55.70 22.26 16.86
CA VAL C 445 55.74 23.19 17.99
C VAL C 445 55.63 24.61 17.47
N GLY C 446 54.69 25.37 18.03
CA GLY C 446 54.38 26.69 17.54
C GLY C 446 53.30 26.74 16.48
N GLY C 447 52.79 25.60 16.04
CA GLY C 447 51.71 25.58 15.07
C GLY C 447 52.14 25.17 13.68
N ASN C 448 51.52 24.11 13.14
CA ASN C 448 51.78 23.68 11.77
C ASN C 448 50.73 24.32 10.87
N TYR C 449 51.16 25.28 10.05
CA TYR C 449 50.26 26.09 9.25
C TYR C 449 50.16 25.64 7.80
N ASN C 450 50.74 24.49 7.46
CA ASN C 450 50.73 24.04 6.06
C ASN C 450 49.37 23.50 5.66
N TYR C 451 48.61 22.96 6.59
CA TYR C 451 47.31 22.37 6.28
C TYR C 451 46.24 23.44 6.38
N LEU C 452 45.45 23.59 5.31
CA LEU C 452 44.43 24.62 5.21
C LEU C 452 43.08 24.01 4.87
N TYR C 453 42.03 24.75 5.22
CA TYR C 453 40.66 24.39 4.86
C TYR C 453 39.95 25.62 4.34
N ARG C 454 38.96 25.40 3.47
CA ARG C 454 38.21 26.50 2.90
C ARG C 454 37.25 27.06 3.94
N LEU C 455 37.33 28.38 4.18
CA LEU C 455 36.61 29.03 5.25
C LEU C 455 35.29 29.65 4.80
N PHE C 456 35.22 30.19 3.59
CA PHE C 456 33.99 30.76 3.06
C PHE C 456 33.74 30.23 1.65
N ARG C 457 32.47 29.96 1.35
CA ARG C 457 32.04 29.63 -0.01
C ARG C 457 30.57 29.97 -0.15
N LYS C 458 30.16 30.31 -1.38
CA LYS C 458 28.78 30.74 -1.62
C LYS C 458 27.80 29.59 -1.47
N SER C 459 28.12 28.41 -2.01
N SER C 459 28.12 28.41 -2.01
CA SER C 459 27.21 27.29 -2.03
CA SER C 459 27.21 27.29 -2.04
C SER C 459 27.93 26.01 -1.64
C SER C 459 27.94 26.02 -1.65
N ASN C 460 27.16 25.02 -1.24
CA ASN C 460 27.72 23.73 -0.86
C ASN C 460 28.22 22.97 -2.08
N LEU C 461 29.22 22.12 -1.85
CA LEU C 461 29.85 21.39 -2.94
C LEU C 461 28.96 20.24 -3.43
N LYS C 462 29.12 19.91 -4.70
CA LYS C 462 28.59 18.67 -5.25
C LYS C 462 29.41 17.49 -4.72
N PRO C 463 28.86 16.28 -4.77
CA PRO C 463 29.67 15.10 -4.37
C PRO C 463 30.91 14.93 -5.24
N PHE C 464 32.02 14.60 -4.57
CA PHE C 464 33.34 14.41 -5.19
C PHE C 464 33.78 15.64 -5.98
N GLU C 465 33.54 16.83 -5.43
CA GLU C 465 33.98 18.07 -6.05
C GLU C 465 35.22 18.61 -5.36
N ARG C 466 36.18 19.04 -6.16
CA ARG C 466 37.46 19.56 -5.65
C ARG C 466 37.60 21.01 -6.09
N ASP C 467 37.55 21.93 -5.13
CA ASP C 467 37.65 23.36 -5.39
C ASP C 467 38.98 23.85 -4.84
N ILE C 468 39.80 24.42 -5.71
CA ILE C 468 41.12 24.94 -5.34
C ILE C 468 41.23 26.43 -5.62
N SER C 469 40.12 27.12 -5.79
CA SER C 469 40.15 28.55 -6.08
C SER C 469 40.59 29.34 -4.86
N THR C 470 41.40 30.38 -5.10
CA THR C 470 41.88 31.26 -4.05
C THR C 470 41.36 32.69 -4.25
N GLU C 471 40.24 32.82 -4.95
CA GLU C 471 39.64 34.13 -5.17
C GLU C 471 39.09 34.68 -3.85
N ILE C 472 39.27 35.99 -3.64
CA ILE C 472 38.84 36.62 -2.40
C ILE C 472 37.33 36.59 -2.31
N TYR C 473 36.82 36.11 -1.17
CA TYR C 473 35.39 35.94 -0.95
C TYR C 473 34.74 37.31 -0.80
N GLN C 474 33.65 37.51 -1.54
CA GLN C 474 32.90 38.77 -1.49
C GLN C 474 31.67 38.56 -0.61
N ALA C 475 31.71 39.10 0.60
CA ALA C 475 30.62 38.94 1.56
C ALA C 475 29.58 40.06 1.45
N GLY C 476 29.78 41.02 0.56
CA GLY C 476 28.84 42.11 0.40
C GLY C 476 28.61 42.48 -1.06
N SER C 477 28.02 43.66 -1.29
CA SER C 477 27.78 44.12 -2.65
CA SER C 477 27.78 44.12 -2.65
C SER C 477 28.97 44.84 -3.26
N THR C 478 30.01 45.12 -2.47
CA THR C 478 31.20 45.82 -2.96
C THR C 478 32.20 44.81 -3.49
N PRO C 479 32.67 44.97 -4.73
CA PRO C 479 33.71 44.07 -5.25
C PRO C 479 35.02 44.23 -4.49
N CYS C 480 35.75 43.11 -4.38
CA CYS C 480 37.00 43.09 -3.62
C CYS C 480 38.21 43.51 -4.43
N ASN C 481 38.24 43.15 -5.72
CA ASN C 481 39.36 43.44 -6.63
C ASN C 481 40.67 42.86 -6.10
N GLY C 482 40.59 41.68 -5.48
CA GLY C 482 41.76 41.02 -4.96
C GLY C 482 42.36 41.63 -3.72
N VAL C 483 41.62 42.46 -3.00
CA VAL C 483 42.11 43.15 -1.81
C VAL C 483 41.30 42.67 -0.61
N GLU C 484 41.99 42.13 0.39
CA GLU C 484 41.33 41.69 1.61
C GLU C 484 40.97 42.89 2.49
N GLY C 485 39.90 42.74 3.26
CA GLY C 485 39.44 43.82 4.12
C GLY C 485 38.05 43.53 4.64
N PHE C 486 37.29 44.60 4.83
CA PHE C 486 35.90 44.47 5.25
C PHE C 486 35.07 43.88 4.12
N ASN C 487 34.29 42.83 4.45
CA ASN C 487 33.49 42.06 3.51
C ASN C 487 34.32 41.45 2.38
N CYS C 488 35.60 41.20 2.63
CA CYS C 488 36.54 40.68 1.63
C CYS C 488 37.53 39.80 2.38
N TYR C 489 37.29 38.49 2.35
CA TYR C 489 38.05 37.54 3.16
C TYR C 489 38.73 36.53 2.26
N PHE C 490 39.93 36.11 2.66
CA PHE C 490 40.62 35.02 1.97
C PHE C 490 39.85 33.72 2.21
N PRO C 491 39.59 32.92 1.16
CA PRO C 491 38.72 31.75 1.33
C PRO C 491 39.34 30.63 2.15
N LEU C 492 40.66 30.59 2.32
CA LEU C 492 41.33 29.50 3.00
C LEU C 492 41.73 29.92 4.41
N GLN C 493 41.55 29.02 5.36
CA GLN C 493 41.93 29.23 6.75
C GLN C 493 42.86 28.10 7.19
N SER C 494 43.91 28.47 7.92
CA SER C 494 44.88 27.50 8.41
C SER C 494 44.38 26.81 9.67
N TYR C 495 44.66 25.51 9.77
CA TYR C 495 44.30 24.77 10.98
C TYR C 495 45.18 25.16 12.16
N GLY C 496 46.49 25.24 11.94
CA GLY C 496 47.41 25.54 13.03
C GLY C 496 47.52 24.43 14.06
N PHE C 497 47.80 23.20 13.61
CA PHE C 497 47.91 22.07 14.52
C PHE C 497 49.11 22.20 15.43
N GLN C 498 48.91 21.89 16.72
CA GLN C 498 49.94 21.87 17.73
C GLN C 498 49.91 20.56 18.50
N PRO C 499 51.05 20.07 19.00
CA PRO C 499 51.03 18.83 19.79
C PRO C 499 50.32 18.97 21.13
N THR C 500 50.15 20.19 21.64
CA THR C 500 49.45 20.41 22.90
C THR C 500 47.95 20.61 22.72
N ASN C 501 47.45 20.50 21.50
CA ASN C 501 46.03 20.69 21.25
C ASN C 501 45.23 19.50 21.74
N GLY C 502 43.92 19.69 21.85
CA GLY C 502 43.04 18.62 22.27
C GLY C 502 42.85 17.57 21.20
N VAL C 503 42.20 16.47 21.60
CA VAL C 503 41.99 15.33 20.71
C VAL C 503 41.14 15.73 19.51
N GLY C 504 40.07 16.49 19.75
CA GLY C 504 39.27 17.02 18.66
C GLY C 504 40.00 18.04 17.81
N TYR C 505 41.02 18.68 18.38
CA TYR C 505 41.86 19.62 17.64
C TYR C 505 43.08 18.95 17.01
N GLN C 506 43.34 17.68 17.33
CA GLN C 506 44.48 16.97 16.77
C GLN C 506 44.25 16.63 15.30
N PRO C 507 45.30 16.66 14.49
CA PRO C 507 45.14 16.32 13.07
C PRO C 507 44.92 14.83 12.86
N TYR C 508 44.07 14.51 11.90
CA TYR C 508 43.75 13.14 11.54
C TYR C 508 43.95 12.96 10.04
N ARG C 509 44.67 11.91 9.66
CA ARG C 509 44.82 11.56 8.25
C ARG C 509 43.68 10.65 7.83
N VAL C 510 42.88 11.13 6.88
CA VAL C 510 41.68 10.44 6.44
C VAL C 510 41.90 9.95 5.01
N VAL C 511 41.72 8.63 4.81
CA VAL C 511 41.80 8.02 3.50
C VAL C 511 40.42 7.47 3.17
N VAL C 512 39.85 7.93 2.07
CA VAL C 512 38.51 7.55 1.64
C VAL C 512 38.63 6.65 0.42
N LEU C 513 38.10 5.44 0.52
CA LEU C 513 38.10 4.49 -0.58
C LEU C 513 36.72 4.49 -1.22
N SER C 514 36.68 4.73 -2.53
CA SER C 514 35.43 4.73 -3.29
C SER C 514 35.45 3.57 -4.27
N PHE C 515 34.42 2.74 -4.22
CA PHE C 515 34.29 1.58 -5.10
C PHE C 515 33.33 1.94 -6.22
N GLU C 516 33.84 1.93 -7.45
CA GLU C 516 33.04 2.25 -8.64
C GLU C 516 32.86 0.97 -9.44
N LEU C 517 31.64 0.46 -9.47
CA LEU C 517 31.27 -0.66 -10.33
C LEU C 517 30.31 -0.13 -11.39
N LEU C 518 30.74 -0.19 -12.66
CA LEU C 518 29.94 0.27 -13.78
C LEU C 518 29.59 -0.85 -14.74
N HIS C 519 29.64 -2.11 -14.28
CA HIS C 519 29.43 -3.33 -15.06
C HIS C 519 30.45 -3.48 -16.20
N ALA C 520 31.59 -2.81 -16.10
CA ALA C 520 32.68 -3.00 -17.03
C ALA C 520 33.45 -4.27 -16.68
N PRO C 521 34.37 -4.73 -17.53
CA PRO C 521 35.31 -5.77 -17.10
C PRO C 521 36.08 -5.37 -15.86
N ALA C 522 36.12 -6.29 -14.89
CA ALA C 522 36.67 -5.97 -13.58
C ALA C 522 38.18 -5.86 -13.63
N THR C 523 38.72 -4.81 -13.00
CA THR C 523 40.15 -4.55 -12.99
C THR C 523 40.82 -4.86 -11.66
N VAL C 524 40.13 -4.62 -10.54
CA VAL C 524 40.68 -4.88 -9.22
C VAL C 524 39.84 -5.96 -8.56
N CYS C 525 40.50 -6.95 -7.96
CA CYS C 525 39.84 -8.11 -7.37
C CYS C 525 40.59 -8.55 -6.12
N GLY C 526 39.94 -9.43 -5.36
CA GLY C 526 40.51 -9.93 -4.13
C GLY C 526 41.56 -10.99 -4.36
N PRO C 527 42.23 -11.38 -3.27
CA PRO C 527 43.32 -12.38 -3.37
C PRO C 527 42.87 -13.83 -3.30
N LYS C 528 41.58 -14.12 -3.48
CA LYS C 528 41.10 -15.49 -3.41
C LYS C 528 41.54 -16.28 -4.64
N LYS C 529 41.91 -17.54 -4.43
CA LYS C 529 42.42 -18.38 -5.50
C LYS C 529 41.28 -18.76 -6.44
N SER C 530 41.61 -18.85 -7.73
CA SER C 530 40.63 -19.12 -8.78
C SER C 530 40.71 -20.59 -9.19
N THR C 531 39.58 -21.29 -9.14
CA THR C 531 39.53 -22.69 -9.55
C THR C 531 39.16 -22.80 -11.03
N ASN C 532 39.34 -24.00 -11.56
CA ASN C 532 39.05 -24.25 -12.97
C ASN C 532 37.55 -24.32 -13.22
N LEU C 533 37.16 -24.04 -14.46
CA LEU C 533 35.75 -24.04 -14.82
C LEU C 533 35.22 -25.45 -15.02
N VAL C 534 33.94 -25.64 -14.67
CA VAL C 534 33.22 -26.87 -14.94
C VAL C 534 31.99 -26.53 -15.76
N LYS C 535 31.80 -27.24 -16.87
CA LYS C 535 30.72 -26.96 -17.80
C LYS C 535 29.64 -28.03 -17.70
N ASN C 536 28.43 -27.65 -18.12
CA ASN C 536 27.26 -28.53 -18.21
C ASN C 536 26.90 -29.18 -16.88
N LYS C 537 27.02 -28.44 -15.77
CA LYS C 537 26.70 -28.97 -14.46
C LYS C 537 26.11 -27.85 -13.60
N CYS C 538 25.10 -28.21 -12.81
CA CYS C 538 24.50 -27.27 -11.87
C CYS C 538 25.50 -26.96 -10.76
N VAL C 539 26.14 -25.79 -10.85
CA VAL C 539 27.22 -25.42 -9.96
C VAL C 539 26.94 -24.03 -9.37
N ASN C 540 27.66 -23.72 -8.30
CA ASN C 540 27.64 -22.40 -7.69
C ASN C 540 28.84 -21.64 -8.21
N PHE C 541 28.60 -20.52 -8.89
CA PHE C 541 29.64 -19.77 -9.57
C PHE C 541 29.85 -18.41 -8.94
N ASN C 542 31.01 -17.82 -9.24
CA ASN C 542 31.38 -16.49 -8.75
C ASN C 542 32.28 -15.87 -9.79
N PHE C 543 31.72 -14.98 -10.60
CA PHE C 543 32.46 -14.29 -11.66
C PHE C 543 32.60 -12.81 -11.28
N ASN C 544 33.80 -12.44 -10.82
CA ASN C 544 34.14 -11.05 -10.48
C ASN C 544 33.19 -10.47 -9.43
N GLY C 545 32.85 -11.28 -8.43
CA GLY C 545 31.94 -10.87 -7.38
C GLY C 545 30.47 -11.12 -7.65
N LEU C 546 30.13 -11.53 -8.87
CA LEU C 546 28.74 -11.83 -9.22
C LEU C 546 28.48 -13.30 -8.91
N THR C 547 27.65 -13.56 -7.91
CA THR C 547 27.37 -14.91 -7.44
C THR C 547 26.01 -15.37 -7.92
N GLY C 548 25.84 -16.69 -7.96
CA GLY C 548 24.58 -17.27 -8.37
C GLY C 548 24.72 -18.77 -8.53
N THR C 549 23.59 -19.40 -8.83
CA THR C 549 23.52 -20.84 -9.04
C THR C 549 22.91 -21.11 -10.40
N GLY C 550 23.60 -21.91 -11.22
CA GLY C 550 23.12 -22.20 -12.55
C GLY C 550 24.07 -23.15 -13.26
N VAL C 551 23.71 -23.45 -14.50
CA VAL C 551 24.48 -24.34 -15.36
C VAL C 551 25.25 -23.51 -16.38
N LEU C 552 26.56 -23.70 -16.42
CA LEU C 552 27.42 -22.97 -17.35
C LEU C 552 27.59 -23.81 -18.62
N THR C 553 27.05 -23.30 -19.73
CA THR C 553 27.15 -23.96 -21.02
C THR C 553 27.76 -23.02 -22.03
N GLU C 554 28.32 -23.59 -23.10
CA GLU C 554 28.88 -22.79 -24.18
C GLU C 554 27.77 -22.07 -24.94
N SER C 555 27.97 -20.78 -25.18
CA SER C 555 26.96 -19.96 -25.83
C SER C 555 27.36 -19.64 -27.26
N ASN C 556 26.36 -19.32 -28.07
CA ASN C 556 26.55 -18.86 -29.45
C ASN C 556 26.25 -17.37 -29.60
N LYS C 557 26.20 -16.65 -28.48
CA LYS C 557 25.87 -15.23 -28.52
C LYS C 557 27.03 -14.43 -29.10
N LYS C 558 26.70 -13.46 -29.95
CA LYS C 558 27.72 -12.62 -30.60
C LYS C 558 28.10 -11.48 -29.66
N PHE C 559 28.92 -11.82 -28.67
CA PHE C 559 29.38 -10.83 -27.71
C PHE C 559 30.39 -9.88 -28.35
N LEU C 560 30.18 -8.60 -28.14
CA LEU C 560 31.12 -7.58 -28.57
C LEU C 560 32.36 -7.61 -27.68
N PRO C 561 33.51 -7.19 -28.20
CA PRO C 561 34.76 -7.27 -27.42
C PRO C 561 34.76 -6.45 -26.14
N PHE C 562 33.95 -5.39 -26.05
CA PHE C 562 33.91 -4.57 -24.85
C PHE C 562 32.85 -5.02 -23.85
N GLN C 563 31.97 -5.95 -24.23
CA GLN C 563 30.89 -6.38 -23.38
C GLN C 563 31.37 -7.45 -22.40
N GLN C 564 31.08 -7.25 -21.12
CA GLN C 564 31.50 -8.20 -20.09
C GLN C 564 30.48 -9.31 -19.85
N PHE C 565 29.20 -8.96 -19.73
CA PHE C 565 28.19 -9.97 -19.45
C PHE C 565 26.86 -9.49 -20.03
N GLY C 566 25.93 -10.44 -20.16
CA GLY C 566 24.61 -10.17 -20.69
C GLY C 566 23.54 -10.23 -19.61
N ARG C 567 22.40 -9.64 -19.92
CA ARG C 567 21.27 -9.59 -19.00
C ARG C 567 19.99 -9.97 -19.73
N ASP C 568 19.03 -10.47 -18.96
CA ASP C 568 17.72 -10.86 -19.49
C ASP C 568 16.72 -9.72 -19.29
N ILE C 569 15.45 -10.02 -19.56
CA ILE C 569 14.39 -9.03 -19.38
C ILE C 569 14.11 -8.79 -17.90
N ALA C 570 14.45 -9.75 -17.04
CA ALA C 570 14.22 -9.62 -15.61
C ALA C 570 15.36 -8.94 -14.88
N ASP C 571 16.28 -8.29 -15.61
CA ASP C 571 17.49 -7.66 -15.06
C ASP C 571 18.33 -8.66 -14.28
N THR C 572 18.33 -9.91 -14.72
CA THR C 572 19.13 -10.98 -14.14
C THR C 572 20.21 -11.39 -15.12
N THR C 573 21.23 -12.07 -14.59
CA THR C 573 22.38 -12.45 -15.41
C THR C 573 22.00 -13.55 -16.39
N ASP C 574 22.26 -13.31 -17.67
CA ASP C 574 21.95 -14.26 -18.73
C ASP C 574 23.18 -14.99 -19.25
N ALA C 575 24.27 -14.27 -19.53
CA ALA C 575 25.50 -14.88 -19.99
C ALA C 575 26.66 -14.01 -19.53
N VAL C 576 27.82 -14.65 -19.33
CA VAL C 576 29.01 -13.97 -18.82
C VAL C 576 30.21 -14.34 -19.68
N ARG C 577 31.25 -13.52 -19.56
CA ARG C 577 32.57 -13.81 -20.11
C ARG C 577 33.48 -14.20 -18.95
N ASP C 578 34.25 -15.27 -19.14
CA ASP C 578 35.14 -15.73 -18.08
C ASP C 578 36.26 -14.71 -17.85
N PRO C 579 36.55 -14.35 -16.60
CA PRO C 579 37.60 -13.35 -16.34
C PRO C 579 39.00 -13.83 -16.69
N GLN C 580 39.22 -15.14 -16.80
CA GLN C 580 40.54 -15.68 -17.11
C GLN C 580 40.66 -16.21 -18.53
N THR C 581 39.57 -16.66 -19.12
CA THR C 581 39.57 -17.22 -20.48
C THR C 581 38.66 -16.36 -21.36
N LEU C 582 39.17 -15.99 -22.54
CA LEU C 582 38.40 -15.17 -23.48
C LEU C 582 37.36 -16.03 -24.18
N GLU C 583 36.32 -16.36 -23.42
CA GLU C 583 35.21 -17.17 -23.91
C GLU C 583 33.91 -16.70 -23.27
N ILE C 584 32.80 -16.99 -23.94
CA ILE C 584 31.48 -16.55 -23.50
C ILE C 584 30.69 -17.78 -23.05
N LEU C 585 30.17 -17.73 -21.83
CA LEU C 585 29.41 -18.82 -21.25
C LEU C 585 28.00 -18.35 -20.89
N ASP C 586 27.00 -19.09 -21.35
CA ASP C 586 25.62 -18.79 -20.99
C ASP C 586 25.27 -19.44 -19.67
N ILE C 587 24.55 -18.70 -18.83
CA ILE C 587 24.13 -19.17 -17.52
C ILE C 587 22.66 -19.55 -17.62
N THR C 588 22.38 -20.84 -17.50
CA THR C 588 21.01 -21.35 -17.47
C THR C 588 20.70 -21.79 -16.04
N PRO C 589 19.56 -21.39 -15.48
CA PRO C 589 19.20 -21.84 -14.13
C PRO C 589 19.03 -23.35 -14.07
N CYS C 590 19.31 -23.92 -12.90
CA CYS C 590 19.24 -25.37 -12.72
C CYS C 590 17.82 -25.87 -12.85
N SER C 591 17.68 -27.16 -13.16
CA SER C 591 16.37 -27.75 -13.41
C SER C 591 15.51 -27.71 -12.16
N PHE C 592 14.26 -27.28 -12.33
CA PHE C 592 13.35 -27.10 -11.21
C PHE C 592 11.93 -27.37 -11.69
N GLY C 593 11.05 -27.61 -10.73
CA GLY C 593 9.65 -27.86 -11.04
C GLY C 593 8.88 -28.14 -9.77
N GLY C 594 7.60 -27.77 -9.81
CA GLY C 594 6.74 -27.98 -8.66
C GLY C 594 6.46 -29.45 -8.42
N VAL C 595 6.13 -29.78 -7.18
CA VAL C 595 5.87 -31.15 -6.77
C VAL C 595 4.40 -31.25 -6.38
N SER C 596 3.59 -31.81 -7.28
CA SER C 596 2.19 -32.12 -7.02
C SER C 596 2.02 -33.62 -7.03
N VAL C 597 1.10 -34.11 -6.22
CA VAL C 597 0.94 -35.54 -5.96
C VAL C 597 -0.47 -35.95 -6.34
N ILE C 598 -0.64 -37.19 -6.77
CA ILE C 598 -1.95 -37.79 -7.01
C ILE C 598 -2.26 -38.72 -5.84
N THR C 599 -3.26 -38.36 -5.03
CA THR C 599 -3.60 -39.13 -3.85
C THR C 599 -5.08 -39.46 -3.83
N PRO C 600 -5.43 -40.71 -3.50
CA PRO C 600 -6.81 -41.00 -3.11
C PRO C 600 -7.05 -40.59 -1.66
N GLY C 601 -8.25 -40.93 -1.18
CA GLY C 601 -8.55 -40.70 0.22
C GLY C 601 -7.70 -41.58 1.13
N THR C 602 -7.28 -40.99 2.26
CA THR C 602 -6.49 -41.72 3.24
C THR C 602 -7.28 -42.84 3.91
N ASN C 603 -8.62 -42.77 3.89
CA ASN C 603 -9.44 -43.89 4.30
C ASN C 603 -9.22 -45.09 3.40
N THR C 604 -9.12 -44.88 2.09
CA THR C 604 -8.94 -45.95 1.13
C THR C 604 -7.53 -46.51 1.12
N SER C 605 -6.53 -45.69 0.79
CA SER C 605 -5.15 -46.16 0.73
C SER C 605 -4.21 -44.98 0.91
N ASN C 606 -2.96 -45.30 1.26
CA ASN C 606 -1.91 -44.30 1.42
C ASN C 606 -0.93 -44.26 0.25
N GLN C 607 -1.16 -45.07 -0.78
CA GLN C 607 -0.27 -45.07 -1.94
C GLN C 607 -0.41 -43.76 -2.70
N VAL C 608 0.72 -43.24 -3.20
CA VAL C 608 0.78 -41.93 -3.84
C VAL C 608 1.46 -42.04 -5.20
N ALA C 609 1.16 -41.07 -6.06
CA ALA C 609 1.84 -40.89 -7.32
C ALA C 609 2.19 -39.42 -7.49
N VAL C 610 3.43 -39.15 -7.89
CA VAL C 610 4.02 -37.82 -7.82
C VAL C 610 4.13 -37.24 -9.23
N LEU C 611 3.88 -35.94 -9.35
CA LEU C 611 3.99 -35.21 -10.62
C LEU C 611 5.02 -34.10 -10.47
N TYR C 612 5.89 -33.97 -11.47
CA TYR C 612 6.84 -32.87 -11.57
C TYR C 612 6.53 -32.11 -12.84
N GLN C 613 6.04 -30.87 -12.71
CA GLN C 613 5.52 -30.13 -13.85
C GLN C 613 6.64 -29.63 -14.75
N ASP C 614 6.40 -29.69 -16.06
CA ASP C 614 7.18 -29.00 -17.10
C ASP C 614 8.64 -29.45 -17.12
N VAL C 615 8.88 -30.71 -16.80
CA VAL C 615 10.22 -31.28 -16.83
C VAL C 615 10.19 -32.60 -17.60
N ASN C 616 11.36 -33.01 -18.05
CA ASN C 616 11.56 -34.29 -18.69
C ASN C 616 11.90 -35.34 -17.65
N CYS C 617 11.75 -36.62 -18.01
CA CYS C 617 12.00 -37.72 -17.09
C CYS C 617 13.48 -38.12 -17.16
N THR C 618 14.35 -37.13 -17.01
CA THR C 618 15.79 -37.34 -17.05
C THR C 618 16.45 -36.95 -15.73
N GLU C 619 16.19 -35.72 -15.28
CA GLU C 619 16.85 -35.21 -14.08
C GLU C 619 16.32 -35.86 -12.81
N VAL C 620 15.02 -36.13 -12.75
CA VAL C 620 14.43 -36.72 -11.56
C VAL C 620 14.70 -38.21 -11.52
N ASN C 641 8.12 -47.79 -13.82
CA ASN C 641 6.78 -47.23 -13.63
C ASN C 641 6.82 -45.72 -13.80
N VAL C 642 7.41 -45.26 -14.91
CA VAL C 642 7.55 -43.85 -15.22
C VAL C 642 6.86 -43.59 -16.55
N PHE C 643 5.97 -42.60 -16.57
CA PHE C 643 5.20 -42.25 -17.76
C PHE C 643 5.31 -40.75 -18.01
N GLN C 644 5.59 -40.38 -19.26
CA GLN C 644 5.81 -38.98 -19.63
C GLN C 644 4.54 -38.41 -20.24
N THR C 645 4.15 -37.22 -19.78
CA THR C 645 3.07 -36.44 -20.36
C THR C 645 3.59 -35.06 -20.73
N ARG C 646 2.75 -34.31 -21.45
CA ARG C 646 3.05 -32.91 -21.71
C ARG C 646 2.97 -32.06 -20.45
N ALA C 647 2.18 -32.48 -19.46
CA ALA C 647 2.07 -31.78 -18.20
C ALA C 647 3.25 -32.01 -17.27
N GLY C 648 4.04 -33.06 -17.51
CA GLY C 648 5.19 -33.35 -16.69
C GLY C 648 5.50 -34.83 -16.68
N CYS C 649 6.21 -35.25 -15.64
CA CYS C 649 6.69 -36.63 -15.51
C CYS C 649 5.91 -37.31 -14.39
N LEU C 650 5.39 -38.50 -14.66
CA LEU C 650 4.63 -39.27 -13.68
C LEU C 650 5.50 -40.39 -13.14
N ILE C 651 5.62 -40.45 -11.81
CA ILE C 651 6.32 -41.53 -11.13
C ILE C 651 5.37 -42.13 -10.10
N GLY C 652 5.19 -43.45 -10.16
CA GLY C 652 4.31 -44.16 -9.25
C GLY C 652 2.97 -44.53 -9.84
N ALA C 653 2.62 -43.99 -11.00
CA ALA C 653 1.35 -44.28 -11.64
C ALA C 653 1.55 -45.16 -12.87
N GLU C 654 0.72 -46.19 -12.98
CA GLU C 654 0.80 -47.10 -14.11
C GLU C 654 0.04 -46.54 -15.32
N HIS C 655 0.47 -46.97 -16.50
CA HIS C 655 -0.18 -46.56 -17.74
C HIS C 655 -1.15 -47.64 -18.18
N VAL C 656 -2.37 -47.25 -18.53
CA VAL C 656 -3.43 -48.16 -18.96
C VAL C 656 -3.94 -47.70 -20.32
N ASN C 657 -4.03 -48.65 -21.26
CA ASN C 657 -4.56 -48.34 -22.58
C ASN C 657 -6.03 -47.96 -22.53
N ASN C 658 -6.80 -48.55 -21.62
CA ASN C 658 -8.23 -48.31 -21.54
C ASN C 658 -8.51 -46.90 -21.02
N SER C 659 -9.57 -46.29 -21.54
CA SER C 659 -9.99 -44.96 -21.11
C SER C 659 -11.16 -45.07 -20.15
N TYR C 660 -11.17 -44.17 -19.16
CA TYR C 660 -12.22 -44.16 -18.14
C TYR C 660 -12.63 -42.71 -17.90
N GLU C 661 -13.62 -42.55 -17.03
CA GLU C 661 -14.04 -41.21 -16.61
C GLU C 661 -12.96 -40.58 -15.73
N CYS C 662 -12.83 -39.26 -15.82
CA CYS C 662 -11.82 -38.56 -15.05
C CYS C 662 -12.19 -38.53 -13.58
N ASP C 663 -11.25 -38.94 -12.72
CA ASP C 663 -11.45 -38.92 -11.28
C ASP C 663 -10.57 -37.85 -10.64
N ILE C 664 -9.27 -37.93 -10.89
CA ILE C 664 -8.32 -36.93 -10.43
C ILE C 664 -7.66 -36.31 -11.66
N PRO C 665 -7.99 -35.06 -12.01
CA PRO C 665 -7.38 -34.46 -13.22
C PRO C 665 -5.91 -34.15 -13.01
N ILE C 666 -5.13 -34.34 -14.06
CA ILE C 666 -3.70 -34.08 -14.06
C ILE C 666 -3.33 -32.97 -15.04
N GLY C 667 -3.71 -33.13 -16.29
CA GLY C 667 -3.41 -32.16 -17.33
C GLY C 667 -3.16 -32.84 -18.66
N ALA C 668 -3.41 -32.09 -19.75
CA ALA C 668 -3.22 -32.55 -21.13
C ALA C 668 -4.00 -33.82 -21.44
N GLY C 669 -5.23 -33.89 -20.94
CA GLY C 669 -6.09 -35.02 -21.20
C GLY C 669 -5.82 -36.25 -20.37
N ILE C 670 -4.97 -36.15 -19.36
CA ILE C 670 -4.59 -37.30 -18.53
C ILE C 670 -5.29 -37.17 -17.18
N CYS C 671 -5.94 -38.24 -16.75
CA CYS C 671 -6.57 -38.31 -15.44
C CYS C 671 -6.17 -39.62 -14.77
N ALA C 672 -6.24 -39.62 -13.44
CA ALA C 672 -5.81 -40.76 -12.64
C ALA C 672 -6.95 -41.24 -11.75
N SER C 673 -6.91 -42.52 -11.41
CA SER C 673 -7.90 -43.12 -10.53
C SER C 673 -7.24 -44.29 -9.80
N TYR C 674 -7.83 -44.66 -8.68
CA TYR C 674 -7.35 -45.75 -7.84
C TYR C 674 -8.27 -46.94 -8.01
N GLN C 675 -7.77 -48.01 -8.60
CA GLN C 675 -8.58 -49.18 -8.91
C GLN C 675 -7.79 -50.45 -8.60
N THR C 676 -8.49 -51.57 -8.59
CA THR C 676 -7.89 -52.85 -8.25
C THR C 676 -7.18 -53.47 -9.45
N GLN C 690 -4.42 -53.49 -5.76
CA GLN C 690 -4.84 -52.13 -6.06
C GLN C 690 -3.64 -51.23 -6.29
N SER C 691 -3.76 -50.31 -7.25
CA SER C 691 -2.67 -49.41 -7.60
C SER C 691 -3.25 -48.16 -8.25
N ILE C 692 -2.43 -47.12 -8.31
CA ILE C 692 -2.80 -45.87 -8.97
C ILE C 692 -2.42 -45.98 -10.44
N ILE C 693 -3.37 -45.69 -11.32
CA ILE C 693 -3.16 -45.78 -12.76
C ILE C 693 -3.29 -44.40 -13.38
N ALA C 694 -2.71 -44.25 -14.57
CA ALA C 694 -2.83 -43.03 -15.35
C ALA C 694 -3.31 -43.39 -16.75
N TYR C 695 -4.22 -42.58 -17.28
CA TYR C 695 -4.84 -42.89 -18.57
C TYR C 695 -5.33 -41.61 -19.20
N THR C 696 -5.58 -41.68 -20.50
CA THR C 696 -6.26 -40.60 -21.20
C THR C 696 -7.75 -40.66 -20.90
N MET C 697 -8.29 -39.55 -20.40
CA MET C 697 -9.69 -39.53 -20.00
C MET C 697 -10.62 -39.59 -21.21
N SER C 698 -11.75 -40.26 -21.03
CA SER C 698 -12.72 -40.42 -22.10
C SER C 698 -13.71 -39.27 -22.11
N LEU C 699 -14.17 -38.91 -23.31
CA LEU C 699 -15.13 -37.84 -23.48
C LEU C 699 -16.57 -38.35 -23.45
N GLY C 700 -16.77 -39.65 -23.27
CA GLY C 700 -18.09 -40.26 -23.28
C GLY C 700 -18.15 -41.44 -24.22
N ALA C 701 -19.22 -42.22 -24.04
CA ALA C 701 -19.41 -43.40 -24.87
C ALA C 701 -19.79 -43.01 -26.29
N GLU C 702 -19.15 -43.64 -27.26
CA GLU C 702 -19.42 -43.35 -28.66
C GLU C 702 -20.76 -43.95 -29.07
N ASN C 703 -21.58 -43.14 -29.75
CA ASN C 703 -22.90 -43.57 -30.19
C ASN C 703 -23.19 -42.88 -31.51
N SER C 704 -23.06 -43.63 -32.61
CA SER C 704 -23.39 -43.08 -33.92
C SER C 704 -24.90 -42.98 -34.07
N VAL C 705 -25.31 -42.09 -34.98
CA VAL C 705 -26.73 -41.86 -35.27
C VAL C 705 -27.05 -42.48 -36.62
N ALA C 706 -28.21 -43.14 -36.71
CA ALA C 706 -28.65 -43.78 -37.95
C ALA C 706 -29.39 -42.74 -38.80
N TYR C 707 -28.61 -41.79 -39.31
CA TYR C 707 -29.17 -40.72 -40.12
C TYR C 707 -29.53 -41.23 -41.51
N SER C 708 -30.73 -40.87 -41.95
CA SER C 708 -31.16 -41.10 -43.33
C SER C 708 -32.23 -40.08 -43.64
N ASN C 709 -32.54 -39.96 -44.94
CA ASN C 709 -33.46 -38.92 -45.38
C ASN C 709 -34.93 -39.33 -45.30
N ASN C 710 -35.24 -40.52 -44.78
CA ASN C 710 -36.62 -40.96 -44.68
C ASN C 710 -36.90 -41.76 -43.41
N SER C 711 -36.24 -41.44 -42.30
CA SER C 711 -36.45 -42.21 -41.07
C SER C 711 -36.52 -41.29 -39.86
N ILE C 712 -37.51 -41.52 -39.00
CA ILE C 712 -37.69 -40.80 -37.74
C ILE C 712 -37.72 -41.83 -36.61
N ALA C 713 -37.14 -41.46 -35.47
CA ALA C 713 -37.36 -42.18 -34.22
C ALA C 713 -38.32 -41.36 -33.36
N ILE C 714 -39.59 -41.77 -33.32
CA ILE C 714 -40.61 -41.08 -32.56
C ILE C 714 -40.70 -41.75 -31.19
N PRO C 715 -40.72 -41.00 -30.09
CA PRO C 715 -40.86 -41.62 -28.77
C PRO C 715 -42.20 -42.31 -28.60
N THR C 716 -42.15 -43.57 -28.15
CA THR C 716 -43.34 -44.35 -27.88
C THR C 716 -43.68 -44.46 -26.40
N ASN C 717 -42.75 -44.12 -25.52
CA ASN C 717 -42.99 -44.13 -24.09
C ASN C 717 -42.11 -43.07 -23.44
N PHE C 718 -42.50 -42.66 -22.23
CA PHE C 718 -41.80 -41.60 -21.53
C PHE C 718 -41.69 -41.95 -20.07
N THR C 719 -40.67 -41.40 -19.42
CA THR C 719 -40.51 -41.47 -17.98
C THR C 719 -40.29 -40.05 -17.44
N ILE C 720 -40.94 -39.77 -16.32
CA ILE C 720 -40.77 -38.50 -15.62
C ILE C 720 -39.55 -38.63 -14.72
N SER C 721 -38.80 -37.55 -14.58
CA SER C 721 -37.58 -37.56 -13.79
C SER C 721 -37.40 -36.22 -13.08
N VAL C 722 -36.86 -36.27 -11.87
CA VAL C 722 -36.59 -35.08 -11.07
C VAL C 722 -35.08 -35.00 -10.84
N THR C 723 -34.53 -33.81 -11.00
CA THR C 723 -33.12 -33.56 -10.79
C THR C 723 -32.93 -32.54 -9.66
N THR C 724 -31.82 -32.69 -8.96
CA THR C 724 -31.49 -31.85 -7.82
C THR C 724 -30.46 -30.81 -8.24
N GLU C 725 -30.79 -29.54 -8.07
CA GLU C 725 -29.90 -28.42 -8.37
C GLU C 725 -29.58 -27.67 -7.08
N ILE C 726 -28.29 -27.49 -6.81
CA ILE C 726 -27.82 -26.84 -5.60
C ILE C 726 -27.10 -25.56 -6.00
N LEU C 727 -27.50 -24.44 -5.40
CA LEU C 727 -26.92 -23.14 -5.72
C LEU C 727 -26.85 -22.32 -4.43
N PRO C 728 -25.65 -21.99 -3.95
CA PRO C 728 -25.54 -21.19 -2.72
C PRO C 728 -26.06 -19.78 -2.93
N VAL C 729 -26.60 -19.19 -1.86
CA VAL C 729 -27.27 -17.90 -1.92
C VAL C 729 -26.63 -16.86 -1.00
N SER C 730 -26.46 -17.19 0.28
CA SER C 730 -26.13 -16.17 1.27
C SER C 730 -24.75 -16.42 1.86
N MET C 731 -24.08 -15.32 2.19
CA MET C 731 -22.79 -15.29 2.86
C MET C 731 -22.98 -15.20 4.36
N THR C 732 -22.05 -15.81 5.10
CA THR C 732 -22.02 -15.62 6.54
C THR C 732 -21.63 -14.18 6.85
N LYS C 733 -22.50 -13.48 7.59
CA LYS C 733 -22.33 -12.05 7.86
C LYS C 733 -21.21 -11.83 8.88
N THR C 734 -19.98 -11.90 8.37
CA THR C 734 -18.80 -11.71 9.20
C THR C 734 -18.44 -10.23 9.29
N SER C 735 -18.32 -9.73 10.51
CA SER C 735 -17.93 -8.35 10.76
C SER C 735 -16.77 -8.34 11.74
N VAL C 736 -15.70 -7.64 11.39
CA VAL C 736 -14.52 -7.53 12.24
C VAL C 736 -14.24 -6.06 12.50
N ASP C 737 -13.96 -5.73 13.77
CA ASP C 737 -13.70 -4.31 14.13
C ASP C 737 -12.23 -4.01 13.82
N CYS C 738 -12.00 -3.09 12.90
CA CYS C 738 -10.60 -2.82 12.49
C CYS C 738 -9.83 -2.31 13.71
N THR C 739 -10.45 -1.45 14.51
CA THR C 739 -9.71 -0.86 15.64
C THR C 739 -9.29 -1.99 16.59
N MET C 740 -10.21 -2.91 16.88
CA MET C 740 -9.90 -4.00 17.82
C MET C 740 -8.80 -4.89 17.23
N TYR C 741 -8.89 -5.19 15.93
CA TYR C 741 -7.89 -6.11 15.34
C TYR C 741 -6.51 -5.48 15.43
N ILE C 742 -6.41 -4.21 15.04
CA ILE C 742 -5.09 -3.53 15.05
C ILE C 742 -4.65 -3.33 16.51
N CYS C 743 -5.56 -2.88 17.37
CA CYS C 743 -5.17 -2.57 18.77
C CYS C 743 -6.15 -3.21 19.75
N GLY C 744 -5.64 -3.96 20.74
CA GLY C 744 -6.52 -4.50 21.79
C GLY C 744 -6.69 -3.47 22.88
N ASP C 745 -7.49 -2.42 22.63
CA ASP C 745 -7.69 -1.33 23.62
C ASP C 745 -6.35 -0.72 24.03
N SER C 746 -5.44 -0.52 23.07
CA SER C 746 -4.15 0.14 23.38
C SER C 746 -4.22 1.61 22.94
N THR C 747 -4.10 2.54 23.88
CA THR C 747 -4.21 3.99 23.55
C THR C 747 -3.07 4.38 22.62
N GLU C 748 -1.86 3.90 22.90
CA GLU C 748 -0.69 4.27 22.08
C GLU C 748 -0.92 3.78 20.65
N CYS C 749 -1.43 2.55 20.52
CA CYS C 749 -1.70 1.98 19.19
C CYS C 749 -2.76 2.84 18.49
N SER C 750 -3.76 3.29 19.25
CA SER C 750 -4.86 4.12 18.67
C SER C 750 -4.26 5.41 18.10
N ASN C 751 -3.31 6.01 18.82
CA ASN C 751 -2.71 7.28 18.36
C ASN C 751 -2.00 7.03 17.03
N LEU C 752 -1.28 5.91 16.93
CA LEU C 752 -0.58 5.57 15.67
C LEU C 752 -1.61 5.36 14.57
N LEU C 753 -2.75 4.75 14.91
CA LEU C 753 -3.79 4.44 13.90
C LEU C 753 -4.29 5.75 13.30
N LEU C 754 -4.37 6.81 14.12
CA LEU C 754 -4.93 8.10 13.63
C LEU C 754 -4.06 8.60 12.47
N GLN C 755 -2.74 8.41 12.54
CA GLN C 755 -1.83 8.90 11.48
C GLN C 755 -2.20 8.22 10.16
N TYR C 756 -2.57 6.94 10.20
CA TYR C 756 -2.91 6.18 8.97
C TYR C 756 -4.25 6.69 8.39
N GLY C 757 -4.98 7.49 9.16
CA GLY C 757 -6.22 8.10 8.66
C GLY C 757 -7.41 7.17 8.54
N SER C 758 -8.11 7.19 7.40
CA SER C 758 -9.39 6.44 7.28
C SER C 758 -9.26 5.08 6.62
N PHE C 759 -8.05 4.52 6.48
CA PHE C 759 -7.99 3.17 5.89
C PHE C 759 -8.82 2.26 6.79
N CYS C 760 -8.66 2.41 8.10
CA CYS C 760 -9.42 1.58 9.07
C CYS C 760 -10.90 1.86 8.93
N THR C 761 -11.25 3.14 8.79
CA THR C 761 -12.70 3.51 8.77
C THR C 761 -13.36 3.08 7.48
N GLN C 762 -12.63 3.07 6.37
CA GLN C 762 -13.33 2.81 5.11
C GLN C 762 -13.54 1.33 4.86
N LEU C 763 -12.71 0.46 5.43
CA LEU C 763 -12.96 -0.98 5.29
C LEU C 763 -14.07 -1.43 6.23
N ASN C 764 -14.24 -0.68 7.33
CA ASN C 764 -15.38 -0.98 8.22
C ASN C 764 -16.63 -0.70 7.40
N ARG C 765 -16.69 0.46 6.76
CA ARG C 765 -17.82 0.75 5.89
C ARG C 765 -17.95 -0.29 4.79
N ALA C 766 -16.82 -0.81 4.31
CA ALA C 766 -16.85 -1.82 3.26
C ALA C 766 -17.42 -3.14 3.77
N LEU C 767 -16.92 -3.62 4.92
CA LEU C 767 -17.37 -4.92 5.42
C LEU C 767 -18.81 -4.86 5.92
N THR C 768 -19.24 -3.69 6.37
CA THR C 768 -20.67 -3.47 6.64
C THR C 768 -21.47 -3.57 5.35
N GLY C 769 -20.84 -3.22 4.22
CA GLY C 769 -21.52 -3.25 2.94
C GLY C 769 -21.98 -4.63 2.52
N ILE C 770 -21.13 -5.65 2.71
CA ILE C 770 -21.51 -7.01 2.31
C ILE C 770 -22.74 -7.48 3.08
N ALA C 771 -22.82 -7.15 4.37
CA ALA C 771 -23.96 -7.59 5.19
C ALA C 771 -25.25 -6.91 4.76
N VAL C 772 -25.16 -5.82 3.99
CA VAL C 772 -26.37 -5.12 3.55
C VAL C 772 -27.09 -5.90 2.46
N GLU C 773 -26.39 -6.19 1.35
CA GLU C 773 -27.08 -6.88 0.25
C GLU C 773 -27.26 -8.36 0.54
N GLN C 774 -26.55 -8.90 1.54
CA GLN C 774 -26.73 -10.33 1.82
C GLN C 774 -28.09 -10.60 2.45
N ASP C 775 -28.66 -9.61 3.13
CA ASP C 775 -30.08 -9.70 3.46
C ASP C 775 -30.94 -9.43 2.23
N LYS C 776 -30.44 -8.58 1.32
CA LYS C 776 -31.17 -8.32 0.08
C LYS C 776 -31.12 -9.53 -0.86
N ASN C 777 -29.93 -10.15 -0.99
CA ASN C 777 -29.84 -11.36 -1.81
C ASN C 777 -30.68 -12.50 -1.24
N THR C 778 -30.91 -12.48 0.08
CA THR C 778 -31.83 -13.45 0.66
C THR C 778 -33.26 -13.20 0.19
N GLN C 779 -33.70 -11.94 0.18
CA GLN C 779 -35.08 -11.65 -0.17
C GLN C 779 -35.27 -11.49 -1.68
N GLU C 780 -34.18 -11.26 -2.43
CA GLU C 780 -34.33 -11.15 -3.88
C GLU C 780 -34.62 -12.49 -4.53
N VAL C 781 -34.35 -13.60 -3.84
CA VAL C 781 -34.60 -14.91 -4.42
C VAL C 781 -35.78 -15.61 -3.74
N PHE C 782 -36.09 -15.23 -2.50
CA PHE C 782 -37.18 -15.87 -1.76
C PHE C 782 -38.41 -14.99 -1.60
N ALA C 783 -38.27 -13.67 -1.53
CA ALA C 783 -39.40 -12.79 -1.31
C ALA C 783 -39.91 -12.20 -2.63
N GLN C 784 -40.64 -13.02 -3.37
CA GLN C 784 -41.37 -12.58 -4.56
C GLN C 784 -42.87 -12.60 -4.37
N VAL C 785 -43.37 -13.09 -3.24
CA VAL C 785 -44.80 -13.16 -2.97
C VAL C 785 -45.10 -12.31 -1.74
N LYS C 786 -46.21 -11.56 -1.81
CA LYS C 786 -46.62 -10.69 -0.72
C LYS C 786 -47.60 -11.37 0.23
N GLN C 787 -47.96 -12.62 -0.02
CA GLN C 787 -48.93 -13.34 0.80
C GLN C 787 -48.40 -14.71 1.16
N ILE C 788 -48.92 -15.27 2.24
CA ILE C 788 -48.55 -16.59 2.72
C ILE C 788 -49.64 -17.56 2.27
N TYR C 789 -49.25 -18.59 1.53
CA TYR C 789 -50.18 -19.58 1.02
C TYR C 789 -50.07 -20.87 1.82
N LYS C 790 -51.21 -21.49 2.07
CA LYS C 790 -51.27 -22.72 2.85
C LYS C 790 -51.99 -23.81 2.07
N THR C 791 -51.48 -25.02 2.16
CA THR C 791 -52.10 -26.16 1.49
C THR C 791 -53.38 -26.58 2.22
N PRO C 792 -54.36 -27.09 1.47
CA PRO C 792 -55.56 -27.64 2.12
C PRO C 792 -55.22 -28.92 2.89
N PRO C 793 -55.98 -29.23 3.94
CA PRO C 793 -55.71 -30.46 4.70
C PRO C 793 -55.94 -31.75 3.91
N ILE C 794 -56.72 -31.71 2.84
CA ILE C 794 -56.95 -32.87 2.00
C ILE C 794 -56.00 -32.80 0.81
N LYS C 795 -55.20 -33.85 0.64
CA LYS C 795 -54.19 -33.89 -0.42
C LYS C 795 -54.74 -34.61 -1.66
N ASP C 796 -55.79 -34.02 -2.22
CA ASP C 796 -56.41 -34.56 -3.44
C ASP C 796 -55.78 -33.90 -4.67
N PHE C 797 -54.53 -34.28 -4.92
CA PHE C 797 -53.74 -33.73 -6.02
C PHE C 797 -53.66 -34.68 -7.21
N GLY C 798 -54.71 -35.47 -7.44
CA GLY C 798 -54.73 -36.37 -8.58
C GLY C 798 -53.78 -37.53 -8.48
N GLY C 799 -53.42 -37.93 -7.27
CA GLY C 799 -52.49 -39.03 -7.04
C GLY C 799 -51.06 -38.60 -6.82
N PHE C 800 -50.73 -37.33 -7.03
CA PHE C 800 -49.39 -36.84 -6.79
C PHE C 800 -49.17 -36.69 -5.29
N ASN C 801 -48.07 -37.24 -4.79
CA ASN C 801 -47.74 -37.21 -3.37
C ASN C 801 -46.74 -36.08 -3.15
N PHE C 802 -47.09 -35.14 -2.27
CA PHE C 802 -46.23 -34.02 -1.95
C PHE C 802 -45.91 -33.91 -0.48
N SER C 803 -46.17 -34.96 0.31
CA SER C 803 -45.92 -34.93 1.74
C SER C 803 -44.44 -34.85 2.08
N GLN C 804 -43.56 -35.22 1.14
CA GLN C 804 -42.13 -35.15 1.35
C GLN C 804 -41.58 -33.73 1.23
N ILE C 805 -42.31 -32.82 0.59
CA ILE C 805 -41.83 -31.45 0.43
C ILE C 805 -42.71 -30.43 1.13
N LEU C 806 -43.99 -30.72 1.40
CA LEU C 806 -44.76 -29.79 2.19
C LEU C 806 -44.33 -29.89 3.66
N PRO C 807 -44.27 -28.75 4.36
CA PRO C 807 -43.71 -28.76 5.73
C PRO C 807 -44.55 -29.58 6.70
N ASP C 808 -43.85 -30.26 7.60
CA ASP C 808 -44.48 -31.19 8.52
C ASP C 808 -44.77 -30.48 9.84
N PRO C 809 -46.03 -30.37 10.27
CA PRO C 809 -46.32 -29.76 11.57
C PRO C 809 -45.81 -30.57 12.75
N SER C 810 -45.55 -31.86 12.57
CA SER C 810 -45.03 -32.68 13.67
C SER C 810 -43.62 -32.26 14.06
N LYS C 811 -42.80 -31.89 13.09
CA LYS C 811 -41.47 -31.38 13.38
C LYS C 811 -41.60 -30.00 14.03
N PRO C 812 -40.79 -29.69 15.05
CA PRO C 812 -40.93 -28.39 15.74
C PRO C 812 -40.75 -27.17 14.84
N SER C 813 -39.89 -27.26 13.83
CA SER C 813 -39.79 -26.20 12.83
C SER C 813 -40.60 -26.62 11.60
N LYS C 814 -41.15 -25.64 10.89
CA LYS C 814 -42.03 -25.93 9.77
C LYS C 814 -41.24 -26.32 8.53
N ARG C 815 -40.56 -27.46 8.57
CA ARG C 815 -39.78 -27.95 7.45
C ARG C 815 -40.20 -29.38 7.12
N SER C 816 -39.99 -29.76 5.87
CA SER C 816 -40.33 -31.13 5.47
C SER C 816 -39.11 -32.04 5.63
N PHE C 817 -39.29 -33.28 5.19
CA PHE C 817 -38.26 -34.30 5.34
C PHE C 817 -37.03 -33.98 4.49
N ILE C 818 -37.24 -33.36 3.33
CA ILE C 818 -36.13 -33.10 2.42
C ILE C 818 -35.20 -32.03 2.97
N GLU C 819 -35.76 -30.93 3.51
CA GLU C 819 -34.93 -29.89 4.11
C GLU C 819 -34.21 -30.41 5.34
N ASP C 820 -34.80 -31.39 6.03
CA ASP C 820 -34.12 -32.02 7.15
C ASP C 820 -32.87 -32.75 6.67
N LEU C 821 -32.94 -33.40 5.51
CA LEU C 821 -31.74 -33.99 4.93
C LEU C 821 -30.77 -32.92 4.44
N LEU C 822 -31.29 -31.81 3.93
CA LEU C 822 -30.42 -30.74 3.44
C LEU C 822 -29.69 -30.05 4.58
N PHE C 823 -30.37 -29.82 5.71
CA PHE C 823 -29.76 -29.12 6.82
C PHE C 823 -28.75 -29.99 7.56
N ASN C 824 -28.97 -31.31 7.57
CA ASN C 824 -28.09 -32.18 8.35
C ASN C 824 -26.77 -32.49 7.64
N LYS C 825 -26.66 -32.21 6.35
CA LYS C 825 -25.44 -32.49 5.60
C LYS C 825 -24.54 -31.28 5.46
N VAL C 826 -24.87 -30.16 6.08
CA VAL C 826 -24.06 -28.94 6.00
C VAL C 826 -23.67 -28.53 7.42
N THR C 827 -22.38 -28.34 7.64
CA THR C 827 -21.87 -27.94 8.94
C THR C 827 -21.72 -26.42 9.00
N PHE C 855 -13.02 -13.26 19.75
CA PHE C 855 -12.25 -12.55 20.77
C PHE C 855 -11.20 -11.65 20.13
N ASN C 856 -11.20 -11.61 18.79
CA ASN C 856 -10.26 -10.80 18.04
C ASN C 856 -10.91 -9.55 17.45
N GLY C 857 -12.10 -9.20 17.94
CA GLY C 857 -12.89 -8.16 17.32
C GLY C 857 -13.77 -8.63 16.19
N LEU C 858 -13.81 -9.93 15.92
CA LEU C 858 -14.63 -10.50 14.86
C LEU C 858 -16.00 -10.85 15.43
N THR C 859 -17.06 -10.45 14.73
CA THR C 859 -18.43 -10.76 15.11
C THR C 859 -19.14 -11.38 13.93
N VAL C 860 -20.11 -12.23 14.24
CA VAL C 860 -20.95 -12.88 13.22
C VAL C 860 -22.37 -12.34 13.38
N LEU C 861 -22.79 -11.53 12.43
CA LEU C 861 -24.15 -11.01 12.53
C LEU C 861 -25.16 -12.05 12.07
N PRO C 862 -26.23 -12.23 12.84
CA PRO C 862 -27.29 -13.15 12.41
C PRO C 862 -28.03 -12.59 11.21
N PRO C 863 -28.55 -13.45 10.33
CA PRO C 863 -29.33 -12.96 9.20
C PRO C 863 -30.67 -12.40 9.66
N LEU C 864 -31.23 -11.52 8.82
CA LEU C 864 -32.53 -10.94 9.12
C LEU C 864 -33.63 -12.00 9.13
N LEU C 865 -33.55 -12.95 8.21
CA LEU C 865 -34.54 -14.00 8.09
C LEU C 865 -33.89 -15.32 8.54
N THR C 866 -34.35 -15.86 9.67
CA THR C 866 -33.80 -17.13 10.13
C THR C 866 -34.45 -18.29 9.39
N ASP C 867 -34.06 -19.51 9.79
CA ASP C 867 -34.38 -20.71 9.03
C ASP C 867 -35.87 -20.98 8.99
N GLU C 868 -36.59 -20.66 10.07
CA GLU C 868 -38.02 -20.96 10.10
C GLU C 868 -38.84 -19.98 9.26
N MET C 869 -38.42 -18.71 9.14
CA MET C 869 -39.08 -17.84 8.19
C MET C 869 -38.64 -18.11 6.76
N ILE C 870 -37.43 -18.64 6.57
CA ILE C 870 -37.02 -19.13 5.26
C ILE C 870 -37.92 -20.28 4.81
N ALA C 871 -38.23 -21.20 5.73
CA ALA C 871 -39.12 -22.31 5.41
C ALA C 871 -40.53 -21.83 5.15
N GLN C 872 -40.95 -20.74 5.81
CA GLN C 872 -42.26 -20.17 5.56
C GLN C 872 -42.36 -19.59 4.16
N TYR C 873 -41.29 -18.95 3.67
CA TYR C 873 -41.28 -18.46 2.30
C TYR C 873 -41.37 -19.60 1.29
N THR C 874 -40.62 -20.68 1.52
CA THR C 874 -40.67 -21.81 0.60
C THR C 874 -42.02 -22.51 0.64
N SER C 875 -42.64 -22.58 1.82
CA SER C 875 -43.95 -23.21 1.95
C SER C 875 -45.02 -22.44 1.17
N ALA C 876 -44.94 -21.12 1.19
CA ALA C 876 -45.90 -20.31 0.43
C ALA C 876 -45.69 -20.48 -1.06
N LEU C 877 -44.44 -20.63 -1.49
CA LEU C 877 -44.17 -20.79 -2.92
C LEU C 877 -44.63 -22.14 -3.43
N LEU C 878 -44.36 -23.22 -2.70
CA LEU C 878 -44.72 -24.56 -3.16
C LEU C 878 -46.24 -24.75 -3.16
N ALA C 879 -46.94 -24.12 -2.21
CA ALA C 879 -48.39 -24.21 -2.17
C ALA C 879 -49.01 -23.49 -3.37
N GLY C 880 -48.42 -22.38 -3.79
CA GLY C 880 -48.94 -21.65 -4.93
C GLY C 880 -48.78 -22.41 -6.23
N THR C 881 -47.68 -23.13 -6.38
CA THR C 881 -47.44 -23.88 -7.61
C THR C 881 -48.39 -25.07 -7.75
N ILE C 882 -48.69 -25.74 -6.64
CA ILE C 882 -49.50 -26.95 -6.72
C ILE C 882 -50.98 -26.61 -6.78
N THR C 883 -51.35 -25.40 -6.35
CA THR C 883 -52.76 -25.03 -6.28
C THR C 883 -53.17 -23.91 -7.25
N SER C 884 -52.21 -23.16 -7.79
CA SER C 884 -52.55 -22.03 -8.65
C SER C 884 -51.70 -21.96 -9.92
N GLY C 885 -50.71 -22.82 -10.07
CA GLY C 885 -49.91 -22.81 -11.28
C GLY C 885 -49.00 -21.61 -11.35
N TRP C 886 -48.98 -20.95 -12.50
CA TRP C 886 -48.17 -19.75 -12.69
C TRP C 886 -48.96 -18.47 -12.45
N THR C 887 -50.24 -18.58 -12.08
CA THR C 887 -51.10 -17.41 -11.91
C THR C 887 -50.74 -16.58 -10.68
N PHE C 888 -50.26 -17.22 -9.61
CA PHE C 888 -49.97 -16.48 -8.38
C PHE C 888 -48.70 -15.65 -8.49
N GLY C 889 -47.81 -15.99 -9.42
CA GLY C 889 -46.61 -15.20 -9.64
C GLY C 889 -46.93 -13.90 -10.36
N ALA C 890 -47.63 -14.01 -11.48
CA ALA C 890 -47.99 -12.82 -12.25
C ALA C 890 -49.08 -12.01 -11.54
N GLY C 891 -50.07 -12.69 -10.98
CA GLY C 891 -51.17 -11.99 -10.33
C GLY C 891 -51.68 -12.67 -9.08
N ALA C 892 -53.01 -12.78 -8.96
CA ALA C 892 -53.63 -13.35 -7.78
C ALA C 892 -53.54 -14.87 -7.80
N ALA C 893 -53.89 -15.49 -6.68
CA ALA C 893 -53.90 -16.94 -6.57
C ALA C 893 -55.18 -17.47 -7.21
N LEU C 894 -55.11 -17.77 -8.51
CA LEU C 894 -56.24 -18.33 -9.25
C LEU C 894 -56.21 -19.84 -9.04
N GLN C 895 -57.15 -20.35 -8.25
CA GLN C 895 -57.12 -21.76 -7.86
C GLN C 895 -57.41 -22.66 -9.07
N ILE C 896 -56.80 -23.83 -9.07
CA ILE C 896 -56.92 -24.79 -10.16
C ILE C 896 -56.73 -26.20 -9.60
N PRO C 897 -57.52 -27.18 -10.05
CA PRO C 897 -57.22 -28.57 -9.70
C PRO C 897 -55.88 -28.99 -10.29
N PHE C 898 -55.21 -29.91 -9.59
CA PHE C 898 -53.86 -30.30 -10.00
C PHE C 898 -53.89 -31.09 -11.31
N ALA C 899 -54.96 -31.86 -11.55
CA ALA C 899 -55.08 -32.61 -12.78
C ALA C 899 -55.26 -31.69 -13.98
N MET C 900 -55.92 -30.55 -13.78
CA MET C 900 -55.99 -29.56 -14.85
C MET C 900 -54.62 -28.99 -15.15
N GLN C 901 -53.86 -28.67 -14.09
CA GLN C 901 -52.63 -27.91 -14.22
C GLN C 901 -51.57 -28.67 -15.02
N MET C 902 -51.61 -30.00 -14.95
CA MET C 902 -50.63 -30.79 -15.68
C MET C 902 -50.86 -30.74 -17.18
N ALA C 903 -52.13 -30.61 -17.59
CA ALA C 903 -52.43 -30.45 -19.02
C ALA C 903 -51.90 -29.14 -19.55
N TYR C 904 -51.75 -28.14 -18.68
CA TYR C 904 -51.19 -26.86 -19.11
C TYR C 904 -49.67 -26.94 -19.21
N ARG C 905 -49.08 -28.04 -18.73
CA ARG C 905 -47.63 -28.18 -18.81
C ARG C 905 -47.21 -28.92 -20.07
N PHE C 906 -47.97 -29.95 -20.46
CA PHE C 906 -47.57 -30.75 -21.62
C PHE C 906 -47.75 -30.01 -22.93
N ASN C 907 -48.81 -29.20 -23.04
CA ASN C 907 -49.01 -28.44 -24.27
C ASN C 907 -48.02 -27.29 -24.39
N GLY C 908 -47.42 -26.87 -23.28
CA GLY C 908 -46.37 -25.87 -23.33
C GLY C 908 -45.08 -26.36 -23.92
N ILE C 909 -44.84 -27.68 -23.89
CA ILE C 909 -43.65 -28.26 -24.48
C ILE C 909 -43.96 -29.02 -25.77
N GLY C 910 -45.15 -28.80 -26.34
CA GLY C 910 -45.50 -29.40 -27.60
C GLY C 910 -46.08 -30.79 -27.54
N VAL C 911 -46.62 -31.21 -26.39
CA VAL C 911 -47.17 -32.54 -26.21
C VAL C 911 -48.68 -32.40 -26.00
N THR C 912 -49.45 -33.17 -26.77
CA THR C 912 -50.91 -33.14 -26.62
C THR C 912 -51.29 -33.70 -25.26
N GLN C 913 -52.28 -33.07 -24.61
CA GLN C 913 -52.63 -33.40 -23.24
C GLN C 913 -53.36 -34.73 -23.08
N ASN C 914 -53.64 -35.44 -24.19
CA ASN C 914 -54.32 -36.72 -24.10
C ASN C 914 -53.47 -37.79 -23.42
N VAL C 915 -52.15 -37.67 -23.45
CA VAL C 915 -51.29 -38.67 -22.84
C VAL C 915 -51.29 -38.51 -21.32
N LEU C 916 -51.71 -37.34 -20.84
CA LEU C 916 -51.77 -37.12 -19.39
C LEU C 916 -52.90 -37.92 -18.76
N TYR C 917 -54.13 -37.74 -19.26
CA TYR C 917 -55.29 -38.36 -18.62
C TYR C 917 -55.34 -39.86 -18.93
N GLU C 918 -54.77 -40.28 -20.05
CA GLU C 918 -54.70 -41.72 -20.34
C GLU C 918 -53.67 -42.42 -19.48
N ASN C 919 -52.66 -41.69 -19.01
CA ASN C 919 -51.60 -42.26 -18.19
C ASN C 919 -51.42 -41.50 -16.87
N GLN C 920 -52.52 -41.10 -16.23
CA GLN C 920 -52.45 -40.35 -14.99
C GLN C 920 -51.88 -41.20 -13.86
N LYS C 921 -52.27 -42.48 -13.81
CA LYS C 921 -51.72 -43.38 -12.80
C LYS C 921 -50.24 -43.65 -13.05
N LEU C 922 -49.84 -43.75 -14.32
CA LEU C 922 -48.43 -44.01 -14.63
C LEU C 922 -47.55 -42.82 -14.28
N ILE C 923 -48.02 -41.60 -14.56
CA ILE C 923 -47.24 -40.41 -14.26
C ILE C 923 -47.12 -40.22 -12.74
N ALA C 924 -48.22 -40.44 -12.02
CA ALA C 924 -48.21 -40.27 -10.57
C ALA C 924 -47.34 -41.30 -9.89
N ASN C 925 -47.35 -42.54 -10.38
CA ASN C 925 -46.53 -43.59 -9.78
C ASN C 925 -45.04 -43.35 -10.02
N GLN C 926 -44.70 -42.88 -11.23
CA GLN C 926 -43.29 -42.63 -11.55
C GLN C 926 -42.77 -41.41 -10.79
N PHE C 927 -43.62 -40.40 -10.60
CA PHE C 927 -43.19 -39.19 -9.89
C PHE C 927 -42.92 -39.48 -8.42
N ASN C 928 -43.76 -40.32 -7.81
CA ASN C 928 -43.56 -40.67 -6.40
C ASN C 928 -42.30 -41.51 -6.22
N SER C 929 -41.99 -42.36 -7.19
CA SER C 929 -40.73 -43.10 -7.16
C SER C 929 -39.55 -42.18 -7.43
N ALA C 930 -39.78 -41.14 -8.24
CA ALA C 930 -38.70 -40.21 -8.57
C ALA C 930 -38.31 -39.37 -7.35
N ILE C 931 -39.30 -38.87 -6.61
CA ILE C 931 -38.99 -38.09 -5.41
C ILE C 931 -38.53 -38.99 -4.28
N GLY C 932 -38.86 -40.29 -4.36
CA GLY C 932 -38.32 -41.24 -3.40
C GLY C 932 -36.82 -41.42 -3.56
N LYS C 933 -36.33 -41.35 -4.79
CA LYS C 933 -34.88 -41.46 -5.02
C LYS C 933 -34.15 -40.22 -4.55
N ILE C 934 -34.85 -39.10 -4.39
CA ILE C 934 -34.25 -37.89 -3.84
C ILE C 934 -33.88 -38.10 -2.37
N GLN C 935 -34.74 -38.84 -1.65
CA GLN C 935 -34.43 -39.19 -0.26
C GLN C 935 -33.19 -40.07 -0.16
N ASP C 936 -33.05 -41.03 -1.08
CA ASP C 936 -31.90 -41.93 -1.03
C ASP C 936 -30.62 -41.24 -1.48
N SER C 937 -30.73 -40.34 -2.46
CA SER C 937 -29.54 -39.69 -3.00
C SER C 937 -28.95 -38.70 -2.01
N LEU C 938 -29.81 -37.92 -1.35
CA LEU C 938 -29.31 -36.88 -0.45
C LEU C 938 -28.80 -37.47 0.85
N SER C 939 -29.45 -38.54 1.35
CA SER C 939 -29.04 -39.13 2.62
C SER C 939 -27.73 -39.89 2.49
N SER C 940 -27.54 -40.62 1.38
CA SER C 940 -26.36 -41.45 1.23
C SER C 940 -25.16 -40.64 0.77
N THR C 941 -25.34 -39.78 -0.23
CA THR C 941 -24.24 -39.02 -0.83
C THR C 941 -24.20 -37.65 -0.20
N ALA C 942 -23.23 -37.44 0.70
CA ALA C 942 -23.04 -36.13 1.30
C ALA C 942 -22.31 -35.17 0.34
N SER C 943 -21.57 -35.72 -0.62
CA SER C 943 -20.78 -34.90 -1.53
C SER C 943 -21.63 -34.26 -2.63
N ALA C 944 -22.88 -34.68 -2.79
CA ALA C 944 -23.74 -34.08 -3.81
C ALA C 944 -24.11 -32.65 -3.45
N LEU C 945 -24.17 -32.37 -2.14
CA LEU C 945 -24.54 -31.02 -1.63
C LEU C 945 -23.24 -30.29 -1.26
N GLY C 946 -22.19 -30.51 -2.04
CA GLY C 946 -20.89 -29.94 -1.67
C GLY C 946 -20.74 -28.48 -2.03
N LYS C 947 -21.62 -27.95 -2.89
CA LYS C 947 -21.53 -26.54 -3.29
C LYS C 947 -21.78 -25.62 -2.11
N LEU C 948 -22.73 -25.97 -1.25
CA LEU C 948 -22.91 -25.21 0.00
C LEU C 948 -21.73 -25.39 0.93
N GLN C 949 -21.18 -26.60 1.01
CA GLN C 949 -20.06 -26.86 1.90
C GLN C 949 -18.79 -26.14 1.46
N ASP C 950 -18.58 -26.02 0.14
CA ASP C 950 -17.38 -25.34 -0.36
C ASP C 950 -17.41 -23.85 -0.02
N VAL C 951 -18.59 -23.24 -0.05
CA VAL C 951 -18.71 -21.84 0.37
C VAL C 951 -18.42 -21.72 1.86
N VAL C 952 -18.94 -22.64 2.67
CA VAL C 952 -18.71 -22.61 4.10
C VAL C 952 -17.25 -22.91 4.40
N ASN C 953 -16.67 -23.91 3.72
CA ASN C 953 -15.28 -24.28 3.99
C ASN C 953 -14.31 -23.19 3.60
N GLN C 954 -14.53 -22.53 2.46
CA GLN C 954 -13.63 -21.46 2.04
C GLN C 954 -13.74 -20.26 2.98
N ASN C 955 -14.90 -20.04 3.58
CA ASN C 955 -15.03 -18.98 4.59
C ASN C 955 -14.27 -19.35 5.87
N ALA C 956 -14.22 -20.65 6.19
CA ALA C 956 -13.52 -21.08 7.39
C ALA C 956 -12.02 -20.81 7.28
N GLN C 957 -11.42 -21.11 6.12
CA GLN C 957 -10.01 -20.78 5.95
C GLN C 957 -9.80 -19.28 5.81
N ALA C 958 -10.80 -18.57 5.28
CA ALA C 958 -10.67 -17.12 5.13
C ALA C 958 -10.60 -16.42 6.49
N LEU C 959 -11.43 -16.86 7.44
CA LEU C 959 -11.36 -16.28 8.77
C LEU C 959 -10.14 -16.79 9.54
N ASN C 960 -9.78 -18.06 9.34
CA ASN C 960 -8.61 -18.61 10.02
C ASN C 960 -7.32 -17.97 9.50
N THR C 961 -7.28 -17.59 8.23
CA THR C 961 -6.15 -16.83 7.71
C THR C 961 -6.02 -15.49 8.42
N LEU C 962 -7.15 -14.82 8.65
CA LEU C 962 -7.14 -13.55 9.35
C LEU C 962 -6.75 -13.74 10.81
N VAL C 963 -7.04 -14.92 11.37
CA VAL C 963 -6.73 -15.19 12.77
C VAL C 963 -5.25 -15.51 12.96
N LYS C 964 -4.69 -16.39 12.13
CA LYS C 964 -3.36 -16.93 12.42
C LYS C 964 -2.26 -15.93 12.14
N GLN C 965 -2.56 -14.84 11.43
CA GLN C 965 -1.51 -13.90 11.06
C GLN C 965 -1.13 -12.97 12.20
N LEU C 966 -1.85 -13.02 13.33
CA LEU C 966 -1.43 -12.26 14.51
C LEU C 966 -0.16 -12.81 15.13
N SER C 967 0.13 -14.10 14.93
CA SER C 967 1.32 -14.71 15.52
C SER C 967 2.59 -14.36 14.76
N SER C 968 2.49 -13.78 13.57
CA SER C 968 3.67 -13.45 12.80
C SER C 968 4.30 -12.16 13.31
N ASN C 969 5.64 -12.12 13.30
CA ASN C 969 6.37 -10.99 13.86
C ASN C 969 6.32 -9.75 12.98
N PHE C 970 6.21 -9.93 11.66
CA PHE C 970 6.21 -8.84 10.68
C PHE C 970 7.45 -7.95 10.79
N GLY C 971 8.59 -8.55 11.11
CA GLY C 971 9.82 -7.82 11.29
C GLY C 971 10.05 -7.29 12.68
N ALA C 972 9.03 -7.31 13.53
CA ALA C 972 9.18 -6.83 14.89
C ALA C 972 9.80 -7.90 15.77
N ILE C 973 10.22 -7.48 16.98
CA ILE C 973 10.85 -8.41 17.91
C ILE C 973 9.84 -9.34 18.57
N SER C 974 8.56 -8.98 18.56
CA SER C 974 7.54 -9.81 19.17
C SER C 974 6.20 -9.54 18.49
N SER C 975 5.38 -10.59 18.36
CA SER C 975 4.08 -10.47 17.72
C SER C 975 2.97 -10.06 18.68
N VAL C 976 3.25 -10.00 19.99
CA VAL C 976 2.25 -9.65 20.99
C VAL C 976 2.33 -8.16 21.25
N LEU C 977 1.21 -7.46 21.10
CA LEU C 977 1.18 -6.01 21.30
C LEU C 977 1.30 -5.64 22.77
N ASN C 978 0.78 -6.50 23.66
CA ASN C 978 0.93 -6.22 25.09
C ASN C 978 2.36 -6.45 25.54
N ASP C 979 3.10 -7.33 24.86
CA ASP C 979 4.47 -7.62 25.25
C ASP C 979 5.40 -6.46 24.91
N ILE C 980 5.24 -5.88 23.71
CA ILE C 980 6.14 -4.81 23.27
C ILE C 980 5.93 -3.55 24.11
N LEU C 981 4.69 -3.32 24.57
CA LEU C 981 4.44 -2.20 25.48
C LEU C 981 5.05 -2.46 26.86
N SER C 982 5.18 -3.73 27.25
CA SER C 982 5.67 -4.06 28.57
C SER C 982 7.20 -4.00 28.63
N ARG C 983 7.87 -3.84 27.50
CA ARG C 983 9.33 -3.91 27.50
C ARG C 983 10.01 -2.63 27.02
N LEU C 984 9.39 -1.86 26.13
CA LEU C 984 10.07 -0.75 25.48
C LEU C 984 9.35 0.56 25.72
N ASP C 985 10.13 1.65 25.72
CA ASP C 985 9.59 2.99 25.85
C ASP C 985 9.02 3.45 24.51
N PRO C 986 8.03 4.36 24.54
CA PRO C 986 7.42 4.87 23.29
C PRO C 986 8.39 5.54 22.34
N PRO C 987 9.55 6.09 22.78
CA PRO C 987 10.58 6.43 21.78
C PRO C 987 11.06 5.25 20.93
N GLU C 988 11.06 4.03 21.46
CA GLU C 988 11.47 2.87 20.67
C GLU C 988 10.41 1.80 20.51
N ALA C 989 9.36 1.80 21.34
CA ALA C 989 8.29 0.84 21.15
C ALA C 989 7.47 1.16 19.91
N GLU C 990 7.30 2.45 19.60
CA GLU C 990 6.47 2.85 18.46
C GLU C 990 7.08 2.41 17.14
N VAL C 991 8.40 2.30 17.07
CA VAL C 991 9.05 1.72 15.89
C VAL C 991 8.66 0.26 15.74
N GLN C 992 8.68 -0.49 16.85
CA GLN C 992 8.22 -1.87 16.81
C GLN C 992 6.71 -1.96 16.57
N ILE C 993 5.96 -0.93 16.97
CA ILE C 993 4.54 -0.87 16.66
C ILE C 993 4.33 -0.72 15.16
N ASP C 994 5.10 0.16 14.52
CA ASP C 994 4.89 0.47 13.11
C ASP C 994 5.15 -0.73 12.22
N ARG C 995 6.15 -1.56 12.55
CA ARG C 995 6.36 -2.80 11.82
C ARG C 995 5.22 -3.78 12.08
N LEU C 996 4.67 -3.78 13.29
CA LEU C 996 3.61 -4.72 13.63
C LEU C 996 2.30 -4.33 12.97
N ILE C 997 1.97 -3.03 12.95
CA ILE C 997 0.65 -2.61 12.48
C ILE C 997 0.58 -2.61 10.96
N THR C 998 1.72 -2.40 10.29
CA THR C 998 1.72 -2.23 8.84
C THR C 998 1.35 -3.53 8.13
N GLY C 999 1.95 -4.65 8.57
CA GLY C 999 1.56 -5.93 8.02
C GLY C 999 0.14 -6.33 8.40
N ARG C 1000 -0.27 -5.99 9.62
CA ARG C 1000 -1.62 -6.33 10.07
C ARG C 1000 -2.69 -5.53 9.35
N LEU C 1001 -2.45 -4.24 9.08
CA LEU C 1001 -3.43 -3.48 8.29
C LEU C 1001 -3.44 -3.96 6.84
N GLN C 1002 -2.26 -4.34 6.31
CA GLN C 1002 -2.20 -4.87 4.96
C GLN C 1002 -2.88 -6.24 4.88
N SER C 1003 -2.85 -6.99 6.00
CA SER C 1003 -3.52 -8.29 6.02
C SER C 1003 -5.03 -8.15 5.91
N LEU C 1004 -5.61 -7.20 6.64
CA LEU C 1004 -7.06 -7.01 6.56
C LEU C 1004 -7.45 -6.27 5.29
N GLN C 1005 -6.54 -5.48 4.71
CA GLN C 1005 -6.79 -4.98 3.37
C GLN C 1005 -6.69 -6.12 2.35
N THR C 1006 -5.81 -7.09 2.60
CA THR C 1006 -5.80 -8.29 1.78
C THR C 1006 -7.06 -9.10 1.99
N TYR C 1007 -7.54 -9.17 3.24
CA TYR C 1007 -8.66 -10.04 3.59
C TYR C 1007 -9.94 -9.64 2.87
N VAL C 1008 -10.17 -8.33 2.69
CA VAL C 1008 -11.41 -7.89 2.09
C VAL C 1008 -11.39 -8.10 0.58
N THR C 1009 -10.19 -8.27 0.00
CA THR C 1009 -10.10 -8.45 -1.45
C THR C 1009 -10.77 -9.74 -1.90
N GLN C 1010 -10.58 -10.84 -1.16
CA GLN C 1010 -11.33 -12.05 -1.46
C GLN C 1010 -12.78 -11.92 -1.03
N GLN C 1011 -13.03 -11.19 0.05
CA GLN C 1011 -14.40 -11.06 0.57
C GLN C 1011 -15.31 -10.29 -0.38
N LEU C 1012 -14.78 -9.23 -0.99
CA LEU C 1012 -15.61 -8.43 -1.90
C LEU C 1012 -15.88 -9.16 -3.21
N ILE C 1013 -14.89 -9.85 -3.76
CA ILE C 1013 -15.09 -10.52 -5.04
C ILE C 1013 -15.97 -11.76 -4.87
N ARG C 1014 -15.84 -12.45 -3.74
CA ARG C 1014 -16.69 -13.62 -3.50
C ARG C 1014 -18.11 -13.19 -3.18
N ALA C 1015 -18.27 -11.97 -2.65
CA ALA C 1015 -19.60 -11.37 -2.55
C ALA C 1015 -20.19 -11.13 -3.94
N ALA C 1016 -19.36 -10.73 -4.89
CA ALA C 1016 -19.83 -10.58 -6.26
C ALA C 1016 -20.10 -11.93 -6.91
N GLU C 1017 -19.30 -12.94 -6.57
CA GLU C 1017 -19.54 -14.29 -7.09
C GLU C 1017 -20.85 -14.86 -6.57
N ILE C 1018 -21.12 -14.69 -5.28
CA ILE C 1018 -22.33 -15.27 -4.70
C ILE C 1018 -23.56 -14.46 -5.12
N ARG C 1019 -23.37 -13.17 -5.40
CA ARG C 1019 -24.47 -12.35 -5.91
C ARG C 1019 -24.81 -12.73 -7.35
N ALA C 1020 -23.79 -13.04 -8.16
CA ALA C 1020 -24.04 -13.45 -9.54
C ALA C 1020 -24.81 -14.75 -9.61
N SER C 1021 -24.50 -15.70 -8.72
CA SER C 1021 -25.30 -16.92 -8.63
C SER C 1021 -26.70 -16.61 -8.10
N ALA C 1022 -26.79 -15.71 -7.11
CA ALA C 1022 -28.09 -15.33 -6.56
C ALA C 1022 -28.93 -14.60 -7.60
N ASN C 1023 -28.29 -13.76 -8.43
CA ASN C 1023 -29.01 -13.12 -9.52
C ASN C 1023 -29.50 -14.15 -10.53
N LEU C 1024 -28.71 -15.20 -10.75
CA LEU C 1024 -29.17 -16.32 -11.56
C LEU C 1024 -30.22 -17.13 -10.82
N ALA C 1025 -30.13 -17.19 -9.50
CA ALA C 1025 -31.14 -17.90 -8.71
C ALA C 1025 -32.48 -17.19 -8.77
N ALA C 1026 -32.48 -15.86 -8.67
CA ALA C 1026 -33.71 -15.10 -8.86
C ALA C 1026 -34.19 -15.19 -10.30
N THR C 1027 -33.26 -15.32 -11.24
CA THR C 1027 -33.62 -15.54 -12.63
C THR C 1027 -34.29 -16.89 -12.82
N LYS C 1028 -33.81 -17.91 -12.10
CA LYS C 1028 -34.37 -19.25 -12.24
C LYS C 1028 -35.80 -19.32 -11.71
N MET C 1029 -35.99 -19.06 -10.42
CA MET C 1029 -37.27 -19.37 -9.78
C MET C 1029 -38.38 -18.44 -10.27
N SER C 1030 -38.03 -17.27 -10.78
CA SER C 1030 -39.02 -16.41 -11.41
C SER C 1030 -39.52 -17.04 -12.71
N GLU C 1031 -38.64 -17.76 -13.41
CA GLU C 1031 -39.01 -18.36 -14.69
C GLU C 1031 -39.31 -19.86 -14.56
N CYS C 1032 -38.65 -20.55 -13.63
CA CYS C 1032 -38.72 -22.00 -13.58
C CYS C 1032 -39.64 -22.50 -12.47
N VAL C 1033 -39.69 -21.79 -11.35
CA VAL C 1033 -40.66 -22.09 -10.30
C VAL C 1033 -41.97 -21.34 -10.53
N LEU C 1034 -41.89 -20.02 -10.69
CA LEU C 1034 -43.10 -19.21 -10.87
C LEU C 1034 -43.72 -19.39 -12.25
N GLY C 1035 -43.00 -19.94 -13.21
CA GLY C 1035 -43.54 -20.16 -14.54
C GLY C 1035 -43.11 -21.48 -15.15
N GLN C 1036 -43.07 -21.53 -16.48
CA GLN C 1036 -42.63 -22.72 -17.22
C GLN C 1036 -41.64 -22.26 -18.29
N SER C 1037 -40.35 -22.33 -17.96
CA SER C 1037 -39.33 -21.86 -18.88
C SER C 1037 -39.18 -22.81 -20.06
N LYS C 1038 -39.09 -22.22 -21.26
CA LYS C 1038 -38.87 -22.98 -22.49
C LYS C 1038 -37.39 -23.09 -22.83
N ARG C 1039 -36.51 -22.56 -21.98
CA ARG C 1039 -35.08 -22.58 -22.23
C ARG C 1039 -34.54 -23.98 -21.98
N VAL C 1040 -33.77 -24.50 -22.93
CA VAL C 1040 -33.25 -25.87 -22.84
C VAL C 1040 -32.10 -25.90 -21.83
N ASP C 1041 -32.15 -26.88 -20.93
CA ASP C 1041 -31.14 -27.16 -19.89
C ASP C 1041 -31.09 -26.06 -18.84
N PHE C 1042 -32.02 -25.11 -18.86
CA PHE C 1042 -32.08 -24.10 -17.81
C PHE C 1042 -32.61 -24.69 -16.52
N CYS C 1043 -33.43 -25.73 -16.60
CA CYS C 1043 -33.95 -26.43 -15.43
C CYS C 1043 -33.58 -27.90 -15.52
N GLY C 1044 -32.32 -28.19 -15.84
CA GLY C 1044 -31.85 -29.55 -15.99
C GLY C 1044 -32.14 -30.11 -17.38
N LYS C 1045 -31.61 -31.31 -17.60
CA LYS C 1045 -31.78 -31.96 -18.89
C LYS C 1045 -33.21 -32.43 -19.07
N GLY C 1046 -33.72 -32.28 -20.29
CA GLY C 1046 -35.10 -32.63 -20.60
C GLY C 1046 -35.99 -31.40 -20.68
N TYR C 1047 -37.24 -31.65 -21.05
CA TYR C 1047 -38.23 -30.59 -21.20
C TYR C 1047 -38.77 -30.20 -19.83
N HIS C 1048 -38.58 -28.93 -19.47
CA HIS C 1048 -38.99 -28.45 -18.15
C HIS C 1048 -40.51 -28.43 -18.01
N LEU C 1049 -41.00 -28.94 -16.88
CA LEU C 1049 -42.40 -28.82 -16.51
C LEU C 1049 -42.63 -28.02 -15.24
N MET C 1050 -42.05 -28.43 -14.12
CA MET C 1050 -42.19 -27.73 -12.85
C MET C 1050 -40.81 -27.69 -12.19
N SER C 1051 -40.76 -27.01 -11.05
CA SER C 1051 -39.63 -27.09 -10.13
C SER C 1051 -40.08 -26.57 -8.77
N PHE C 1052 -39.66 -27.28 -7.73
CA PHE C 1052 -40.07 -26.96 -6.37
C PHE C 1052 -38.85 -26.49 -5.57
N PRO C 1053 -38.84 -25.24 -5.11
CA PRO C 1053 -37.71 -24.75 -4.32
C PRO C 1053 -37.70 -25.36 -2.92
N GLN C 1054 -36.49 -25.56 -2.40
CA GLN C 1054 -36.34 -26.17 -1.09
C GLN C 1054 -35.33 -25.36 -0.29
N SER C 1055 -35.61 -25.20 1.01
CA SER C 1055 -34.74 -24.44 1.88
C SER C 1055 -33.44 -25.18 2.14
N ALA C 1056 -32.35 -24.43 2.16
CA ALA C 1056 -31.01 -25.01 2.35
C ALA C 1056 -30.19 -24.05 3.20
N PRO C 1057 -29.21 -24.57 3.94
CA PRO C 1057 -28.31 -23.68 4.68
C PRO C 1057 -27.44 -22.86 3.74
N HIS C 1058 -27.59 -21.53 3.83
CA HIS C 1058 -26.89 -20.55 3.00
C HIS C 1058 -27.11 -20.78 1.51
N GLY C 1059 -28.29 -21.26 1.11
CA GLY C 1059 -28.54 -21.53 -0.28
C GLY C 1059 -29.96 -22.00 -0.49
N VAL C 1060 -30.24 -22.42 -1.71
CA VAL C 1060 -31.55 -22.94 -2.09
C VAL C 1060 -31.33 -24.17 -2.97
N VAL C 1061 -32.24 -25.15 -2.86
CA VAL C 1061 -32.18 -26.37 -3.63
C VAL C 1061 -33.46 -26.46 -4.46
N PHE C 1062 -33.32 -26.67 -5.76
CA PHE C 1062 -34.44 -26.82 -6.67
C PHE C 1062 -34.61 -28.29 -7.04
N LEU C 1063 -35.87 -28.72 -7.13
CA LEU C 1063 -36.22 -30.07 -7.59
C LEU C 1063 -36.83 -29.93 -8.98
N HIS C 1064 -35.97 -29.92 -10.00
CA HIS C 1064 -36.39 -29.73 -11.38
C HIS C 1064 -36.95 -31.05 -11.91
N VAL C 1065 -38.26 -31.10 -12.12
CA VAL C 1065 -38.90 -32.23 -12.80
C VAL C 1065 -38.91 -31.93 -14.29
N THR C 1066 -38.58 -32.94 -15.08
CA THR C 1066 -38.45 -32.78 -16.53
C THR C 1066 -39.11 -33.93 -17.26
N TYR C 1067 -39.57 -33.65 -18.48
CA TYR C 1067 -40.15 -34.65 -19.36
C TYR C 1067 -39.05 -35.28 -20.19
N VAL C 1068 -38.85 -36.59 -20.05
CA VAL C 1068 -37.81 -37.32 -20.75
C VAL C 1068 -38.43 -38.48 -21.51
N PRO C 1069 -38.25 -38.56 -22.84
CA PRO C 1069 -38.69 -39.74 -23.58
C PRO C 1069 -37.92 -40.98 -23.15
N ALA C 1070 -38.58 -42.14 -23.22
CA ALA C 1070 -37.99 -43.39 -22.76
C ALA C 1070 -37.78 -44.43 -23.85
N GLN C 1071 -38.82 -44.77 -24.61
CA GLN C 1071 -38.75 -45.84 -25.59
C GLN C 1071 -38.92 -45.27 -26.99
N GLU C 1072 -38.20 -45.86 -27.94
CA GLU C 1072 -38.13 -45.35 -29.30
C GLU C 1072 -38.40 -46.46 -30.30
N LYS C 1073 -38.82 -46.08 -31.50
CA LYS C 1073 -39.02 -47.01 -32.60
C LYS C 1073 -38.80 -46.28 -33.92
N ASN C 1074 -38.31 -47.02 -34.92
CA ASN C 1074 -37.99 -46.46 -36.22
C ASN C 1074 -39.24 -46.41 -37.09
N PHE C 1075 -39.43 -45.31 -37.81
CA PHE C 1075 -40.56 -45.12 -38.70
C PHE C 1075 -40.14 -44.37 -39.95
N THR C 1076 -40.93 -44.53 -41.01
CA THR C 1076 -40.66 -43.85 -42.28
C THR C 1076 -41.54 -42.62 -42.41
N THR C 1077 -40.95 -41.52 -42.88
CA THR C 1077 -41.64 -40.25 -42.99
C THR C 1077 -41.63 -39.77 -44.44
N ALA C 1078 -42.28 -38.62 -44.65
CA ALA C 1078 -42.33 -37.96 -45.95
C ALA C 1078 -42.67 -36.49 -45.71
N PRO C 1079 -42.20 -35.59 -46.57
CA PRO C 1079 -42.63 -34.19 -46.45
C PRO C 1079 -44.13 -33.99 -46.63
N ALA C 1080 -44.76 -34.73 -47.53
CA ALA C 1080 -46.19 -34.60 -47.77
C ALA C 1080 -46.68 -35.84 -48.50
N ILE C 1081 -48.01 -35.91 -48.63
CA ILE C 1081 -48.68 -36.95 -49.40
C ILE C 1081 -49.53 -36.28 -50.47
N CYS C 1082 -49.71 -36.98 -51.59
CA CYS C 1082 -50.45 -36.47 -52.72
C CYS C 1082 -51.84 -37.10 -52.76
N HIS C 1083 -52.87 -36.27 -52.72
CA HIS C 1083 -54.24 -36.76 -52.78
C HIS C 1083 -54.79 -36.59 -54.20
N ASP C 1084 -54.77 -35.37 -54.71
CA ASP C 1084 -55.18 -35.06 -56.07
C ASP C 1084 -54.12 -34.26 -56.82
N GLY C 1085 -52.85 -34.49 -56.52
CA GLY C 1085 -51.77 -33.65 -57.01
C GLY C 1085 -51.44 -32.47 -56.12
N LYS C 1086 -52.23 -32.27 -55.06
CA LYS C 1086 -51.97 -31.19 -54.12
C LYS C 1086 -51.07 -31.67 -53.00
N ALA C 1087 -50.31 -30.75 -52.42
CA ALA C 1087 -49.40 -31.06 -51.33
C ALA C 1087 -50.09 -30.80 -50.00
N HIS C 1088 -50.12 -31.82 -49.15
CA HIS C 1088 -50.78 -31.74 -47.86
C HIS C 1088 -49.74 -31.72 -46.74
N PHE C 1089 -49.70 -30.64 -45.98
CA PHE C 1089 -48.75 -30.48 -44.89
C PHE C 1089 -49.49 -30.54 -43.55
N PRO C 1090 -48.89 -31.18 -42.54
CA PRO C 1090 -49.57 -31.27 -41.23
C PRO C 1090 -49.63 -29.91 -40.55
N ARG C 1091 -50.79 -29.64 -39.92
CA ARG C 1091 -50.94 -28.42 -39.14
C ARG C 1091 -50.04 -28.45 -37.91
N GLU C 1092 -49.93 -29.60 -37.25
CA GLU C 1092 -49.03 -29.78 -36.13
C GLU C 1092 -48.64 -31.25 -36.06
N GLY C 1093 -47.36 -31.52 -36.20
CA GLY C 1093 -46.85 -32.88 -36.18
C GLY C 1093 -46.16 -33.26 -37.48
N VAL C 1094 -45.82 -34.54 -37.57
CA VAL C 1094 -45.05 -35.08 -38.69
C VAL C 1094 -45.76 -36.34 -39.20
N PHE C 1095 -45.62 -36.60 -40.49
CA PHE C 1095 -46.17 -37.80 -41.09
C PHE C 1095 -45.37 -39.03 -40.68
N VAL C 1096 -46.08 -40.12 -40.38
CA VAL C 1096 -45.47 -41.35 -39.90
C VAL C 1096 -46.05 -42.54 -40.66
N SER C 1097 -45.16 -43.46 -41.05
CA SER C 1097 -45.56 -44.69 -41.72
C SER C 1097 -45.00 -45.88 -40.95
N ASN C 1098 -45.84 -46.88 -40.72
CA ASN C 1098 -45.43 -48.12 -40.07
C ASN C 1098 -45.03 -49.20 -41.06
N GLY C 1099 -44.99 -48.88 -42.36
CA GLY C 1099 -44.60 -49.81 -43.39
C GLY C 1099 -45.66 -50.05 -44.45
N THR C 1100 -46.93 -50.04 -44.08
CA THR C 1100 -48.01 -50.28 -45.04
C THR C 1100 -48.97 -49.11 -45.08
N HIS C 1101 -49.14 -48.41 -43.96
CA HIS C 1101 -50.09 -47.32 -43.85
C HIS C 1101 -49.39 -46.06 -43.36
N TRP C 1102 -49.91 -44.91 -43.79
CA TRP C 1102 -49.38 -43.62 -43.40
C TRP C 1102 -50.29 -42.95 -42.38
N PHE C 1103 -49.69 -42.34 -41.37
CA PHE C 1103 -50.42 -41.66 -40.31
C PHE C 1103 -49.77 -40.32 -40.01
N VAL C 1104 -50.42 -39.55 -39.15
CA VAL C 1104 -49.89 -38.29 -38.65
C VAL C 1104 -49.90 -38.34 -37.13
N THR C 1105 -48.82 -37.84 -36.52
CA THR C 1105 -48.70 -37.78 -35.07
C THR C 1105 -47.85 -36.57 -34.70
N GLN C 1106 -48.00 -36.11 -33.46
CA GLN C 1106 -47.20 -34.98 -33.02
C GLN C 1106 -45.79 -35.45 -32.69
N ARG C 1107 -44.89 -34.48 -32.49
CA ARG C 1107 -43.47 -34.73 -32.65
C ARG C 1107 -42.89 -35.53 -31.48
N ASN C 1108 -43.31 -35.21 -30.25
CA ASN C 1108 -42.61 -35.68 -29.06
C ASN C 1108 -43.14 -37.01 -28.53
N PHE C 1109 -44.22 -37.54 -29.09
CA PHE C 1109 -44.76 -38.82 -28.62
C PHE C 1109 -45.56 -39.46 -29.74
N TYR C 1110 -45.59 -40.78 -29.76
CA TYR C 1110 -46.25 -41.52 -30.84
C TYR C 1110 -47.72 -41.77 -30.50
N GLU C 1111 -48.61 -41.26 -31.35
CA GLU C 1111 -50.03 -41.64 -31.33
C GLU C 1111 -50.61 -41.46 -32.73
N PRO C 1112 -50.79 -42.57 -33.46
CA PRO C 1112 -51.19 -42.47 -34.88
C PRO C 1112 -52.66 -42.12 -35.03
N GLN C 1113 -52.94 -41.22 -35.97
CA GLN C 1113 -54.30 -40.91 -36.39
C GLN C 1113 -54.40 -40.99 -37.90
N ILE C 1114 -55.62 -41.15 -38.39
CA ILE C 1114 -55.87 -41.13 -39.83
C ILE C 1114 -55.64 -39.72 -40.35
N ILE C 1115 -54.91 -39.63 -41.46
CA ILE C 1115 -54.61 -38.33 -42.08
C ILE C 1115 -55.87 -37.80 -42.74
N THR C 1116 -56.45 -36.75 -42.17
CA THR C 1116 -57.69 -36.17 -42.67
C THR C 1116 -57.47 -34.72 -43.06
N THR C 1117 -58.52 -34.12 -43.63
CA THR C 1117 -58.50 -32.71 -43.99
C THR C 1117 -58.49 -31.80 -42.76
N ASP C 1118 -59.00 -32.26 -41.63
CA ASP C 1118 -58.99 -31.49 -40.39
C ASP C 1118 -57.65 -31.55 -39.68
N ASN C 1119 -56.73 -32.40 -40.14
CA ASN C 1119 -55.40 -32.51 -39.57
C ASN C 1119 -54.32 -31.86 -40.41
N THR C 1120 -54.52 -31.75 -41.72
CA THR C 1120 -53.52 -31.22 -42.64
C THR C 1120 -54.10 -30.06 -43.42
N PHE C 1121 -53.21 -29.18 -43.89
CA PHE C 1121 -53.58 -28.06 -44.73
C PHE C 1121 -52.91 -28.20 -46.09
N VAL C 1122 -53.50 -27.55 -47.09
CA VAL C 1122 -53.11 -27.72 -48.49
C VAL C 1122 -52.40 -26.45 -48.95
N SER C 1123 -51.21 -26.61 -49.53
CA SER C 1123 -50.47 -25.50 -50.11
C SER C 1123 -49.54 -26.06 -51.19
N GLY C 1124 -49.58 -25.45 -52.36
CA GLY C 1124 -48.71 -25.88 -53.45
C GLY C 1124 -49.20 -27.15 -54.11
N ASN C 1125 -48.27 -27.81 -54.80
CA ASN C 1125 -48.56 -29.03 -55.53
C ASN C 1125 -47.40 -30.01 -55.34
N CYS C 1126 -47.56 -31.21 -55.92
CA CYS C 1126 -46.58 -32.27 -55.74
C CYS C 1126 -45.33 -32.09 -56.61
N ASP C 1127 -45.36 -31.18 -57.58
CA ASP C 1127 -44.23 -30.99 -58.50
C ASP C 1127 -43.16 -30.07 -57.93
N VAL C 1128 -43.36 -29.51 -56.75
CA VAL C 1128 -42.41 -28.59 -56.12
C VAL C 1128 -41.74 -29.22 -54.91
N VAL C 1129 -42.51 -29.96 -54.10
CA VAL C 1129 -41.99 -30.53 -52.88
C VAL C 1129 -41.06 -31.69 -53.20
N ILE C 1130 -39.86 -31.66 -52.63
CA ILE C 1130 -38.85 -32.69 -52.87
C ILE C 1130 -39.13 -33.89 -51.98
N GLY C 1131 -39.26 -35.06 -52.57
CA GLY C 1131 -39.48 -36.28 -51.82
C GLY C 1131 -40.91 -36.56 -51.45
N ILE C 1132 -41.87 -35.93 -52.10
CA ILE C 1132 -43.28 -36.11 -51.80
C ILE C 1132 -43.71 -37.50 -52.22
N VAL C 1133 -44.71 -38.06 -51.53
CA VAL C 1133 -45.18 -39.41 -51.79
C VAL C 1133 -46.66 -39.37 -52.12
N ASN C 1134 -47.21 -40.55 -52.42
CA ASN C 1134 -48.61 -40.70 -52.78
C ASN C 1134 -49.37 -41.45 -51.70
N ASN C 1135 -50.54 -40.94 -51.33
CA ASN C 1135 -51.38 -41.57 -50.33
C ASN C 1135 -52.82 -41.11 -50.56
N THR C 1136 -53.67 -41.31 -49.54
CA THR C 1136 -55.08 -40.96 -49.61
C THR C 1136 -55.47 -40.14 -48.39
N VAL C 1137 -56.12 -39.01 -48.61
CA VAL C 1137 -56.66 -38.17 -47.54
C VAL C 1137 -58.12 -38.53 -47.32
N TYR C 1138 -58.47 -38.87 -46.09
CA TYR C 1138 -59.87 -39.12 -45.74
C TYR C 1138 -60.58 -37.81 -45.49
N ASP C 1139 -61.71 -37.61 -46.18
CA ASP C 1139 -62.52 -36.42 -45.97
C ASP C 1139 -63.72 -36.79 -45.10
N PRO C 1140 -63.84 -36.26 -43.89
CA PRO C 1140 -64.99 -36.60 -43.04
C PRO C 1140 -66.33 -36.13 -43.60
N LEU C 1141 -66.33 -35.12 -44.48
CA LEU C 1141 -67.56 -34.59 -45.02
C LEU C 1141 -68.21 -35.53 -46.03
N GLN C 1142 -67.40 -36.31 -46.76
CA GLN C 1142 -67.94 -37.16 -47.82
C GLN C 1142 -68.89 -38.27 -47.33
N PRO C 1143 -68.60 -39.01 -46.25
CA PRO C 1143 -69.63 -39.93 -45.73
C PRO C 1143 -70.88 -39.23 -45.23
N GLU C 1144 -70.75 -38.00 -44.71
CA GLU C 1144 -71.92 -37.26 -44.28
C GLU C 1144 -72.79 -36.86 -45.47
N LEU C 1145 -72.17 -36.51 -46.59
CA LEU C 1145 -72.94 -36.17 -47.79
C LEU C 1145 -73.57 -37.42 -48.40
N ASP C 1146 -72.86 -38.55 -48.36
CA ASP C 1146 -73.38 -39.78 -48.94
C ASP C 1146 -74.54 -40.34 -48.12
N SER C 1147 -74.45 -40.26 -46.80
CA SER C 1147 -75.50 -40.76 -45.93
C SER C 1147 -76.66 -39.76 -45.84
N ALA D 27 26.96 26.83 -42.47
CA ALA D 27 26.48 25.63 -43.14
C ALA D 27 25.96 24.60 -42.15
N TYR D 28 24.77 24.07 -42.41
CA TYR D 28 24.15 23.09 -41.53
C TYR D 28 23.65 21.90 -42.36
N THR D 29 23.65 20.73 -41.73
CA THR D 29 23.34 19.47 -42.38
C THR D 29 22.36 18.71 -41.50
N ASN D 30 21.52 17.88 -42.12
CA ASN D 30 20.56 17.08 -41.38
C ASN D 30 21.27 15.88 -40.75
N SER D 31 20.89 15.58 -39.51
CA SER D 31 21.52 14.53 -38.69
C SER D 31 20.62 13.33 -38.47
N PHE D 32 19.97 12.82 -39.53
CA PHE D 32 18.75 12.01 -39.53
C PHE D 32 18.61 10.99 -38.41
N THR D 33 19.52 10.01 -38.34
CA THR D 33 19.44 8.93 -37.36
C THR D 33 20.80 8.60 -36.75
N ARG D 34 21.84 9.34 -37.09
CA ARG D 34 23.18 9.02 -36.61
C ARG D 34 23.37 9.54 -35.20
N GLY D 35 24.51 9.18 -34.61
CA GLY D 35 24.88 9.62 -33.28
C GLY D 35 24.51 8.67 -32.16
N VAL D 36 24.07 7.46 -32.45
CA VAL D 36 23.69 6.50 -31.43
C VAL D 36 24.85 5.54 -31.18
N TYR D 37 24.88 4.97 -29.98
CA TYR D 37 25.93 4.04 -29.59
C TYR D 37 25.40 3.13 -28.50
N TYR D 38 26.22 2.15 -28.13
CA TYR D 38 25.87 1.25 -27.03
C TYR D 38 26.00 2.01 -25.71
N PRO D 39 24.93 2.12 -24.92
CA PRO D 39 25.01 2.94 -23.70
C PRO D 39 25.88 2.34 -22.61
N ASP D 40 26.14 1.03 -22.64
CA ASP D 40 26.96 0.39 -21.63
C ASP D 40 27.67 -0.80 -22.27
N LYS D 41 28.21 -1.68 -21.42
CA LYS D 41 28.91 -2.88 -21.87
C LYS D 41 28.14 -4.15 -21.49
N VAL D 42 26.83 -4.11 -21.61
CA VAL D 42 25.96 -5.23 -21.25
C VAL D 42 25.30 -5.76 -22.53
N PHE D 43 25.43 -7.06 -22.76
CA PHE D 43 24.88 -7.67 -23.96
C PHE D 43 23.38 -7.81 -23.85
N ARG D 44 22.66 -7.32 -24.86
CA ARG D 44 21.23 -7.49 -24.98
C ARG D 44 20.91 -7.93 -26.40
N SER D 45 19.99 -8.89 -26.52
CA SER D 45 19.64 -9.43 -27.82
C SER D 45 18.15 -9.73 -27.87
N SER D 46 17.54 -9.41 -29.02
CA SER D 46 16.13 -9.65 -29.31
C SER D 46 15.21 -9.03 -28.26
N VAL D 47 15.55 -7.79 -27.86
CA VAL D 47 14.83 -7.09 -26.82
C VAL D 47 14.87 -5.60 -27.12
N LEU D 48 13.80 -4.91 -26.74
CA LEU D 48 13.73 -3.46 -26.87
C LEU D 48 14.03 -2.85 -25.51
N HIS D 49 15.19 -2.21 -25.39
CA HIS D 49 15.68 -1.66 -24.13
C HIS D 49 15.57 -0.15 -24.15
N SER D 50 14.99 0.41 -23.10
CA SER D 50 14.85 1.86 -22.96
C SER D 50 15.86 2.38 -21.95
N THR D 51 16.64 3.38 -22.37
CA THR D 51 17.66 3.96 -21.51
C THR D 51 17.75 5.46 -21.78
N GLN D 52 18.30 6.19 -20.82
CA GLN D 52 18.51 7.62 -20.93
C GLN D 52 19.99 7.93 -20.73
N ASP D 53 20.58 8.60 -21.71
CA ASP D 53 21.99 8.97 -21.66
C ASP D 53 22.22 10.13 -22.63
N LEU D 54 23.48 10.56 -22.72
CA LEU D 54 23.85 11.64 -23.63
C LEU D 54 23.83 11.09 -25.05
N PHE D 55 22.69 11.23 -25.73
CA PHE D 55 22.51 10.74 -27.09
C PHE D 55 22.21 11.91 -28.02
N LEU D 56 22.63 11.78 -29.27
CA LEU D 56 22.46 12.84 -30.25
C LEU D 56 20.99 12.97 -30.64
N PRO D 57 20.43 14.19 -30.67
CA PRO D 57 19.04 14.35 -31.11
C PRO D 57 18.86 13.96 -32.57
N PHE D 58 17.72 13.33 -32.86
CA PHE D 58 17.41 12.92 -34.21
C PHE D 58 16.98 14.13 -35.05
N PHE D 59 17.47 14.17 -36.29
CA PHE D 59 17.17 15.23 -37.28
C PHE D 59 17.55 16.61 -36.79
N SER D 60 18.56 16.71 -35.93
CA SER D 60 18.99 17.99 -35.41
C SER D 60 19.96 18.65 -36.39
N ASN D 61 20.27 19.92 -36.11
CA ASN D 61 21.22 20.68 -36.91
C ASN D 61 22.65 20.35 -36.49
N VAL D 62 23.43 19.86 -37.44
CA VAL D 62 24.85 19.59 -37.24
C VAL D 62 25.64 20.56 -38.13
N THR D 63 26.71 21.12 -37.58
CA THR D 63 27.44 22.17 -38.30
C THR D 63 28.40 21.55 -39.30
N TRP D 64 28.42 22.10 -40.51
CA TRP D 64 29.21 21.58 -41.60
C TRP D 64 30.45 22.45 -41.79
N PHE D 65 31.62 21.83 -41.81
CA PHE D 65 32.88 22.51 -42.02
C PHE D 65 33.61 21.90 -43.21
N HIS D 66 34.56 22.66 -43.75
CA HIS D 66 35.41 22.17 -44.83
C HIS D 66 36.76 22.89 -44.81
N ASN D 81 39.17 23.74 -38.24
CA ASN D 81 39.99 24.93 -38.01
C ASN D 81 39.49 25.90 -36.90
N PRO D 82 38.20 26.26 -36.84
CA PRO D 82 37.76 27.08 -35.70
C PRO D 82 37.70 26.27 -34.42
N VAL D 83 37.79 27.00 -33.31
CA VAL D 83 37.81 26.39 -31.98
C VAL D 83 36.39 26.43 -31.42
N LEU D 84 35.89 25.28 -30.97
CA LEU D 84 34.49 25.09 -30.67
C LEU D 84 34.28 24.64 -29.22
N PRO D 85 33.12 24.95 -28.63
CA PRO D 85 32.89 24.58 -27.23
C PRO D 85 32.63 23.09 -27.05
N PHE D 86 32.74 22.64 -25.79
CA PHE D 86 32.50 21.26 -25.39
C PHE D 86 31.47 21.15 -24.28
N ASN D 87 30.27 21.73 -24.47
CA ASN D 87 29.27 21.93 -23.43
C ASN D 87 28.85 20.67 -22.68
N ASP D 88 28.42 19.65 -23.40
CA ASP D 88 28.03 18.39 -22.78
C ASP D 88 28.69 17.19 -23.45
N GLY D 89 28.86 17.24 -24.76
CA GLY D 89 29.47 16.18 -25.53
C GLY D 89 29.45 16.55 -26.99
N VAL D 90 30.37 16.03 -27.78
CA VAL D 90 30.49 16.39 -29.19
C VAL D 90 30.51 15.12 -30.03
N TYR D 91 29.56 15.02 -30.97
CA TYR D 91 29.52 13.95 -31.95
C TYR D 91 30.25 14.43 -33.20
N PHE D 92 31.25 13.66 -33.62
CA PHE D 92 32.08 14.02 -34.74
C PHE D 92 31.87 13.03 -35.88
N ALA D 93 31.52 13.54 -37.06
CA ALA D 93 31.41 12.74 -38.25
C ALA D 93 32.24 13.39 -39.35
N SER D 94 33.06 12.58 -40.01
CA SER D 94 33.98 13.09 -41.03
C SER D 94 33.92 12.22 -42.27
N THR D 95 33.89 12.87 -43.43
CA THR D 95 34.00 12.21 -44.72
C THR D 95 35.28 12.69 -45.39
N GLU D 96 36.24 11.79 -45.52
CA GLU D 96 37.57 12.15 -46.01
C GLU D 96 37.97 11.23 -47.16
N LYS D 97 38.84 11.77 -48.02
CA LYS D 97 39.40 11.04 -49.15
C LYS D 97 40.90 10.82 -49.03
N SER D 98 41.64 11.84 -48.60
CA SER D 98 43.08 11.74 -48.42
C SER D 98 43.49 11.72 -46.95
N ASN D 99 42.53 11.58 -46.04
CA ASN D 99 42.76 11.53 -44.58
C ASN D 99 43.49 12.78 -44.08
N ILE D 100 42.87 13.93 -44.31
CA ILE D 100 43.46 15.20 -43.87
C ILE D 100 43.40 15.32 -42.36
N ILE D 101 42.26 14.96 -41.77
CA ILE D 101 42.08 15.09 -40.33
C ILE D 101 42.93 14.06 -39.61
N ARG D 102 43.73 14.51 -38.65
CA ARG D 102 44.65 13.65 -37.93
C ARG D 102 44.38 13.54 -36.44
N GLY D 103 43.78 14.56 -35.83
CA GLY D 103 43.55 14.49 -34.40
C GLY D 103 42.73 15.66 -33.90
N TRP D 104 42.73 15.82 -32.58
CA TRP D 104 41.91 16.83 -31.91
C TRP D 104 42.65 17.35 -30.69
N ILE D 105 42.18 18.51 -30.20
CA ILE D 105 42.66 19.10 -28.96
C ILE D 105 41.44 19.35 -28.08
N PHE D 106 41.51 18.92 -26.82
CA PHE D 106 40.43 19.15 -25.86
C PHE D 106 40.98 19.86 -24.64
N GLY D 107 40.17 20.75 -24.07
CA GLY D 107 40.59 21.49 -22.89
C GLY D 107 39.65 22.60 -22.48
N THR D 108 40.17 23.62 -21.79
CA THR D 108 39.39 24.79 -21.44
C THR D 108 39.94 26.04 -22.12
N THR D 109 41.22 26.32 -21.91
CA THR D 109 41.85 27.49 -22.53
C THR D 109 42.68 27.13 -23.76
N LEU D 110 43.01 25.83 -23.93
CA LEU D 110 43.84 25.34 -25.03
C LEU D 110 45.19 26.05 -25.08
N ASP D 111 45.78 26.23 -23.90
CA ASP D 111 47.06 26.93 -23.79
C ASP D 111 47.89 26.32 -22.68
N SER D 112 49.01 26.94 -22.33
CA SER D 112 49.93 26.43 -21.31
C SER D 112 49.30 26.61 -19.92
N LYS D 113 49.98 26.10 -18.89
CA LYS D 113 49.62 26.20 -17.48
C LYS D 113 48.32 25.47 -17.15
N THR D 114 47.85 24.61 -18.06
CA THR D 114 46.71 23.74 -17.82
C THR D 114 46.90 22.46 -18.63
N GLN D 115 46.24 21.39 -18.21
CA GLN D 115 46.36 20.11 -18.88
C GLN D 115 45.29 19.95 -19.95
N SER D 116 45.68 19.39 -21.10
CA SER D 116 44.82 19.27 -22.26
C SER D 116 44.93 17.88 -22.86
N LEU D 117 43.81 17.37 -23.38
CA LEU D 117 43.79 16.09 -24.10
C LEU D 117 44.35 16.28 -25.50
N LEU D 118 45.35 15.48 -25.84
CA LEU D 118 45.90 15.43 -27.18
C LEU D 118 45.81 14.00 -27.70
N ILE D 119 45.14 13.83 -28.83
CA ILE D 119 45.04 12.55 -29.52
C ILE D 119 45.56 12.79 -30.93
N VAL D 120 46.68 12.15 -31.27
CA VAL D 120 47.35 12.36 -32.54
C VAL D 120 47.58 11.03 -33.22
N ASN D 121 47.02 10.87 -34.42
CA ASN D 121 47.30 9.73 -35.29
C ASN D 121 48.39 10.13 -36.26
N ASN D 122 49.58 9.54 -36.10
CA ASN D 122 50.74 9.97 -36.89
C ASN D 122 51.30 8.77 -37.63
N ALA D 123 50.66 8.43 -38.75
CA ALA D 123 51.19 7.59 -39.83
C ALA D 123 51.48 6.14 -39.46
N THR D 124 51.47 5.79 -38.16
CA THR D 124 51.63 4.41 -37.73
C THR D 124 50.63 4.00 -36.66
N ASN D 125 50.25 4.91 -35.77
CA ASN D 125 49.44 4.60 -34.61
C ASN D 125 48.92 5.90 -34.00
N VAL D 126 48.28 5.78 -32.84
CA VAL D 126 47.66 6.91 -32.16
C VAL D 126 48.40 7.14 -30.86
N VAL D 127 48.81 8.39 -30.63
CA VAL D 127 49.53 8.79 -29.42
C VAL D 127 48.61 9.70 -28.62
N ILE D 128 48.40 9.34 -27.35
CA ILE D 128 47.52 10.09 -26.46
C ILE D 128 48.36 10.54 -25.26
N LYS D 129 48.32 11.84 -24.96
CA LYS D 129 49.08 12.41 -23.86
C LYS D 129 48.36 13.64 -23.34
N VAL D 130 48.51 13.90 -22.04
CA VAL D 130 47.70 14.91 -21.35
C VAL D 130 48.58 15.96 -20.69
N CYS D 131 49.75 16.24 -21.25
CA CYS D 131 50.66 17.19 -20.63
C CYS D 131 50.21 18.63 -20.89
N GLU D 132 50.86 19.56 -20.19
CA GLU D 132 50.62 21.00 -20.37
C GLU D 132 51.52 21.52 -21.50
N PHE D 133 51.03 21.32 -22.72
CA PHE D 133 51.83 21.65 -23.90
C PHE D 133 51.77 23.14 -24.22
N GLN D 134 52.81 23.63 -24.89
CA GLN D 134 52.84 24.98 -25.42
C GLN D 134 52.25 24.94 -26.82
N PHE D 135 51.01 25.40 -26.97
CA PHE D 135 50.28 25.27 -28.22
C PHE D 135 50.62 26.40 -29.18
N CYS D 136 50.54 26.09 -30.46
CA CYS D 136 50.73 27.10 -31.50
C CYS D 136 49.46 27.94 -31.66
N ASN D 137 49.61 29.06 -32.36
CA ASN D 137 48.46 29.94 -32.61
C ASN D 137 47.44 29.26 -33.53
N ASP D 138 47.92 28.62 -34.59
CA ASP D 138 47.05 27.91 -35.53
C ASP D 138 47.62 26.51 -35.77
N PRO D 139 47.42 25.59 -34.82
CA PRO D 139 47.95 24.24 -35.01
C PRO D 139 47.16 23.45 -36.04
N PHE D 140 47.87 22.56 -36.72
CA PHE D 140 47.27 21.72 -37.74
C PHE D 140 48.07 20.45 -37.95
N ASN D 164 54.73 20.42 -19.78
CA ASN D 164 55.29 19.51 -18.78
C ASN D 164 54.19 19.00 -17.85
N ASN D 165 54.61 18.40 -16.74
CA ASN D 165 53.73 17.84 -15.70
C ASN D 165 52.78 16.80 -16.30
N CYS D 166 53.36 15.83 -17.00
CA CYS D 166 52.56 14.78 -17.63
C CYS D 166 52.05 13.80 -16.57
N THR D 167 50.79 13.38 -16.72
CA THR D 167 50.20 12.40 -15.82
C THR D 167 49.84 11.09 -16.52
N PHE D 168 49.75 11.08 -17.85
CA PHE D 168 49.37 9.88 -18.58
C PHE D 168 49.86 10.00 -20.02
N GLU D 169 50.32 8.88 -20.58
CA GLU D 169 50.75 8.84 -21.96
C GLU D 169 50.52 7.43 -22.50
N TYR D 170 49.91 7.35 -23.70
CA TYR D 170 49.62 6.08 -24.32
C TYR D 170 49.93 6.15 -25.81
N VAL D 171 50.54 5.09 -26.33
CA VAL D 171 50.84 4.96 -27.76
C VAL D 171 50.15 3.70 -28.26
N SER D 172 49.35 3.83 -29.31
CA SER D 172 48.65 2.70 -29.89
C SER D 172 49.60 1.81 -30.68
N PHE D 186 35.12 11.39 -51.17
CA PHE D 186 35.03 11.17 -49.74
C PHE D 186 34.34 9.84 -49.44
N LYS D 187 35.07 8.74 -49.65
CA LYS D 187 34.52 7.40 -49.44
C LYS D 187 34.65 6.91 -48.00
N ASN D 188 35.55 7.51 -47.21
CA ASN D 188 35.80 7.07 -45.85
C ASN D 188 34.94 7.89 -44.89
N LEU D 189 33.91 7.27 -44.35
CA LEU D 189 33.06 7.89 -43.34
C LEU D 189 33.48 7.39 -41.97
N ARG D 190 33.89 8.32 -41.10
CA ARG D 190 34.31 8.00 -39.75
C ARG D 190 33.47 8.80 -38.78
N GLU D 191 32.80 8.11 -37.86
CA GLU D 191 31.96 8.74 -36.86
C GLU D 191 32.62 8.63 -35.49
N PHE D 192 32.53 9.70 -34.70
CA PHE D 192 33.12 9.73 -33.37
C PHE D 192 32.17 10.40 -32.39
N VAL D 193 32.19 9.91 -31.15
CA VAL D 193 31.45 10.50 -30.04
C VAL D 193 32.43 10.77 -28.91
N PHE D 194 32.51 12.02 -28.47
CA PHE D 194 33.35 12.43 -27.36
C PHE D 194 32.46 12.91 -26.23
N LYS D 195 32.59 12.29 -25.06
CA LYS D 195 31.73 12.61 -23.93
C LYS D 195 32.48 12.35 -22.62
N ASN D 196 31.96 12.95 -21.55
CA ASN D 196 32.52 12.75 -20.22
C ASN D 196 31.47 12.15 -19.28
N TYR D 200 34.96 10.69 -16.29
CA TYR D 200 36.11 10.61 -17.18
C TYR D 200 35.70 10.47 -18.63
N PHE D 201 36.70 10.37 -19.52
CA PHE D 201 36.50 10.56 -20.95
C PHE D 201 36.29 9.20 -21.64
N LYS D 202 35.30 9.14 -22.51
CA LYS D 202 34.99 7.94 -23.29
C LYS D 202 34.98 8.29 -24.77
N ILE D 203 35.39 7.32 -25.60
CA ILE D 203 35.45 7.49 -27.05
C ILE D 203 34.66 6.37 -27.70
N TYR D 204 33.69 6.74 -28.54
CA TYR D 204 32.94 5.79 -29.35
C TYR D 204 33.22 6.08 -30.82
N SER D 205 33.39 5.02 -31.61
CA SER D 205 33.78 5.20 -33.00
C SER D 205 33.22 4.07 -33.85
N LYS D 206 33.10 4.35 -35.15
CA LYS D 206 32.66 3.39 -36.15
C LYS D 206 33.13 3.88 -37.51
N HIS D 207 33.65 2.95 -38.32
CA HIS D 207 34.17 3.26 -39.65
C HIS D 207 33.42 2.44 -40.67
N THR D 208 32.70 3.11 -41.56
CA THR D 208 31.95 2.48 -42.63
C THR D 208 32.27 3.14 -43.96
N PRO D 209 32.32 2.37 -45.05
CA PRO D 209 32.53 2.97 -46.37
C PRO D 209 31.24 3.52 -46.96
N ILE D 210 31.37 4.64 -47.67
CA ILE D 210 30.23 5.30 -48.31
C ILE D 210 30.60 5.63 -49.74
N ASN D 211 29.57 5.88 -50.55
CA ASN D 211 29.76 6.25 -51.95
C ASN D 211 28.58 7.06 -52.47
N ASP D 215 24.66 16.00 -48.18
CA ASP D 215 26.07 15.84 -47.84
C ASP D 215 26.28 14.59 -46.99
N LEU D 216 25.73 14.60 -45.78
CA LEU D 216 25.80 13.45 -44.90
C LEU D 216 24.88 12.35 -45.40
N PRO D 217 25.38 11.14 -45.64
CA PRO D 217 24.50 10.05 -46.10
C PRO D 217 23.50 9.65 -45.02
N GLN D 218 22.31 9.25 -45.47
CA GLN D 218 21.26 8.83 -44.56
C GLN D 218 21.38 7.34 -44.28
N GLY D 219 21.19 6.98 -43.03
CA GLY D 219 21.28 5.60 -42.61
C GLY D 219 21.36 5.48 -41.10
N PHE D 220 21.49 4.25 -40.65
CA PHE D 220 21.55 3.93 -39.23
C PHE D 220 22.77 3.07 -38.96
N SER D 221 23.55 3.44 -37.94
CA SER D 221 24.71 2.67 -37.54
C SER D 221 24.99 2.93 -36.07
N ALA D 222 25.56 1.93 -35.41
CA ALA D 222 25.87 2.00 -33.99
C ALA D 222 27.37 2.07 -33.78
N LEU D 223 27.79 2.91 -32.83
CA LEU D 223 29.19 3.10 -32.52
C LEU D 223 29.57 2.28 -31.29
N GLU D 224 30.81 1.80 -31.28
CA GLU D 224 31.32 0.96 -30.21
C GLU D 224 32.49 1.65 -29.52
N PRO D 225 32.59 1.53 -28.20
CA PRO D 225 33.72 2.14 -27.48
C PRO D 225 35.00 1.34 -27.70
N LEU D 226 36.09 2.05 -27.94
CA LEU D 226 37.39 1.42 -28.17
C LEU D 226 38.48 1.94 -27.24
N VAL D 227 38.45 3.23 -26.89
CA VAL D 227 39.50 3.85 -26.09
C VAL D 227 38.91 4.31 -24.78
N ASP D 228 39.55 3.94 -23.67
CA ASP D 228 39.13 4.32 -22.33
C ASP D 228 40.21 5.23 -21.75
N LEU D 229 39.82 6.44 -21.35
CA LEU D 229 40.76 7.38 -20.74
C LEU D 229 40.24 7.81 -19.36
N PRO D 230 40.61 7.12 -18.28
CA PRO D 230 40.21 7.55 -16.94
C PRO D 230 41.10 8.70 -16.41
N ILE D 231 40.98 9.86 -17.04
CA ILE D 231 41.86 10.98 -16.76
C ILE D 231 41.15 12.08 -15.98
N GLY D 232 39.90 12.38 -16.35
CA GLY D 232 39.11 13.35 -15.62
C GLY D 232 39.55 14.79 -15.74
N ILE D 233 39.92 15.24 -16.94
CA ILE D 233 40.28 16.63 -17.16
C ILE D 233 39.02 17.44 -17.46
N ASN D 234 38.89 18.60 -16.82
CA ASN D 234 37.81 19.53 -17.07
C ASN D 234 37.93 20.07 -18.49
N ILE D 235 36.96 19.75 -19.35
CA ILE D 235 36.97 20.16 -20.75
C ILE D 235 35.72 20.97 -21.01
N THR D 236 35.90 22.20 -21.53
CA THR D 236 34.79 23.04 -21.94
C THR D 236 34.91 23.54 -23.38
N ARG D 237 36.00 23.27 -24.07
CA ARG D 237 36.25 23.83 -25.39
C ARG D 237 37.24 22.93 -26.13
N PHE D 238 37.03 22.78 -27.44
CA PHE D 238 37.91 21.89 -28.20
C PHE D 238 38.24 22.51 -29.55
N GLN D 239 39.29 21.98 -30.18
CA GLN D 239 39.64 22.32 -31.55
C GLN D 239 40.08 21.06 -32.27
N THR D 240 39.86 21.03 -33.58
CA THR D 240 40.23 19.88 -34.40
C THR D 240 41.55 20.16 -35.12
N LEU D 241 42.24 19.09 -35.53
CA LEU D 241 43.50 19.19 -36.23
C LEU D 241 43.36 18.58 -37.62
N LEU D 242 43.78 19.32 -38.63
CA LEU D 242 43.70 18.87 -40.02
C LEU D 242 45.08 18.61 -40.60
N ALA D 263 38.66 18.06 -47.15
CA ALA D 263 37.92 17.13 -46.31
C ALA D 263 36.77 17.85 -45.61
N ALA D 264 35.62 17.18 -45.56
CA ALA D 264 34.42 17.70 -44.91
C ALA D 264 34.14 16.92 -43.63
N TYR D 265 33.81 17.65 -42.56
CA TYR D 265 33.54 17.03 -41.28
C TYR D 265 32.41 17.79 -40.59
N TYR D 266 31.78 17.11 -39.63
CA TYR D 266 30.61 17.62 -38.94
C TYR D 266 30.81 17.56 -37.44
N VAL D 267 30.30 18.56 -36.73
CA VAL D 267 30.43 18.69 -35.28
C VAL D 267 29.03 18.77 -34.67
N GLY D 268 28.70 17.79 -33.82
CA GLY D 268 27.41 17.74 -33.17
C GLY D 268 27.52 18.00 -31.68
N TYR D 269 26.36 17.95 -31.03
CA TYR D 269 26.26 18.15 -29.59
C TYR D 269 25.33 17.12 -28.98
N LEU D 270 25.76 16.53 -27.87
CA LEU D 270 25.04 15.45 -27.21
C LEU D 270 24.08 16.02 -26.17
N GLN D 271 22.91 15.39 -26.06
CA GLN D 271 21.89 15.82 -25.12
C GLN D 271 21.39 14.63 -24.32
N PRO D 272 21.01 14.84 -23.05
CA PRO D 272 20.48 13.72 -22.24
C PRO D 272 19.02 13.41 -22.59
N ARG D 273 18.85 12.62 -23.65
CA ARG D 273 17.53 12.25 -24.13
C ARG D 273 17.28 10.76 -23.95
N THR D 274 16.04 10.42 -23.60
CA THR D 274 15.63 9.04 -23.41
C THR D 274 15.41 8.37 -24.75
N PHE D 275 16.02 7.21 -24.93
CA PHE D 275 15.95 6.46 -26.18
C PHE D 275 15.46 5.04 -25.93
N LEU D 276 14.78 4.50 -26.93
CA LEU D 276 14.41 3.09 -26.95
C LEU D 276 15.27 2.39 -27.99
N LEU D 277 16.04 1.39 -27.55
CA LEU D 277 17.04 0.74 -28.39
C LEU D 277 16.54 -0.62 -28.85
N LYS D 278 16.70 -0.91 -30.14
CA LYS D 278 16.29 -2.19 -30.71
C LYS D 278 17.53 -3.06 -30.91
N TYR D 279 17.54 -4.23 -30.28
CA TYR D 279 18.64 -5.18 -30.40
C TYR D 279 18.17 -6.38 -31.22
N ASN D 280 18.99 -6.80 -32.17
CA ASN D 280 18.66 -7.94 -33.02
C ASN D 280 19.07 -9.24 -32.32
N GLU D 281 19.07 -10.34 -33.08
CA GLU D 281 19.52 -11.62 -32.53
C GLU D 281 21.02 -11.61 -32.27
N ASN D 282 21.78 -10.82 -33.04
CA ASN D 282 23.22 -10.72 -32.88
C ASN D 282 23.64 -9.72 -31.81
N GLY D 283 22.69 -9.01 -31.20
CA GLY D 283 23.03 -8.00 -30.23
C GLY D 283 23.48 -6.68 -30.82
N THR D 284 23.25 -6.47 -32.11
CA THR D 284 23.63 -5.25 -32.80
C THR D 284 22.44 -4.32 -32.89
N ILE D 285 22.66 -3.05 -32.56
CA ILE D 285 21.59 -2.05 -32.58
C ILE D 285 21.20 -1.79 -34.03
N THR D 286 19.93 -2.07 -34.37
CA THR D 286 19.44 -1.91 -35.73
C THR D 286 18.53 -0.71 -35.91
N ASP D 287 17.87 -0.24 -34.85
CA ASP D 287 16.98 0.91 -34.93
C ASP D 287 16.88 1.53 -33.53
N ALA D 288 16.41 2.78 -33.49
CA ALA D 288 16.28 3.50 -32.24
C ALA D 288 15.14 4.49 -32.35
N VAL D 289 14.63 4.91 -31.19
CA VAL D 289 13.52 5.85 -31.10
C VAL D 289 13.95 7.02 -30.23
N ASP D 290 13.88 8.23 -30.80
CA ASP D 290 14.11 9.46 -30.05
C ASP D 290 12.75 10.04 -29.69
N CYS D 291 12.26 9.76 -28.48
CA CYS D 291 10.94 10.26 -28.13
C CYS D 291 10.98 11.59 -27.38
N ALA D 292 11.98 12.43 -27.64
CA ALA D 292 11.90 13.85 -27.38
C ALA D 292 11.64 14.64 -28.65
N LEU D 293 11.32 13.95 -29.75
CA LEU D 293 11.21 14.60 -31.05
C LEU D 293 9.76 14.89 -31.41
N ASP D 294 8.93 13.86 -31.50
CA ASP D 294 7.54 14.01 -31.91
C ASP D 294 6.67 13.10 -31.06
N PRO D 295 5.37 13.42 -30.91
CA PRO D 295 4.49 12.57 -30.11
C PRO D 295 4.33 11.14 -30.62
N LEU D 296 4.56 10.90 -31.92
CA LEU D 296 4.53 9.53 -32.43
C LEU D 296 5.63 8.69 -31.81
N SER D 297 6.84 9.24 -31.72
CA SER D 297 7.92 8.54 -31.02
C SER D 297 7.63 8.41 -29.54
N GLU D 298 6.91 9.40 -28.97
CA GLU D 298 6.52 9.31 -27.57
C GLU D 298 5.58 8.14 -27.34
N THR D 299 4.64 7.91 -28.26
CA THR D 299 3.79 6.73 -28.19
C THR D 299 4.61 5.46 -28.40
N LYS D 300 5.64 5.54 -29.25
CA LYS D 300 6.50 4.38 -29.48
C LYS D 300 7.26 3.97 -28.22
N CYS D 301 7.90 4.92 -27.55
CA CYS D 301 8.69 4.58 -26.37
C CYS D 301 7.80 4.39 -25.15
N THR D 302 6.57 4.91 -25.21
CA THR D 302 5.62 4.67 -24.13
C THR D 302 5.11 3.23 -24.15
N LEU D 303 4.76 2.73 -25.33
CA LEU D 303 4.24 1.38 -25.49
C LEU D 303 5.36 0.34 -25.62
N LYS D 304 6.62 0.78 -25.63
CA LYS D 304 7.80 -0.09 -25.74
C LYS D 304 7.74 -0.95 -27.00
N SER D 305 7.32 -0.32 -28.11
CA SER D 305 7.23 -1.01 -29.39
C SER D 305 7.55 -0.03 -30.50
N PHE D 306 8.08 -0.56 -31.60
CA PHE D 306 8.41 0.23 -32.77
C PHE D 306 7.26 0.37 -33.75
N THR D 307 6.15 -0.32 -33.50
CA THR D 307 4.95 -0.23 -34.33
C THR D 307 3.77 0.10 -33.44
N VAL D 308 3.00 1.13 -33.82
CA VAL D 308 1.88 1.62 -33.03
C VAL D 308 0.59 1.35 -33.79
N GLU D 309 -0.34 0.68 -33.13
CA GLU D 309 -1.65 0.40 -33.73
C GLU D 309 -2.52 1.65 -33.70
N LYS D 310 -3.60 1.60 -34.47
CA LYS D 310 -4.57 2.70 -34.50
C LYS D 310 -5.32 2.78 -33.17
N GLY D 311 -5.43 3.99 -32.65
CA GLY D 311 -6.15 4.23 -31.42
C GLY D 311 -5.66 5.48 -30.72
N ILE D 312 -6.08 5.62 -29.47
CA ILE D 312 -5.70 6.72 -28.60
C ILE D 312 -4.79 6.18 -27.51
N TYR D 313 -3.69 6.89 -27.24
CA TYR D 313 -2.76 6.52 -26.19
C TYR D 313 -2.34 7.76 -25.42
N GLN D 314 -2.31 7.64 -24.10
CA GLN D 314 -1.84 8.72 -23.23
C GLN D 314 -0.35 8.51 -22.97
N THR D 315 0.47 9.49 -23.36
CA THR D 315 1.92 9.35 -23.32
C THR D 315 2.60 10.23 -22.29
N SER D 316 2.11 11.44 -22.04
CA SER D 316 2.77 12.36 -21.12
C SER D 316 1.70 13.22 -20.47
N ASN D 317 2.14 14.25 -19.75
CA ASN D 317 1.25 15.15 -19.05
C ASN D 317 1.66 16.59 -19.35
N PHE D 318 0.69 17.43 -19.68
CA PHE D 318 0.95 18.84 -19.93
C PHE D 318 0.93 19.59 -18.60
N ARG D 319 1.86 20.53 -18.45
CA ARG D 319 1.98 21.29 -17.21
C ARG D 319 2.50 22.68 -17.51
N VAL D 320 1.80 23.69 -17.01
CA VAL D 320 2.26 25.07 -17.17
C VAL D 320 3.26 25.39 -16.07
N GLN D 321 4.50 25.64 -16.46
CA GLN D 321 5.54 25.94 -15.47
C GLN D 321 5.40 27.37 -14.98
N PRO D 322 5.72 27.63 -13.72
CA PRO D 322 5.71 29.01 -13.22
C PRO D 322 6.80 29.85 -13.88
N THR D 323 6.50 31.12 -14.08
CA THR D 323 7.42 32.03 -14.74
C THR D 323 8.26 32.85 -13.76
N GLU D 324 7.77 33.07 -12.54
CA GLU D 324 8.50 33.87 -11.56
C GLU D 324 8.03 33.46 -10.17
N SER D 325 8.83 33.85 -9.18
CA SER D 325 8.54 33.55 -7.78
C SER D 325 8.04 34.81 -7.08
N ILE D 326 6.96 34.65 -6.31
CA ILE D 326 6.34 35.75 -5.58
C ILE D 326 6.43 35.45 -4.09
N VAL D 327 7.00 36.39 -3.33
CA VAL D 327 7.15 36.26 -1.89
C VAL D 327 6.36 37.39 -1.24
N ARG D 328 5.47 37.03 -0.32
CA ARG D 328 4.62 38.00 0.35
C ARG D 328 4.74 37.84 1.86
N PHE D 329 5.03 38.93 2.55
CA PHE D 329 5.16 39.01 4.00
C PHE D 329 4.61 40.35 4.46
N PRO D 330 4.18 40.44 5.72
CA PRO D 330 3.58 41.70 6.21
C PRO D 330 4.56 42.87 6.26
N ASN D 331 4.01 44.03 6.63
CA ASN D 331 4.84 45.27 6.72
C ASN D 331 5.55 45.29 8.07
N ILE D 332 6.41 46.29 8.28
CA ILE D 332 7.09 46.44 9.62
C ILE D 332 6.12 47.23 10.51
N THR D 333 5.10 46.57 11.05
CA THR D 333 4.05 47.30 11.82
C THR D 333 4.63 48.01 13.06
N ASN D 334 5.47 47.32 13.84
CA ASN D 334 6.11 48.00 15.00
C ASN D 334 7.62 47.76 14.97
N LEU D 335 8.40 48.82 14.76
CA LEU D 335 9.88 48.64 14.65
C LEU D 335 10.46 48.60 16.05
N CYS D 336 11.62 47.94 16.22
CA CYS D 336 12.21 47.82 17.55
C CYS D 336 13.11 49.06 17.72
N PRO D 337 13.15 49.64 18.96
CA PRO D 337 13.90 50.87 19.21
C PRO D 337 15.41 50.67 19.24
N PHE D 338 15.99 50.36 18.08
CA PHE D 338 17.44 50.21 18.00
C PHE D 338 18.15 51.55 18.09
N GLY D 339 17.46 52.64 17.71
CA GLY D 339 18.06 53.96 17.79
C GLY D 339 18.21 54.45 19.22
N GLU D 340 17.41 53.92 20.14
CA GLU D 340 17.53 54.28 21.55
C GLU D 340 18.81 53.71 22.15
N VAL D 341 19.25 52.55 21.68
CA VAL D 341 20.44 51.91 22.22
C VAL D 341 21.69 52.31 21.45
N PHE D 342 21.64 52.22 20.12
CA PHE D 342 22.84 52.48 19.31
C PHE D 342 23.17 53.97 19.26
N ASN D 343 22.15 54.83 19.13
CA ASN D 343 22.34 56.27 19.02
C ASN D 343 22.07 56.98 20.34
N ALA D 344 22.35 56.34 21.47
CA ALA D 344 22.16 56.97 22.76
C ALA D 344 23.21 58.06 22.99
N THR D 345 22.79 59.16 23.63
CA THR D 345 23.71 60.25 23.91
C THR D 345 24.73 59.85 24.98
N ARG D 346 24.27 59.27 26.08
CA ARG D 346 25.13 58.87 27.18
C ARG D 346 25.14 57.35 27.30
N PHE D 347 26.34 56.79 27.42
CA PHE D 347 26.53 55.35 27.58
C PHE D 347 26.96 55.03 29.00
N ALA D 348 26.53 53.87 29.49
CA ALA D 348 26.85 53.43 30.84
C ALA D 348 28.28 52.92 30.91
N SER D 349 28.79 52.84 32.14
CA SER D 349 30.14 52.34 32.35
C SER D 349 30.20 50.83 32.16
N VAL D 350 31.42 50.30 32.02
CA VAL D 350 31.60 48.88 31.77
C VAL D 350 31.24 48.05 33.01
N TYR D 351 31.50 48.57 34.21
CA TYR D 351 31.14 47.85 35.42
C TYR D 351 29.65 47.97 35.71
N ALA D 352 29.00 49.01 35.21
CA ALA D 352 27.58 49.27 35.43
C ALA D 352 26.82 49.32 34.12
N TRP D 353 27.04 48.31 33.27
CA TRP D 353 26.41 48.27 31.94
C TRP D 353 24.91 48.12 32.06
N ASN D 354 24.18 48.85 31.21
CA ASN D 354 22.73 48.82 31.21
C ASN D 354 22.23 47.70 30.31
N ARG D 355 21.09 47.11 30.68
CA ARG D 355 20.47 46.03 29.92
C ARG D 355 19.10 46.49 29.46
N LYS D 356 18.85 46.38 28.15
CA LYS D 356 17.60 46.78 27.54
C LYS D 356 16.90 45.56 26.96
N ARG D 357 15.65 45.35 27.38
CA ARG D 357 14.85 44.21 26.87
C ARG D 357 14.12 44.64 25.61
N ILE D 358 14.25 43.87 24.53
CA ILE D 358 13.62 44.16 23.25
C ILE D 358 12.65 43.02 22.94
N SER D 359 11.37 43.37 22.80
CA SER D 359 10.33 42.38 22.52
C SER D 359 9.13 43.07 21.91
N ASN D 360 8.25 42.25 21.32
CA ASN D 360 6.97 42.69 20.74
C ASN D 360 7.17 43.74 19.65
N CYS D 361 8.14 43.49 18.78
CA CYS D 361 8.44 44.39 17.68
C CYS D 361 9.13 43.61 16.57
N VAL D 362 9.20 44.22 15.40
CA VAL D 362 9.88 43.64 14.24
C VAL D 362 11.25 44.29 14.11
N ALA D 363 12.27 43.47 13.84
CA ALA D 363 13.65 43.93 13.78
C ALA D 363 14.23 43.64 12.40
N ASP D 364 14.93 44.61 11.84
CA ASP D 364 15.61 44.47 10.55
C ASP D 364 17.11 44.55 10.80
N TYR D 365 17.77 43.39 10.80
CA TYR D 365 19.19 43.34 11.08
C TYR D 365 20.05 43.63 9.85
N SER D 366 19.43 43.80 8.67
CA SER D 366 20.19 44.06 7.46
C SER D 366 20.80 45.45 7.46
N VAL D 367 20.15 46.42 8.09
CA VAL D 367 20.68 47.79 8.11
C VAL D 367 21.87 47.91 9.04
N LEU D 368 22.01 46.98 10.00
CA LEU D 368 23.16 46.99 10.88
C LEU D 368 24.41 46.50 10.17
N TYR D 369 24.27 45.45 9.35
CA TYR D 369 25.42 44.93 8.61
C TYR D 369 25.79 45.88 7.48
N ASN D 370 24.80 46.43 6.77
CA ASN D 370 25.05 47.31 5.63
C ASN D 370 25.03 48.75 6.10
N SER D 371 26.01 49.09 6.96
CA SER D 371 26.14 50.45 7.47
C SER D 371 27.54 51.02 7.37
N ALA D 372 28.59 50.19 7.36
CA ALA D 372 30.00 50.55 7.18
C ALA D 372 30.50 51.52 8.26
N SER D 373 29.80 51.60 9.39
CA SER D 373 30.21 52.47 10.49
C SER D 373 30.75 51.72 11.69
N PHE D 374 30.70 50.39 11.67
CA PHE D 374 31.12 49.56 12.79
C PHE D 374 32.46 48.92 12.49
N SER D 375 33.41 49.08 13.40
CA SER D 375 34.74 48.51 13.22
C SER D 375 34.78 47.01 13.42
N THR D 376 33.93 46.47 14.29
CA THR D 376 33.90 45.04 14.59
C THR D 376 32.48 44.52 14.38
N PHE D 377 32.34 43.50 13.51
CA PHE D 377 31.04 42.88 13.26
C PHE D 377 31.29 41.37 13.11
N LYS D 378 31.15 40.65 14.22
CA LYS D 378 31.31 39.20 14.25
C LYS D 378 30.17 38.60 15.04
N CYS D 379 29.58 37.53 14.51
CA CYS D 379 28.46 36.85 15.16
C CYS D 379 28.91 35.46 15.61
N TYR D 380 28.43 35.06 16.79
CA TYR D 380 28.79 33.79 17.40
C TYR D 380 27.59 32.86 17.35
N GLY D 381 27.80 31.65 16.86
CA GLY D 381 26.75 30.64 16.72
C GLY D 381 25.93 30.76 15.46
N VAL D 382 25.59 31.99 15.07
CA VAL D 382 24.83 32.24 13.85
C VAL D 382 25.70 33.03 12.88
N SER D 383 25.23 33.09 11.63
CA SER D 383 25.90 33.76 10.53
C SER D 383 25.60 35.25 10.57
N PRO D 384 26.53 36.09 10.07
CA PRO D 384 26.24 37.53 9.94
C PRO D 384 25.04 37.83 9.06
N THR D 385 24.85 37.04 8.02
CA THR D 385 23.69 37.19 7.15
C THR D 385 22.51 36.40 7.70
N LYS D 386 21.45 36.28 6.89
CA LYS D 386 20.27 35.43 7.25
C LYS D 386 19.78 35.66 8.68
N LEU D 387 19.89 36.89 9.19
CA LEU D 387 19.33 37.17 10.50
C LEU D 387 17.86 37.59 10.44
N ASN D 388 17.37 37.93 9.26
CA ASN D 388 15.98 38.34 9.09
C ASN D 388 15.00 37.17 9.05
N ASP D 389 15.51 35.94 9.01
CA ASP D 389 14.66 34.75 8.98
C ASP D 389 14.60 34.04 10.33
N LEU D 390 15.09 34.67 11.40
CA LEU D 390 15.13 34.07 12.71
C LEU D 390 14.15 34.77 13.65
N CYS D 391 13.63 34.01 14.60
CA CYS D 391 12.71 34.51 15.60
C CYS D 391 13.16 34.09 16.99
N PHE D 392 12.99 35.01 17.94
CA PHE D 392 13.42 34.75 19.35
C PHE D 392 12.33 35.28 20.29
N THR D 393 12.24 34.71 21.49
CA THR D 393 11.27 35.16 22.48
C THR D 393 11.61 36.55 23.01
N ASN D 394 12.88 36.78 23.35
CA ASN D 394 13.32 38.06 23.87
C ASN D 394 14.73 38.34 23.39
N VAL D 395 15.10 39.63 23.38
CA VAL D 395 16.44 40.07 23.00
C VAL D 395 16.92 41.06 24.06
N TYR D 396 18.11 40.83 24.61
CA TYR D 396 18.74 41.75 25.53
C TYR D 396 19.80 42.57 24.79
N ALA D 397 19.88 43.85 25.13
CA ALA D 397 20.84 44.78 24.52
C ALA D 397 21.69 45.39 25.62
N ASP D 398 22.95 44.98 25.68
CA ASP D 398 23.90 45.50 26.66
C ASP D 398 24.84 46.48 25.99
N SER D 399 25.11 47.60 26.67
CA SER D 399 25.97 48.63 26.11
C SER D 399 26.94 49.11 27.19
N PHE D 400 28.19 49.35 26.77
CA PHE D 400 29.25 49.83 27.65
C PHE D 400 30.34 50.44 26.78
N VAL D 401 31.24 51.18 27.42
CA VAL D 401 32.33 51.87 26.75
C VAL D 401 33.65 51.35 27.30
N ILE D 402 34.51 50.88 26.41
CA ILE D 402 35.83 50.35 26.76
C ILE D 402 36.85 50.98 25.81
N ARG D 403 38.11 50.57 26.00
CA ARG D 403 39.18 51.07 25.09
C ARG D 403 39.28 50.12 23.90
N GLY D 404 40.16 50.42 22.96
CA GLY D 404 40.31 49.64 21.74
C GLY D 404 40.95 48.29 21.96
N ASP D 405 41.82 48.19 22.97
CA ASP D 405 42.52 46.93 23.22
C ASP D 405 41.62 45.89 23.86
N GLU D 406 40.59 46.31 24.59
CA GLU D 406 39.71 45.39 25.30
C GLU D 406 38.51 44.93 24.48
N VAL D 407 38.45 45.29 23.19
CA VAL D 407 37.33 44.91 22.33
C VAL D 407 37.32 43.40 22.10
N ARG D 408 38.49 42.80 21.88
CA ARG D 408 38.56 41.37 21.60
C ARG D 408 38.27 40.51 22.82
N GLN D 409 38.29 41.09 24.02
CA GLN D 409 38.05 40.35 25.25
C GLN D 409 36.60 39.88 25.40
N ILE D 410 35.64 40.52 24.72
CA ILE D 410 34.25 40.10 24.80
C ILE D 410 34.02 39.04 23.73
N ALA D 411 34.21 37.77 24.10
CA ALA D 411 34.04 36.63 23.22
C ALA D 411 33.95 35.39 24.06
N PRO D 412 33.17 34.39 23.65
CA PRO D 412 33.15 33.11 24.39
C PRO D 412 34.50 32.40 24.31
N GLY D 413 34.90 31.81 25.41
CA GLY D 413 36.16 31.11 25.48
C GLY D 413 37.38 31.98 25.65
N GLN D 414 37.21 33.28 25.82
CA GLN D 414 38.32 34.20 25.99
C GLN D 414 38.37 34.75 27.41
N THR D 415 39.56 35.18 27.82
CA THR D 415 39.79 35.72 29.15
C THR D 415 40.20 37.18 29.05
N GLY D 416 40.42 37.80 30.20
CA GLY D 416 40.82 39.19 30.26
C GLY D 416 40.29 39.88 31.50
N LYS D 417 40.73 41.12 31.74
CA LYS D 417 40.21 41.90 32.89
C LYS D 417 38.72 42.10 32.70
N ILE D 418 38.33 42.60 31.52
CA ILE D 418 36.92 42.85 31.24
C ILE D 418 36.12 41.55 31.32
N ALA D 419 36.70 40.46 30.81
CA ALA D 419 36.00 39.18 30.79
C ALA D 419 35.84 38.62 32.21
N ASP D 420 36.80 38.87 33.08
CA ASP D 420 36.75 38.29 34.42
C ASP D 420 35.99 39.16 35.41
N TYR D 421 36.23 40.48 35.39
CA TYR D 421 35.74 41.36 36.45
C TYR D 421 34.73 42.40 35.98
N ASN D 422 34.47 42.51 34.68
CA ASN D 422 33.56 43.55 34.22
C ASN D 422 32.35 42.98 33.48
N TYR D 423 32.58 42.08 32.53
CA TYR D 423 31.49 41.54 31.72
C TYR D 423 31.92 40.20 31.16
N LYS D 424 31.21 39.13 31.55
CA LYS D 424 31.55 37.77 31.17
C LYS D 424 30.45 37.21 30.28
N LEU D 425 30.87 36.58 29.16
CA LEU D 425 29.98 35.83 28.26
C LEU D 425 30.11 34.34 28.53
N PRO D 426 29.02 33.59 28.42
CA PRO D 426 29.10 32.13 28.57
C PRO D 426 29.75 31.48 27.37
N ASP D 427 30.16 30.22 27.57
CA ASP D 427 30.82 29.47 26.50
C ASP D 427 29.82 29.12 25.40
N ASP D 428 28.56 28.89 25.76
CA ASP D 428 27.51 28.58 24.79
C ASP D 428 26.73 29.82 24.34
N PHE D 429 27.36 30.99 24.36
CA PHE D 429 26.67 32.22 23.98
C PHE D 429 26.44 32.26 22.47
N THR D 430 25.25 32.71 22.09
CA THR D 430 24.90 32.93 20.69
C THR D 430 24.44 34.38 20.53
N GLY D 431 24.78 34.99 19.40
CA GLY D 431 24.42 36.37 19.17
C GLY D 431 25.47 37.07 18.34
N CYS D 432 25.42 38.40 18.34
CA CYS D 432 26.37 39.22 17.61
C CYS D 432 26.86 40.35 18.51
N VAL D 433 28.09 40.78 18.30
CA VAL D 433 28.72 41.85 19.07
C VAL D 433 28.99 43.02 18.14
N ILE D 434 28.52 44.20 18.53
CA ILE D 434 28.67 45.41 17.73
C ILE D 434 29.60 46.37 18.47
N ALA D 435 30.60 46.89 17.75
CA ALA D 435 31.55 47.83 18.33
C ALA D 435 32.04 48.78 17.25
N TRP D 436 32.29 50.02 17.66
CA TRP D 436 32.78 51.03 16.74
C TRP D 436 33.54 52.09 17.53
N ASN D 437 34.38 52.85 16.83
CA ASN D 437 35.19 53.88 17.47
C ASN D 437 34.32 55.05 17.91
N SER D 438 34.60 55.57 19.10
CA SER D 438 33.85 56.69 19.66
C SER D 438 34.78 57.72 20.30
N ASN D 439 35.87 58.07 19.61
CA ASN D 439 36.80 59.05 20.15
C ASN D 439 36.22 60.46 20.07
N ASN D 440 35.39 60.72 19.07
CA ASN D 440 34.84 62.06 18.88
C ASN D 440 33.71 62.38 19.86
N LEU D 441 33.21 61.39 20.61
CA LEU D 441 32.09 61.60 21.51
C LEU D 441 32.41 61.34 22.97
N ASP D 442 33.37 60.45 23.27
CA ASP D 442 33.66 60.08 24.64
C ASP D 442 34.96 60.66 25.18
N SER D 443 35.75 61.34 24.35
CA SER D 443 37.02 61.91 24.78
C SER D 443 36.88 63.42 24.99
N LYS D 444 37.58 63.92 26.00
CA LYS D 444 37.60 65.35 26.31
C LYS D 444 39.03 65.79 26.53
N VAL D 445 39.27 67.10 26.38
CA VAL D 445 40.60 67.65 26.59
C VAL D 445 40.94 67.60 28.07
N GLY D 446 42.09 67.02 28.39
CA GLY D 446 42.53 66.86 29.76
C GLY D 446 42.12 65.56 30.42
N GLY D 447 41.34 64.72 29.74
CA GLY D 447 40.95 63.44 30.29
C GLY D 447 39.51 63.37 30.75
N ASN D 448 38.79 62.34 30.30
CA ASN D 448 37.39 62.14 30.68
C ASN D 448 37.36 61.08 31.78
N TYR D 449 36.79 61.44 32.94
CA TYR D 449 36.80 60.50 34.09
C TYR D 449 35.40 59.93 34.33
N ASN D 450 34.44 60.23 33.44
CA ASN D 450 33.07 59.79 33.67
C ASN D 450 32.94 58.27 33.58
N TYR D 451 33.82 57.62 32.82
CA TYR D 451 33.77 56.18 32.63
C TYR D 451 34.73 55.51 33.60
N LEU D 452 34.22 54.52 34.34
CA LEU D 452 35.00 53.79 35.33
C LEU D 452 35.01 52.30 34.99
N TYR D 453 35.99 51.60 35.53
CA TYR D 453 36.13 50.16 35.30
C TYR D 453 36.51 49.48 36.59
N ARG D 454 35.96 48.28 36.79
CA ARG D 454 36.28 47.49 37.97
C ARG D 454 37.56 46.69 37.71
N LEU D 455 38.53 46.80 38.63
CA LEU D 455 39.82 46.17 38.46
C LEU D 455 40.10 45.07 39.48
N PHE D 456 39.76 45.34 40.74
CA PHE D 456 40.07 44.38 41.82
C PHE D 456 38.83 43.61 42.25
N ARG D 457 38.88 42.28 42.19
CA ARG D 457 37.80 41.44 42.68
C ARG D 457 38.37 40.10 43.10
N LYS D 458 37.72 39.48 44.10
CA LYS D 458 38.22 38.22 44.65
C LYS D 458 38.11 37.07 43.65
N SER D 459 37.01 37.01 42.92
N SER D 459 37.01 37.01 42.92
CA SER D 459 36.76 35.92 41.99
CA SER D 459 36.74 35.92 42.00
C SER D 459 36.20 36.47 40.69
C SER D 459 36.19 36.46 40.69
N ASN D 460 36.32 35.66 39.64
CA ASN D 460 35.80 36.04 38.33
C ASN D 460 34.28 36.04 38.31
N LEU D 461 33.72 36.90 37.48
CA LEU D 461 32.27 37.02 37.37
C LEU D 461 31.68 35.82 36.64
N LYS D 462 30.45 35.51 37.08
CA LYS D 462 29.68 34.45 36.40
C LYS D 462 29.06 35.12 35.16
N PRO D 463 28.82 34.40 34.03
CA PRO D 463 28.31 35.03 32.81
C PRO D 463 27.03 35.82 33.02
N PHE D 464 26.94 36.97 32.35
CA PHE D 464 25.82 37.92 32.47
C PHE D 464 25.61 38.39 33.90
N GLU D 465 26.69 38.71 34.61
CA GLU D 465 26.60 39.29 35.95
C GLU D 465 26.91 40.78 35.90
N ARG D 466 26.14 41.55 36.67
CA ARG D 466 26.33 43.00 36.79
C ARG D 466 26.68 43.31 38.24
N ASP D 467 27.92 43.73 38.48
CA ASP D 467 28.41 44.05 39.81
C ASP D 467 28.63 45.56 39.90
N ILE D 468 27.94 46.21 40.83
CA ILE D 468 28.06 47.65 41.03
C ILE D 468 28.48 48.00 42.45
N SER D 469 29.10 47.06 43.16
CA SER D 469 29.50 47.31 44.54
C SER D 469 30.67 48.28 44.59
N THR D 470 30.61 49.21 45.56
CA THR D 470 31.66 50.20 45.77
C THR D 470 32.37 49.97 47.09
N GLU D 471 32.36 48.74 47.58
CA GLU D 471 33.04 48.39 48.82
C GLU D 471 34.55 48.47 48.63
N ILE D 472 35.25 48.98 49.65
CA ILE D 472 36.71 49.06 49.60
C ILE D 472 37.29 47.66 49.58
N TYR D 473 38.13 47.39 48.58
CA TYR D 473 38.68 46.06 48.35
C TYR D 473 39.76 45.76 49.39
N GLN D 474 39.63 44.62 50.07
CA GLN D 474 40.58 44.21 51.10
C GLN D 474 41.65 43.34 50.43
N ALA D 475 42.87 43.86 50.33
CA ALA D 475 43.96 43.18 49.67
C ALA D 475 44.82 42.36 50.63
N GLY D 476 44.50 42.36 51.92
CA GLY D 476 45.28 41.61 52.89
C GLY D 476 44.46 41.09 54.04
N SER D 477 45.13 40.71 55.13
CA SER D 477 44.44 40.20 56.32
C SER D 477 43.90 41.31 57.21
N THR D 478 44.27 42.57 56.95
CA THR D 478 43.81 43.70 57.75
C THR D 478 42.53 44.27 57.13
N PRO D 479 41.44 44.39 57.89
CA PRO D 479 40.21 44.98 57.35
C PRO D 479 40.40 46.45 57.03
N CYS D 480 39.68 46.90 55.99
CA CYS D 480 39.79 48.28 55.54
C CYS D 480 38.90 49.24 56.33
N ASN D 481 37.70 48.80 56.70
CA ASN D 481 36.70 49.59 57.43
C ASN D 481 36.35 50.88 56.67
N GLY D 482 36.30 50.78 55.35
CA GLY D 482 35.93 51.92 54.52
C GLY D 482 36.99 52.98 54.37
N VAL D 483 38.23 52.70 54.75
CA VAL D 483 39.32 53.66 54.67
C VAL D 483 40.36 53.13 53.69
N GLU D 484 40.65 53.93 52.65
CA GLU D 484 41.67 53.55 51.68
C GLU D 484 43.06 53.76 52.26
N GLY D 485 44.00 52.95 51.78
CA GLY D 485 45.37 53.05 52.26
C GLY D 485 46.18 51.84 51.81
N PHE D 486 47.06 51.39 52.68
CA PHE D 486 47.85 50.20 52.40
C PHE D 486 46.96 48.96 52.40
N ASN D 487 47.09 48.16 51.34
CA ASN D 487 46.29 46.96 51.10
C ASN D 487 44.79 47.25 51.08
N CYS D 488 44.40 48.46 50.66
CA CYS D 488 43.00 48.88 50.61
C CYS D 488 42.88 49.80 49.39
N TYR D 489 42.39 49.24 48.29
CA TYR D 489 42.34 49.93 47.01
C TYR D 489 40.89 50.09 46.58
N PHE D 490 40.56 51.26 46.02
CA PHE D 490 39.22 51.50 45.52
C PHE D 490 39.00 50.68 44.25
N PRO D 491 37.87 49.99 44.13
CA PRO D 491 37.70 49.08 42.98
C PRO D 491 37.47 49.76 41.64
N LEU D 492 37.13 51.05 41.63
CA LEU D 492 36.86 51.76 40.40
C LEU D 492 37.98 52.76 40.10
N GLN D 493 38.43 52.71 38.84
CA GLN D 493 39.51 53.62 38.40
C GLN D 493 39.04 54.36 37.16
N SER D 494 39.64 55.51 36.87
CA SER D 494 39.26 56.35 35.73
C SER D 494 40.02 55.93 34.48
N TYR D 495 39.30 55.91 33.35
CA TYR D 495 39.94 55.63 32.07
C TYR D 495 40.81 56.80 31.62
N GLY D 496 40.30 58.02 31.75
CA GLY D 496 41.04 59.19 31.29
C GLY D 496 41.22 59.27 29.79
N PHE D 497 40.13 59.11 29.03
CA PHE D 497 40.21 59.17 27.58
C PHE D 497 40.56 60.58 27.11
N GLN D 498 41.45 60.65 26.12
CA GLN D 498 41.86 61.89 25.48
C GLN D 498 41.74 61.78 23.97
N PRO D 499 41.46 62.88 23.27
CA PRO D 499 41.36 62.81 21.80
C PRO D 499 42.67 62.51 21.11
N THR D 500 43.81 62.73 21.77
CA THR D 500 45.13 62.46 21.18
C THR D 500 45.63 61.07 21.47
N ASN D 501 44.81 60.25 22.13
CA ASN D 501 45.22 58.88 22.53
C ASN D 501 45.35 57.98 21.30
N GLY D 502 46.13 56.90 21.43
CA GLY D 502 46.33 55.97 20.33
C GLY D 502 45.08 55.13 20.06
N VAL D 503 45.21 54.25 19.06
CA VAL D 503 44.08 53.44 18.60
C VAL D 503 43.63 52.49 19.71
N GLY D 504 44.57 51.86 20.40
CA GLY D 504 44.23 50.98 21.51
C GLY D 504 43.72 51.72 22.73
N TYR D 505 44.04 53.00 22.88
CA TYR D 505 43.61 53.79 24.02
C TYR D 505 42.36 54.63 23.73
N GLN D 506 41.89 54.65 22.47
CA GLN D 506 40.68 55.40 22.16
C GLN D 506 39.45 54.69 22.72
N PRO D 507 38.45 55.44 23.18
CA PRO D 507 37.22 54.82 23.69
C PRO D 507 36.39 54.23 22.56
N TYR D 508 35.80 53.07 22.82
CA TYR D 508 34.97 52.36 21.86
C TYR D 508 33.63 52.04 22.50
N ARG D 509 32.55 52.36 21.78
CA ARG D 509 31.20 52.01 22.21
C ARG D 509 30.86 50.61 21.72
N VAL D 510 30.54 49.72 22.66
CA VAL D 510 30.30 48.31 22.36
C VAL D 510 28.87 47.98 22.73
N VAL D 511 28.13 47.42 21.77
CA VAL D 511 26.76 46.96 21.98
C VAL D 511 26.73 45.45 21.79
N VAL D 512 26.19 44.75 22.79
CA VAL D 512 26.13 43.29 22.78
C VAL D 512 24.68 42.87 22.62
N LEU D 513 24.41 42.03 21.63
CA LEU D 513 23.07 41.54 21.35
C LEU D 513 22.98 40.10 21.84
N SER D 514 21.96 39.81 22.66
CA SER D 514 21.76 38.49 23.24
C SER D 514 20.51 37.86 22.63
N PHE D 515 20.66 36.66 22.09
CA PHE D 515 19.58 35.92 21.47
C PHE D 515 19.26 34.71 22.35
N GLU D 516 18.04 34.71 22.91
CA GLU D 516 17.59 33.58 23.77
C GLU D 516 16.25 33.06 23.22
N LEU D 517 16.03 31.76 23.31
CA LEU D 517 14.78 31.14 22.79
C LEU D 517 14.09 30.36 23.91
N LEU D 518 12.81 30.02 23.73
CA LEU D 518 12.08 29.17 24.72
C LEU D 518 10.84 28.60 24.03
N HIS D 519 10.15 27.66 24.67
CA HIS D 519 8.90 27.11 24.08
C HIS D 519 7.89 28.26 23.91
N ALA D 520 8.02 29.31 24.70
CA ALA D 520 7.08 30.46 24.66
C ALA D 520 7.12 31.12 23.27
N PRO D 521 6.01 31.68 22.76
CA PRO D 521 5.96 32.23 21.40
C PRO D 521 6.98 33.35 21.15
N ALA D 522 7.59 33.37 19.97
CA ALA D 522 8.62 34.39 19.64
C ALA D 522 7.97 35.76 19.50
N THR D 523 8.36 36.73 20.35
CA THR D 523 7.80 38.07 20.29
C THR D 523 8.48 38.99 19.29
N VAL D 524 9.74 38.70 18.92
CA VAL D 524 10.48 39.51 17.96
C VAL D 524 10.84 38.62 16.77
N CYS D 525 10.61 39.14 15.57
CA CYS D 525 10.87 38.41 14.34
C CYS D 525 11.37 39.39 13.27
N GLY D 526 11.95 38.84 12.20
CA GLY D 526 12.52 39.69 11.14
C GLY D 526 11.62 39.75 9.93
N PRO D 527 11.63 40.83 9.13
CA PRO D 527 10.72 40.97 8.00
C PRO D 527 11.37 40.52 6.69
N LYS D 528 10.90 39.41 6.12
CA LYS D 528 11.43 38.98 4.80
C LYS D 528 10.87 39.91 3.73
N LYS D 529 11.63 40.14 2.66
CA LYS D 529 11.18 41.08 1.59
C LYS D 529 9.90 40.56 0.97
N SER D 530 8.92 41.45 0.75
CA SER D 530 7.66 41.03 0.08
C SER D 530 7.63 41.62 -1.33
N THR D 531 7.74 40.77 -2.35
CA THR D 531 7.70 41.24 -3.76
C THR D 531 6.32 41.81 -4.04
N ASN D 532 6.18 42.61 -5.10
CA ASN D 532 4.85 43.16 -5.48
C ASN D 532 3.94 42.00 -5.88
N LEU D 533 2.66 42.06 -5.50
CA LEU D 533 1.70 40.99 -5.86
C LEU D 533 1.47 41.02 -7.38
N VAL D 534 1.37 39.84 -8.00
CA VAL D 534 1.07 39.74 -9.47
C VAL D 534 -0.25 38.98 -9.58
N LYS D 535 -1.07 39.25 -10.60
CA LYS D 535 -2.41 38.62 -10.65
C LYS D 535 -2.63 37.84 -11.95
N ASN D 536 -3.42 36.77 -11.90
CA ASN D 536 -3.81 36.01 -13.12
C ASN D 536 -2.63 35.32 -13.80
N LYS D 537 -1.60 34.91 -13.05
CA LYS D 537 -0.54 34.14 -13.70
C LYS D 537 -0.21 32.93 -12.84
N CYS D 538 0.23 31.87 -13.53
CA CYS D 538 0.68 30.66 -12.84
C CYS D 538 2.02 30.93 -12.18
N VAL D 539 2.01 31.14 -10.86
CA VAL D 539 3.20 31.52 -10.11
C VAL D 539 3.37 30.59 -8.92
N ASN D 540 4.58 30.57 -8.39
CA ASN D 540 4.91 29.84 -7.17
C ASN D 540 4.82 30.85 -6.02
N PHE D 541 3.76 30.72 -5.22
CA PHE D 541 3.48 31.66 -4.14
C PHE D 541 3.82 31.04 -2.79
N ASN D 542 4.01 31.91 -1.80
CA ASN D 542 4.12 31.49 -0.41
C ASN D 542 3.49 32.59 0.46
N PHE D 543 2.77 32.17 1.49
CA PHE D 543 2.13 33.10 2.42
C PHE D 543 2.60 32.76 3.83
N ASN D 544 1.90 33.30 4.83
CA ASN D 544 2.28 33.20 6.23
C ASN D 544 2.38 31.76 6.71
N GLY D 545 1.43 30.91 6.34
CA GLY D 545 1.39 29.55 6.82
C GLY D 545 1.52 28.46 5.78
N LEU D 546 1.36 28.76 4.50
CA LEU D 546 1.35 27.74 3.46
C LEU D 546 2.11 28.20 2.23
N THR D 547 2.58 27.23 1.45
CA THR D 547 3.21 27.45 0.17
C THR D 547 2.47 26.63 -0.89
N GLY D 548 2.57 27.07 -2.14
CA GLY D 548 1.91 26.35 -3.21
C GLY D 548 2.12 27.02 -4.55
N THR D 549 1.58 26.37 -5.57
CA THR D 549 1.66 26.84 -6.95
C THR D 549 0.24 26.92 -7.52
N GLY D 550 -0.08 28.07 -8.12
CA GLY D 550 -1.42 28.27 -8.65
C GLY D 550 -1.54 29.64 -9.26
N VAL D 551 -2.78 29.99 -9.58
CA VAL D 551 -3.12 31.27 -10.21
C VAL D 551 -3.91 32.08 -9.19
N LEU D 552 -3.43 33.29 -8.88
CA LEU D 552 -4.08 34.16 -7.92
C LEU D 552 -5.05 35.07 -8.64
N THR D 553 -6.35 34.90 -8.37
CA THR D 553 -7.41 35.70 -8.96
C THR D 553 -8.25 36.33 -7.86
N GLU D 554 -8.89 37.45 -8.21
CA GLU D 554 -9.75 38.15 -7.27
C GLU D 554 -10.99 37.30 -6.96
N SER D 555 -11.38 37.27 -5.69
CA SER D 555 -12.47 36.44 -5.23
C SER D 555 -13.69 37.29 -4.86
N ASN D 556 -14.82 36.59 -4.72
CA ASN D 556 -16.05 37.19 -4.22
C ASN D 556 -16.37 36.65 -2.82
N LYS D 557 -15.42 35.97 -2.21
CA LYS D 557 -15.58 35.42 -0.88
C LYS D 557 -15.58 36.52 0.17
N LYS D 558 -16.24 36.25 1.29
CA LYS D 558 -16.33 37.20 2.41
C LYS D 558 -15.71 36.53 3.63
N PHE D 559 -14.40 36.70 3.80
CA PHE D 559 -13.72 36.18 4.97
C PHE D 559 -14.11 36.97 6.21
N LEU D 560 -14.05 36.29 7.36
CA LEU D 560 -14.17 36.97 8.63
C LEU D 560 -12.93 37.84 8.87
N PRO D 561 -13.07 38.92 9.67
CA PRO D 561 -11.94 39.86 9.84
C PRO D 561 -10.69 39.25 10.47
N PHE D 562 -10.83 38.14 11.18
CA PHE D 562 -9.69 37.46 11.78
C PHE D 562 -9.14 36.34 10.93
N GLN D 563 -9.92 35.82 9.98
CA GLN D 563 -9.53 34.67 9.18
C GLN D 563 -8.49 35.07 8.14
N GLN D 564 -7.55 34.16 7.86
CA GLN D 564 -6.52 34.38 6.86
C GLN D 564 -6.55 33.37 5.72
N PHE D 565 -6.92 32.11 5.99
CA PHE D 565 -6.87 31.04 5.01
C PHE D 565 -8.27 30.54 4.72
N GLY D 566 -8.46 30.04 3.51
CA GLY D 566 -9.70 29.40 3.10
C GLY D 566 -9.44 27.95 2.73
N ARG D 567 -10.47 27.12 2.89
CA ARG D 567 -10.37 25.70 2.60
C ARG D 567 -11.59 25.24 1.82
N ASP D 568 -11.37 24.31 0.89
CA ASP D 568 -12.47 23.70 0.16
C ASP D 568 -13.02 22.52 0.95
N ILE D 569 -13.85 21.71 0.29
CA ILE D 569 -14.51 20.59 0.96
C ILE D 569 -13.51 19.53 1.38
N ALA D 570 -12.64 19.12 0.45
CA ALA D 570 -11.74 17.99 0.70
C ALA D 570 -10.37 18.47 1.19
N ASP D 571 -10.40 19.36 2.18
CA ASP D 571 -9.22 19.81 2.94
C ASP D 571 -8.10 20.35 2.03
N THR D 572 -8.48 21.16 1.04
CA THR D 572 -7.51 21.80 0.17
C THR D 572 -7.77 23.30 0.15
N THR D 573 -6.72 24.08 -0.06
CA THR D 573 -6.83 25.53 0.02
C THR D 573 -7.39 26.10 -1.27
N ASP D 574 -8.43 26.92 -1.15
CA ASP D 574 -9.05 27.57 -2.29
C ASP D 574 -8.97 29.09 -2.27
N ALA D 575 -8.79 29.70 -1.09
CA ALA D 575 -8.72 31.15 -0.99
C ALA D 575 -7.73 31.51 0.11
N VAL D 576 -7.19 32.73 0.00
CA VAL D 576 -6.19 33.22 0.94
C VAL D 576 -6.36 34.72 1.09
N ARG D 577 -5.94 35.23 2.25
CA ARG D 577 -5.93 36.67 2.51
C ARG D 577 -4.49 37.16 2.45
N ASP D 578 -4.27 38.25 1.71
CA ASP D 578 -2.93 38.82 1.60
C ASP D 578 -2.52 39.44 2.93
N PRO D 579 -1.30 39.18 3.42
CA PRO D 579 -0.90 39.73 4.73
C PRO D 579 -0.72 41.24 4.74
N GLN D 580 -0.58 41.88 3.58
CA GLN D 580 -0.42 43.33 3.51
C GLN D 580 -1.69 44.06 3.14
N THR D 581 -2.36 43.60 2.07
CA THR D 581 -3.61 44.25 1.61
C THR D 581 -4.78 43.35 2.03
N LEU D 582 -5.88 43.95 2.47
CA LEU D 582 -7.03 43.14 2.94
C LEU D 582 -7.84 42.72 1.72
N GLU D 583 -7.25 41.89 0.86
CA GLU D 583 -7.94 41.43 -0.36
C GLU D 583 -7.95 39.90 -0.34
N ILE D 584 -9.12 39.30 -0.61
CA ILE D 584 -9.22 37.82 -0.62
C ILE D 584 -8.87 37.33 -2.04
N LEU D 585 -7.90 36.43 -2.15
CA LEU D 585 -7.45 35.97 -3.45
C LEU D 585 -7.70 34.47 -3.58
N ASP D 586 -8.41 34.06 -4.62
CA ASP D 586 -8.61 32.65 -4.89
C ASP D 586 -7.36 32.05 -5.50
N ILE D 587 -7.12 30.77 -5.17
CA ILE D 587 -6.02 30.01 -5.74
C ILE D 587 -6.62 29.03 -6.74
N THR D 588 -6.51 29.37 -8.02
CA THR D 588 -6.89 28.46 -9.08
C THR D 588 -5.68 27.61 -9.45
N PRO D 589 -5.79 26.29 -9.45
CA PRO D 589 -4.65 25.45 -9.87
C PRO D 589 -4.28 25.72 -11.32
N CYS D 590 -2.98 25.63 -11.61
CA CYS D 590 -2.49 25.89 -12.95
C CYS D 590 -2.99 24.82 -13.92
N SER D 591 -3.11 25.20 -15.19
CA SER D 591 -3.67 24.31 -16.20
C SER D 591 -2.78 23.11 -16.42
N PHE D 592 -3.34 21.91 -16.25
CA PHE D 592 -2.60 20.68 -16.38
C PHE D 592 -3.52 19.59 -16.89
N GLY D 593 -2.91 18.54 -17.44
CA GLY D 593 -3.66 17.42 -17.95
C GLY D 593 -2.76 16.48 -18.72
N GLY D 594 -3.28 15.28 -18.92
CA GLY D 594 -2.53 14.28 -19.66
C GLY D 594 -2.46 14.60 -21.14
N VAL D 595 -1.47 14.01 -21.80
CA VAL D 595 -1.26 14.20 -23.23
C VAL D 595 -1.68 12.93 -23.94
N SER D 596 -2.81 12.98 -24.64
CA SER D 596 -3.31 11.86 -25.42
C SER D 596 -3.26 12.21 -26.90
N VAL D 597 -2.78 11.27 -27.70
CA VAL D 597 -2.52 11.50 -29.12
C VAL D 597 -3.58 10.76 -29.92
N ILE D 598 -3.94 11.32 -31.07
CA ILE D 598 -4.80 10.66 -32.06
C ILE D 598 -3.90 10.23 -33.21
N THR D 599 -3.77 8.93 -33.41
CA THR D 599 -2.84 8.40 -34.38
C THR D 599 -3.47 7.23 -35.12
N PRO D 600 -3.48 7.26 -36.45
CA PRO D 600 -3.94 6.09 -37.21
C PRO D 600 -2.89 4.98 -37.22
N GLY D 601 -3.15 3.98 -38.05
CA GLY D 601 -2.17 2.92 -38.23
C GLY D 601 -0.89 3.44 -38.85
N THR D 602 0.23 3.12 -38.19
CA THR D 602 1.55 3.53 -38.68
C THR D 602 1.93 2.83 -39.98
N ASN D 603 1.25 1.75 -40.33
CA ASN D 603 1.44 1.10 -41.63
C ASN D 603 0.83 1.92 -42.76
N THR D 604 0.04 2.94 -42.44
CA THR D 604 -0.59 3.80 -43.43
C THR D 604 -0.02 5.22 -43.46
N SER D 605 0.01 5.91 -42.32
CA SER D 605 0.51 7.27 -42.27
C SER D 605 1.11 7.54 -40.90
N ASN D 606 1.95 8.57 -40.84
CA ASN D 606 2.65 8.95 -39.61
C ASN D 606 2.19 10.28 -39.05
N GLN D 607 1.14 10.89 -39.62
CA GLN D 607 0.63 12.15 -39.14
C GLN D 607 -0.21 11.93 -37.88
N VAL D 608 -0.05 12.81 -36.90
CA VAL D 608 -0.66 12.63 -35.59
C VAL D 608 -1.44 13.87 -35.20
N ALA D 609 -2.40 13.68 -34.31
CA ALA D 609 -3.16 14.76 -33.69
C ALA D 609 -3.03 14.65 -32.18
N VAL D 610 -2.74 15.78 -31.54
CA VAL D 610 -2.46 15.81 -30.10
C VAL D 610 -3.63 16.48 -29.39
N LEU D 611 -4.17 15.79 -28.39
CA LEU D 611 -5.26 16.31 -27.57
C LEU D 611 -4.76 16.56 -26.16
N TYR D 612 -5.04 17.75 -25.63
CA TYR D 612 -4.72 18.09 -24.25
C TYR D 612 -6.03 18.14 -23.48
N GLN D 613 -6.18 17.23 -22.52
CA GLN D 613 -7.48 17.03 -21.87
C GLN D 613 -7.78 18.12 -20.86
N ASP D 614 -9.02 18.61 -20.89
CA ASP D 614 -9.59 19.50 -19.87
C ASP D 614 -8.79 20.80 -19.72
N VAL D 615 -8.31 21.33 -20.85
CA VAL D 615 -7.62 22.61 -20.87
C VAL D 615 -8.28 23.50 -21.91
N ASN D 616 -7.87 24.76 -21.93
CA ASN D 616 -8.34 25.70 -22.92
C ASN D 616 -7.28 25.88 -24.01
N CYS D 617 -7.68 26.47 -25.13
CA CYS D 617 -6.82 26.60 -26.30
C CYS D 617 -5.94 27.85 -26.24
N THR D 618 -5.69 28.39 -25.06
CA THR D 618 -4.86 29.56 -24.86
C THR D 618 -3.54 29.25 -24.15
N GLU D 619 -3.60 28.42 -23.09
CA GLU D 619 -2.40 28.11 -22.32
C GLU D 619 -1.41 27.27 -23.12
N VAL D 620 -1.91 26.42 -24.01
CA VAL D 620 -1.05 25.56 -24.82
C VAL D 620 -0.35 26.38 -25.90
N ASN D 641 -5.28 25.61 -37.38
CA ASN D 641 -5.84 24.26 -37.39
C ASN D 641 -6.01 23.76 -35.97
N VAL D 642 -6.68 24.56 -35.14
CA VAL D 642 -6.94 24.24 -33.74
C VAL D 642 -8.45 24.24 -33.54
N PHE D 643 -8.97 23.15 -32.98
CA PHE D 643 -10.41 22.99 -32.73
C PHE D 643 -10.60 22.70 -31.25
N GLN D 644 -11.50 23.45 -30.61
CA GLN D 644 -11.79 23.30 -29.19
C GLN D 644 -12.94 22.32 -29.01
N THR D 645 -12.75 21.33 -28.14
CA THR D 645 -13.78 20.37 -27.78
C THR D 645 -14.12 20.52 -26.31
N ARG D 646 -15.21 19.87 -25.90
CA ARG D 646 -15.56 19.84 -24.48
C ARG D 646 -14.57 18.99 -23.69
N ALA D 647 -13.97 17.98 -24.33
CA ALA D 647 -13.00 17.14 -23.66
C ALA D 647 -11.62 17.79 -23.55
N GLY D 648 -11.37 18.84 -24.32
CA GLY D 648 -10.10 19.54 -24.27
C GLY D 648 -9.83 20.26 -25.57
N CYS D 649 -8.59 20.70 -25.72
CA CYS D 649 -8.15 21.46 -26.89
C CYS D 649 -7.42 20.51 -27.84
N LEU D 650 -7.89 20.44 -29.08
CA LEU D 650 -7.33 19.55 -30.08
C LEU D 650 -6.56 20.35 -31.11
N ILE D 651 -5.33 19.92 -31.40
CA ILE D 651 -4.44 20.62 -32.33
C ILE D 651 -4.00 19.63 -33.40
N GLY D 652 -4.14 20.02 -34.67
CA GLY D 652 -3.67 19.26 -35.79
C GLY D 652 -4.76 18.63 -36.64
N ALA D 653 -5.96 18.46 -36.09
CA ALA D 653 -7.04 17.82 -36.82
C ALA D 653 -8.01 18.86 -37.38
N GLU D 654 -8.40 18.66 -38.63
CA GLU D 654 -9.33 19.58 -39.28
C GLU D 654 -10.76 19.33 -38.81
N HIS D 655 -11.51 20.43 -38.68
CA HIS D 655 -12.92 20.37 -38.32
C HIS D 655 -13.74 20.18 -39.58
N VAL D 656 -14.64 19.19 -39.57
CA VAL D 656 -15.47 18.85 -40.71
C VAL D 656 -16.93 18.93 -40.31
N ASN D 657 -17.73 19.64 -41.11
CA ASN D 657 -19.16 19.74 -40.84
C ASN D 657 -19.89 18.41 -41.03
N ASN D 658 -19.42 17.60 -41.98
CA ASN D 658 -20.09 16.33 -42.29
C ASN D 658 -19.87 15.32 -41.18
N SER D 659 -20.90 14.54 -40.89
CA SER D 659 -20.84 13.51 -39.86
C SER D 659 -20.55 12.15 -40.48
N TYR D 660 -19.76 11.34 -39.78
CA TYR D 660 -19.39 10.02 -40.23
C TYR D 660 -19.46 9.06 -39.05
N GLU D 661 -19.20 7.78 -39.32
CA GLU D 661 -19.13 6.78 -38.26
C GLU D 661 -17.87 7.01 -37.43
N CYS D 662 -17.96 6.70 -36.14
CA CYS D 662 -16.83 6.92 -35.24
C CYS D 662 -15.73 5.90 -35.51
N ASP D 663 -14.51 6.38 -35.67
CA ASP D 663 -13.36 5.52 -35.89
C ASP D 663 -12.43 5.55 -34.68
N ILE D 664 -11.98 6.75 -34.31
CA ILE D 664 -11.15 6.94 -33.13
C ILE D 664 -11.93 7.81 -32.15
N PRO D 665 -12.30 7.30 -30.98
CA PRO D 665 -13.08 8.12 -30.04
C PRO D 665 -12.24 9.21 -29.40
N ILE D 666 -12.88 10.35 -29.14
CA ILE D 666 -12.23 11.49 -28.51
C ILE D 666 -12.96 11.90 -27.24
N GLY D 667 -14.23 12.25 -27.35
CA GLY D 667 -15.03 12.67 -26.21
C GLY D 667 -16.09 13.68 -26.63
N ALA D 668 -17.21 13.66 -25.90
CA ALA D 668 -18.34 14.58 -26.09
C ALA D 668 -18.89 14.53 -27.52
N GLY D 669 -19.01 13.32 -28.07
CA GLY D 669 -19.56 13.13 -29.39
C GLY D 669 -18.62 13.40 -30.53
N ILE D 670 -17.33 13.62 -30.25
CA ILE D 670 -16.34 13.92 -31.27
C ILE D 670 -15.54 12.66 -31.55
N CYS D 671 -15.35 12.35 -32.84
CA CYS D 671 -14.52 11.24 -33.26
C CYS D 671 -13.64 11.68 -34.41
N ALA D 672 -12.52 10.98 -34.57
CA ALA D 672 -11.52 11.31 -35.59
C ALA D 672 -11.29 10.12 -36.51
N SER D 673 -10.88 10.43 -37.74
CA SER D 673 -10.58 9.40 -38.73
C SER D 673 -9.57 9.97 -39.72
N TYR D 674 -8.94 9.07 -40.46
CA TYR D 674 -7.96 9.44 -41.48
C TYR D 674 -8.64 9.28 -42.84
N GLN D 675 -9.03 10.41 -43.44
CA GLN D 675 -9.83 10.40 -44.65
C GLN D 675 -9.21 11.35 -45.67
N THR D 676 -9.36 10.99 -46.94
CA THR D 676 -8.83 11.79 -48.05
C THR D 676 -9.54 13.13 -48.16
N SER D 689 -3.27 14.75 -50.17
CA SER D 689 -4.73 14.68 -50.29
C SER D 689 -5.34 14.20 -48.98
N GLN D 690 -4.80 13.12 -48.43
CA GLN D 690 -5.29 12.57 -47.17
C GLN D 690 -4.83 13.43 -46.00
N SER D 691 -5.71 13.56 -45.02
CA SER D 691 -5.42 14.35 -43.83
C SER D 691 -6.25 13.84 -42.67
N ILE D 692 -5.82 14.18 -41.47
CA ILE D 692 -6.54 13.82 -40.26
C ILE D 692 -7.65 14.84 -40.01
N ILE D 693 -8.83 14.34 -39.66
CA ILE D 693 -10.02 15.18 -39.52
C ILE D 693 -10.67 14.91 -38.18
N ALA D 694 -11.46 15.88 -37.73
CA ALA D 694 -12.27 15.76 -36.53
C ALA D 694 -13.70 16.19 -36.84
N TYR D 695 -14.67 15.48 -36.28
CA TYR D 695 -16.07 15.73 -36.61
C TYR D 695 -16.95 15.21 -35.48
N THR D 696 -18.20 15.66 -35.49
CA THR D 696 -19.22 15.09 -34.63
C THR D 696 -19.68 13.77 -35.22
N MET D 697 -19.58 12.69 -34.45
CA MET D 697 -19.90 11.38 -34.95
C MET D 697 -21.41 11.22 -35.17
N SER D 698 -21.76 10.47 -36.21
CA SER D 698 -23.16 10.24 -36.54
C SER D 698 -23.67 9.01 -35.78
N LEU D 699 -24.97 9.04 -35.47
CA LEU D 699 -25.62 7.91 -34.82
C LEU D 699 -26.18 6.91 -35.81
N GLY D 700 -25.96 7.12 -37.10
CA GLY D 700 -26.54 6.29 -38.14
C GLY D 700 -27.38 7.12 -39.10
N ALA D 701 -27.68 6.50 -40.23
CA ALA D 701 -28.52 7.15 -41.23
C ALA D 701 -29.95 7.27 -40.72
N GLU D 702 -30.49 8.48 -40.79
CA GLU D 702 -31.85 8.72 -40.32
C GLU D 702 -32.86 8.11 -41.27
N ASN D 703 -34.03 7.80 -40.73
CA ASN D 703 -35.10 7.18 -41.51
C ASN D 703 -36.44 7.60 -40.94
N SER D 704 -37.47 7.52 -41.78
CA SER D 704 -38.82 7.84 -41.37
C SER D 704 -39.74 6.70 -41.80
N VAL D 705 -40.67 6.36 -40.91
CA VAL D 705 -41.61 5.27 -41.14
C VAL D 705 -42.92 5.86 -41.64
N ALA D 706 -43.56 5.17 -42.58
CA ALA D 706 -44.83 5.62 -43.16
C ALA D 706 -45.98 5.09 -42.32
N TYR D 707 -46.14 5.71 -41.14
CA TYR D 707 -47.17 5.27 -40.22
C TYR D 707 -48.53 5.87 -40.59
N SER D 708 -49.55 5.01 -40.60
CA SER D 708 -50.93 5.44 -40.73
C SER D 708 -51.80 4.35 -40.12
N ASN D 709 -53.10 4.64 -40.02
CA ASN D 709 -54.00 3.71 -39.37
C ASN D 709 -54.51 2.61 -40.30
N ASN D 710 -54.13 2.63 -41.59
CA ASN D 710 -54.65 1.67 -42.55
C ASN D 710 -53.57 1.20 -43.53
N SER D 711 -52.31 1.15 -43.09
CA SER D 711 -51.24 0.69 -43.97
C SER D 711 -50.36 -0.31 -43.24
N ILE D 712 -50.11 -1.44 -43.89
CA ILE D 712 -49.27 -2.50 -43.35
C ILE D 712 -48.14 -2.78 -44.35
N ALA D 713 -46.99 -3.19 -43.83
CA ALA D 713 -45.87 -3.62 -44.66
C ALA D 713 -45.59 -5.09 -44.43
N ILE D 714 -45.84 -5.91 -45.44
CA ILE D 714 -45.63 -7.34 -45.35
C ILE D 714 -44.47 -7.73 -46.26
N PRO D 715 -43.44 -8.40 -45.75
CA PRO D 715 -42.30 -8.77 -46.60
C PRO D 715 -42.68 -9.82 -47.63
N THR D 716 -42.07 -9.71 -48.82
CA THR D 716 -42.33 -10.63 -49.91
C THR D 716 -41.13 -11.49 -50.28
N ASN D 717 -39.95 -11.18 -49.75
CA ASN D 717 -38.76 -11.97 -50.00
C ASN D 717 -37.89 -11.97 -48.74
N PHE D 718 -36.97 -12.92 -48.66
CA PHE D 718 -36.15 -13.08 -47.47
C PHE D 718 -34.76 -13.53 -47.88
N THR D 719 -33.79 -13.24 -47.01
CA THR D 719 -32.42 -13.72 -47.15
C THR D 719 -31.99 -14.37 -45.85
N ILE D 720 -31.13 -15.38 -45.96
CA ILE D 720 -30.56 -16.08 -44.82
C ILE D 720 -29.14 -15.57 -44.63
N SER D 721 -28.90 -14.90 -43.50
CA SER D 721 -27.61 -14.32 -43.18
C SER D 721 -26.99 -15.05 -42.01
N VAL D 722 -25.69 -15.27 -42.08
CA VAL D 722 -24.93 -15.92 -41.02
C VAL D 722 -24.03 -14.88 -40.36
N THR D 723 -24.21 -14.69 -39.06
CA THR D 723 -23.43 -13.73 -38.30
C THR D 723 -22.47 -14.47 -37.38
N THR D 724 -21.32 -13.85 -37.15
CA THR D 724 -20.27 -14.44 -36.33
C THR D 724 -20.21 -13.71 -34.99
N GLU D 725 -20.54 -14.43 -33.93
CA GLU D 725 -20.46 -13.91 -32.56
C GLU D 725 -19.35 -14.65 -31.83
N ILE D 726 -18.46 -13.91 -31.20
CA ILE D 726 -17.22 -14.46 -30.65
C ILE D 726 -17.24 -14.22 -29.14
N LEU D 727 -17.09 -15.29 -28.37
CA LEU D 727 -17.07 -15.21 -26.92
C LEU D 727 -15.82 -15.90 -26.36
N PRO D 728 -15.04 -15.21 -25.54
CA PRO D 728 -13.92 -15.86 -24.86
C PRO D 728 -14.42 -16.77 -23.75
N VAL D 729 -13.69 -17.88 -23.54
CA VAL D 729 -14.09 -18.92 -22.61
C VAL D 729 -13.10 -19.10 -21.48
N SER D 730 -11.83 -19.36 -21.80
CA SER D 730 -10.84 -19.70 -20.80
C SER D 730 -9.70 -18.70 -20.84
N MET D 731 -9.02 -18.57 -19.71
CA MET D 731 -7.88 -17.68 -19.55
C MET D 731 -6.62 -18.54 -19.43
N THR D 732 -5.46 -17.91 -19.59
CA THR D 732 -4.20 -18.65 -19.59
C THR D 732 -3.87 -19.17 -18.19
N LYS D 733 -3.75 -20.50 -18.07
CA LYS D 733 -3.47 -21.14 -16.78
C LYS D 733 -2.01 -20.92 -16.39
N THR D 734 -1.76 -19.76 -15.80
CA THR D 734 -0.44 -19.43 -15.30
C THR D 734 -0.25 -19.97 -13.89
N SER D 735 1.01 -20.22 -13.53
CA SER D 735 1.36 -20.68 -12.19
C SER D 735 2.57 -19.90 -11.71
N VAL D 736 2.47 -19.32 -10.52
CA VAL D 736 3.51 -18.46 -9.95
C VAL D 736 3.94 -19.04 -8.61
N ASP D 737 5.25 -19.25 -8.44
CA ASP D 737 5.81 -19.68 -7.16
C ASP D 737 6.10 -18.42 -6.36
N CYS D 738 5.46 -18.29 -5.19
CA CYS D 738 5.61 -17.09 -4.37
C CYS D 738 7.00 -16.99 -3.76
N THR D 739 7.60 -18.11 -3.39
CA THR D 739 8.82 -18.07 -2.59
C THR D 739 10.03 -17.69 -3.43
N MET D 740 10.29 -18.44 -4.51
CA MET D 740 11.54 -18.25 -5.23
C MET D 740 11.45 -17.08 -6.21
N TYR D 741 10.24 -16.53 -6.41
CA TYR D 741 10.14 -15.24 -7.10
C TYR D 741 10.79 -14.14 -6.29
N ILE D 742 10.57 -14.15 -4.97
CA ILE D 742 11.13 -13.11 -4.11
C ILE D 742 12.50 -13.54 -3.58
N CYS D 743 12.62 -14.80 -3.19
CA CYS D 743 13.83 -15.26 -2.50
C CYS D 743 14.44 -16.46 -3.19
N GLY D 744 14.62 -16.37 -4.50
CA GLY D 744 15.16 -17.48 -5.27
C GLY D 744 16.62 -17.76 -4.93
N ASP D 745 16.92 -19.01 -4.59
CA ASP D 745 18.28 -19.47 -4.28
C ASP D 745 18.92 -18.68 -3.14
N SER D 746 18.11 -18.34 -2.14
CA SER D 746 18.56 -17.56 -0.99
C SER D 746 17.87 -18.08 0.26
N THR D 747 18.65 -18.68 1.16
CA THR D 747 18.10 -19.17 2.41
C THR D 747 17.77 -18.02 3.36
N GLU D 748 18.62 -16.99 3.37
CA GLU D 748 18.46 -15.87 4.30
C GLU D 748 17.21 -15.06 3.97
N CYS D 749 16.90 -14.90 2.68
CA CYS D 749 15.71 -14.16 2.29
C CYS D 749 14.45 -14.92 2.70
N SER D 750 14.47 -16.25 2.56
CA SER D 750 13.30 -17.05 2.92
C SER D 750 13.04 -17.02 4.41
N ASN D 751 14.10 -16.88 5.22
CA ASN D 751 13.93 -16.72 6.65
C ASN D 751 13.21 -15.43 6.99
N LEU D 752 13.54 -14.34 6.28
CA LEU D 752 12.82 -13.09 6.46
C LEU D 752 11.41 -13.18 5.87
N LEU D 753 11.22 -14.01 4.85
CA LEU D 753 9.90 -14.19 4.27
C LEU D 753 8.96 -14.91 5.22
N LEU D 754 9.49 -15.81 6.04
CA LEU D 754 8.66 -16.51 7.03
C LEU D 754 8.23 -15.58 8.16
N GLN D 755 8.90 -14.44 8.33
CA GLN D 755 8.50 -13.46 9.33
C GLN D 755 7.21 -12.74 8.97
N TYR D 756 6.82 -12.73 7.71
CA TYR D 756 5.58 -12.13 7.25
C TYR D 756 4.40 -13.07 7.35
N GLY D 757 4.62 -14.30 7.81
CA GLY D 757 3.51 -15.22 8.01
C GLY D 757 3.29 -16.09 6.79
N SER D 758 2.03 -16.19 6.37
CA SER D 758 1.64 -17.08 5.29
C SER D 758 1.21 -16.35 4.03
N PHE D 759 1.62 -15.08 3.85
CA PHE D 759 1.25 -14.31 2.66
C PHE D 759 1.79 -14.93 1.37
N CYS D 760 2.85 -15.74 1.48
CA CYS D 760 3.26 -16.55 0.34
C CYS D 760 2.17 -17.56 -0.01
N THR D 761 1.59 -18.20 1.02
CA THR D 761 0.74 -19.36 0.80
C THR D 761 -0.59 -18.99 0.14
N GLN D 762 -1.33 -18.02 0.71
CA GLN D 762 -2.69 -17.77 0.22
C GLN D 762 -2.68 -17.11 -1.16
N LEU D 763 -1.65 -16.31 -1.45
CA LEU D 763 -1.51 -15.78 -2.79
C LEU D 763 -1.23 -16.89 -3.80
N ASN D 764 -0.58 -17.97 -3.35
CA ASN D 764 -0.49 -19.16 -4.18
C ASN D 764 -1.83 -19.91 -4.20
N ARG D 765 -2.49 -19.99 -3.04
CA ARG D 765 -3.77 -20.68 -2.95
C ARG D 765 -4.85 -19.99 -3.79
N ALA D 766 -4.87 -18.65 -3.79
CA ALA D 766 -5.81 -17.93 -4.64
C ALA D 766 -5.54 -18.19 -6.11
N LEU D 767 -4.27 -18.20 -6.50
CA LEU D 767 -3.92 -18.52 -7.88
C LEU D 767 -4.15 -20.00 -8.18
N THR D 768 -4.00 -20.86 -7.17
CA THR D 768 -4.36 -22.27 -7.33
C THR D 768 -5.86 -22.41 -7.58
N GLY D 769 -6.67 -21.58 -6.90
CA GLY D 769 -8.09 -21.59 -7.14
C GLY D 769 -8.44 -21.12 -8.54
N ILE D 770 -7.59 -20.27 -9.13
CA ILE D 770 -7.79 -19.85 -10.51
C ILE D 770 -7.59 -21.03 -11.45
N ALA D 771 -6.54 -21.82 -11.23
CA ALA D 771 -6.19 -22.90 -12.14
C ALA D 771 -7.29 -23.97 -12.22
N VAL D 772 -8.07 -24.12 -11.15
CA VAL D 772 -9.15 -25.09 -11.16
C VAL D 772 -10.31 -24.59 -12.03
N GLU D 773 -10.65 -23.31 -11.92
CA GLU D 773 -11.88 -22.83 -12.55
C GLU D 773 -11.71 -22.58 -14.04
N GLN D 774 -10.49 -22.22 -14.49
CA GLN D 774 -10.24 -22.14 -15.93
C GLN D 774 -10.37 -23.50 -16.60
N ASP D 775 -10.11 -24.58 -15.87
CA ASP D 775 -10.48 -25.90 -16.33
C ASP D 775 -12.00 -26.04 -16.39
N LYS D 776 -12.71 -25.46 -15.41
CA LYS D 776 -14.16 -25.59 -15.38
C LYS D 776 -14.83 -24.78 -16.48
N ASN D 777 -14.22 -23.65 -16.88
CA ASN D 777 -14.81 -22.82 -17.93
C ASN D 777 -14.88 -23.58 -19.25
N THR D 778 -13.94 -24.50 -19.48
CA THR D 778 -14.02 -25.37 -20.64
C THR D 778 -15.19 -26.35 -20.51
N GLN D 779 -15.56 -26.69 -19.28
CA GLN D 779 -16.49 -27.80 -19.06
C GLN D 779 -17.93 -27.39 -19.40
N GLU D 780 -18.47 -26.38 -18.72
CA GLU D 780 -19.89 -26.06 -18.92
C GLU D 780 -20.14 -25.30 -20.22
N VAL D 781 -19.08 -24.92 -20.94
CA VAL D 781 -19.30 -24.34 -22.26
C VAL D 781 -19.38 -25.43 -23.33
N PHE D 782 -18.51 -26.44 -23.25
CA PHE D 782 -18.43 -27.46 -24.29
C PHE D 782 -19.09 -28.77 -23.93
N ALA D 783 -19.09 -29.17 -22.67
CA ALA D 783 -19.54 -30.52 -22.29
C ALA D 783 -20.97 -30.50 -21.77
N GLN D 784 -21.91 -30.43 -22.71
CA GLN D 784 -23.33 -30.68 -22.44
C GLN D 784 -23.88 -31.86 -23.23
N VAL D 785 -23.03 -32.68 -23.83
CA VAL D 785 -23.46 -33.89 -24.51
C VAL D 785 -22.70 -35.07 -23.92
N LYS D 786 -23.43 -36.15 -23.61
CA LYS D 786 -22.81 -37.30 -22.97
C LYS D 786 -22.12 -38.22 -23.96
N GLN D 787 -22.55 -38.22 -25.22
CA GLN D 787 -22.06 -39.17 -26.21
C GLN D 787 -21.36 -38.44 -27.36
N ILE D 788 -20.42 -39.13 -27.98
CA ILE D 788 -19.68 -38.62 -29.12
C ILE D 788 -20.48 -38.93 -30.38
N TYR D 789 -20.91 -37.90 -31.09
CA TYR D 789 -21.72 -38.06 -32.27
C TYR D 789 -20.90 -37.85 -33.53
N LYS D 790 -21.07 -38.76 -34.49
CA LYS D 790 -20.33 -38.72 -35.74
C LYS D 790 -21.29 -38.71 -36.91
N THR D 791 -20.99 -37.88 -37.90
CA THR D 791 -21.82 -37.76 -39.09
C THR D 791 -21.63 -38.97 -40.00
N PRO D 792 -22.70 -39.41 -40.67
CA PRO D 792 -22.57 -40.49 -41.64
C PRO D 792 -21.84 -40.02 -42.88
N PRO D 793 -21.25 -40.95 -43.66
CA PRO D 793 -20.58 -40.54 -44.90
C PRO D 793 -21.51 -39.92 -45.95
N ILE D 794 -22.81 -40.19 -45.88
CA ILE D 794 -23.76 -39.57 -46.79
C ILE D 794 -23.96 -38.12 -46.37
N LYS D 795 -23.79 -37.20 -47.33
CA LYS D 795 -23.88 -35.77 -47.06
C LYS D 795 -25.17 -35.16 -47.61
N ASP D 796 -26.19 -35.97 -47.84
CA ASP D 796 -27.47 -35.49 -48.35
C ASP D 796 -28.23 -34.80 -47.23
N PHE D 797 -28.08 -33.48 -47.14
CA PHE D 797 -28.74 -32.67 -46.13
C PHE D 797 -29.76 -31.71 -46.75
N GLY D 798 -30.39 -32.13 -47.84
CA GLY D 798 -31.35 -31.28 -48.52
C GLY D 798 -30.74 -30.14 -49.30
N GLY D 799 -29.46 -30.26 -49.67
CA GLY D 799 -28.77 -29.21 -50.40
C GLY D 799 -27.88 -28.33 -49.54
N PHE D 800 -27.91 -28.50 -48.22
CA PHE D 800 -27.09 -27.70 -47.34
C PHE D 800 -25.68 -28.28 -47.27
N ASN D 801 -24.68 -27.43 -47.48
CA ASN D 801 -23.27 -27.85 -47.49
C ASN D 801 -22.68 -27.55 -46.12
N PHE D 802 -21.98 -28.54 -45.56
CA PHE D 802 -21.35 -28.41 -44.26
C PHE D 802 -19.91 -28.89 -44.22
N SER D 803 -19.26 -28.98 -45.38
CA SER D 803 -17.86 -29.39 -45.42
C SER D 803 -16.93 -28.37 -44.78
N GLN D 804 -17.36 -27.10 -44.71
CA GLN D 804 -16.54 -26.05 -44.12
C GLN D 804 -16.64 -26.00 -42.60
N ILE D 805 -17.63 -26.65 -42.00
CA ILE D 805 -17.73 -26.70 -40.55
C ILE D 805 -17.58 -28.12 -40.00
N LEU D 806 -17.81 -29.16 -40.79
CA LEU D 806 -17.48 -30.51 -40.38
C LEU D 806 -15.96 -30.68 -40.36
N PRO D 807 -15.41 -31.25 -39.29
CA PRO D 807 -13.95 -31.47 -39.22
C PRO D 807 -13.47 -32.39 -40.35
N ASP D 808 -12.31 -32.04 -40.89
CA ASP D 808 -11.77 -32.73 -42.06
C ASP D 808 -11.08 -34.02 -41.62
N PRO D 809 -11.51 -35.19 -42.11
CA PRO D 809 -10.79 -36.43 -41.76
C PRO D 809 -9.37 -36.49 -42.29
N SER D 810 -9.08 -35.78 -43.39
CA SER D 810 -7.74 -35.85 -43.97
C SER D 810 -6.73 -35.11 -43.11
N LYS D 811 -7.15 -34.05 -42.43
CA LYS D 811 -6.24 -33.31 -41.58
C LYS D 811 -5.89 -34.13 -40.33
N PRO D 812 -4.64 -34.08 -39.87
CA PRO D 812 -4.30 -34.78 -38.61
C PRO D 812 -5.06 -34.25 -37.41
N SER D 813 -5.32 -32.94 -37.36
CA SER D 813 -6.16 -32.36 -36.32
C SER D 813 -7.60 -32.37 -36.83
N LYS D 814 -8.52 -32.89 -36.02
CA LYS D 814 -9.91 -33.03 -36.42
C LYS D 814 -10.61 -31.68 -36.31
N ARG D 815 -10.23 -30.75 -37.19
CA ARG D 815 -10.79 -29.41 -37.24
C ARG D 815 -11.18 -29.10 -38.69
N SER D 816 -12.16 -28.22 -38.83
CA SER D 816 -12.65 -27.86 -40.15
C SER D 816 -11.82 -26.73 -40.74
N PHE D 817 -12.26 -26.25 -41.90
CA PHE D 817 -11.56 -25.15 -42.57
C PHE D 817 -11.74 -23.84 -41.78
N ILE D 818 -12.93 -23.64 -41.22
CA ILE D 818 -13.18 -22.44 -40.42
C ILE D 818 -12.41 -22.50 -39.11
N GLU D 819 -12.33 -23.70 -38.51
CA GLU D 819 -11.63 -23.86 -37.25
C GLU D 819 -10.14 -23.58 -37.39
N ASP D 820 -9.56 -23.96 -38.53
CA ASP D 820 -8.15 -23.67 -38.77
C ASP D 820 -7.92 -22.17 -38.94
N LEU D 821 -8.89 -21.47 -39.56
CA LEU D 821 -8.77 -20.03 -39.72
C LEU D 821 -8.84 -19.31 -38.37
N LEU D 822 -9.65 -19.82 -37.45
CA LEU D 822 -9.79 -19.19 -36.14
C LEU D 822 -8.50 -19.31 -35.33
N PHE D 823 -7.82 -20.44 -35.42
CA PHE D 823 -6.60 -20.64 -34.65
C PHE D 823 -5.43 -19.86 -35.25
N ASN D 824 -5.43 -19.66 -36.56
CA ASN D 824 -4.31 -19.03 -37.24
C ASN D 824 -4.31 -17.50 -37.12
N LYS D 825 -5.43 -16.90 -36.70
CA LYS D 825 -5.51 -15.45 -36.56
C LYS D 825 -5.31 -14.99 -35.12
N VAL D 826 -4.94 -15.89 -34.22
CA VAL D 826 -4.74 -15.57 -32.81
C VAL D 826 -3.30 -15.91 -32.45
N THR D 827 -2.58 -14.95 -31.90
CA THR D 827 -1.20 -15.16 -31.48
C THR D 827 -1.14 -15.63 -30.03
N LYS D 854 9.68 -16.60 -16.84
CA LYS D 854 10.09 -17.89 -17.40
C LYS D 854 10.85 -18.70 -16.35
N PHE D 855 12.03 -18.19 -15.97
CA PHE D 855 12.83 -18.81 -14.93
C PHE D 855 12.62 -18.15 -13.57
N ASN D 856 11.68 -17.20 -13.49
CA ASN D 856 11.36 -16.52 -12.24
C ASN D 856 10.09 -17.05 -11.59
N GLY D 857 9.80 -18.34 -11.75
CA GLY D 857 8.59 -18.92 -11.24
C GLY D 857 7.38 -18.80 -12.12
N LEU D 858 7.54 -18.27 -13.33
CA LEU D 858 6.44 -18.12 -14.28
C LEU D 858 6.35 -19.42 -15.07
N THR D 859 5.42 -20.29 -14.67
CA THR D 859 5.16 -21.53 -15.38
C THR D 859 3.70 -21.55 -15.81
N VAL D 860 3.44 -22.19 -16.94
CA VAL D 860 2.10 -22.24 -17.52
C VAL D 860 1.61 -23.67 -17.45
N LEU D 861 0.51 -23.86 -16.75
CA LEU D 861 -0.08 -25.18 -16.66
C LEU D 861 -0.91 -25.47 -17.91
N PRO D 862 -0.75 -26.65 -18.50
CA PRO D 862 -1.56 -27.02 -19.67
C PRO D 862 -3.00 -27.27 -19.25
N PRO D 863 -3.96 -26.95 -20.12
CA PRO D 863 -5.36 -27.26 -19.81
C PRO D 863 -5.62 -28.75 -19.86
N LEU D 864 -6.63 -29.19 -19.11
CA LEU D 864 -7.06 -30.58 -19.16
C LEU D 864 -7.60 -30.94 -20.53
N LEU D 865 -8.38 -30.05 -21.14
CA LEU D 865 -8.94 -30.28 -22.46
C LEU D 865 -8.10 -29.50 -23.47
N THR D 866 -7.32 -30.21 -24.27
CA THR D 866 -6.50 -29.55 -25.28
C THR D 866 -7.34 -29.24 -26.52
N ASP D 867 -6.65 -28.84 -27.58
CA ASP D 867 -7.34 -28.44 -28.81
C ASP D 867 -8.01 -29.62 -29.51
N GLU D 868 -7.47 -30.83 -29.30
CA GLU D 868 -8.01 -32.00 -30.01
C GLU D 868 -9.36 -32.42 -29.45
N MET D 869 -9.49 -32.47 -28.13
CA MET D 869 -10.73 -32.98 -27.54
C MET D 869 -11.86 -31.95 -27.62
N ILE D 870 -11.54 -30.66 -27.54
CA ILE D 870 -12.58 -29.65 -27.68
C ILE D 870 -13.10 -29.60 -29.10
N ALA D 871 -12.25 -29.96 -30.07
CA ALA D 871 -12.71 -30.12 -31.44
C ALA D 871 -13.65 -31.31 -31.56
N GLN D 872 -13.37 -32.38 -30.82
CA GLN D 872 -14.28 -33.52 -30.79
C GLN D 872 -15.59 -33.16 -30.11
N TYR D 873 -15.53 -32.33 -29.08
CA TYR D 873 -16.76 -31.87 -28.42
C TYR D 873 -17.61 -31.03 -29.36
N THR D 874 -16.99 -30.11 -30.10
CA THR D 874 -17.72 -29.31 -31.07
C THR D 874 -18.22 -30.15 -32.24
N SER D 875 -17.47 -31.18 -32.61
CA SER D 875 -17.90 -32.09 -33.67
C SER D 875 -19.16 -32.85 -33.26
N ALA D 876 -19.23 -33.26 -31.99
CA ALA D 876 -20.41 -33.98 -31.51
C ALA D 876 -21.62 -33.06 -31.43
N LEU D 877 -21.40 -31.78 -31.08
CA LEU D 877 -22.51 -30.84 -31.00
C LEU D 877 -23.07 -30.53 -32.38
N LEU D 878 -22.22 -30.36 -33.38
CA LEU D 878 -22.70 -30.04 -34.72
C LEU D 878 -23.35 -31.26 -35.37
N ALA D 879 -22.84 -32.46 -35.06
CA ALA D 879 -23.42 -33.67 -35.62
C ALA D 879 -24.82 -33.92 -35.08
N GLY D 880 -25.02 -33.73 -33.78
CA GLY D 880 -26.35 -33.89 -33.21
C GLY D 880 -27.29 -32.78 -33.64
N THR D 881 -26.75 -31.61 -33.96
CA THR D 881 -27.58 -30.50 -34.41
C THR D 881 -28.17 -30.76 -35.78
N ILE D 882 -27.36 -31.28 -36.71
CA ILE D 882 -27.83 -31.44 -38.08
C ILE D 882 -28.61 -32.74 -38.25
N THR D 883 -28.37 -33.71 -37.37
CA THR D 883 -29.00 -35.02 -37.52
C THR D 883 -30.10 -35.30 -36.49
N SER D 884 -30.19 -34.50 -35.43
CA SER D 884 -31.20 -34.75 -34.40
C SER D 884 -31.90 -33.48 -33.92
N GLY D 885 -31.50 -32.30 -34.40
CA GLY D 885 -32.17 -31.07 -33.99
C GLY D 885 -31.89 -30.75 -32.53
N TRP D 886 -32.97 -30.48 -31.79
CA TRP D 886 -32.87 -30.20 -30.36
C TRP D 886 -33.14 -31.43 -29.51
N THR D 887 -33.36 -32.60 -30.11
CA THR D 887 -33.69 -33.79 -29.35
C THR D 887 -32.50 -34.36 -28.59
N PHE D 888 -31.28 -34.22 -29.12
CA PHE D 888 -30.12 -34.78 -28.44
C PHE D 888 -29.73 -33.97 -27.20
N GLY D 889 -30.14 -32.71 -27.12
CA GLY D 889 -29.90 -31.92 -25.93
C GLY D 889 -30.86 -32.27 -24.82
N ALA D 890 -32.15 -32.40 -25.17
CA ALA D 890 -33.16 -32.75 -24.16
C ALA D 890 -33.07 -34.22 -23.78
N GLY D 891 -32.57 -35.06 -24.69
CA GLY D 891 -32.51 -36.49 -24.42
C GLY D 891 -31.74 -37.26 -25.48
N ALA D 892 -32.28 -38.40 -25.89
CA ALA D 892 -31.63 -39.21 -26.91
C ALA D 892 -31.70 -38.52 -28.27
N ALA D 893 -30.68 -38.76 -29.09
CA ALA D 893 -30.61 -38.19 -30.43
C ALA D 893 -31.64 -38.89 -31.32
N LEU D 894 -32.62 -38.14 -31.79
CA LEU D 894 -33.69 -38.67 -32.61
C LEU D 894 -33.43 -38.28 -34.04
N GLN D 895 -33.24 -39.27 -34.92
CA GLN D 895 -32.81 -38.99 -36.28
C GLN D 895 -33.90 -38.25 -37.07
N ILE D 896 -33.47 -37.26 -37.84
CA ILE D 896 -34.35 -36.39 -38.59
C ILE D 896 -33.62 -35.99 -39.88
N PRO D 897 -34.29 -36.01 -41.03
CA PRO D 897 -33.68 -35.42 -42.23
C PRO D 897 -33.52 -33.92 -42.04
N PHE D 898 -32.46 -33.38 -42.65
CA PHE D 898 -32.13 -31.98 -42.41
C PHE D 898 -33.16 -31.05 -43.03
N ALA D 899 -33.74 -31.45 -44.17
CA ALA D 899 -34.83 -30.67 -44.75
C ALA D 899 -36.08 -30.74 -43.87
N MET D 900 -36.27 -31.86 -43.17
CA MET D 900 -37.41 -31.96 -42.26
C MET D 900 -37.21 -31.11 -41.03
N GLN D 901 -35.94 -30.95 -40.61
CA GLN D 901 -35.64 -30.16 -39.41
C GLN D 901 -35.90 -28.68 -39.65
N MET D 902 -35.70 -28.21 -40.89
CA MET D 902 -35.78 -26.78 -41.16
C MET D 902 -37.22 -26.29 -41.07
N ALA D 903 -38.18 -27.15 -41.40
CA ALA D 903 -39.59 -26.77 -41.27
C ALA D 903 -39.98 -26.60 -39.82
N TYR D 904 -39.36 -27.36 -38.92
CA TYR D 904 -39.57 -27.16 -37.49
C TYR D 904 -39.01 -25.81 -37.05
N ARG D 905 -37.84 -25.45 -37.57
CA ARG D 905 -37.23 -24.17 -37.20
C ARG D 905 -38.00 -23.00 -37.77
N PHE D 906 -38.54 -23.15 -38.98
CA PHE D 906 -39.35 -22.10 -39.58
C PHE D 906 -40.68 -21.96 -38.84
N ASN D 907 -41.21 -23.06 -38.31
CA ASN D 907 -42.44 -22.99 -37.54
C ASN D 907 -42.26 -22.27 -36.22
N GLY D 908 -41.03 -22.28 -35.68
CA GLY D 908 -40.76 -21.62 -34.41
C GLY D 908 -40.76 -20.11 -34.47
N ILE D 909 -40.65 -19.52 -35.66
CA ILE D 909 -40.66 -18.08 -35.82
C ILE D 909 -41.94 -17.60 -36.52
N GLY D 910 -42.98 -18.42 -36.54
CA GLY D 910 -44.24 -18.02 -37.13
C GLY D 910 -44.31 -18.08 -38.63
N VAL D 911 -43.54 -18.95 -39.27
CA VAL D 911 -43.52 -19.09 -40.72
C VAL D 911 -44.14 -20.44 -41.07
N THR D 912 -45.05 -20.43 -42.04
CA THR D 912 -45.77 -21.64 -42.43
C THR D 912 -44.82 -22.64 -43.07
N GLN D 913 -45.20 -23.93 -43.02
CA GLN D 913 -44.36 -25.02 -43.50
C GLN D 913 -44.01 -24.88 -44.98
N ASN D 914 -44.94 -24.35 -45.78
CA ASN D 914 -44.78 -24.36 -47.24
C ASN D 914 -43.75 -23.37 -47.74
N VAL D 915 -43.32 -22.42 -46.91
CA VAL D 915 -42.34 -21.43 -47.34
C VAL D 915 -40.99 -22.10 -47.58
N LEU D 916 -40.60 -23.02 -46.71
CA LEU D 916 -39.34 -23.74 -46.86
C LEU D 916 -39.33 -24.61 -48.10
N TYR D 917 -40.40 -25.39 -48.30
CA TYR D 917 -40.38 -26.42 -49.33
C TYR D 917 -40.49 -25.83 -50.72
N GLU D 918 -41.20 -24.71 -50.86
CA GLU D 918 -41.31 -24.07 -52.16
C GLU D 918 -40.03 -23.33 -52.53
N ASN D 919 -39.17 -23.05 -51.54
CA ASN D 919 -37.92 -22.35 -51.78
C ASN D 919 -36.73 -23.08 -51.17
N GLN D 920 -36.71 -24.42 -51.25
CA GLN D 920 -35.64 -25.20 -50.65
C GLN D 920 -34.30 -24.95 -51.34
N LYS D 921 -34.32 -24.83 -52.67
CA LYS D 921 -33.08 -24.55 -53.40
C LYS D 921 -32.59 -23.13 -53.14
N LEU D 922 -33.53 -22.19 -52.94
CA LEU D 922 -33.16 -20.81 -52.67
C LEU D 922 -32.49 -20.67 -51.30
N ILE D 923 -33.03 -21.35 -50.30
CA ILE D 923 -32.44 -21.28 -48.95
C ILE D 923 -31.09 -21.99 -48.92
N ALA D 924 -30.99 -23.13 -49.63
CA ALA D 924 -29.73 -23.86 -49.68
C ALA D 924 -28.64 -23.06 -50.38
N ASN D 925 -29.00 -22.37 -51.46
CA ASN D 925 -28.01 -21.58 -52.19
C ASN D 925 -27.58 -20.35 -51.40
N GLN D 926 -28.52 -19.69 -50.72
CA GLN D 926 -28.19 -18.50 -49.96
C GLN D 926 -27.36 -18.84 -48.72
N PHE D 927 -27.61 -20.00 -48.12
CA PHE D 927 -26.82 -20.41 -46.96
C PHE D 927 -25.38 -20.73 -47.36
N ASN D 928 -25.21 -21.41 -48.49
CA ASN D 928 -23.87 -21.78 -48.94
C ASN D 928 -23.08 -20.55 -49.38
N SER D 929 -23.78 -19.54 -49.90
CA SER D 929 -23.12 -18.27 -50.18
C SER D 929 -22.79 -17.52 -48.89
N ALA D 930 -23.63 -17.69 -47.86
CA ALA D 930 -23.40 -16.99 -46.61
C ALA D 930 -22.18 -17.52 -45.87
N ILE D 931 -22.00 -18.85 -45.86
CA ILE D 931 -20.84 -19.42 -45.18
C ILE D 931 -19.56 -19.15 -45.97
N GLY D 932 -19.68 -18.93 -47.28
CA GLY D 932 -18.53 -18.50 -48.05
C GLY D 932 -18.06 -17.11 -47.67
N LYS D 933 -19.01 -16.21 -47.37
CA LYS D 933 -18.65 -14.88 -46.90
C LYS D 933 -18.05 -14.92 -45.51
N ILE D 934 -18.41 -15.92 -44.70
CA ILE D 934 -17.79 -16.10 -43.40
C ILE D 934 -16.32 -16.45 -43.57
N GLN D 935 -16.01 -17.34 -44.50
CA GLN D 935 -14.62 -17.71 -44.77
C GLN D 935 -13.82 -16.51 -45.31
N ASP D 936 -14.48 -15.68 -46.13
CA ASP D 936 -13.79 -14.50 -46.67
C ASP D 936 -13.58 -13.45 -45.58
N SER D 937 -14.50 -13.35 -44.63
CA SER D 937 -14.42 -12.32 -43.60
C SER D 937 -13.28 -12.61 -42.61
N LEU D 938 -13.18 -13.86 -42.16
CA LEU D 938 -12.17 -14.20 -41.15
C LEU D 938 -10.78 -14.26 -41.75
N SER D 939 -10.67 -14.67 -43.02
CA SER D 939 -9.35 -14.79 -43.64
C SER D 939 -8.77 -13.42 -44.00
N SER D 940 -9.64 -12.46 -44.32
CA SER D 940 -9.17 -11.15 -44.76
C SER D 940 -8.54 -10.36 -43.62
N THR D 941 -9.22 -10.32 -42.46
CA THR D 941 -8.78 -9.51 -41.34
C THR D 941 -8.76 -10.35 -40.07
N ALA D 942 -7.85 -10.00 -39.16
CA ALA D 942 -7.76 -10.63 -37.86
C ALA D 942 -8.46 -9.82 -36.76
N SER D 943 -9.06 -8.68 -37.11
CA SER D 943 -9.72 -7.86 -36.10
C SER D 943 -11.06 -8.44 -35.66
N ALA D 944 -11.60 -9.41 -36.42
CA ALA D 944 -12.85 -10.05 -36.01
C ALA D 944 -12.66 -10.90 -34.76
N LEU D 945 -11.46 -11.41 -34.54
CA LEU D 945 -11.14 -12.20 -33.36
C LEU D 945 -10.45 -11.34 -32.29
N GLY D 946 -10.82 -10.06 -32.22
CA GLY D 946 -10.20 -9.18 -31.24
C GLY D 946 -10.64 -9.44 -29.82
N LYS D 947 -11.77 -10.13 -29.64
CA LYS D 947 -12.25 -10.42 -28.30
C LYS D 947 -11.45 -11.53 -27.64
N LEU D 948 -10.67 -12.27 -28.42
CA LEU D 948 -9.73 -13.25 -27.85
C LEU D 948 -8.30 -12.77 -27.90
N GLN D 949 -7.96 -11.89 -28.85
CA GLN D 949 -6.61 -11.36 -28.94
C GLN D 949 -6.27 -10.49 -27.74
N ASP D 950 -7.22 -9.67 -27.28
CA ASP D 950 -6.97 -8.80 -26.13
C ASP D 950 -6.82 -9.60 -24.84
N VAL D 951 -7.55 -10.72 -24.73
CA VAL D 951 -7.43 -11.59 -23.57
C VAL D 951 -6.04 -12.18 -23.48
N VAL D 952 -5.48 -12.61 -24.61
CA VAL D 952 -4.09 -13.07 -24.66
C VAL D 952 -3.15 -11.90 -24.37
N ASN D 953 -3.49 -10.70 -24.86
CA ASN D 953 -2.63 -9.54 -24.68
C ASN D 953 -2.56 -9.10 -23.23
N GLN D 954 -3.71 -8.95 -22.57
CA GLN D 954 -3.70 -8.45 -21.20
C GLN D 954 -3.09 -9.47 -20.24
N ASN D 955 -3.10 -10.76 -20.60
CA ASN D 955 -2.35 -11.74 -19.84
C ASN D 955 -0.86 -11.55 -20.04
N ALA D 956 -0.44 -11.12 -21.24
CA ALA D 956 0.97 -10.91 -21.51
C ALA D 956 1.53 -9.69 -20.78
N GLN D 957 0.79 -8.57 -20.80
CA GLN D 957 1.24 -7.38 -20.10
C GLN D 957 1.21 -7.56 -18.59
N ALA D 958 0.30 -8.40 -18.10
CA ALA D 958 0.28 -8.71 -16.67
C ALA D 958 1.52 -9.47 -16.25
N LEU D 959 1.94 -10.44 -17.05
CA LEU D 959 3.15 -11.20 -16.75
C LEU D 959 4.41 -10.38 -17.01
N ASN D 960 4.41 -9.55 -18.05
CA ASN D 960 5.58 -8.72 -18.34
C ASN D 960 5.77 -7.65 -17.28
N THR D 961 4.68 -7.20 -16.65
CA THR D 961 4.78 -6.27 -15.53
C THR D 961 5.49 -6.91 -14.35
N LEU D 962 5.13 -8.15 -14.02
CA LEU D 962 5.70 -8.82 -12.86
C LEU D 962 7.17 -9.14 -13.06
N VAL D 963 7.58 -9.38 -14.31
CA VAL D 963 8.98 -9.60 -14.60
C VAL D 963 9.78 -8.31 -14.45
N LYS D 964 9.24 -7.20 -14.96
CA LYS D 964 9.98 -5.94 -14.96
C LYS D 964 10.10 -5.34 -13.57
N GLN D 965 9.26 -5.78 -12.63
CA GLN D 965 9.34 -5.25 -11.27
C GLN D 965 10.55 -5.79 -10.51
N LEU D 966 11.20 -6.85 -11.03
CA LEU D 966 12.41 -7.36 -10.40
C LEU D 966 13.57 -6.37 -10.50
N SER D 967 13.58 -5.51 -11.51
CA SER D 967 14.61 -4.50 -11.65
C SER D 967 14.44 -3.33 -10.69
N SER D 968 13.30 -3.26 -10.00
CA SER D 968 13.04 -2.16 -9.09
C SER D 968 13.73 -2.38 -7.75
N ASN D 969 14.37 -1.33 -7.24
CA ASN D 969 15.08 -1.41 -5.98
C ASN D 969 14.15 -1.44 -4.77
N PHE D 970 12.99 -0.79 -4.86
CA PHE D 970 12.04 -0.63 -3.76
C PHE D 970 12.68 -0.01 -2.52
N GLY D 971 13.58 0.97 -2.74
CA GLY D 971 14.28 1.63 -1.66
C GLY D 971 15.61 1.01 -1.30
N ALA D 972 15.92 -0.18 -1.81
CA ALA D 972 17.18 -0.83 -1.51
C ALA D 972 18.30 -0.24 -2.37
N ILE D 973 19.53 -0.59 -2.01
CA ILE D 973 20.69 -0.10 -2.75
C ILE D 973 20.84 -0.84 -4.08
N SER D 974 20.27 -2.04 -4.19
CA SER D 974 20.34 -2.81 -5.42
C SER D 974 19.14 -3.73 -5.51
N SER D 975 18.66 -3.97 -6.74
CA SER D 975 17.53 -4.85 -6.96
C SER D 975 17.94 -6.31 -7.14
N VAL D 976 19.23 -6.59 -7.23
CA VAL D 976 19.73 -7.95 -7.40
C VAL D 976 19.80 -8.61 -6.04
N LEU D 977 19.17 -9.79 -5.91
CA LEU D 977 19.14 -10.49 -4.64
C LEU D 977 20.52 -11.01 -4.25
N ASN D 978 21.26 -11.56 -5.22
CA ASN D 978 22.58 -12.12 -4.92
C ASN D 978 23.61 -11.04 -4.63
N ASP D 979 23.39 -9.82 -5.14
CA ASP D 979 24.31 -8.72 -4.88
C ASP D 979 24.29 -8.28 -3.41
N ILE D 980 23.12 -8.29 -2.78
CA ILE D 980 23.01 -7.82 -1.41
C ILE D 980 23.67 -8.81 -0.45
N LEU D 981 23.49 -10.11 -0.70
CA LEU D 981 24.01 -11.13 0.20
C LEU D 981 25.54 -11.18 0.20
N SER D 982 26.16 -11.03 -0.97
CA SER D 982 27.61 -11.13 -1.09
C SER D 982 28.34 -9.86 -0.70
N ARG D 983 27.61 -8.79 -0.37
CA ARG D 983 28.19 -7.48 -0.13
C ARG D 983 27.92 -6.94 1.27
N LEU D 984 26.86 -7.42 1.93
CA LEU D 984 26.45 -6.90 3.23
C LEU D 984 26.42 -8.03 4.26
N ASP D 985 26.68 -7.68 5.50
CA ASP D 985 26.50 -8.63 6.60
C ASP D 985 25.01 -8.80 6.91
N PRO D 986 24.62 -9.94 7.46
CA PRO D 986 23.20 -10.16 7.85
C PRO D 986 22.67 -9.14 8.85
N PRO D 987 23.48 -8.55 9.76
CA PRO D 987 22.96 -7.37 10.49
C PRO D 987 22.64 -6.18 9.60
N GLU D 988 23.24 -6.07 8.41
CA GLU D 988 22.95 -4.96 7.50
C GLU D 988 22.21 -5.38 6.24
N ALA D 989 22.34 -6.65 5.82
CA ALA D 989 21.65 -7.08 4.61
C ALA D 989 20.15 -7.20 4.83
N GLU D 990 19.74 -7.60 6.04
CA GLU D 990 18.33 -7.84 6.32
C GLU D 990 17.50 -6.58 6.24
N VAL D 991 18.11 -5.41 6.48
CA VAL D 991 17.42 -4.15 6.25
C VAL D 991 17.15 -3.95 4.77
N GLN D 992 18.15 -4.23 3.93
CA GLN D 992 18.00 -4.05 2.49
C GLN D 992 17.05 -5.08 1.89
N ILE D 993 17.09 -6.32 2.38
CA ILE D 993 16.18 -7.35 1.90
C ILE D 993 14.74 -7.03 2.32
N ASP D 994 14.56 -6.42 3.49
CA ASP D 994 13.22 -6.08 3.97
C ASP D 994 12.55 -5.08 3.02
N ARG D 995 13.32 -4.11 2.51
CA ARG D 995 12.81 -3.22 1.48
C ARG D 995 12.51 -3.99 0.20
N LEU D 996 13.34 -4.99 -0.11
CA LEU D 996 13.17 -5.76 -1.35
C LEU D 996 11.96 -6.68 -1.27
N ILE D 997 11.74 -7.34 -0.12
CA ILE D 997 10.63 -8.28 -0.02
C ILE D 997 9.31 -7.52 0.12
N THR D 998 9.37 -6.26 0.57
CA THR D 998 8.15 -5.47 0.70
C THR D 998 7.56 -5.15 -0.66
N GLY D 999 8.41 -4.68 -1.59
CA GLY D 999 7.92 -4.36 -2.92
C GLY D 999 7.52 -5.59 -3.72
N ARG D 1000 8.30 -6.68 -3.60
CA ARG D 1000 8.03 -7.87 -4.41
C ARG D 1000 6.79 -8.60 -3.93
N LEU D 1001 6.57 -8.71 -2.62
CA LEU D 1001 5.34 -9.32 -2.13
C LEU D 1001 4.12 -8.45 -2.46
N GLN D 1002 4.29 -7.12 -2.39
CA GLN D 1002 3.21 -6.23 -2.77
C GLN D 1002 2.94 -6.32 -4.27
N SER D 1003 3.98 -6.53 -5.07
CA SER D 1003 3.80 -6.74 -6.50
C SER D 1003 3.00 -8.02 -6.77
N LEU D 1004 3.33 -9.10 -6.04
CA LEU D 1004 2.48 -10.28 -6.07
C LEU D 1004 1.10 -9.99 -5.51
N GLN D 1005 1.04 -9.18 -4.44
CA GLN D 1005 -0.25 -8.72 -3.94
C GLN D 1005 -0.98 -7.88 -4.98
N THR D 1006 -0.25 -7.05 -5.72
CA THR D 1006 -0.86 -6.26 -6.78
C THR D 1006 -1.31 -7.16 -7.94
N TYR D 1007 -0.42 -8.03 -8.42
CA TYR D 1007 -0.66 -8.77 -9.66
C TYR D 1007 -1.84 -9.72 -9.54
N VAL D 1008 -1.99 -10.35 -8.37
CA VAL D 1008 -3.03 -11.36 -8.20
C VAL D 1008 -4.42 -10.70 -8.20
N THR D 1009 -4.49 -9.42 -7.81
CA THR D 1009 -5.78 -8.74 -7.71
C THR D 1009 -6.49 -8.60 -9.06
N GLN D 1010 -5.75 -8.22 -10.12
CA GLN D 1010 -6.44 -8.14 -11.41
C GLN D 1010 -6.64 -9.52 -12.01
N GLN D 1011 -5.90 -10.53 -11.54
CA GLN D 1011 -6.11 -11.90 -12.02
C GLN D 1011 -7.48 -12.43 -11.59
N LEU D 1012 -7.90 -12.13 -10.36
CA LEU D 1012 -9.20 -12.56 -9.88
C LEU D 1012 -10.35 -11.86 -10.60
N ILE D 1013 -10.22 -10.55 -10.85
CA ILE D 1013 -11.33 -9.84 -11.49
C ILE D 1013 -11.34 -10.12 -12.99
N ARG D 1014 -10.18 -10.49 -13.55
CA ARG D 1014 -10.17 -10.98 -14.94
C ARG D 1014 -10.74 -12.38 -15.02
N ALA D 1015 -10.53 -13.18 -13.97
CA ALA D 1015 -11.21 -14.47 -13.87
C ALA D 1015 -12.70 -14.28 -13.70
N ALA D 1016 -13.11 -13.18 -13.06
CA ALA D 1016 -14.53 -12.85 -12.97
C ALA D 1016 -15.10 -12.52 -14.34
N GLU D 1017 -14.30 -11.84 -15.18
CA GLU D 1017 -14.79 -11.48 -16.50
C GLU D 1017 -14.83 -12.69 -17.43
N ILE D 1018 -13.86 -13.58 -17.30
CA ILE D 1018 -13.78 -14.71 -18.22
C ILE D 1018 -14.79 -15.79 -17.84
N ARG D 1019 -15.15 -15.87 -16.55
CA ARG D 1019 -16.17 -16.83 -16.13
C ARG D 1019 -17.56 -16.34 -16.50
N ALA D 1020 -17.80 -15.03 -16.36
CA ALA D 1020 -19.08 -14.46 -16.76
C ALA D 1020 -19.30 -14.56 -18.25
N SER D 1021 -18.22 -14.38 -19.04
CA SER D 1021 -18.29 -14.65 -20.47
C SER D 1021 -18.55 -16.13 -20.73
N ALA D 1022 -17.88 -17.00 -19.96
CA ALA D 1022 -18.11 -18.44 -20.09
C ALA D 1022 -19.51 -18.81 -19.64
N ASN D 1023 -20.01 -18.17 -18.56
CA ASN D 1023 -21.38 -18.40 -18.13
C ASN D 1023 -22.37 -17.92 -19.17
N LEU D 1024 -22.07 -16.77 -19.81
CA LEU D 1024 -22.91 -16.30 -20.90
C LEU D 1024 -22.85 -17.26 -22.08
N ALA D 1025 -21.66 -17.76 -22.41
CA ALA D 1025 -21.51 -18.70 -23.51
C ALA D 1025 -22.17 -20.04 -23.18
N ALA D 1026 -22.18 -20.42 -21.90
CA ALA D 1026 -22.85 -21.64 -21.49
C ALA D 1026 -24.36 -21.53 -21.67
N THR D 1027 -24.93 -20.37 -21.32
CA THR D 1027 -26.37 -20.17 -21.50
C THR D 1027 -26.72 -20.01 -22.98
N LYS D 1028 -25.76 -19.54 -23.78
CA LYS D 1028 -25.98 -19.45 -25.22
C LYS D 1028 -26.18 -20.82 -25.84
N MET D 1029 -25.14 -21.68 -25.79
CA MET D 1029 -25.18 -22.94 -26.51
C MET D 1029 -26.22 -23.89 -25.93
N SER D 1030 -26.60 -23.70 -24.67
CA SER D 1030 -27.69 -24.47 -24.08
C SER D 1030 -29.02 -24.13 -24.73
N GLU D 1031 -29.20 -22.87 -25.13
CA GLU D 1031 -30.45 -22.42 -25.73
C GLU D 1031 -30.36 -22.17 -27.22
N CYS D 1032 -29.19 -21.80 -27.74
CA CYS D 1032 -29.04 -21.35 -29.11
C CYS D 1032 -28.44 -22.44 -30.01
N VAL D 1033 -27.67 -23.35 -29.42
CA VAL D 1033 -27.16 -24.52 -30.13
C VAL D 1033 -28.01 -25.75 -29.86
N LEU D 1034 -28.30 -26.02 -28.59
CA LEU D 1034 -29.10 -27.17 -28.20
C LEU D 1034 -30.60 -26.99 -28.44
N GLY D 1035 -31.01 -25.81 -28.87
CA GLY D 1035 -32.40 -25.57 -29.17
C GLY D 1035 -32.57 -24.34 -30.04
N GLN D 1036 -33.82 -23.96 -30.24
CA GLN D 1036 -34.17 -22.78 -31.04
C GLN D 1036 -34.68 -21.70 -30.09
N SER D 1037 -33.81 -20.76 -29.75
CA SER D 1037 -34.17 -19.68 -28.85
C SER D 1037 -35.10 -18.69 -29.54
N LYS D 1038 -36.08 -18.19 -28.79
CA LYS D 1038 -36.99 -17.17 -29.27
C LYS D 1038 -36.59 -15.78 -28.79
N ARG D 1039 -35.37 -15.63 -28.27
CA ARG D 1039 -34.93 -14.37 -27.69
C ARG D 1039 -34.40 -13.45 -28.78
N VAL D 1040 -34.79 -12.17 -28.71
CA VAL D 1040 -34.44 -11.20 -29.74
C VAL D 1040 -32.99 -10.76 -29.55
N ASP D 1041 -32.20 -10.84 -30.63
CA ASP D 1041 -30.80 -10.43 -30.72
C ASP D 1041 -29.89 -11.20 -29.76
N PHE D 1042 -30.36 -12.33 -29.23
CA PHE D 1042 -29.49 -13.17 -28.42
C PHE D 1042 -28.51 -13.94 -29.29
N CYS D 1043 -28.91 -14.22 -30.54
CA CYS D 1043 -28.08 -14.96 -31.50
C CYS D 1043 -28.08 -14.17 -32.80
N GLY D 1044 -27.81 -12.88 -32.71
CA GLY D 1044 -27.70 -12.02 -33.88
C GLY D 1044 -29.01 -11.37 -34.25
N LYS D 1045 -28.91 -10.40 -35.16
CA LYS D 1045 -30.08 -9.65 -35.59
C LYS D 1045 -30.98 -10.51 -36.47
N GLY D 1046 -32.29 -10.24 -36.40
CA GLY D 1046 -33.26 -10.98 -37.18
C GLY D 1046 -33.99 -12.02 -36.36
N TYR D 1047 -34.60 -12.99 -37.03
CA TYR D 1047 -35.30 -14.09 -36.37
C TYR D 1047 -34.36 -15.29 -36.30
N HIS D 1048 -34.03 -15.69 -35.08
CA HIS D 1048 -33.07 -16.77 -34.89
C HIS D 1048 -33.65 -18.11 -35.30
N LEU D 1049 -32.84 -18.92 -35.99
CA LEU D 1049 -33.23 -20.26 -36.38
C LEU D 1049 -32.36 -21.32 -35.73
N MET D 1050 -31.05 -21.28 -35.93
CA MET D 1050 -30.14 -22.23 -35.31
C MET D 1050 -28.73 -21.65 -35.38
N SER D 1051 -27.80 -22.31 -34.70
CA SER D 1051 -26.41 -21.89 -34.68
C SER D 1051 -25.51 -23.11 -34.59
N PHE D 1052 -24.26 -22.93 -35.05
CA PHE D 1052 -23.28 -24.00 -35.05
C PHE D 1052 -22.05 -23.54 -34.28
N PRO D 1053 -21.67 -24.23 -33.21
CA PRO D 1053 -20.50 -23.82 -32.43
C PRO D 1053 -19.21 -24.22 -33.12
N GLN D 1054 -18.19 -23.38 -32.92
CA GLN D 1054 -16.85 -23.64 -33.47
C GLN D 1054 -15.81 -23.40 -32.39
N SER D 1055 -14.80 -24.24 -32.37
CA SER D 1055 -13.74 -24.13 -31.38
C SER D 1055 -12.84 -22.94 -31.67
N ALA D 1056 -12.18 -22.45 -30.63
CA ALA D 1056 -11.30 -21.31 -30.75
C ALA D 1056 -10.24 -21.41 -29.66
N PRO D 1057 -9.05 -20.83 -29.87
CA PRO D 1057 -8.06 -20.80 -28.78
C PRO D 1057 -8.54 -19.90 -27.65
N HIS D 1058 -8.66 -20.51 -26.46
CA HIS D 1058 -9.11 -19.87 -25.22
C HIS D 1058 -10.53 -19.32 -25.32
N GLY D 1059 -11.32 -19.78 -26.29
CA GLY D 1059 -12.65 -19.22 -26.47
C GLY D 1059 -13.49 -20.11 -27.35
N VAL D 1060 -14.68 -19.60 -27.70
CA VAL D 1060 -15.60 -20.29 -28.60
C VAL D 1060 -16.12 -19.29 -29.61
N VAL D 1061 -16.47 -19.77 -30.80
CA VAL D 1061 -17.06 -18.95 -31.84
C VAL D 1061 -18.37 -19.58 -32.27
N PHE D 1062 -19.45 -18.81 -32.24
CA PHE D 1062 -20.75 -19.26 -32.68
C PHE D 1062 -21.06 -18.68 -34.06
N LEU D 1063 -21.66 -19.49 -34.91
CA LEU D 1063 -22.10 -19.07 -36.23
C LEU D 1063 -23.63 -19.08 -36.25
N HIS D 1064 -24.23 -17.92 -36.04
CA HIS D 1064 -25.68 -17.79 -35.88
C HIS D 1064 -26.33 -17.69 -37.26
N VAL D 1065 -27.28 -18.57 -37.52
CA VAL D 1065 -28.07 -18.54 -38.74
C VAL D 1065 -29.42 -17.94 -38.43
N THR D 1066 -29.73 -16.79 -39.04
CA THR D 1066 -30.92 -16.02 -38.72
C THR D 1066 -31.81 -15.88 -39.94
N TYR D 1067 -33.06 -15.50 -39.69
CA TYR D 1067 -34.03 -15.24 -40.75
C TYR D 1067 -34.21 -13.74 -40.90
N VAL D 1068 -33.91 -13.22 -42.07
CA VAL D 1068 -33.95 -11.78 -42.35
C VAL D 1068 -34.88 -11.55 -43.55
N PRO D 1069 -35.97 -10.80 -43.39
CA PRO D 1069 -36.76 -10.40 -44.56
C PRO D 1069 -35.96 -9.47 -45.47
N ALA D 1070 -36.24 -9.54 -46.76
CA ALA D 1070 -35.46 -8.77 -47.72
C ALA D 1070 -36.27 -7.75 -48.50
N GLN D 1071 -37.40 -8.15 -49.07
CA GLN D 1071 -38.19 -7.27 -49.93
C GLN D 1071 -39.61 -7.16 -49.38
N GLU D 1072 -40.12 -5.94 -49.30
CA GLU D 1072 -41.43 -5.68 -48.73
C GLU D 1072 -42.21 -4.77 -49.66
N LYS D 1073 -43.53 -4.73 -49.46
CA LYS D 1073 -44.44 -3.90 -50.23
C LYS D 1073 -45.44 -3.24 -49.31
N ASN D 1074 -46.03 -2.15 -49.78
CA ASN D 1074 -47.05 -1.41 -49.03
C ASN D 1074 -48.40 -2.03 -49.30
N PHE D 1075 -49.18 -2.25 -48.24
CA PHE D 1075 -50.51 -2.83 -48.35
C PHE D 1075 -51.49 -2.10 -47.44
N THR D 1076 -52.78 -2.30 -47.73
CA THR D 1076 -53.84 -1.75 -46.89
C THR D 1076 -54.42 -2.86 -46.02
N THR D 1077 -54.55 -2.59 -44.72
CA THR D 1077 -54.98 -3.59 -43.74
C THR D 1077 -56.23 -3.10 -43.01
N ALA D 1078 -56.79 -3.99 -42.21
CA ALA D 1078 -57.97 -3.72 -41.41
C ALA D 1078 -58.01 -4.72 -40.26
N PRO D 1079 -58.45 -4.30 -39.06
CA PRO D 1079 -58.53 -5.25 -37.94
C PRO D 1079 -59.52 -6.38 -38.15
N ALA D 1080 -60.62 -6.14 -38.83
CA ALA D 1080 -61.67 -7.14 -39.01
C ALA D 1080 -62.49 -6.77 -40.23
N ILE D 1081 -63.32 -7.70 -40.67
CA ILE D 1081 -64.18 -7.50 -41.83
C ILE D 1081 -65.61 -7.86 -41.47
N CYS D 1082 -66.56 -7.34 -42.23
CA CYS D 1082 -67.98 -7.59 -42.03
C CYS D 1082 -68.49 -8.54 -43.11
N HIS D 1083 -69.22 -9.58 -42.69
CA HIS D 1083 -69.82 -10.51 -43.64
C HIS D 1083 -71.34 -10.42 -43.57
N ASP D 1084 -71.90 -10.61 -42.38
CA ASP D 1084 -73.33 -10.49 -42.14
C ASP D 1084 -73.63 -9.60 -40.94
N GLY D 1085 -72.80 -8.57 -40.71
CA GLY D 1085 -72.86 -7.77 -39.51
C GLY D 1085 -71.99 -8.29 -38.39
N LYS D 1086 -71.52 -9.53 -38.50
CA LYS D 1086 -70.60 -10.10 -37.52
C LYS D 1086 -69.16 -9.73 -37.87
N ALA D 1087 -68.32 -9.71 -36.85
CA ALA D 1087 -66.91 -9.36 -37.01
C ALA D 1087 -66.08 -10.63 -37.15
N HIS D 1088 -65.24 -10.67 -38.18
CA HIS D 1088 -64.38 -11.81 -38.45
C HIS D 1088 -62.93 -11.43 -38.17
N PHE D 1089 -62.28 -12.22 -37.32
CA PHE D 1089 -60.89 -11.97 -36.97
C PHE D 1089 -60.02 -13.13 -37.44
N PRO D 1090 -58.83 -12.85 -37.97
CA PRO D 1090 -57.98 -13.93 -38.48
C PRO D 1090 -57.38 -14.76 -37.35
N ARG D 1091 -57.38 -16.08 -37.56
CA ARG D 1091 -56.79 -16.98 -36.57
C ARG D 1091 -55.27 -16.83 -36.54
N GLU D 1092 -54.65 -16.66 -37.70
CA GLU D 1092 -53.21 -16.43 -37.78
C GLU D 1092 -52.94 -15.39 -38.85
N GLY D 1093 -52.12 -14.40 -38.51
CA GLY D 1093 -51.82 -13.33 -39.45
C GLY D 1093 -52.80 -12.19 -39.37
N VAL D 1094 -52.79 -11.35 -40.41
CA VAL D 1094 -53.66 -10.19 -40.51
C VAL D 1094 -54.29 -10.16 -41.90
N PHE D 1095 -55.28 -9.28 -42.05
CA PHE D 1095 -55.94 -9.07 -43.32
C PHE D 1095 -55.11 -8.15 -44.21
N VAL D 1096 -55.01 -8.51 -45.49
CA VAL D 1096 -54.20 -7.77 -46.45
C VAL D 1096 -55.04 -7.47 -47.69
N SER D 1097 -54.82 -6.30 -48.27
CA SER D 1097 -55.52 -5.86 -49.46
C SER D 1097 -54.51 -5.34 -50.48
N ASN D 1098 -54.69 -5.73 -51.74
CA ASN D 1098 -53.86 -5.23 -52.83
C ASN D 1098 -54.49 -4.03 -53.54
N GLY D 1099 -55.63 -3.54 -53.06
CA GLY D 1099 -56.30 -2.40 -53.64
C GLY D 1099 -57.69 -2.70 -54.19
N THR D 1100 -57.93 -3.92 -54.63
CA THR D 1100 -59.23 -4.29 -55.19
C THR D 1100 -59.87 -5.42 -54.38
N HIS D 1101 -59.05 -6.31 -53.85
CA HIS D 1101 -59.53 -7.49 -53.14
C HIS D 1101 -58.82 -7.61 -51.79
N TRP D 1102 -59.51 -8.21 -50.84
CA TRP D 1102 -58.95 -8.45 -49.51
C TRP D 1102 -58.53 -9.90 -49.36
N PHE D 1103 -57.41 -10.12 -48.68
CA PHE D 1103 -56.87 -11.45 -48.47
C PHE D 1103 -56.36 -11.57 -47.04
N VAL D 1104 -56.02 -12.80 -46.67
CA VAL D 1104 -55.41 -13.10 -45.38
C VAL D 1104 -54.06 -13.74 -45.63
N THR D 1105 -53.07 -13.36 -44.83
CA THR D 1105 -51.72 -13.89 -44.98
C THR D 1105 -51.03 -13.89 -43.62
N GLN D 1106 -49.97 -14.68 -43.51
CA GLN D 1106 -49.17 -14.68 -42.29
C GLN D 1106 -48.37 -13.40 -42.19
N ARG D 1107 -48.01 -13.02 -40.97
CA ARG D 1107 -47.41 -11.71 -40.73
C ARG D 1107 -45.92 -11.67 -41.05
N ASN D 1108 -45.28 -12.82 -41.25
CA ASN D 1108 -43.83 -12.86 -41.48
C ASN D 1108 -43.47 -13.03 -42.95
N PHE D 1109 -44.42 -13.42 -43.81
CA PHE D 1109 -44.14 -13.57 -45.23
C PHE D 1109 -45.44 -13.42 -46.03
N TYR D 1110 -45.33 -13.10 -47.31
CA TYR D 1110 -46.52 -12.77 -48.08
C TYR D 1110 -47.00 -13.98 -48.90
N GLU D 1111 -48.18 -14.48 -48.57
CA GLU D 1111 -48.96 -15.39 -49.39
C GLU D 1111 -50.43 -15.02 -49.29
N PRO D 1112 -50.98 -14.31 -50.28
CA PRO D 1112 -52.38 -13.90 -50.21
C PRO D 1112 -53.32 -15.09 -50.38
N GLN D 1113 -54.17 -15.29 -49.38
CA GLN D 1113 -55.09 -16.42 -49.36
C GLN D 1113 -56.52 -15.92 -49.32
N ILE D 1114 -57.43 -16.75 -49.85
CA ILE D 1114 -58.84 -16.41 -49.84
C ILE D 1114 -59.36 -16.48 -48.40
N ILE D 1115 -60.03 -15.41 -47.97
CA ILE D 1115 -60.54 -15.33 -46.61
C ILE D 1115 -61.77 -16.23 -46.50
N THR D 1116 -61.62 -17.34 -45.77
CA THR D 1116 -62.68 -18.32 -45.60
C THR D 1116 -63.01 -18.46 -44.12
N THR D 1117 -64.07 -19.22 -43.84
CA THR D 1117 -64.46 -19.51 -42.47
C THR D 1117 -63.45 -20.41 -41.76
N ASP D 1118 -62.65 -21.18 -42.50
CA ASP D 1118 -61.60 -21.99 -41.91
C ASP D 1118 -60.37 -21.19 -41.53
N ASN D 1119 -60.27 -19.93 -41.98
CA ASN D 1119 -59.15 -19.07 -41.65
C ASN D 1119 -59.47 -18.04 -40.58
N THR D 1120 -60.74 -17.63 -40.45
CA THR D 1120 -61.14 -16.61 -39.51
C THR D 1120 -62.18 -17.16 -38.54
N PHE D 1121 -62.31 -16.50 -37.41
CA PHE D 1121 -63.30 -16.84 -36.39
C PHE D 1121 -64.20 -15.64 -36.13
N VAL D 1122 -65.41 -15.93 -35.66
CA VAL D 1122 -66.46 -14.93 -35.47
C VAL D 1122 -66.52 -14.55 -34.00
N SER D 1123 -66.48 -13.25 -33.73
CA SER D 1123 -66.63 -12.75 -32.37
C SER D 1123 -67.16 -11.32 -32.43
N GLY D 1124 -68.25 -11.05 -31.73
CA GLY D 1124 -68.80 -9.71 -31.71
C GLY D 1124 -69.51 -9.33 -33.00
N ASN D 1125 -69.62 -8.03 -33.21
CA ASN D 1125 -70.31 -7.48 -34.38
C ASN D 1125 -69.52 -6.28 -34.89
N CYS D 1126 -70.01 -5.70 -35.99
CA CYS D 1126 -69.32 -4.59 -36.64
C CYS D 1126 -69.52 -3.25 -35.94
N ASP D 1127 -70.44 -3.16 -35.00
CA ASP D 1127 -70.76 -1.89 -34.34
C ASP D 1127 -69.80 -1.55 -33.21
N VAL D 1128 -68.85 -2.43 -32.90
CA VAL D 1128 -67.93 -2.23 -31.78
C VAL D 1128 -66.49 -2.03 -32.29
N VAL D 1129 -66.09 -2.80 -33.30
CA VAL D 1129 -64.71 -2.78 -33.77
C VAL D 1129 -64.43 -1.49 -34.52
N ILE D 1130 -63.38 -0.79 -34.11
CA ILE D 1130 -62.97 0.45 -34.76
C ILE D 1130 -62.08 0.10 -35.95
N GLY D 1131 -62.43 0.63 -37.12
CA GLY D 1131 -61.68 0.36 -38.34
C GLY D 1131 -62.13 -0.84 -39.12
N ILE D 1132 -63.26 -1.44 -38.76
CA ILE D 1132 -63.77 -2.60 -39.49
C ILE D 1132 -64.25 -2.17 -40.86
N VAL D 1133 -64.18 -3.09 -41.83
CA VAL D 1133 -64.56 -2.81 -43.21
C VAL D 1133 -65.56 -3.87 -43.68
N ASN D 1134 -66.08 -3.65 -44.89
CA ASN D 1134 -66.99 -4.59 -45.51
C ASN D 1134 -66.24 -5.53 -46.44
N ASN D 1135 -66.66 -6.79 -46.47
CA ASN D 1135 -66.00 -7.80 -47.29
C ASN D 1135 -66.98 -8.95 -47.51
N THR D 1136 -66.51 -9.99 -48.20
CA THR D 1136 -67.28 -11.20 -48.43
C THR D 1136 -66.45 -12.39 -47.98
N VAL D 1137 -67.02 -13.22 -47.10
CA VAL D 1137 -66.34 -14.40 -46.58
C VAL D 1137 -66.85 -15.62 -47.33
N TYR D 1138 -65.93 -16.36 -47.94
CA TYR D 1138 -66.29 -17.56 -48.68
C TYR D 1138 -66.48 -18.74 -47.74
N ASP D 1139 -67.58 -19.46 -47.92
CA ASP D 1139 -67.84 -20.67 -47.14
C ASP D 1139 -67.64 -21.87 -48.05
N PRO D 1140 -66.63 -22.71 -47.79
CA PRO D 1140 -66.42 -23.90 -48.66
C PRO D 1140 -67.54 -24.93 -48.58
N LEU D 1141 -68.35 -24.91 -47.52
CA LEU D 1141 -69.39 -25.91 -47.36
C LEU D 1141 -70.55 -25.66 -48.33
N GLN D 1142 -70.81 -24.40 -48.67
CA GLN D 1142 -71.94 -24.05 -49.52
C GLN D 1142 -71.86 -24.63 -50.93
N PRO D 1143 -70.73 -24.58 -51.67
CA PRO D 1143 -70.69 -25.32 -52.94
C PRO D 1143 -70.82 -26.83 -52.79
N GLU D 1144 -70.35 -27.39 -51.68
CA GLU D 1144 -70.47 -28.82 -51.46
C GLU D 1144 -71.92 -29.23 -51.22
N LEU D 1145 -72.67 -28.42 -50.48
CA LEU D 1145 -74.07 -28.73 -50.22
C LEU D 1145 -74.93 -28.49 -51.46
N ASP D 1146 -74.59 -27.47 -52.25
CA ASP D 1146 -75.38 -27.16 -53.44
C ASP D 1146 -75.17 -28.23 -54.53
N SER D 1147 -73.93 -28.71 -54.68
CA SER D 1147 -73.64 -29.71 -55.69
C SER D 1147 -74.10 -31.09 -55.24
N ALA E 27 -25.10 27.13 43.46
CA ALA E 27 -26.01 27.56 42.41
C ALA E 27 -25.48 27.16 41.04
N TYR E 28 -26.29 26.41 40.29
CA TYR E 28 -25.91 25.95 38.96
C TYR E 28 -27.05 26.22 37.98
N THR E 29 -26.68 26.55 36.75
CA THR E 29 -27.62 26.78 35.67
C THR E 29 -27.30 25.84 34.51
N ASN E 30 -28.15 25.87 33.49
CA ASN E 30 -28.02 24.96 32.37
C ASN E 30 -27.36 25.67 31.19
N SER E 31 -26.19 25.18 30.79
CA SER E 31 -25.54 25.65 29.56
C SER E 31 -26.00 24.89 28.33
N PHE E 32 -27.15 25.27 27.74
CA PHE E 32 -27.84 24.48 26.72
C PHE E 32 -27.00 24.21 25.48
N THR E 33 -26.68 25.26 24.72
CA THR E 33 -25.94 25.13 23.46
C THR E 33 -24.83 26.17 23.33
N ARG E 34 -24.56 26.91 24.39
CA ARG E 34 -23.56 27.99 24.34
C ARG E 34 -22.22 27.50 24.86
N GLY E 35 -21.20 28.32 24.63
CA GLY E 35 -19.84 27.96 24.94
C GLY E 35 -18.99 27.50 23.77
N VAL E 36 -19.39 27.79 22.54
CA VAL E 36 -18.68 27.38 21.35
C VAL E 36 -18.00 28.59 20.74
N TYR E 37 -16.91 28.36 20.01
CA TYR E 37 -16.13 29.41 19.38
C TYR E 37 -15.58 28.90 18.07
N TYR E 38 -14.94 29.80 17.33
CA TYR E 38 -14.26 29.41 16.09
C TYR E 38 -12.98 28.66 16.44
N PRO E 39 -12.83 27.40 16.04
CA PRO E 39 -11.69 26.60 16.51
C PRO E 39 -10.38 26.95 15.84
N ASP E 40 -10.40 27.59 14.67
CA ASP E 40 -9.18 27.87 13.93
C ASP E 40 -9.36 29.17 13.16
N LYS E 41 -8.46 29.41 12.21
CA LYS E 41 -8.43 30.63 11.43
C LYS E 41 -8.71 30.32 9.95
N VAL E 42 -9.71 29.49 9.70
CA VAL E 42 -9.99 28.97 8.36
C VAL E 42 -11.41 29.34 7.98
N PHE E 43 -11.56 29.91 6.78
CA PHE E 43 -12.89 30.23 6.26
C PHE E 43 -13.53 28.99 5.66
N ARG E 44 -14.75 28.68 6.10
CA ARG E 44 -15.51 27.55 5.58
C ARG E 44 -16.92 28.01 5.28
N SER E 45 -17.44 27.62 4.12
CA SER E 45 -18.74 28.07 3.67
C SER E 45 -19.56 26.90 3.14
N SER E 46 -20.81 26.82 3.63
CA SER E 46 -21.80 25.83 3.19
C SER E 46 -21.29 24.39 3.35
N VAL E 47 -20.63 24.14 4.47
CA VAL E 47 -20.04 22.82 4.74
C VAL E 47 -20.15 22.53 6.24
N LEU E 48 -20.43 21.28 6.56
CA LEU E 48 -20.45 20.80 7.93
C LEU E 48 -19.08 20.21 8.23
N HIS E 49 -18.32 20.89 9.08
CA HIS E 49 -16.93 20.55 9.34
C HIS E 49 -16.80 19.85 10.68
N SER E 50 -16.06 18.74 10.70
CA SER E 50 -15.78 17.98 11.91
C SER E 50 -14.39 18.34 12.43
N THR E 51 -14.30 18.66 13.71
CA THR E 51 -13.03 18.98 14.34
C THR E 51 -13.09 18.61 15.81
N GLN E 52 -11.91 18.40 16.40
CA GLN E 52 -11.79 18.11 17.82
C GLN E 52 -10.93 19.16 18.49
N ASP E 53 -11.48 19.81 19.52
CA ASP E 53 -10.78 20.83 20.28
C ASP E 53 -11.48 20.97 21.62
N LEU E 54 -10.98 21.87 22.46
CA LEU E 54 -11.56 22.13 23.76
C LEU E 54 -12.86 22.88 23.58
N PHE E 55 -13.98 22.15 23.65
CA PHE E 55 -15.31 22.74 23.60
C PHE E 55 -16.09 22.36 24.86
N LEU E 56 -16.94 23.28 25.30
CA LEU E 56 -17.74 23.06 26.50
C LEU E 56 -18.87 22.09 26.17
N PRO E 57 -19.05 21.02 26.96
CA PRO E 57 -20.10 20.04 26.65
C PRO E 57 -21.49 20.63 26.79
N PHE E 58 -22.38 20.25 25.86
CA PHE E 58 -23.72 20.79 25.83
C PHE E 58 -24.53 20.27 27.03
N PHE E 59 -25.39 21.15 27.56
CA PHE E 59 -26.27 20.87 28.69
C PHE E 59 -25.51 20.46 29.94
N SER E 60 -24.29 20.98 30.12
CA SER E 60 -23.50 20.67 31.29
C SER E 60 -23.78 21.68 32.40
N ASN E 61 -23.29 21.38 33.60
CA ASN E 61 -23.47 22.25 34.76
C ASN E 61 -22.42 23.35 34.74
N VAL E 62 -22.87 24.59 34.90
CA VAL E 62 -22.00 25.74 35.06
C VAL E 62 -22.36 26.44 36.37
N THR E 63 -21.35 26.87 37.10
CA THR E 63 -21.56 27.45 38.42
C THR E 63 -22.11 28.88 38.29
N TRP E 64 -23.15 29.17 39.04
CA TRP E 64 -23.81 30.47 39.01
C TRP E 64 -23.34 31.29 40.21
N PHE E 65 -22.85 32.50 39.93
CA PHE E 65 -22.38 33.42 40.96
C PHE E 65 -23.22 34.69 40.94
N HIS E 66 -23.25 35.38 42.08
CA HIS E 66 -23.99 36.62 42.19
C HIS E 66 -23.05 37.80 42.48
N ASN E 81 -15.12 37.50 45.55
CA ASN E 81 -14.33 37.07 44.40
C ASN E 81 -13.56 35.79 44.72
N PRO E 82 -14.22 34.64 44.56
CA PRO E 82 -13.58 33.36 44.85
C PRO E 82 -12.55 32.99 43.80
N VAL E 83 -11.63 32.12 44.19
CA VAL E 83 -10.57 31.63 43.31
C VAL E 83 -10.96 30.25 42.80
N LEU E 84 -10.94 30.07 41.47
CA LEU E 84 -11.37 28.82 40.86
C LEU E 84 -10.24 28.23 40.02
N PRO E 85 -10.17 26.90 39.91
CA PRO E 85 -9.10 26.26 39.15
C PRO E 85 -9.23 26.48 37.65
N PHE E 86 -8.09 26.37 36.96
CA PHE E 86 -7.96 26.58 35.52
C PHE E 86 -7.58 25.30 34.77
N ASN E 87 -8.24 24.19 35.07
CA ASN E 87 -7.82 22.83 34.72
C ASN E 87 -7.51 22.61 33.24
N ASP E 88 -8.44 22.95 32.35
CA ASP E 88 -8.26 22.70 30.92
C ASP E 88 -8.67 23.88 30.05
N GLY E 89 -9.27 24.92 30.62
CA GLY E 89 -9.80 26.02 29.85
C GLY E 89 -11.16 26.37 30.44
N VAL E 90 -11.41 27.67 30.59
CA VAL E 90 -12.57 28.17 31.32
C VAL E 90 -13.37 29.10 30.41
N TYR E 91 -14.67 28.80 30.30
CA TYR E 91 -15.60 29.66 29.57
C TYR E 91 -16.29 30.58 30.58
N PHE E 92 -16.29 31.87 30.29
CA PHE E 92 -16.87 32.87 31.17
C PHE E 92 -18.07 33.51 30.50
N ALA E 93 -19.19 33.53 31.22
CA ALA E 93 -20.41 34.19 30.76
C ALA E 93 -20.81 35.24 31.77
N SER E 94 -21.00 36.47 31.30
CA SER E 94 -21.31 37.58 32.17
C SER E 94 -22.49 38.37 31.62
N THR E 95 -23.42 38.69 32.50
CA THR E 95 -24.55 39.54 32.18
C THR E 95 -24.41 40.85 32.95
N GLU E 96 -24.50 41.96 32.23
CA GLU E 96 -24.19 43.27 32.79
C GLU E 96 -25.40 44.20 32.69
N LYS E 97 -25.50 45.09 33.66
CA LYS E 97 -26.53 46.13 33.64
C LYS E 97 -25.89 47.49 33.89
N SER E 98 -24.80 47.52 34.67
CA SER E 98 -24.12 48.77 35.01
C SER E 98 -22.61 48.62 34.99
N ASN E 99 -22.10 47.66 34.21
CA ASN E 99 -20.67 47.39 34.05
C ASN E 99 -20.00 47.09 35.39
N ILE E 100 -20.44 45.99 36.02
CA ILE E 100 -19.93 45.64 37.34
C ILE E 100 -18.58 44.93 37.25
N ILE E 101 -18.52 43.84 36.50
CA ILE E 101 -17.29 43.07 36.37
C ILE E 101 -16.31 43.82 35.48
N ARG E 102 -15.09 44.03 35.98
CA ARG E 102 -14.11 44.85 35.29
C ARG E 102 -12.98 44.06 34.64
N GLY E 103 -12.53 42.97 35.25
CA GLY E 103 -11.40 42.25 34.68
C GLY E 103 -11.19 40.92 35.37
N TRP E 104 -10.03 40.33 35.09
CA TRP E 104 -9.71 38.99 35.56
C TRP E 104 -8.24 38.92 35.95
N ILE E 105 -7.90 37.92 36.75
CA ILE E 105 -6.53 37.60 37.11
C ILE E 105 -6.30 36.13 36.77
N PHE E 106 -5.20 35.84 36.08
CA PHE E 106 -4.81 34.47 35.76
C PHE E 106 -3.39 34.21 36.25
N GLY E 107 -3.19 33.02 36.81
CA GLY E 107 -1.86 32.66 37.31
C GLY E 107 -1.89 31.34 38.06
N THR E 108 -0.87 31.16 38.89
CA THR E 108 -0.79 29.97 39.73
C THR E 108 -0.91 30.34 41.21
N THR E 109 -0.05 31.24 41.67
CA THR E 109 -0.09 31.67 43.06
C THR E 109 -0.75 33.03 43.22
N LEU E 110 -0.42 33.98 42.33
CA LEU E 110 -0.94 35.35 42.33
C LEU E 110 -0.69 36.05 43.67
N ASP E 111 0.50 35.83 44.23
CA ASP E 111 0.88 36.43 45.50
C ASP E 111 2.30 36.97 45.40
N SER E 112 2.60 37.62 44.28
CA SER E 112 3.90 38.23 43.98
C SER E 112 5.04 37.20 44.07
N LYS E 113 4.76 35.98 43.59
CA LYS E 113 5.74 34.91 43.58
C LYS E 113 6.19 34.54 42.18
N THR E 114 5.34 34.67 41.18
CA THR E 114 5.69 34.36 39.80
C THR E 114 4.88 35.29 38.88
N GLN E 115 5.07 35.14 37.58
CA GLN E 115 4.36 35.95 36.61
C GLN E 115 2.88 35.57 36.58
N SER E 116 2.03 36.60 36.58
CA SER E 116 0.58 36.39 36.58
C SER E 116 -0.06 37.38 35.63
N LEU E 117 -1.19 36.97 35.06
CA LEU E 117 -1.91 37.75 34.07
C LEU E 117 -2.86 38.72 34.77
N LEU E 118 -2.82 39.98 34.35
CA LEU E 118 -3.72 41.01 34.86
C LEU E 118 -4.33 41.74 33.68
N ILE E 119 -5.61 41.51 33.43
CA ILE E 119 -6.34 42.15 32.35
C ILE E 119 -7.42 43.00 33.00
N VAL E 120 -7.25 44.32 32.98
CA VAL E 120 -8.15 45.25 33.65
C VAL E 120 -8.60 46.31 32.66
N ASN E 121 -9.91 46.47 32.52
CA ASN E 121 -10.49 47.57 31.75
C ASN E 121 -10.99 48.61 32.75
N ASN E 122 -10.19 49.65 32.98
CA ASN E 122 -10.52 50.70 33.94
C ASN E 122 -11.23 51.84 33.20
N ALA E 123 -12.37 51.51 32.60
CA ALA E 123 -13.42 52.45 32.17
C ALA E 123 -13.04 53.31 30.96
N THR E 124 -11.81 53.24 30.49
CA THR E 124 -11.42 53.99 29.30
C THR E 124 -10.62 53.15 28.31
N ASN E 125 -9.88 52.15 28.77
CA ASN E 125 -9.02 51.34 27.90
C ASN E 125 -8.77 50.00 28.58
N VAL E 126 -8.61 48.95 27.77
CA VAL E 126 -8.28 47.63 28.30
C VAL E 126 -6.78 47.53 28.46
N VAL E 127 -6.32 47.18 29.66
CA VAL E 127 -4.91 47.12 29.98
C VAL E 127 -4.56 45.68 30.34
N ILE E 128 -3.55 45.14 29.67
CA ILE E 128 -3.10 43.76 29.88
C ILE E 128 -1.64 43.81 30.35
N LYS E 129 -1.37 43.19 31.49
CA LYS E 129 -0.03 43.12 32.04
C LYS E 129 0.25 41.70 32.53
N VAL E 130 1.54 41.33 32.53
CA VAL E 130 1.96 39.98 32.89
C VAL E 130 2.93 40.03 34.06
N CYS E 131 2.96 41.16 34.76
CA CYS E 131 3.93 41.37 35.82
C CYS E 131 3.59 40.52 37.05
N GLU E 132 4.60 40.32 37.90
CA GLU E 132 4.43 39.58 39.16
C GLU E 132 3.83 40.53 40.19
N PHE E 133 2.53 40.75 40.06
CA PHE E 133 1.83 41.72 40.90
C PHE E 133 1.59 41.16 42.29
N GLN E 134 1.59 42.05 43.27
CA GLN E 134 1.21 41.72 44.64
C GLN E 134 -0.27 42.07 44.82
N PHE E 135 -1.10 41.04 44.92
CA PHE E 135 -2.55 41.22 44.96
C PHE E 135 -3.04 41.23 46.40
N CYS E 136 -4.19 41.89 46.60
CA CYS E 136 -4.80 41.94 47.91
C CYS E 136 -5.53 40.64 48.22
N ASN E 137 -5.95 40.49 49.47
CA ASN E 137 -6.73 39.33 49.86
C ASN E 137 -8.07 39.28 49.16
N ASP E 138 -8.74 40.42 49.05
CA ASP E 138 -10.00 40.52 48.30
C ASP E 138 -9.91 41.70 47.35
N PRO E 139 -9.30 41.51 46.17
CA PRO E 139 -9.19 42.61 45.21
C PRO E 139 -10.55 42.98 44.64
N PHE E 140 -10.77 44.28 44.47
CA PHE E 140 -12.04 44.78 43.98
C PHE E 140 -11.81 46.16 43.36
N LEU E 141 -12.80 46.62 42.61
CA LEU E 141 -12.78 47.93 41.98
C LEU E 141 -13.97 48.75 42.45
N GLY E 142 -13.69 49.99 42.86
CA GLY E 142 -14.72 50.88 43.35
C GLY E 142 -15.30 51.76 42.25
N VAL E 143 -16.14 52.69 42.67
CA VAL E 143 -16.79 53.63 41.75
C VAL E 143 -16.24 55.04 41.96
N ASN E 165 9.59 42.23 37.76
CA ASN E 165 9.82 41.59 36.49
C ASN E 165 8.60 41.68 35.59
N CYS E 166 8.75 42.40 34.47
CA CYS E 166 7.68 42.58 33.50
C CYS E 166 8.21 42.27 32.11
N THR E 167 7.39 41.61 31.30
CA THR E 167 7.85 41.18 29.94
C THR E 167 6.92 41.75 28.87
N PHE E 168 5.67 42.07 29.22
CA PHE E 168 4.69 42.47 28.23
C PHE E 168 3.73 43.48 28.85
N GLU E 169 3.32 44.46 28.05
CA GLU E 169 2.34 45.44 28.48
C GLU E 169 1.64 46.01 27.25
N TYR E 170 0.31 46.05 27.30
CA TYR E 170 -0.48 46.60 26.21
C TYR E 170 -1.67 47.37 26.77
N VAL E 171 -1.92 48.54 26.20
CA VAL E 171 -3.04 49.39 26.58
C VAL E 171 -3.92 49.60 25.34
N SER E 172 -5.21 49.30 25.47
CA SER E 172 -6.14 49.47 24.36
C SER E 172 -6.52 50.94 24.19
N PHE E 186 -31.22 42.57 33.37
CA PHE E 186 -29.92 42.68 32.71
C PHE E 186 -30.11 42.90 31.22
N LYS E 187 -29.32 43.82 30.65
CA LYS E 187 -29.54 44.29 29.29
C LYS E 187 -28.54 43.74 28.28
N ASN E 188 -27.34 43.34 28.71
CA ASN E 188 -26.32 42.88 27.78
C ASN E 188 -25.70 41.59 28.29
N LEU E 189 -25.23 40.77 27.35
CA LEU E 189 -24.57 39.51 27.64
C LEU E 189 -23.18 39.53 27.03
N ARG E 190 -22.17 39.22 27.83
CA ARG E 190 -20.79 39.14 27.38
C ARG E 190 -20.23 37.76 27.73
N GLU E 191 -19.96 36.96 26.70
CA GLU E 191 -19.40 35.63 26.87
C GLU E 191 -17.92 35.64 26.53
N PHE E 192 -17.12 34.90 27.31
CA PHE E 192 -15.69 34.85 27.12
C PHE E 192 -15.18 33.42 27.23
N VAL E 193 -14.14 33.11 26.47
CA VAL E 193 -13.45 31.83 26.52
C VAL E 193 -11.97 32.10 26.77
N PHE E 194 -11.43 31.47 27.81
CA PHE E 194 -10.02 31.60 28.14
C PHE E 194 -9.38 30.21 28.12
N LYS E 195 -8.36 30.04 27.28
CA LYS E 195 -7.57 28.82 27.25
C LYS E 195 -6.11 29.18 27.00
N ASN E 196 -5.22 28.33 27.50
CA ASN E 196 -3.77 28.53 27.40
C ASN E 196 -3.15 27.26 26.87
N ILE E 197 -2.82 27.24 25.58
CA ILE E 197 -2.25 26.07 24.92
C ILE E 197 -0.90 26.46 24.34
N ASP E 198 0.16 25.74 24.75
CA ASP E 198 1.52 25.90 24.24
C ASP E 198 2.04 27.32 24.40
N GLY E 199 1.68 27.96 25.51
CA GLY E 199 2.08 29.32 25.77
C GLY E 199 1.25 30.37 25.10
N TYR E 200 0.24 29.98 24.33
CA TYR E 200 -0.65 30.92 23.65
C TYR E 200 -1.95 31.01 24.45
N PHE E 201 -2.27 32.21 24.92
CA PHE E 201 -3.51 32.47 25.64
C PHE E 201 -4.54 32.98 24.64
N LYS E 202 -5.49 32.13 24.27
CA LYS E 202 -6.51 32.45 23.29
C LYS E 202 -7.74 33.01 24.00
N ILE E 203 -8.21 34.17 23.56
CA ILE E 203 -9.38 34.83 24.14
C ILE E 203 -10.42 35.00 23.04
N TYR E 204 -11.61 34.45 23.27
CA TYR E 204 -12.74 34.57 22.36
C TYR E 204 -13.85 35.32 23.07
N SER E 205 -14.61 36.12 22.32
CA SER E 205 -15.64 36.94 22.94
C SER E 205 -16.78 37.17 21.95
N LYS E 206 -17.94 37.53 22.49
CA LYS E 206 -19.13 37.84 21.71
C LYS E 206 -20.05 38.71 22.56
N HIS E 207 -20.52 39.81 21.99
CA HIS E 207 -21.41 40.73 22.68
C HIS E 207 -22.77 40.72 22.01
N THR E 208 -23.84 40.66 22.83
CA THR E 208 -25.20 40.66 22.32
C THR E 208 -26.11 41.27 23.36
N PRO E 209 -27.17 41.95 22.95
CA PRO E 209 -28.15 42.46 23.92
C PRO E 209 -29.17 41.39 24.29
N ILE E 210 -29.60 41.42 25.55
CA ILE E 210 -30.57 40.46 26.07
C ILE E 210 -31.62 41.22 26.88
N ASN E 211 -32.74 40.54 27.14
CA ASN E 211 -33.82 41.15 27.97
C ASN E 211 -34.21 40.14 29.06
N LEU E 212 -33.55 38.97 29.07
CA LEU E 212 -33.86 37.92 30.08
C LEU E 212 -32.72 37.87 31.10
N VAL E 213 -33.04 38.06 32.39
CA VAL E 213 -31.99 38.07 33.45
C VAL E 213 -32.13 36.83 34.33
N ARG E 214 -33.28 36.15 34.27
CA ARG E 214 -33.51 35.01 35.19
C ARG E 214 -32.50 33.89 34.92
N ASP E 215 -32.26 33.57 33.64
CA ASP E 215 -31.36 32.43 33.31
C ASP E 215 -30.52 32.80 32.08
N LEU E 216 -29.39 32.13 31.89
CA LEU E 216 -28.59 32.40 30.66
C LEU E 216 -29.47 32.12 29.43
N PRO E 217 -29.41 32.91 28.32
CA PRO E 217 -30.34 32.71 27.21
C PRO E 217 -30.10 31.39 26.50
N GLN E 218 -31.20 30.78 26.05
CA GLN E 218 -31.14 29.56 25.27
C GLN E 218 -31.09 29.92 23.79
N GLY E 219 -30.02 29.51 23.14
CA GLY E 219 -29.79 29.86 21.75
C GLY E 219 -28.39 29.49 21.33
N PHE E 220 -28.00 29.99 20.16
CA PHE E 220 -26.71 29.67 19.60
C PHE E 220 -25.99 30.95 19.16
N SER E 221 -24.70 31.01 19.49
CA SER E 221 -23.85 32.11 19.06
C SER E 221 -22.41 31.63 19.04
N ALA E 222 -21.61 32.22 18.16
CA ALA E 222 -20.20 31.86 18.01
C ALA E 222 -19.32 33.01 18.48
N LEU E 223 -18.26 32.65 19.20
CA LEU E 223 -17.33 33.62 19.77
C LEU E 223 -16.11 33.73 18.87
N GLU E 224 -15.83 34.94 18.38
CA GLU E 224 -14.67 35.15 17.54
C GLU E 224 -13.45 35.53 18.38
N PRO E 225 -12.24 35.17 17.92
CA PRO E 225 -11.04 35.59 18.65
C PRO E 225 -10.71 37.04 18.34
N LEU E 226 -10.20 37.74 19.35
CA LEU E 226 -9.78 39.13 19.19
C LEU E 226 -8.31 39.35 19.48
N VAL E 227 -7.80 38.82 20.59
CA VAL E 227 -6.41 39.02 21.00
C VAL E 227 -5.76 37.67 21.24
N ASP E 228 -4.47 37.58 20.94
CA ASP E 228 -3.67 36.37 21.19
C ASP E 228 -2.47 36.81 22.04
N LEU E 229 -2.22 36.06 23.11
CA LEU E 229 -1.19 36.45 24.07
C LEU E 229 -0.02 35.48 24.01
N PRO E 230 1.17 35.91 23.60
CA PRO E 230 2.38 35.05 23.66
C PRO E 230 3.04 35.11 25.03
N ILE E 231 2.41 34.49 26.02
CA ILE E 231 2.86 34.63 27.39
C ILE E 231 3.90 33.57 27.76
N GLY E 232 3.71 32.32 27.34
CA GLY E 232 4.56 31.23 27.80
C GLY E 232 4.52 30.99 29.29
N ILE E 233 3.38 31.21 29.94
CA ILE E 233 3.25 31.16 31.39
C ILE E 233 2.25 30.09 31.77
N ASN E 234 2.64 29.22 32.71
CA ASN E 234 1.73 28.22 33.23
C ASN E 234 0.66 28.89 34.10
N ILE E 235 -0.60 28.52 33.87
CA ILE E 235 -1.73 29.06 34.62
C ILE E 235 -2.53 27.89 35.19
N THR E 236 -2.77 27.92 36.51
CA THR E 236 -3.54 26.88 37.18
C THR E 236 -4.76 27.38 37.93
N ARG E 237 -4.83 28.67 38.25
CA ARG E 237 -5.95 29.22 39.00
C ARG E 237 -6.34 30.57 38.40
N PHE E 238 -7.52 31.06 38.76
CA PHE E 238 -7.91 32.39 38.35
C PHE E 238 -8.86 32.98 39.38
N GLN E 239 -9.17 34.26 39.21
CA GLN E 239 -10.22 34.92 39.96
C GLN E 239 -10.80 36.05 39.14
N THR E 240 -12.02 36.46 39.48
CA THR E 240 -12.76 37.46 38.72
C THR E 240 -12.82 38.76 39.52
N LEU E 241 -12.51 39.88 38.84
CA LEU E 241 -12.52 41.19 39.46
C LEU E 241 -13.79 41.92 39.05
N LEU E 242 -14.50 42.47 40.04
CA LEU E 242 -15.72 43.22 39.79
C LEU E 242 -15.57 44.67 40.23
N ALA E 264 -23.94 39.36 38.28
CA ALA E 264 -23.97 37.90 38.19
C ALA E 264 -23.15 37.41 37.00
N TYR E 265 -22.56 36.22 37.15
CA TYR E 265 -21.74 35.65 36.09
C TYR E 265 -21.71 34.14 36.23
N TYR E 266 -21.27 33.48 35.16
CA TYR E 266 -21.22 32.03 35.09
C TYR E 266 -19.81 31.58 34.70
N VAL E 267 -19.39 30.44 35.23
CA VAL E 267 -18.07 29.88 34.97
C VAL E 267 -18.25 28.47 34.41
N GLY E 268 -17.65 28.22 33.26
CA GLY E 268 -17.67 26.91 32.63
C GLY E 268 -16.28 26.32 32.51
N TYR E 269 -16.23 25.10 31.99
CA TYR E 269 -14.98 24.39 31.78
C TYR E 269 -14.97 23.76 30.40
N LEU E 270 -13.79 23.73 29.78
CA LEU E 270 -13.66 23.26 28.41
C LEU E 270 -13.10 21.84 28.39
N GLN E 271 -13.63 21.02 27.51
CA GLN E 271 -13.22 19.62 27.41
C GLN E 271 -12.88 19.28 25.97
N PRO E 272 -11.90 18.38 25.75
CA PRO E 272 -11.54 18.02 24.37
C PRO E 272 -12.56 17.10 23.71
N ARG E 273 -13.68 17.67 23.25
CA ARG E 273 -14.75 16.91 22.64
C ARG E 273 -14.90 17.29 21.18
N THR E 274 -15.18 16.29 20.35
CA THR E 274 -15.38 16.48 18.93
C THR E 274 -16.72 17.15 18.68
N PHE E 275 -16.73 18.14 17.79
CA PHE E 275 -17.94 18.87 17.43
C PHE E 275 -18.06 18.99 15.92
N LEU E 276 -19.31 18.98 15.44
CA LEU E 276 -19.64 19.22 14.05
C LEU E 276 -20.22 20.62 13.93
N LEU E 277 -19.58 21.46 13.13
CA LEU E 277 -19.94 22.87 13.02
C LEU E 277 -20.63 23.14 11.69
N LYS E 278 -21.76 23.83 11.74
CA LYS E 278 -22.53 24.19 10.55
C LYS E 278 -22.11 25.60 10.11
N TYR E 279 -21.57 25.70 8.90
CA TYR E 279 -21.13 26.96 8.35
C TYR E 279 -22.10 27.42 7.26
N ASN E 280 -22.50 28.68 7.33
CA ASN E 280 -23.41 29.26 6.34
C ASN E 280 -22.62 29.76 5.13
N GLU E 281 -23.29 30.51 4.26
CA GLU E 281 -22.62 31.09 3.11
C GLU E 281 -21.68 32.21 3.52
N ASN E 282 -21.93 32.85 4.65
CA ASN E 282 -21.12 33.95 5.15
C ASN E 282 -19.95 33.49 6.00
N GLY E 283 -19.81 32.17 6.22
CA GLY E 283 -18.69 31.65 6.98
C GLY E 283 -18.88 31.64 8.49
N THR E 284 -20.03 32.05 8.99
CA THR E 284 -20.30 32.03 10.42
C THR E 284 -20.88 30.68 10.83
N ILE E 285 -20.76 30.38 12.11
CA ILE E 285 -21.25 29.13 12.66
C ILE E 285 -22.69 29.35 13.12
N THR E 286 -23.63 28.62 12.53
CA THR E 286 -25.04 28.78 12.83
C THR E 286 -25.60 27.70 13.75
N ASP E 287 -24.97 26.54 13.81
CA ASP E 287 -25.42 25.45 14.67
C ASP E 287 -24.24 24.51 14.92
N ALA E 288 -24.37 23.69 15.95
CA ALA E 288 -23.31 22.74 16.30
C ALA E 288 -23.91 21.51 16.93
N VAL E 289 -23.14 20.42 16.90
CA VAL E 289 -23.55 19.13 17.43
C VAL E 289 -22.49 18.64 18.41
N ASP E 290 -22.91 18.29 19.63
CA ASP E 290 -22.04 17.72 20.64
C ASP E 290 -21.99 16.21 20.42
N CYS E 291 -20.86 15.70 19.92
CA CYS E 291 -20.75 14.30 19.55
C CYS E 291 -20.81 13.35 20.73
N ALA E 292 -20.63 13.83 21.97
CA ALA E 292 -20.64 12.98 23.14
C ALA E 292 -21.85 13.24 24.03
N LEU E 293 -22.91 13.83 23.49
CA LEU E 293 -24.08 14.16 24.30
C LEU E 293 -25.08 13.01 24.35
N ASP E 294 -25.58 12.59 23.20
CA ASP E 294 -26.59 11.54 23.13
C ASP E 294 -26.45 10.83 21.78
N PRO E 295 -26.93 9.57 21.68
CA PRO E 295 -26.67 8.78 20.46
C PRO E 295 -27.23 9.35 19.16
N LEU E 296 -28.27 10.20 19.22
CA LEU E 296 -28.70 10.87 18.00
C LEU E 296 -27.62 11.84 17.50
N SER E 297 -26.95 12.53 18.43
CA SER E 297 -25.83 13.38 18.04
C SER E 297 -24.65 12.55 17.57
N GLU E 298 -24.49 11.34 18.11
CA GLU E 298 -23.47 10.43 17.59
C GLU E 298 -23.77 10.04 16.15
N THR E 299 -25.06 9.80 15.85
CA THR E 299 -25.47 9.53 14.47
C THR E 299 -25.19 10.72 13.57
N LYS E 300 -25.49 11.92 14.05
CA LYS E 300 -25.24 13.14 13.28
C LYS E 300 -23.75 13.34 13.02
N CYS E 301 -22.91 13.04 14.01
CA CYS E 301 -21.47 13.20 13.84
C CYS E 301 -20.90 12.13 12.91
N THR E 302 -21.43 10.90 12.99
CA THR E 302 -20.95 9.84 12.12
C THR E 302 -21.35 10.08 10.67
N LEU E 303 -22.60 10.47 10.44
CA LEU E 303 -23.07 10.72 9.07
C LEU E 303 -22.66 12.09 8.55
N LYS E 304 -22.11 12.95 9.42
CA LYS E 304 -21.71 14.33 9.08
C LYS E 304 -22.87 15.12 8.48
N SER E 305 -24.06 14.93 9.05
CA SER E 305 -25.25 15.63 8.61
C SER E 305 -26.08 16.02 9.83
N PHE E 306 -26.58 17.25 9.82
CA PHE E 306 -27.42 17.72 10.92
C PHE E 306 -28.80 17.08 10.91
N THR E 307 -29.26 16.62 9.75
CA THR E 307 -30.48 15.84 9.64
C THR E 307 -30.17 14.50 9.00
N VAL E 308 -30.69 13.43 9.59
CA VAL E 308 -30.40 12.08 9.13
C VAL E 308 -31.70 11.41 8.71
N GLU E 309 -31.56 10.39 7.85
CA GLU E 309 -32.71 9.64 7.37
C GLU E 309 -33.00 8.46 8.30
N LYS E 310 -34.15 7.83 8.08
CA LYS E 310 -34.54 6.68 8.88
C LYS E 310 -33.67 5.47 8.55
N GLY E 311 -33.50 4.60 9.52
CA GLY E 311 -32.70 3.41 9.33
C GLY E 311 -31.89 3.09 10.58
N ILE E 312 -31.00 2.12 10.43
CA ILE E 312 -30.11 1.67 11.50
C ILE E 312 -28.68 1.95 11.08
N TYR E 313 -27.92 2.56 11.98
CA TYR E 313 -26.55 2.98 11.69
C TYR E 313 -25.62 2.55 12.81
N GLN E 314 -24.37 2.28 12.47
CA GLN E 314 -23.34 1.97 13.45
C GLN E 314 -22.51 3.22 13.72
N THR E 315 -22.41 3.61 15.00
CA THR E 315 -21.76 4.85 15.37
C THR E 315 -20.53 4.67 16.26
N SER E 316 -20.52 3.69 17.16
CA SER E 316 -19.41 3.53 18.09
C SER E 316 -19.31 2.05 18.49
N ASN E 317 -18.50 1.78 19.51
CA ASN E 317 -18.31 0.43 20.01
C ASN E 317 -18.45 0.46 21.53
N PHE E 318 -19.11 -0.54 22.09
CA PHE E 318 -19.35 -0.59 23.53
C PHE E 318 -18.30 -1.46 24.21
N ARG E 319 -17.63 -0.90 25.21
CA ARG E 319 -16.63 -1.62 25.98
C ARG E 319 -16.91 -1.45 27.47
N VAL E 320 -16.89 -2.56 28.20
CA VAL E 320 -17.04 -2.49 29.66
C VAL E 320 -15.70 -2.13 30.26
N GLN E 321 -15.66 -1.01 30.97
CA GLN E 321 -14.39 -0.56 31.55
C GLN E 321 -14.05 -1.37 32.79
N PRO E 322 -12.77 -1.66 33.01
CA PRO E 322 -12.36 -2.35 34.24
C PRO E 322 -12.56 -1.46 35.46
N THR E 323 -12.84 -2.10 36.60
CA THR E 323 -13.12 -1.38 37.84
C THR E 323 -12.01 -1.50 38.87
N GLU E 324 -11.15 -2.52 38.78
CA GLU E 324 -10.08 -2.73 39.75
C GLU E 324 -8.79 -3.05 39.01
N SER E 325 -7.67 -2.87 39.72
CA SER E 325 -6.35 -3.18 39.19
C SER E 325 -5.70 -4.21 40.10
N ILE E 326 -5.25 -5.32 39.52
CA ILE E 326 -4.66 -6.42 40.27
C ILE E 326 -3.22 -6.60 39.82
N VAL E 327 -2.29 -6.53 40.77
CA VAL E 327 -0.88 -6.76 40.53
C VAL E 327 -0.47 -8.00 41.30
N ARG E 328 -0.01 -9.02 40.57
CA ARG E 328 0.34 -10.30 41.17
C ARG E 328 1.81 -10.60 40.92
N PHE E 329 2.57 -10.72 42.01
CA PHE E 329 3.98 -11.11 41.97
C PHE E 329 4.21 -12.11 43.09
N PRO E 330 5.15 -13.04 42.92
CA PRO E 330 5.45 -14.00 43.99
C PRO E 330 6.03 -13.31 45.23
N ASN E 331 5.73 -13.87 46.39
CA ASN E 331 6.15 -13.28 47.67
C ASN E 331 7.54 -13.80 48.03
N ILE E 332 8.60 -13.09 47.62
CA ILE E 332 9.96 -13.65 47.86
C ILE E 332 10.77 -12.69 48.74
N THR E 333 11.13 -13.11 49.95
CA THR E 333 11.90 -12.24 50.88
C THR E 333 13.39 -12.32 50.52
N ASN E 334 13.82 -13.35 49.79
CA ASN E 334 15.26 -13.54 49.51
C ASN E 334 15.66 -12.67 48.31
N LEU E 335 16.73 -11.89 48.45
CA LEU E 335 17.13 -10.97 47.35
C LEU E 335 18.18 -11.65 46.46
N CYS E 336 18.11 -11.41 45.15
CA CYS E 336 19.10 -11.96 44.24
C CYS E 336 20.49 -11.40 44.57
N PRO E 337 21.53 -12.24 44.57
CA PRO E 337 22.87 -11.80 45.00
C PRO E 337 23.59 -10.99 43.93
N PHE E 338 23.12 -9.77 43.70
CA PHE E 338 23.82 -8.87 42.78
C PHE E 338 25.10 -8.32 43.41
N GLY E 339 25.17 -8.31 44.74
CA GLY E 339 26.39 -7.87 45.39
C GLY E 339 27.55 -8.83 45.21
N GLU E 340 27.25 -10.11 44.97
CA GLU E 340 28.31 -11.07 44.68
C GLU E 340 28.93 -10.84 43.31
N VAL E 341 28.16 -10.29 42.37
CA VAL E 341 28.64 -10.09 41.01
C VAL E 341 29.21 -8.69 40.83
N PHE E 342 28.45 -7.66 41.23
CA PHE E 342 28.88 -6.29 40.99
C PHE E 342 30.02 -5.89 41.93
N ASN E 343 29.93 -6.27 43.20
CA ASN E 343 30.92 -5.90 44.20
C ASN E 343 31.93 -7.01 44.47
N ALA E 344 32.23 -7.84 43.47
CA ALA E 344 33.21 -8.90 43.64
C ALA E 344 34.62 -8.31 43.75
N THR E 345 35.44 -8.93 44.60
CA THR E 345 36.82 -8.46 44.78
C THR E 345 37.66 -8.70 43.53
N ARG E 346 37.60 -9.92 42.99
CA ARG E 346 38.38 -10.29 41.81
C ARG E 346 37.43 -10.55 40.66
N PHE E 347 37.78 -10.03 39.48
CA PHE E 347 37.02 -10.22 38.26
C PHE E 347 37.80 -11.08 37.29
N ALA E 348 37.07 -11.91 36.55
CA ALA E 348 37.71 -12.81 35.60
C ALA E 348 38.12 -12.06 34.33
N SER E 349 39.01 -12.67 33.56
CA SER E 349 39.44 -12.09 32.29
C SER E 349 38.34 -12.24 31.24
N VAL E 350 38.46 -11.48 30.16
CA VAL E 350 37.43 -11.47 29.13
C VAL E 350 37.43 -12.78 28.33
N TYR E 351 38.61 -13.41 28.18
CA TYR E 351 38.64 -14.69 27.47
C TYR E 351 38.08 -15.82 28.34
N ALA E 352 38.13 -15.67 29.66
CA ALA E 352 37.64 -16.65 30.61
C ALA E 352 36.54 -16.06 31.48
N TRP E 353 35.58 -15.39 30.85
CA TRP E 353 34.53 -14.68 31.55
C TRP E 353 33.67 -15.62 32.38
N ASN E 354 33.40 -15.23 33.61
CA ASN E 354 32.60 -16.02 34.53
C ASN E 354 31.11 -15.81 34.26
N ARG E 355 30.33 -16.87 34.45
CA ARG E 355 28.89 -16.81 34.29
C ARG E 355 28.24 -17.25 35.59
N LYS E 356 27.34 -16.41 36.11
CA LYS E 356 26.62 -16.69 37.35
C LYS E 356 25.13 -16.86 37.03
N ARG E 357 24.58 -18.00 37.44
CA ARG E 357 23.16 -18.27 37.25
C ARG E 357 22.37 -17.72 38.44
N ILE E 358 21.39 -16.87 38.13
CA ILE E 358 20.59 -16.20 39.16
C ILE E 358 19.14 -16.68 39.01
N SER E 359 18.62 -17.30 40.06
CA SER E 359 17.27 -17.85 40.03
C SER E 359 16.76 -18.00 41.45
N ASN E 360 15.44 -18.18 41.57
CA ASN E 360 14.74 -18.42 42.83
C ASN E 360 14.98 -17.28 43.83
N CYS E 361 14.77 -16.06 43.36
CA CYS E 361 14.98 -14.87 44.17
C CYS E 361 14.21 -13.71 43.56
N VAL E 362 14.17 -12.59 44.29
CA VAL E 362 13.56 -11.36 43.81
C VAL E 362 14.67 -10.36 43.50
N ALA E 363 14.56 -9.70 42.35
CA ALA E 363 15.58 -8.78 41.87
C ALA E 363 14.99 -7.39 41.70
N ASP E 364 15.66 -6.40 42.27
CA ASP E 364 15.27 -4.99 42.16
C ASP E 364 16.26 -4.31 41.21
N TYR E 365 15.83 -4.10 39.97
CA TYR E 365 16.69 -3.50 38.97
C TYR E 365 16.73 -1.98 39.05
N SER E 366 15.87 -1.37 39.88
CA SER E 366 15.81 0.08 39.97
C SER E 366 17.04 0.66 40.65
N VAL E 367 17.60 -0.04 41.63
CA VAL E 367 18.77 0.46 42.34
C VAL E 367 20.02 0.41 41.46
N LEU E 368 20.02 -0.46 40.45
CA LEU E 368 21.13 -0.49 39.50
C LEU E 368 21.06 0.70 38.54
N TYR E 369 19.86 1.02 38.07
CA TYR E 369 19.68 2.22 37.26
C TYR E 369 19.91 3.49 38.05
N ASN E 370 19.36 3.55 39.27
CA ASN E 370 19.46 4.75 40.10
C ASN E 370 20.64 4.58 41.06
N SER E 371 21.83 4.54 40.49
CA SER E 371 23.07 4.44 41.28
C SER E 371 24.12 5.48 40.93
N ALA E 372 24.14 6.00 39.70
CA ALA E 372 25.04 7.08 39.24
C ALA E 372 26.52 6.71 39.31
N SER E 373 26.83 5.43 39.51
CA SER E 373 28.20 4.97 39.54
C SER E 373 28.61 4.20 38.29
N PHE E 374 27.69 3.99 37.36
CA PHE E 374 27.96 3.24 36.13
C PHE E 374 28.07 4.21 34.97
N SER E 375 29.19 4.15 34.25
CA SER E 375 29.38 4.99 33.08
C SER E 375 28.58 4.52 31.88
N THR E 376 28.27 3.24 31.79
CA THR E 376 27.53 2.67 30.67
C THR E 376 26.37 1.84 31.19
N PHE E 377 25.15 2.23 30.82
CA PHE E 377 23.95 1.45 31.14
C PHE E 377 22.97 1.64 29.99
N LYS E 378 22.99 0.71 29.03
CA LYS E 378 22.03 0.70 27.94
C LYS E 378 21.56 -0.74 27.78
N CYS E 379 20.24 -0.92 27.72
CA CYS E 379 19.63 -2.24 27.67
C CYS E 379 19.11 -2.53 26.26
N TYR E 380 19.16 -3.81 25.90
CA TYR E 380 18.77 -4.26 24.57
C TYR E 380 17.54 -5.15 24.68
N GLY E 381 16.52 -4.86 23.88
CA GLY E 381 15.28 -5.61 23.89
C GLY E 381 14.26 -5.09 24.89
N VAL E 382 14.71 -4.67 26.05
CA VAL E 382 13.87 -4.10 27.08
C VAL E 382 14.41 -2.70 27.40
N SER E 383 13.49 -1.78 27.81
CA SER E 383 13.83 -0.42 28.21
C SER E 383 14.70 -0.44 29.47
N PRO E 384 15.58 0.57 29.65
CA PRO E 384 16.33 0.69 30.90
C PRO E 384 15.43 0.84 32.13
N THR E 385 14.31 1.55 31.97
CA THR E 385 13.31 1.57 33.01
C THR E 385 12.33 0.42 32.82
N LYS E 386 11.37 0.31 33.75
CA LYS E 386 10.26 -0.65 33.71
C LYS E 386 10.77 -2.10 33.76
N LEU E 387 12.00 -2.30 34.25
CA LEU E 387 12.58 -3.64 34.33
C LEU E 387 11.94 -4.49 35.42
N ASN E 388 11.39 -3.87 36.45
CA ASN E 388 10.88 -4.61 37.60
C ASN E 388 9.46 -5.14 37.39
N ASP E 389 8.87 -4.91 36.21
CA ASP E 389 7.55 -5.42 35.90
C ASP E 389 7.59 -6.71 35.10
N LEU E 390 8.76 -7.31 34.94
CA LEU E 390 8.93 -8.51 34.15
C LEU E 390 9.54 -9.63 34.99
N CYS E 391 9.29 -10.87 34.54
CA CYS E 391 9.82 -12.05 35.20
C CYS E 391 10.47 -12.95 34.15
N PHE E 392 11.52 -13.65 34.57
CA PHE E 392 12.27 -14.50 33.66
C PHE E 392 12.56 -15.84 34.32
N THR E 393 12.90 -16.82 33.50
CA THR E 393 13.26 -18.14 34.02
C THR E 393 14.62 -18.12 34.69
N ASN E 394 15.61 -17.55 34.02
CA ASN E 394 16.98 -17.50 34.53
C ASN E 394 17.63 -16.20 34.09
N VAL E 395 18.50 -15.67 34.94
CA VAL E 395 19.28 -14.47 34.64
C VAL E 395 20.75 -14.83 34.76
N TYR E 396 21.51 -14.58 33.69
CA TYR E 396 22.93 -14.89 33.65
C TYR E 396 23.75 -13.61 33.71
N ALA E 397 24.66 -13.55 34.68
CA ALA E 397 25.49 -12.36 34.91
C ALA E 397 26.92 -12.70 34.50
N ASP E 398 27.37 -12.09 33.41
CA ASP E 398 28.73 -12.29 32.90
C ASP E 398 29.60 -11.11 33.30
N SER E 399 30.71 -11.41 33.99
CA SER E 399 31.59 -10.38 34.52
C SER E 399 32.99 -10.58 33.97
N PHE E 400 33.59 -9.49 33.50
CA PHE E 400 34.90 -9.48 32.85
C PHE E 400 35.41 -8.06 32.80
N VAL E 401 36.72 -7.92 32.56
CA VAL E 401 37.41 -6.64 32.60
C VAL E 401 37.99 -6.32 31.23
N ILE E 402 37.64 -5.15 30.70
CA ILE E 402 38.07 -4.68 29.39
C ILE E 402 38.49 -3.22 29.55
N ARG E 403 39.40 -2.76 28.69
CA ARG E 403 39.80 -1.37 28.60
C ARG E 403 38.62 -0.48 28.18
N GLY E 404 38.86 0.84 28.24
CA GLY E 404 37.79 1.78 27.98
C GLY E 404 37.44 1.92 26.52
N ASP E 405 38.40 1.65 25.63
CA ASP E 405 38.16 1.83 24.20
C ASP E 405 37.27 0.75 23.61
N GLU E 406 37.21 -0.43 24.23
CA GLU E 406 36.48 -1.55 23.65
C GLU E 406 35.17 -1.85 24.35
N VAL E 407 34.66 -0.93 25.17
CA VAL E 407 33.36 -1.15 25.82
C VAL E 407 32.22 -1.08 24.82
N ARG E 408 32.45 -0.42 23.68
CA ARG E 408 31.43 -0.38 22.64
C ARG E 408 31.27 -1.71 21.92
N GLN E 409 32.28 -2.59 22.00
CA GLN E 409 32.21 -3.90 21.37
C GLN E 409 31.27 -4.86 22.09
N ILE E 410 30.87 -4.56 23.32
CA ILE E 410 29.90 -5.39 24.03
C ILE E 410 28.51 -4.91 23.65
N ALA E 411 28.03 -5.37 22.50
CA ALA E 411 26.76 -4.96 21.92
C ALA E 411 26.44 -5.87 20.76
N PRO E 412 25.17 -6.09 20.43
CA PRO E 412 24.85 -6.82 19.20
C PRO E 412 25.28 -6.04 17.96
N GLY E 413 25.71 -6.79 16.94
CA GLY E 413 26.09 -6.18 15.68
C GLY E 413 27.42 -5.48 15.67
N GLN E 414 28.26 -5.66 16.68
CA GLN E 414 29.58 -5.05 16.74
C GLN E 414 30.67 -6.07 16.50
N THR E 415 31.78 -5.60 15.93
CA THR E 415 32.93 -6.43 15.63
C THR E 415 34.15 -5.86 16.35
N GLY E 416 35.24 -6.64 16.33
CA GLY E 416 36.47 -6.24 16.98
C GLY E 416 37.18 -7.42 17.61
N LYS E 417 38.27 -7.15 18.34
CA LYS E 417 39.03 -8.24 18.96
C LYS E 417 38.23 -8.91 20.07
N ILE E 418 37.55 -8.14 20.90
CA ILE E 418 36.74 -8.72 21.97
C ILE E 418 35.50 -9.40 21.41
N ALA E 419 34.84 -8.75 20.45
CA ALA E 419 33.58 -9.26 19.92
C ALA E 419 33.78 -10.55 19.14
N ASP E 420 34.89 -10.65 18.39
CA ASP E 420 35.10 -11.83 17.56
C ASP E 420 35.83 -12.94 18.32
N TYR E 421 36.78 -12.59 19.18
CA TYR E 421 37.68 -13.57 19.76
C TYR E 421 37.53 -13.77 21.26
N ASN E 422 36.83 -12.87 21.97
CA ASN E 422 36.78 -12.98 23.42
C ASN E 422 35.37 -13.20 23.95
N TYR E 423 34.42 -12.37 23.52
CA TYR E 423 33.07 -12.42 24.06
C TYR E 423 32.11 -11.84 23.03
N LYS E 424 31.17 -12.66 22.57
CA LYS E 424 30.27 -12.30 21.48
C LYS E 424 28.83 -12.34 21.96
N LEU E 425 28.04 -11.29 21.60
CA LEU E 425 26.62 -11.18 21.86
C LEU E 425 25.82 -11.56 20.61
N PRO E 426 24.67 -12.20 20.77
CA PRO E 426 23.82 -12.48 19.60
C PRO E 426 23.14 -11.22 19.10
N ASP E 427 22.68 -11.30 17.84
CA ASP E 427 21.98 -10.18 17.24
C ASP E 427 20.62 -9.94 17.88
N ASP E 428 20.00 -11.01 18.39
CA ASP E 428 18.73 -10.93 19.10
C ASP E 428 18.91 -10.92 20.61
N PHE E 429 19.98 -10.30 21.11
CA PHE E 429 20.26 -10.28 22.54
C PHE E 429 19.22 -9.47 23.28
N THR E 430 18.70 -10.04 24.37
CA THR E 430 17.72 -9.39 25.24
C THR E 430 18.34 -9.27 26.63
N GLY E 431 18.78 -8.07 26.98
CA GLY E 431 19.39 -7.87 28.28
C GLY E 431 20.02 -6.49 28.37
N CYS E 432 20.91 -6.35 29.36
CA CYS E 432 21.54 -5.07 29.66
C CYS E 432 23.04 -5.26 29.75
N VAL E 433 23.78 -4.21 29.39
CA VAL E 433 25.24 -4.18 29.49
C VAL E 433 25.62 -3.04 30.41
N ILE E 434 26.38 -3.35 31.47
CA ILE E 434 26.77 -2.39 32.49
C ILE E 434 28.30 -2.34 32.55
N ALA E 435 28.85 -1.13 32.49
CA ALA E 435 30.29 -0.95 32.59
C ALA E 435 30.57 0.29 33.44
N TRP E 436 31.69 0.25 34.17
CA TRP E 436 32.07 1.34 35.05
C TRP E 436 33.57 1.33 35.25
N ASN E 437 34.15 2.52 35.44
CA ASN E 437 35.59 2.69 35.41
C ASN E 437 36.23 2.14 36.68
N SER E 438 37.14 1.17 36.50
CA SER E 438 37.81 0.49 37.60
C SER E 438 39.32 0.72 37.57
N ASN E 439 39.74 1.96 37.35
CA ASN E 439 41.17 2.28 37.37
C ASN E 439 41.74 2.18 38.78
N ASN E 440 40.94 2.53 39.80
CA ASN E 440 41.41 2.49 41.17
C ASN E 440 41.51 1.08 41.73
N LEU E 441 41.00 0.08 41.03
CA LEU E 441 41.01 -1.30 41.52
C LEU E 441 41.82 -2.25 40.65
N ASP E 442 41.78 -2.11 39.33
CA ASP E 442 42.42 -3.06 38.43
C ASP E 442 43.74 -2.57 37.84
N SER E 443 44.22 -1.40 38.25
CA SER E 443 45.48 -0.88 37.77
C SER E 443 46.51 -0.86 38.89
N LYS E 444 47.75 -1.19 38.54
CA LYS E 444 48.85 -1.23 39.49
C LYS E 444 50.04 -0.47 38.91
N VAL E 445 50.86 0.09 39.80
CA VAL E 445 52.04 0.83 39.36
C VAL E 445 53.04 -0.14 38.77
N GLY E 446 53.51 0.16 37.56
CA GLY E 446 54.36 -0.75 36.82
C GLY E 446 53.63 -1.70 35.90
N GLY E 447 52.30 -1.71 35.92
CA GLY E 447 51.53 -2.55 35.03
C GLY E 447 50.86 -3.73 35.73
N ASN E 448 49.54 -3.82 35.61
CA ASN E 448 48.80 -4.97 36.12
C ASN E 448 48.62 -5.95 34.97
N TYR E 449 49.36 -7.06 35.02
CA TYR E 449 49.41 -8.01 33.92
C TYR E 449 48.57 -9.25 34.17
N ASN E 450 47.72 -9.24 35.20
CA ASN E 450 46.89 -10.41 35.50
C ASN E 450 45.74 -10.55 34.50
N TYR E 451 45.29 -9.45 33.92
CA TYR E 451 44.15 -9.45 33.00
C TYR E 451 44.65 -9.69 31.59
N LEU E 452 44.10 -10.71 30.92
CA LEU E 452 44.53 -11.11 29.60
C LEU E 452 43.34 -11.15 28.65
N TYR E 453 43.63 -10.97 27.36
CA TYR E 453 42.61 -11.09 26.32
C TYR E 453 43.16 -11.96 25.19
N ARG E 454 42.25 -12.66 24.52
CA ARG E 454 42.63 -13.50 23.38
C ARG E 454 42.86 -12.61 22.16
N LEU E 455 44.09 -12.66 21.62
CA LEU E 455 44.46 -11.81 20.50
C LEU E 455 44.45 -12.53 19.16
N PHE E 456 44.87 -13.79 19.12
CA PHE E 456 44.93 -14.55 17.88
C PHE E 456 43.92 -15.68 17.91
N ARG E 457 43.06 -15.74 16.90
CA ARG E 457 42.14 -16.86 16.72
C ARG E 457 41.78 -16.95 15.24
N LYS E 458 41.59 -18.19 14.77
CA LYS E 458 41.35 -18.41 13.35
C LYS E 458 39.98 -17.92 12.92
N SER E 459 38.96 -18.14 13.75
N SER E 459 38.96 -18.14 13.75
CA SER E 459 37.59 -17.82 13.40
CA SER E 459 37.59 -17.83 13.40
C SER E 459 36.93 -17.05 14.52
C SER E 459 36.92 -17.05 14.53
N ASN E 460 35.87 -16.32 14.18
CA ASN E 460 35.12 -15.54 15.15
C ASN E 460 34.32 -16.45 16.07
N LEU E 461 34.11 -15.99 17.30
CA LEU E 461 33.34 -16.78 18.26
C LEU E 461 31.85 -16.74 17.95
N LYS E 462 31.17 -17.82 18.33
CA LYS E 462 29.72 -17.84 18.36
C LYS E 462 29.23 -16.97 19.51
N PRO E 463 27.97 -16.54 19.47
CA PRO E 463 27.39 -15.84 20.63
C PRO E 463 27.38 -16.75 21.87
N PHE E 464 27.70 -16.14 23.01
CA PHE E 464 27.82 -16.83 24.30
C PHE E 464 28.80 -17.99 24.26
N GLU E 465 29.93 -17.81 23.59
CA GLU E 465 30.97 -18.82 23.53
C GLU E 465 32.16 -18.40 24.41
N ARG E 466 32.69 -19.36 25.16
CA ARG E 466 33.79 -19.13 26.08
C ARG E 466 34.94 -20.04 25.68
N ASP E 467 36.04 -19.45 25.21
CA ASP E 467 37.22 -20.19 24.77
C ASP E 467 38.36 -19.93 25.75
N ILE E 468 38.88 -20.99 26.33
CA ILE E 468 39.96 -20.91 27.32
C ILE E 468 41.21 -21.66 26.87
N SER E 469 41.29 -22.01 25.59
CA SER E 469 42.44 -22.75 25.10
C SER E 469 43.69 -21.88 25.06
N THR E 470 44.83 -22.47 25.42
CA THR E 470 46.11 -21.79 25.43
C THR E 470 47.07 -22.43 24.42
N GLU E 471 46.53 -23.10 23.41
CA GLU E 471 47.35 -23.69 22.36
C GLU E 471 48.02 -22.59 21.53
N ILE E 472 49.28 -22.82 21.16
CA ILE E 472 50.03 -21.84 20.38
C ILE E 472 49.38 -21.68 19.01
N TYR E 473 49.08 -20.43 18.64
CA TYR E 473 48.39 -20.13 17.40
C TYR E 473 49.34 -20.34 16.23
N GLN E 474 48.88 -21.08 15.22
CA GLN E 474 49.68 -21.40 14.05
C GLN E 474 49.28 -20.44 12.93
N ALA E 475 50.15 -19.48 12.64
CA ALA E 475 49.91 -18.48 11.60
C ALA E 475 50.47 -18.88 10.24
N GLY E 476 51.09 -20.05 10.14
CA GLY E 476 51.65 -20.50 8.88
C GLY E 476 51.39 -21.97 8.62
N SER E 477 52.09 -22.53 7.63
CA SER E 477 51.94 -23.95 7.30
C SER E 477 52.82 -24.85 8.17
N THR E 478 53.72 -24.28 8.97
CA THR E 478 54.61 -25.06 9.82
C THR E 478 53.96 -25.28 11.18
N PRO E 479 53.84 -26.53 11.64
CA PRO E 479 53.32 -26.77 12.99
C PRO E 479 54.25 -26.20 14.06
N CYS E 480 53.64 -25.75 15.15
CA CYS E 480 54.37 -25.08 16.22
C CYS E 480 54.97 -26.06 17.23
N ASN E 481 54.27 -27.17 17.48
CA ASN E 481 54.67 -28.19 18.47
C ASN E 481 54.85 -27.58 19.87
N GLY E 482 54.00 -26.61 20.19
CA GLY E 482 54.05 -25.97 21.49
C GLY E 482 55.22 -25.04 21.70
N VAL E 483 55.87 -24.58 20.64
CA VAL E 483 57.04 -23.72 20.74
C VAL E 483 56.71 -22.38 20.08
N GLU E 484 56.85 -21.30 20.83
CA GLU E 484 56.64 -19.97 20.28
C GLU E 484 57.79 -19.57 19.37
N GLY E 485 57.48 -18.72 18.39
CA GLY E 485 58.50 -18.29 17.44
C GLY E 485 57.84 -17.59 16.26
N PHE E 486 58.51 -17.70 15.11
CA PHE E 486 57.95 -17.14 13.89
C PHE E 486 56.71 -17.93 13.46
N ASN E 487 55.63 -17.20 13.18
CA ASN E 487 54.31 -17.75 12.85
C ASN E 487 53.78 -18.69 13.93
N CYS E 488 54.18 -18.46 15.18
CA CYS E 488 53.78 -19.28 16.33
C CYS E 488 53.66 -18.34 17.52
N TYR E 489 52.44 -17.89 17.79
CA TYR E 489 52.19 -16.85 18.79
C TYR E 489 51.29 -17.39 19.89
N PHE E 490 51.52 -16.95 21.12
CA PHE E 490 50.64 -17.30 22.22
C PHE E 490 49.30 -16.59 22.03
N PRO E 491 48.18 -17.30 22.18
CA PRO E 491 46.87 -16.68 21.86
C PRO E 491 46.42 -15.60 22.80
N LEU E 492 46.97 -15.53 24.01
CA LEU E 492 46.55 -14.55 25.00
C LEU E 492 47.56 -13.42 25.11
N GLN E 493 47.05 -12.20 25.16
CA GLN E 493 47.87 -11.00 25.30
C GLN E 493 47.46 -10.27 26.57
N SER E 494 48.45 -9.76 27.30
CA SER E 494 48.21 -9.07 28.55
C SER E 494 47.90 -7.59 28.29
N TYR E 495 46.94 -7.07 29.06
CA TYR E 495 46.58 -5.66 28.92
C TYR E 495 47.66 -4.75 29.49
N GLY E 496 48.17 -5.07 30.68
CA GLY E 496 49.14 -4.19 31.33
C GLY E 496 48.56 -2.87 31.78
N PHE E 497 47.48 -2.91 32.55
CA PHE E 497 46.83 -1.69 33.02
C PHE E 497 47.73 -0.91 33.97
N GLN E 498 47.77 0.41 33.79
CA GLN E 498 48.52 1.32 34.64
C GLN E 498 47.63 2.48 35.08
N PRO E 499 47.86 3.04 36.27
CA PRO E 499 47.06 4.20 36.70
C PRO E 499 47.30 5.45 35.86
N THR E 500 48.45 5.56 35.18
CA THR E 500 48.76 6.70 34.35
C THR E 500 48.27 6.53 32.91
N ASN E 501 47.58 5.44 32.62
CA ASN E 501 47.09 5.21 31.27
C ASN E 501 45.92 6.12 30.95
N GLY E 502 45.60 6.22 29.66
CA GLY E 502 44.49 7.06 29.23
C GLY E 502 43.15 6.44 29.57
N VAL E 503 42.10 7.25 29.36
CA VAL E 503 40.73 6.84 29.71
C VAL E 503 40.32 5.61 28.90
N GLY E 504 40.61 5.61 27.60
CA GLY E 504 40.36 4.43 26.79
C GLY E 504 41.26 3.26 27.13
N TYR E 505 42.41 3.51 27.73
CA TYR E 505 43.31 2.47 28.19
C TYR E 505 43.03 2.04 29.62
N GLN E 506 42.17 2.77 30.35
CA GLN E 506 41.82 2.42 31.72
C GLN E 506 40.91 1.19 31.73
N PRO E 507 41.10 0.30 32.71
CA PRO E 507 40.25 -0.90 32.79
C PRO E 507 38.84 -0.56 33.24
N TYR E 508 37.88 -1.30 32.68
CA TYR E 508 36.47 -1.19 33.04
C TYR E 508 35.94 -2.55 33.42
N ARG E 509 35.28 -2.63 34.56
CA ARG E 509 34.61 -3.86 34.97
C ARG E 509 33.22 -3.90 34.34
N VAL E 510 33.01 -4.88 33.45
CA VAL E 510 31.80 -4.96 32.65
C VAL E 510 30.95 -6.12 33.12
N VAL E 511 29.70 -5.84 33.47
CA VAL E 511 28.74 -6.84 33.90
C VAL E 511 27.60 -6.87 32.89
N VAL E 512 27.34 -8.03 32.31
CA VAL E 512 26.31 -8.20 31.29
C VAL E 512 25.25 -9.14 31.84
N LEU E 513 24.00 -8.70 31.80
CA LEU E 513 22.86 -9.49 32.26
C LEU E 513 22.07 -9.97 31.05
N SER E 514 21.75 -11.25 31.03
CA SER E 514 20.99 -11.87 29.95
C SER E 514 19.66 -12.38 30.50
N PHE E 515 18.57 -12.05 29.80
CA PHE E 515 17.23 -12.49 30.18
C PHE E 515 16.68 -13.44 29.13
N GLU E 516 16.07 -14.52 29.60
CA GLU E 516 15.52 -15.55 28.72
C GLU E 516 14.14 -15.09 28.24
N LEU E 517 13.98 -14.98 26.92
CA LEU E 517 12.71 -14.51 26.36
C LEU E 517 11.60 -15.53 26.54
N LEU E 518 11.92 -16.81 26.38
CA LEU E 518 10.93 -17.87 26.60
C LEU E 518 10.57 -17.94 28.07
N HIS E 519 9.28 -18.15 28.35
CA HIS E 519 8.74 -18.05 29.71
C HIS E 519 8.40 -19.43 30.25
N ALA E 520 8.70 -19.64 31.53
CA ALA E 520 8.40 -20.83 32.30
C ALA E 520 7.71 -20.37 33.58
N PRO E 521 7.31 -21.30 34.49
CA PRO E 521 7.08 -20.87 35.88
C PRO E 521 8.27 -20.09 36.44
N ALA E 522 8.03 -18.81 36.72
CA ALA E 522 9.11 -17.85 36.90
C ALA E 522 9.88 -18.09 38.19
N THR E 523 11.19 -17.88 38.13
CA THR E 523 12.08 -17.97 39.28
C THR E 523 12.56 -16.63 39.78
N VAL E 524 12.78 -15.66 38.89
CA VAL E 524 13.23 -14.33 39.27
C VAL E 524 12.15 -13.34 38.85
N CYS E 525 11.82 -12.40 39.74
CA CYS E 525 10.75 -11.43 39.52
C CYS E 525 11.11 -10.11 40.18
N GLY E 526 10.32 -9.09 39.85
CA GLY E 526 10.52 -7.77 40.39
C GLY E 526 9.80 -7.56 41.70
N PRO E 527 10.23 -6.57 42.49
CA PRO E 527 9.66 -6.35 43.83
C PRO E 527 8.46 -5.42 43.83
N LYS E 528 7.39 -5.82 43.15
CA LYS E 528 6.12 -5.12 43.19
C LYS E 528 5.19 -5.83 44.16
N LYS E 529 4.39 -5.05 44.88
CA LYS E 529 3.56 -5.61 45.94
C LYS E 529 2.43 -6.46 45.36
N SER E 530 2.28 -7.67 45.90
CA SER E 530 1.26 -8.59 45.43
C SER E 530 -0.11 -8.15 45.94
N THR E 531 -1.10 -8.19 45.06
CA THR E 531 -2.47 -7.86 45.40
C THR E 531 -3.34 -9.11 45.29
N ASN E 532 -4.50 -9.07 45.96
CA ASN E 532 -5.41 -10.20 45.92
C ASN E 532 -6.03 -10.34 44.54
N LEU E 533 -6.34 -11.59 44.19
CA LEU E 533 -6.88 -11.92 42.87
C LEU E 533 -8.39 -12.01 42.95
N VAL E 534 -9.07 -11.30 42.04
CA VAL E 534 -10.52 -11.24 41.98
C VAL E 534 -10.98 -11.97 40.73
N LYS E 535 -11.92 -12.89 40.89
CA LYS E 535 -12.40 -13.72 39.81
C LYS E 535 -13.73 -13.20 39.26
N ASN E 536 -14.04 -13.63 38.04
CA ASN E 536 -15.32 -13.40 37.37
C ASN E 536 -15.61 -11.91 37.15
N LYS E 537 -14.56 -11.10 36.97
CA LYS E 537 -14.72 -9.68 36.71
C LYS E 537 -13.74 -9.25 35.63
N CYS E 538 -14.07 -8.16 34.94
CA CYS E 538 -13.17 -7.57 33.96
C CYS E 538 -12.11 -6.75 34.66
N VAL E 539 -10.90 -7.31 34.78
CA VAL E 539 -9.81 -6.68 35.52
C VAL E 539 -8.58 -6.61 34.65
N ASN E 540 -7.66 -5.73 35.04
CA ASN E 540 -6.34 -5.62 34.41
C ASN E 540 -5.37 -6.49 35.21
N PHE E 541 -4.86 -7.53 34.57
CA PHE E 541 -4.03 -8.52 35.24
C PHE E 541 -2.59 -8.45 34.76
N ASN E 542 -1.67 -8.91 35.61
CA ASN E 542 -0.25 -8.95 35.29
C ASN E 542 0.30 -10.22 35.93
N PHE E 543 0.51 -11.26 35.13
CA PHE E 543 1.02 -12.55 35.60
C PHE E 543 2.45 -12.71 35.10
N ASN E 544 3.41 -12.39 35.97
CA ASN E 544 4.85 -12.58 35.71
C ASN E 544 5.31 -11.84 34.46
N GLY E 545 4.81 -10.62 34.29
CA GLY E 545 5.14 -9.82 33.13
C GLY E 545 4.19 -9.94 31.96
N LEU E 546 3.28 -10.91 31.99
CA LEU E 546 2.28 -11.07 30.94
C LEU E 546 1.04 -10.26 31.32
N THR E 547 0.79 -9.20 30.58
CA THR E 547 -0.28 -8.26 30.90
C THR E 547 -1.44 -8.43 29.92
N GLY E 548 -2.60 -7.95 30.34
CA GLY E 548 -3.78 -8.01 29.51
C GLY E 548 -5.01 -7.62 30.30
N THR E 549 -6.14 -7.62 29.59
CA THR E 549 -7.43 -7.29 30.17
C THR E 549 -8.41 -8.41 29.83
N GLY E 550 -9.10 -8.93 30.84
CA GLY E 550 -10.04 -10.00 30.62
C GLY E 550 -10.66 -10.45 31.92
N VAL E 551 -11.39 -11.57 31.83
CA VAL E 551 -12.10 -12.16 32.95
C VAL E 551 -11.37 -13.43 33.37
N LEU E 552 -11.02 -13.51 34.66
CA LEU E 552 -10.30 -14.66 35.21
C LEU E 552 -11.31 -15.63 35.81
N THR E 553 -11.46 -16.79 35.17
CA THR E 553 -12.36 -17.83 35.63
C THR E 553 -11.58 -19.12 35.83
N GLU E 554 -12.15 -20.00 36.65
CA GLU E 554 -11.53 -21.30 36.92
C GLU E 554 -11.54 -22.16 35.67
N SER E 555 -10.46 -22.90 35.47
CA SER E 555 -10.26 -23.71 34.27
C SER E 555 -10.46 -25.19 34.57
N ASN E 556 -10.53 -25.97 33.49
CA ASN E 556 -10.57 -27.42 33.57
C ASN E 556 -9.40 -28.03 32.80
N LYS E 557 -8.42 -27.19 32.44
CA LYS E 557 -7.25 -27.63 31.69
C LYS E 557 -6.23 -28.26 32.61
N LYS E 558 -5.41 -29.15 32.06
CA LYS E 558 -4.40 -29.88 32.80
C LYS E 558 -3.03 -29.43 32.30
N PHE E 559 -2.49 -28.39 32.93
CA PHE E 559 -1.15 -27.91 32.58
C PHE E 559 -0.08 -28.85 33.07
N LEU E 560 0.94 -29.03 32.24
CA LEU E 560 2.14 -29.75 32.63
C LEU E 560 2.94 -28.93 33.63
N PRO E 561 3.72 -29.59 34.52
CA PRO E 561 4.37 -28.85 35.62
C PRO E 561 5.37 -27.79 35.21
N PHE E 562 5.89 -27.90 33.99
CA PHE E 562 6.88 -26.94 33.49
C PHE E 562 6.25 -25.86 32.63
N GLN E 563 4.94 -25.86 32.47
CA GLN E 563 4.25 -24.93 31.57
C GLN E 563 3.63 -23.80 32.39
N GLN E 564 3.83 -22.57 31.93
CA GLN E 564 3.30 -21.40 32.60
C GLN E 564 1.97 -20.93 32.04
N PHE E 565 1.84 -20.87 30.71
CA PHE E 565 0.63 -20.33 30.09
C PHE E 565 0.29 -21.14 28.86
N GLY E 566 -1.00 -21.12 28.51
CA GLY E 566 -1.50 -21.79 27.32
C GLY E 566 -1.42 -20.86 26.12
N ARG E 567 -1.79 -21.41 24.95
CA ARG E 567 -1.69 -20.68 23.70
C ARG E 567 -3.01 -20.77 22.94
N ASP E 568 -3.41 -19.67 22.32
CA ASP E 568 -4.51 -19.67 21.37
C ASP E 568 -3.97 -19.66 19.94
N ILE E 569 -4.86 -19.94 18.98
CA ILE E 569 -4.48 -19.88 17.59
C ILE E 569 -4.34 -18.43 17.12
N ALA E 570 -4.93 -17.49 17.86
CA ALA E 570 -4.91 -16.07 17.51
C ALA E 570 -3.74 -15.32 18.15
N ASP E 571 -2.80 -16.02 18.77
CA ASP E 571 -1.70 -15.48 19.56
C ASP E 571 -2.24 -14.59 20.69
N THR E 572 -3.34 -15.00 21.32
CA THR E 572 -3.85 -14.31 22.49
C THR E 572 -3.71 -15.21 23.72
N THR E 573 -3.67 -14.57 24.89
CA THR E 573 -3.46 -15.31 26.13
C THR E 573 -4.71 -16.11 26.48
N ASP E 574 -4.56 -17.44 26.54
CA ASP E 574 -5.69 -18.33 26.78
C ASP E 574 -5.84 -18.68 28.25
N ALA E 575 -4.82 -19.29 28.85
CA ALA E 575 -4.84 -19.64 30.27
C ALA E 575 -3.47 -19.34 30.84
N VAL E 576 -3.42 -19.10 32.15
CA VAL E 576 -2.19 -18.76 32.84
C VAL E 576 -2.18 -19.45 34.21
N ARG E 577 -0.99 -19.75 34.68
CA ARG E 577 -0.80 -20.32 36.01
C ARG E 577 -0.46 -19.21 36.99
N ASP E 578 -1.13 -19.22 38.14
CA ASP E 578 -0.86 -18.24 39.18
C ASP E 578 0.53 -18.52 39.78
N PRO E 579 1.41 -17.51 39.88
CA PRO E 579 2.75 -17.78 40.42
C PRO E 579 2.78 -18.12 41.89
N GLN E 580 1.73 -17.81 42.65
CA GLN E 580 1.69 -18.10 44.08
C GLN E 580 0.88 -19.33 44.43
N THR E 581 -0.22 -19.58 43.72
CA THR E 581 -1.07 -20.73 43.96
C THR E 581 -1.04 -21.64 42.73
N LEU E 582 -0.81 -22.94 42.97
CA LEU E 582 -0.71 -23.91 41.88
C LEU E 582 -2.11 -24.21 41.34
N GLU E 583 -2.60 -23.27 40.53
CA GLU E 583 -3.90 -23.40 39.89
C GLU E 583 -3.86 -22.70 38.54
N ILE E 584 -4.79 -23.07 37.66
CA ILE E 584 -4.83 -22.57 36.29
C ILE E 584 -6.10 -21.75 36.11
N LEU E 585 -5.95 -20.54 35.58
CA LEU E 585 -7.05 -19.62 35.38
C LEU E 585 -7.23 -19.36 33.89
N ASP E 586 -8.47 -19.48 33.41
CA ASP E 586 -8.78 -19.12 32.03
C ASP E 586 -9.03 -17.62 31.93
N ILE E 587 -8.54 -17.03 30.86
CA ILE E 587 -8.73 -15.61 30.58
C ILE E 587 -9.76 -15.47 29.46
N THR E 588 -10.97 -15.08 29.81
CA THR E 588 -11.99 -14.73 28.85
C THR E 588 -11.95 -13.23 28.63
N PRO E 589 -11.83 -12.76 27.38
CA PRO E 589 -11.81 -11.31 27.14
C PRO E 589 -13.11 -10.66 27.55
N CYS E 590 -13.02 -9.40 27.97
CA CYS E 590 -14.17 -8.67 28.48
C CYS E 590 -15.18 -8.44 27.36
N SER E 591 -16.46 -8.32 27.74
CA SER E 591 -17.53 -8.23 26.77
C SER E 591 -17.45 -6.94 25.96
N PHE E 592 -17.64 -7.07 24.65
CA PHE E 592 -17.55 -5.95 23.74
C PHE E 592 -18.44 -6.22 22.54
N GLY E 593 -18.75 -5.15 21.81
CA GLY E 593 -19.56 -5.27 20.61
C GLY E 593 -19.82 -3.91 20.02
N GLY E 594 -20.23 -3.93 18.75
CA GLY E 594 -20.56 -2.69 18.08
C GLY E 594 -21.85 -2.08 18.59
N VAL E 595 -21.97 -0.77 18.39
CA VAL E 595 -23.15 -0.02 18.81
C VAL E 595 -23.94 0.35 17.57
N SER E 596 -25.15 -0.17 17.47
CA SER E 596 -26.07 0.17 16.39
C SER E 596 -27.25 0.94 16.97
N VAL E 597 -27.65 2.00 16.29
CA VAL E 597 -28.71 2.89 16.74
C VAL E 597 -29.86 2.85 15.74
N ILE E 598 -31.08 2.72 16.25
CA ILE E 598 -32.28 2.68 15.42
C ILE E 598 -32.89 4.07 15.46
N THR E 599 -32.93 4.74 14.31
CA THR E 599 -33.41 6.12 14.22
C THR E 599 -34.64 6.18 13.32
N PRO E 600 -35.80 6.56 13.83
CA PRO E 600 -36.96 6.79 12.94
C PRO E 600 -36.80 7.97 12.01
N GLY E 601 -35.86 8.87 12.28
CA GLY E 601 -35.66 10.04 11.45
C GLY E 601 -35.90 11.32 12.21
N THR E 602 -34.92 12.23 12.19
CA THR E 602 -35.02 13.49 12.92
C THR E 602 -36.11 14.41 12.37
N ASN E 603 -36.58 14.19 11.14
CA ASN E 603 -37.70 14.96 10.62
C ASN E 603 -39.02 14.60 11.30
N THR E 604 -39.08 13.45 11.97
CA THR E 604 -40.28 13.01 12.66
C THR E 604 -40.15 13.05 14.18
N SER E 605 -39.15 12.39 14.74
CA SER E 605 -38.97 12.36 16.19
C SER E 605 -37.50 12.16 16.51
N ASN E 606 -37.10 12.60 17.70
CA ASN E 606 -35.72 12.47 18.15
C ASN E 606 -35.52 11.30 19.11
N GLN E 607 -36.54 10.48 19.33
CA GLN E 607 -36.43 9.31 20.19
C GLN E 607 -35.86 8.13 19.41
N VAL E 608 -34.73 7.59 19.88
CA VAL E 608 -34.00 6.55 19.18
C VAL E 608 -33.78 5.38 20.12
N ALA E 609 -33.48 4.23 19.51
CA ALA E 609 -33.17 3.01 20.24
C ALA E 609 -31.70 2.65 20.04
N VAL E 610 -31.07 2.14 21.09
CA VAL E 610 -29.66 1.77 21.07
C VAL E 610 -29.56 0.26 21.16
N LEU E 611 -28.85 -0.34 20.20
CA LEU E 611 -28.64 -1.77 20.15
C LEU E 611 -27.17 -2.06 20.41
N TYR E 612 -26.90 -3.03 21.27
CA TYR E 612 -25.54 -3.47 21.56
C TYR E 612 -25.36 -4.86 20.96
N GLN E 613 -24.43 -4.98 20.03
CA GLN E 613 -24.37 -6.17 19.18
C GLN E 613 -23.76 -7.36 19.91
N ASP E 614 -24.50 -8.47 19.90
CA ASP E 614 -24.00 -9.81 20.28
C ASP E 614 -23.49 -9.85 21.72
N VAL E 615 -24.19 -9.16 22.62
CA VAL E 615 -23.86 -9.17 24.03
C VAL E 615 -25.12 -9.44 24.84
N ASN E 616 -24.92 -9.84 26.09
CA ASN E 616 -26.01 -10.05 27.04
C ASN E 616 -26.37 -8.73 27.69
N CYS E 617 -27.63 -8.62 28.11
CA CYS E 617 -28.11 -7.36 28.71
C CYS E 617 -27.59 -7.16 30.13
N THR E 618 -26.98 -8.18 30.73
CA THR E 618 -26.53 -8.07 32.11
C THR E 618 -25.29 -7.19 32.27
N GLU E 619 -24.48 -7.04 31.22
CA GLU E 619 -23.27 -6.24 31.31
C GLU E 619 -23.47 -4.77 30.95
N VAL E 620 -24.53 -4.44 30.22
CA VAL E 620 -24.76 -3.06 29.83
C VAL E 620 -25.52 -2.31 30.92
N ASN E 641 -37.38 -1.04 30.16
CA ASN E 641 -37.67 -1.15 28.74
C ASN E 641 -36.47 -1.74 27.99
N VAL E 642 -35.99 -2.88 28.46
CA VAL E 642 -34.85 -3.56 27.89
C VAL E 642 -35.27 -4.97 27.50
N PHE E 643 -35.01 -5.34 26.25
CA PHE E 643 -35.37 -6.65 25.72
C PHE E 643 -34.15 -7.30 25.09
N GLN E 644 -34.05 -8.62 25.24
CA GLN E 644 -32.94 -9.39 24.70
C GLN E 644 -33.38 -10.11 23.44
N THR E 645 -32.62 -9.95 22.36
CA THR E 645 -32.87 -10.63 21.09
C THR E 645 -31.62 -11.38 20.68
N ARG E 646 -31.73 -12.10 19.55
CA ARG E 646 -30.59 -12.87 19.07
C ARG E 646 -29.50 -11.97 18.50
N ALA E 647 -29.86 -10.78 18.05
CA ALA E 647 -28.89 -9.84 17.49
C ALA E 647 -28.12 -9.07 18.56
N GLY E 648 -28.53 -9.17 19.82
CA GLY E 648 -27.87 -8.47 20.90
C GLY E 648 -28.88 -7.99 21.91
N CYS E 649 -28.52 -6.90 22.60
CA CYS E 649 -29.37 -6.31 23.63
C CYS E 649 -29.94 -5.00 23.12
N LEU E 650 -31.26 -4.86 23.18
CA LEU E 650 -31.96 -3.68 22.70
C LEU E 650 -32.52 -2.91 23.90
N ILE E 651 -32.24 -1.62 23.95
CA ILE E 651 -32.67 -0.74 25.03
C ILE E 651 -33.42 0.44 24.43
N GLY E 652 -34.62 0.71 24.95
CA GLY E 652 -35.40 1.87 24.56
C GLY E 652 -36.63 1.56 23.75
N ALA E 653 -36.72 0.38 23.14
CA ALA E 653 -37.85 0.01 22.31
C ALA E 653 -38.75 -0.98 23.04
N GLU E 654 -40.06 -0.76 22.96
CA GLU E 654 -41.04 -1.61 23.62
C GLU E 654 -41.45 -2.74 22.67
N HIS E 655 -41.32 -3.97 23.15
CA HIS E 655 -41.68 -5.14 22.36
C HIS E 655 -43.20 -5.20 22.19
N VAL E 656 -43.64 -5.57 20.98
CA VAL E 656 -45.05 -5.68 20.65
C VAL E 656 -45.32 -7.09 20.14
N ASN E 657 -46.34 -7.74 20.70
CA ASN E 657 -46.67 -9.10 20.28
C ASN E 657 -47.28 -9.13 18.88
N ASN E 658 -47.88 -8.03 18.43
CA ASN E 658 -48.48 -7.99 17.10
C ASN E 658 -47.41 -7.93 16.04
N SER E 659 -47.67 -8.60 14.92
CA SER E 659 -46.73 -8.63 13.79
C SER E 659 -47.05 -7.51 12.82
N TYR E 660 -46.00 -6.88 12.29
CA TYR E 660 -46.14 -5.79 11.34
C TYR E 660 -45.12 -5.96 10.22
N GLU E 661 -45.28 -5.15 9.17
CA GLU E 661 -44.31 -5.12 8.10
C GLU E 661 -43.00 -4.52 8.59
N CYS E 662 -41.90 -5.03 8.08
CA CYS E 662 -40.58 -4.55 8.51
C CYS E 662 -40.31 -3.16 7.96
N ASP E 663 -39.89 -2.26 8.85
CA ASP E 663 -39.57 -0.89 8.45
C ASP E 663 -38.08 -0.63 8.63
N ILE E 664 -37.58 -0.85 9.83
CA ILE E 664 -36.16 -0.74 10.14
C ILE E 664 -35.69 -2.13 10.58
N PRO E 665 -34.88 -2.82 9.78
CA PRO E 665 -34.49 -4.19 10.15
C PRO E 665 -33.50 -4.21 11.29
N ILE E 666 -33.71 -5.15 12.21
CA ILE E 666 -32.83 -5.38 13.34
C ILE E 666 -32.02 -6.65 13.17
N GLY E 667 -32.68 -7.75 12.84
CA GLY E 667 -32.03 -9.03 12.65
C GLY E 667 -32.79 -10.13 13.38
N ALA E 668 -32.63 -11.36 12.88
CA ALA E 668 -33.26 -12.56 13.42
C ALA E 668 -34.78 -12.44 13.49
N GLY E 669 -35.38 -11.88 12.43
CA GLY E 669 -36.82 -11.74 12.35
C GLY E 669 -37.39 -10.56 13.11
N ILE E 670 -36.54 -9.71 13.69
CA ILE E 670 -36.97 -8.57 14.48
C ILE E 670 -36.81 -7.31 13.65
N CYS E 671 -37.82 -6.45 13.67
CA CYS E 671 -37.78 -5.16 13.01
C CYS E 671 -38.38 -4.10 13.91
N ALA E 672 -37.98 -2.86 13.67
CA ALA E 672 -38.40 -1.73 14.49
C ALA E 672 -39.16 -0.72 13.63
N SER E 673 -40.07 0.01 14.29
CA SER E 673 -40.85 1.04 13.62
C SER E 673 -41.29 2.06 14.67
N TYR E 674 -41.76 3.20 14.19
CA TYR E 674 -42.24 4.29 15.03
C TYR E 674 -43.75 4.41 14.85
N GLN E 675 -44.49 4.28 15.95
CA GLN E 675 -45.95 4.28 15.89
C GLN E 675 -46.50 4.99 17.12
N THR E 676 -47.79 5.28 17.06
CA THR E 676 -48.47 5.96 18.17
C THR E 676 -48.81 5.00 19.29
N GLN E 690 -46.78 8.69 21.10
CA GLN E 690 -45.98 7.95 20.14
C GLN E 690 -44.69 7.43 20.77
N SER E 691 -44.25 6.26 20.32
CA SER E 691 -43.06 5.64 20.88
C SER E 691 -42.47 4.68 19.84
N ILE E 692 -41.22 4.31 20.07
CA ILE E 692 -40.51 3.35 19.24
C ILE E 692 -40.83 1.94 19.72
N ILE E 693 -41.04 1.02 18.78
CA ILE E 693 -41.42 -0.35 19.10
C ILE E 693 -40.49 -1.33 18.40
N ALA E 694 -40.50 -2.56 18.91
CA ALA E 694 -39.83 -3.69 18.29
C ALA E 694 -40.83 -4.82 18.15
N TYR E 695 -40.73 -5.57 17.04
CA TYR E 695 -41.72 -6.59 16.75
C TYR E 695 -41.11 -7.66 15.86
N THR E 696 -41.78 -8.81 15.82
CA THR E 696 -41.45 -9.84 14.85
C THR E 696 -42.06 -9.46 13.51
N MET E 697 -41.23 -9.42 12.47
CA MET E 697 -41.68 -8.94 11.16
C MET E 697 -42.63 -9.95 10.52
N SER E 698 -43.60 -9.42 9.77
CA SER E 698 -44.58 -10.25 9.09
C SER E 698 -44.18 -10.43 7.63
N LEU E 699 -44.22 -11.68 7.17
CA LEU E 699 -43.87 -12.00 5.79
C LEU E 699 -44.94 -11.55 4.81
N GLY E 700 -46.19 -11.50 5.25
CA GLY E 700 -47.27 -11.07 4.38
C GLY E 700 -48.61 -11.46 4.97
N ALA E 701 -49.66 -10.97 4.32
CA ALA E 701 -51.01 -11.31 4.74
C ALA E 701 -51.33 -12.76 4.43
N GLU E 702 -51.92 -13.44 5.40
CA GLU E 702 -52.28 -14.85 5.23
C GLU E 702 -53.47 -14.96 4.28
N ASN E 703 -53.31 -15.73 3.21
CA ASN E 703 -54.36 -15.90 2.21
C ASN E 703 -54.35 -17.36 1.76
N SER E 704 -55.20 -18.16 2.41
CA SER E 704 -55.34 -19.55 2.01
C SER E 704 -56.12 -19.64 0.70
N VAL E 705 -55.74 -20.62 -0.12
CA VAL E 705 -56.35 -20.83 -1.43
C VAL E 705 -57.53 -21.78 -1.27
N ALA E 706 -58.59 -21.53 -2.02
CA ALA E 706 -59.78 -22.39 -2.02
C ALA E 706 -59.62 -23.53 -3.02
N TYR E 707 -58.69 -24.42 -2.72
CA TYR E 707 -58.38 -25.53 -3.61
C TYR E 707 -59.47 -26.60 -3.56
N SER E 708 -59.88 -27.06 -4.73
CA SER E 708 -60.77 -28.20 -4.86
C SER E 708 -60.52 -28.83 -6.23
N ASN E 709 -60.97 -30.07 -6.38
CA ASN E 709 -60.65 -30.83 -7.58
C ASN E 709 -61.66 -30.62 -8.71
N ASN E 710 -62.68 -29.78 -8.51
CA ASN E 710 -63.73 -29.62 -9.51
C ASN E 710 -64.18 -28.17 -9.65
N SER E 711 -63.33 -27.21 -9.28
CA SER E 711 -63.66 -25.81 -9.40
C SER E 711 -62.48 -25.03 -9.97
N ILE E 712 -62.76 -24.10 -10.87
CA ILE E 712 -61.74 -23.28 -11.51
C ILE E 712 -62.10 -21.81 -11.29
N ALA E 713 -61.08 -20.96 -11.22
CA ALA E 713 -61.28 -19.52 -11.17
C ALA E 713 -60.71 -18.89 -12.43
N ILE E 714 -61.57 -18.21 -13.18
CA ILE E 714 -61.21 -17.57 -14.44
C ILE E 714 -61.47 -16.07 -14.28
N PRO E 715 -60.49 -15.21 -14.58
CA PRO E 715 -60.72 -13.77 -14.45
C PRO E 715 -61.70 -13.25 -15.48
N THR E 716 -62.53 -12.30 -15.07
CA THR E 716 -63.54 -11.69 -15.93
C THR E 716 -63.20 -10.27 -16.36
N ASN E 717 -62.33 -9.59 -15.61
CA ASN E 717 -61.92 -8.23 -15.94
C ASN E 717 -60.44 -8.08 -15.62
N PHE E 718 -59.81 -7.08 -16.23
CA PHE E 718 -58.39 -6.88 -16.08
C PHE E 718 -58.07 -5.39 -16.05
N THR E 719 -56.93 -5.07 -15.46
CA THR E 719 -56.41 -3.71 -15.44
C THR E 719 -54.98 -3.71 -15.98
N ILE E 720 -54.59 -2.61 -16.59
CA ILE E 720 -53.26 -2.43 -17.15
C ILE E 720 -52.46 -1.55 -16.20
N SER E 721 -51.38 -2.10 -15.66
CA SER E 721 -50.52 -1.40 -14.72
C SER E 721 -49.15 -1.16 -15.36
N VAL E 722 -48.66 0.06 -15.21
CA VAL E 722 -47.35 0.45 -15.71
C VAL E 722 -46.41 0.55 -14.53
N THR E 723 -45.33 -0.23 -14.56
CA THR E 723 -44.36 -0.27 -13.48
C THR E 723 -43.06 0.38 -13.94
N THR E 724 -42.37 0.98 -12.98
CA THR E 724 -41.11 1.68 -13.23
C THR E 724 -39.97 0.92 -12.56
N GLU E 725 -38.95 0.58 -13.35
CA GLU E 725 -37.74 -0.03 -12.82
C GLU E 725 -36.59 0.95 -13.03
N ILE E 726 -35.68 0.99 -12.07
CA ILE E 726 -34.55 1.93 -12.10
C ILE E 726 -33.27 1.11 -12.00
N LEU E 727 -32.38 1.30 -12.98
CA LEU E 727 -31.22 0.44 -13.15
C LEU E 727 -30.08 1.24 -13.74
N PRO E 728 -29.02 1.52 -12.98
CA PRO E 728 -27.90 2.28 -13.52
C PRO E 728 -27.12 1.48 -14.55
N VAL E 729 -26.52 2.18 -15.52
CA VAL E 729 -25.75 1.56 -16.59
C VAL E 729 -24.29 2.01 -16.57
N SER E 730 -24.02 3.27 -16.26
CA SER E 730 -22.69 3.83 -16.49
C SER E 730 -22.15 4.48 -15.22
N MET E 731 -20.83 4.60 -15.19
CA MET E 731 -20.06 5.18 -14.10
C MET E 731 -19.36 6.45 -14.58
N THR E 732 -19.20 7.40 -13.65
CA THR E 732 -18.45 8.63 -13.94
C THR E 732 -17.00 8.29 -14.28
N LYS E 733 -16.56 8.70 -15.46
CA LYS E 733 -15.25 8.33 -16.00
C LYS E 733 -14.17 9.18 -15.33
N THR E 734 -13.75 8.75 -14.16
CA THR E 734 -12.71 9.43 -13.41
C THR E 734 -11.33 9.13 -14.02
N SER E 735 -10.39 10.04 -13.78
CA SER E 735 -9.01 9.87 -14.23
C SER E 735 -8.10 10.55 -13.23
N VAL E 736 -7.17 9.79 -12.65
CA VAL E 736 -6.28 10.27 -11.61
C VAL E 736 -4.85 10.17 -12.10
N ASP E 737 -4.15 11.31 -12.13
CA ASP E 737 -2.73 11.34 -12.59
C ASP E 737 -1.86 10.76 -11.47
N CYS E 738 -1.21 9.63 -11.73
CA CYS E 738 -0.44 8.97 -10.65
C CYS E 738 0.69 9.88 -10.18
N THR E 739 1.37 10.54 -11.11
CA THR E 739 2.55 11.35 -10.72
C THR E 739 2.09 12.50 -9.81
N MET E 740 1.01 13.18 -10.18
CA MET E 740 0.58 14.37 -9.39
C MET E 740 0.16 13.90 -7.99
N TYR E 741 -0.57 12.80 -7.89
CA TYR E 741 -1.07 12.38 -6.57
C TYR E 741 0.11 12.04 -5.67
N ILE E 742 1.10 11.31 -6.20
CA ILE E 742 2.20 10.87 -5.29
C ILE E 742 2.97 12.11 -4.81
N CYS E 743 3.27 13.04 -5.72
CA CYS E 743 3.99 14.29 -5.33
C CYS E 743 3.71 15.40 -6.34
N GLY E 744 3.86 16.65 -5.92
CA GLY E 744 3.69 17.77 -6.86
C GLY E 744 4.93 18.63 -6.97
N ASP E 745 5.45 18.81 -8.19
CA ASP E 745 6.62 19.72 -8.42
C ASP E 745 7.80 19.32 -7.54
N SER E 746 8.07 18.02 -7.34
CA SER E 746 9.28 17.65 -6.58
C SER E 746 10.17 16.71 -7.42
N THR E 747 11.38 17.16 -7.73
CA THR E 747 12.34 16.29 -8.48
C THR E 747 12.70 15.10 -7.59
N GLU E 748 12.91 15.36 -6.30
CA GLU E 748 13.33 14.27 -5.37
C GLU E 748 12.23 13.22 -5.33
N CYS E 749 10.97 13.65 -5.31
CA CYS E 749 9.84 12.70 -5.28
C CYS E 749 9.88 11.85 -6.55
N SER E 750 10.18 12.49 -7.68
CA SER E 750 10.24 11.74 -8.96
C SER E 750 11.35 10.70 -8.87
N ASN E 751 12.50 11.08 -8.30
CA ASN E 751 13.64 10.13 -8.22
C ASN E 751 13.23 8.95 -7.34
N LEU E 752 12.59 9.22 -6.21
CA LEU E 752 12.15 8.15 -5.28
C LEU E 752 11.11 7.28 -5.98
N LEU E 753 10.21 7.89 -6.75
CA LEU E 753 9.16 7.13 -7.46
C LEU E 753 9.83 6.17 -8.45
N LEU E 754 10.86 6.65 -9.15
CA LEU E 754 11.57 5.80 -10.12
C LEU E 754 12.17 4.62 -9.36
N GLN E 755 12.74 4.88 -8.18
CA GLN E 755 13.32 3.80 -7.36
C GLN E 755 12.20 2.84 -6.96
N TYR E 756 11.03 3.37 -6.61
CA TYR E 756 9.93 2.51 -6.14
C TYR E 756 9.47 1.56 -7.25
N GLY E 757 9.39 2.03 -8.49
CA GLY E 757 9.06 1.09 -9.57
C GLY E 757 8.05 1.61 -10.57
N SER E 758 7.43 0.71 -11.34
CA SER E 758 6.47 1.11 -12.40
C SER E 758 5.03 0.89 -11.94
N PHE E 759 4.81 0.76 -10.63
CA PHE E 759 3.43 0.56 -10.10
C PHE E 759 2.59 1.76 -10.53
N CYS E 760 3.21 2.94 -10.54
CA CYS E 760 2.49 4.18 -10.94
C CYS E 760 1.97 3.98 -12.36
N THR E 761 2.80 3.38 -13.21
CA THR E 761 2.40 3.18 -14.63
C THR E 761 1.13 2.32 -14.68
N GLN E 762 1.07 1.23 -13.93
CA GLN E 762 -0.09 0.36 -14.10
C GLN E 762 -1.39 0.99 -13.58
N LEU E 763 -1.30 2.09 -12.84
CA LEU E 763 -2.52 2.75 -12.37
C LEU E 763 -3.32 3.37 -13.51
N ASN E 764 -2.68 4.19 -14.34
CA ASN E 764 -3.44 4.95 -15.33
C ASN E 764 -3.91 4.04 -16.46
N ARG E 765 -3.21 2.94 -16.70
CA ARG E 765 -3.71 1.91 -17.60
C ARG E 765 -4.97 1.26 -17.04
N ALA E 766 -5.00 1.05 -15.72
CA ALA E 766 -6.15 0.42 -15.10
C ALA E 766 -7.36 1.34 -15.14
N LEU E 767 -7.20 2.60 -14.71
CA LEU E 767 -8.35 3.51 -14.62
C LEU E 767 -8.82 3.95 -16.00
N THR E 768 -7.96 3.86 -17.01
CA THR E 768 -8.43 4.01 -18.38
C THR E 768 -9.32 2.84 -18.77
N GLY E 769 -9.01 1.65 -18.23
CA GLY E 769 -9.76 0.45 -18.58
C GLY E 769 -11.23 0.53 -18.20
N ILE E 770 -11.53 1.17 -17.08
CA ILE E 770 -12.93 1.46 -16.76
C ILE E 770 -13.52 2.41 -17.80
N ALA E 771 -12.78 3.46 -18.14
CA ALA E 771 -13.28 4.44 -19.12
C ALA E 771 -13.42 3.82 -20.50
N VAL E 772 -12.59 2.84 -20.83
CA VAL E 772 -12.77 2.10 -22.07
C VAL E 772 -14.04 1.25 -22.01
N GLU E 773 -14.33 0.68 -20.84
CA GLU E 773 -15.53 -0.15 -20.70
C GLU E 773 -16.79 0.69 -20.58
N GLN E 774 -16.70 1.89 -19.99
CA GLN E 774 -17.90 2.60 -19.57
C GLN E 774 -18.71 3.12 -20.76
N ASP E 775 -18.06 3.68 -21.78
CA ASP E 775 -18.80 4.07 -22.97
C ASP E 775 -19.23 2.85 -23.77
N LYS E 776 -18.52 1.73 -23.61
CA LYS E 776 -18.94 0.49 -24.23
C LYS E 776 -20.26 -0.02 -23.63
N ASN E 777 -20.42 0.11 -22.32
CA ASN E 777 -21.68 -0.26 -21.67
C ASN E 777 -22.83 0.60 -22.16
N THR E 778 -22.57 1.90 -22.34
CA THR E 778 -23.58 2.78 -22.92
C THR E 778 -23.88 2.40 -24.37
N GLN E 779 -22.85 1.94 -25.09
CA GLN E 779 -23.01 1.57 -26.50
C GLN E 779 -23.90 0.34 -26.66
N GLU E 780 -23.73 -0.66 -25.78
CA GLU E 780 -24.46 -1.92 -25.97
C GLU E 780 -25.92 -1.80 -25.56
N VAL E 781 -26.28 -0.83 -24.74
CA VAL E 781 -27.65 -0.75 -24.25
C VAL E 781 -28.48 0.21 -25.08
N PHE E 782 -27.84 1.16 -25.76
CA PHE E 782 -28.54 2.22 -26.45
C PHE E 782 -28.37 2.18 -27.96
N ALA E 783 -27.19 1.78 -28.45
CA ALA E 783 -26.95 1.72 -29.89
C ALA E 783 -27.20 0.31 -30.43
N GLN E 784 -28.45 -0.13 -30.28
CA GLN E 784 -28.88 -1.43 -30.79
C GLN E 784 -29.63 -1.33 -32.11
N VAL E 785 -29.90 -0.12 -32.59
CA VAL E 785 -30.58 0.10 -33.86
C VAL E 785 -29.68 0.95 -34.74
N LYS E 786 -29.45 0.49 -35.96
CA LYS E 786 -28.52 1.18 -36.85
C LYS E 786 -29.06 2.52 -37.35
N GLN E 787 -30.37 2.61 -37.54
CA GLN E 787 -30.99 3.81 -38.09
C GLN E 787 -31.64 4.63 -36.99
N ILE E 788 -31.91 5.89 -37.30
CA ILE E 788 -32.59 6.81 -36.38
C ILE E 788 -33.99 7.06 -36.93
N TYR E 789 -34.99 6.62 -36.17
CA TYR E 789 -36.38 6.77 -36.57
C TYR E 789 -37.02 7.94 -35.83
N LYS E 790 -37.96 8.61 -36.49
CA LYS E 790 -38.66 9.74 -35.90
C LYS E 790 -40.16 9.56 -36.10
N THR E 791 -40.92 10.06 -35.12
CA THR E 791 -42.36 9.90 -35.12
C THR E 791 -43.02 10.83 -36.14
N PRO E 792 -44.10 10.38 -36.77
CA PRO E 792 -44.87 11.26 -37.65
C PRO E 792 -45.59 12.32 -36.85
N PRO E 793 -45.95 13.45 -37.47
CA PRO E 793 -46.68 14.50 -36.73
C PRO E 793 -48.06 14.07 -36.25
N ILE E 794 -48.68 13.07 -36.89
CA ILE E 794 -49.96 12.54 -36.43
C ILE E 794 -49.73 11.67 -35.20
N LYS E 795 -50.68 11.70 -34.28
CA LYS E 795 -50.58 10.94 -33.03
C LYS E 795 -51.78 10.03 -32.82
N ASP E 796 -52.34 9.50 -33.92
CA ASP E 796 -53.50 8.60 -33.84
C ASP E 796 -53.02 7.17 -33.62
N PHE E 797 -52.49 6.93 -32.43
CA PHE E 797 -51.95 5.63 -32.05
C PHE E 797 -53.02 4.77 -31.39
N GLY E 798 -54.17 4.62 -32.04
CA GLY E 798 -55.24 3.80 -31.51
C GLY E 798 -55.90 4.36 -30.26
N GLY E 799 -55.73 5.64 -29.96
CA GLY E 799 -56.26 6.24 -28.76
C GLY E 799 -55.28 6.34 -27.61
N PHE E 800 -54.13 5.68 -27.70
CA PHE E 800 -53.11 5.76 -26.65
C PHE E 800 -52.44 7.13 -26.71
N ASN E 801 -52.06 7.64 -25.53
CA ASN E 801 -51.38 8.92 -25.42
C ASN E 801 -49.90 8.65 -25.11
N PHE E 802 -49.01 9.22 -25.92
CA PHE E 802 -47.58 9.05 -25.74
C PHE E 802 -46.84 10.39 -25.61
N SER E 803 -47.57 11.48 -25.36
CA SER E 803 -46.96 12.80 -25.31
C SER E 803 -46.02 12.96 -24.13
N GLN E 804 -46.19 12.17 -23.07
CA GLN E 804 -45.30 12.25 -21.92
C GLN E 804 -44.01 11.47 -22.10
N ILE E 805 -43.92 10.60 -23.11
CA ILE E 805 -42.71 9.84 -23.35
C ILE E 805 -42.02 10.21 -24.66
N LEU E 806 -42.73 10.80 -25.62
CA LEU E 806 -42.04 11.31 -26.79
C LEU E 806 -41.31 12.61 -26.45
N PRO E 807 -40.17 12.89 -27.08
CA PRO E 807 -39.43 14.12 -26.78
C PRO E 807 -40.21 15.36 -27.20
N ASP E 808 -40.04 16.42 -26.41
CA ASP E 808 -40.75 17.68 -26.62
C ASP E 808 -39.82 18.67 -27.31
N PRO E 809 -40.13 19.12 -28.53
CA PRO E 809 -39.27 20.13 -29.18
C PRO E 809 -39.27 21.48 -28.48
N SER E 810 -40.29 21.77 -27.65
CA SER E 810 -40.33 23.03 -26.94
C SER E 810 -39.23 23.14 -25.91
N LYS E 811 -38.93 22.04 -25.21
CA LYS E 811 -37.82 22.02 -24.27
C LYS E 811 -36.52 22.08 -25.06
N PRO E 812 -35.51 22.83 -24.58
CA PRO E 812 -34.28 22.99 -25.37
C PRO E 812 -33.53 21.69 -25.66
N SER E 813 -33.59 20.71 -24.76
CA SER E 813 -33.08 19.39 -25.05
C SER E 813 -34.23 18.51 -25.53
N LYS E 814 -33.95 17.66 -26.52
CA LYS E 814 -34.99 16.80 -27.09
C LYS E 814 -35.32 15.64 -26.17
N ARG E 815 -35.92 15.93 -25.01
CA ARG E 815 -36.25 14.92 -24.03
C ARG E 815 -37.72 15.03 -23.68
N SER E 816 -38.27 13.94 -23.15
CA SER E 816 -39.67 13.91 -22.76
C SER E 816 -39.88 14.59 -21.41
N PHE E 817 -41.15 14.73 -21.05
CA PHE E 817 -41.48 15.31 -19.75
C PHE E 817 -41.07 14.39 -18.61
N ILE E 818 -41.24 13.08 -18.80
CA ILE E 818 -40.83 12.11 -17.78
C ILE E 818 -39.30 12.07 -17.68
N GLU E 819 -38.62 12.13 -18.83
CA GLU E 819 -37.16 12.11 -18.83
C GLU E 819 -36.58 13.37 -18.18
N ASP E 820 -37.30 14.49 -18.30
CA ASP E 820 -36.87 15.72 -17.63
C ASP E 820 -37.01 15.58 -16.12
N LEU E 821 -38.03 14.86 -15.66
CA LEU E 821 -38.19 14.62 -14.23
C LEU E 821 -37.10 13.69 -13.70
N LEU E 822 -36.64 12.76 -14.53
CA LEU E 822 -35.57 11.84 -14.11
C LEU E 822 -34.26 12.58 -13.90
N PHE E 823 -33.96 13.56 -14.75
CA PHE E 823 -32.71 14.29 -14.62
C PHE E 823 -32.75 15.26 -13.44
N ASN E 824 -33.95 15.71 -13.07
CA ASN E 824 -34.07 16.70 -12.00
C ASN E 824 -34.05 16.10 -10.60
N LYS E 825 -34.19 14.78 -10.47
CA LYS E 825 -34.19 14.12 -9.17
C LYS E 825 -32.84 13.47 -8.84
N VAL E 826 -31.82 13.68 -9.68
CA VAL E 826 -30.50 13.11 -9.48
C VAL E 826 -29.50 14.25 -9.36
N THR E 827 -28.73 14.23 -8.28
CA THR E 827 -27.71 15.26 -8.05
C THR E 827 -26.52 14.68 -7.30
N ASN E 856 -4.89 18.56 -7.64
CA ASN E 856 -4.79 17.31 -6.91
C ASN E 856 -4.56 16.11 -7.83
N GLY E 857 -4.64 16.36 -9.14
CA GLY E 857 -4.46 15.32 -10.13
C GLY E 857 -5.68 14.50 -10.45
N LEU E 858 -6.84 14.85 -9.91
CA LEU E 858 -8.08 14.14 -10.16
C LEU E 858 -8.85 14.87 -11.24
N THR E 859 -9.02 14.22 -12.40
CA THR E 859 -9.72 14.79 -13.53
C THR E 859 -10.89 13.89 -13.91
N VAL E 860 -11.90 14.50 -14.51
CA VAL E 860 -13.11 13.80 -14.95
C VAL E 860 -13.17 13.83 -16.47
N LEU E 861 -13.13 12.65 -17.07
CA LEU E 861 -13.26 12.55 -18.51
C LEU E 861 -14.72 12.51 -18.92
N PRO E 862 -15.16 13.42 -19.79
CA PRO E 862 -16.55 13.43 -20.25
C PRO E 862 -16.85 12.19 -21.07
N PRO E 863 -18.10 11.69 -21.02
CA PRO E 863 -18.45 10.51 -21.81
C PRO E 863 -18.53 10.82 -23.30
N LEU E 864 -18.34 9.77 -24.10
CA LEU E 864 -18.47 9.91 -25.55
C LEU E 864 -19.89 10.26 -25.96
N LEU E 865 -20.88 9.62 -25.34
CA LEU E 865 -22.28 9.83 -25.68
C LEU E 865 -22.89 10.75 -24.63
N THR E 866 -23.00 12.03 -24.95
CA THR E 866 -23.63 12.98 -24.05
C THR E 866 -25.15 12.80 -24.08
N ASP E 867 -25.83 13.50 -23.17
CA ASP E 867 -27.27 13.28 -22.96
C ASP E 867 -28.10 13.71 -24.16
N GLU E 868 -27.53 14.52 -25.06
CA GLU E 868 -28.24 14.88 -26.29
C GLU E 868 -28.41 13.67 -27.20
N MET E 869 -27.34 12.94 -27.44
CA MET E 869 -27.44 11.77 -28.33
C MET E 869 -28.05 10.58 -27.61
N ILE E 870 -28.02 10.57 -26.27
CA ILE E 870 -28.75 9.55 -25.52
C ILE E 870 -30.24 9.72 -25.74
N ALA E 871 -30.73 10.95 -25.70
CA ALA E 871 -32.13 11.23 -26.01
C ALA E 871 -32.43 10.95 -27.48
N GLN E 872 -31.47 11.22 -28.36
CA GLN E 872 -31.66 10.96 -29.78
C GLN E 872 -31.72 9.46 -30.06
N TYR E 873 -30.95 8.67 -29.32
CA TYR E 873 -31.06 7.22 -29.43
C TYR E 873 -32.43 6.73 -28.95
N THR E 874 -32.85 7.16 -27.76
CA THR E 874 -34.10 6.68 -27.19
C THR E 874 -35.31 7.18 -27.98
N SER E 875 -35.18 8.33 -28.66
CA SER E 875 -36.23 8.78 -29.56
C SER E 875 -36.42 7.81 -30.72
N ALA E 876 -35.31 7.30 -31.25
CA ALA E 876 -35.39 6.27 -32.28
C ALA E 876 -35.89 4.95 -31.69
N LEU E 877 -35.55 4.68 -30.44
CA LEU E 877 -35.98 3.45 -29.78
C LEU E 877 -37.48 3.45 -29.53
N LEU E 878 -38.03 4.58 -29.07
CA LEU E 878 -39.46 4.64 -28.78
C LEU E 878 -40.29 4.62 -30.06
N ALA E 879 -39.77 5.25 -31.12
CA ALA E 879 -40.54 5.36 -32.36
C ALA E 879 -40.69 4.02 -33.05
N GLY E 880 -39.68 3.14 -32.92
CA GLY E 880 -39.76 1.84 -33.57
C GLY E 880 -40.83 0.94 -32.98
N THR E 881 -40.98 0.97 -31.66
CA THR E 881 -41.94 0.08 -31.00
C THR E 881 -43.38 0.51 -31.29
N ILE E 882 -43.64 1.81 -31.30
CA ILE E 882 -45.02 2.28 -31.43
C ILE E 882 -45.47 2.23 -32.89
N THR E 883 -44.52 2.22 -33.83
CA THR E 883 -44.88 2.28 -35.25
C THR E 883 -44.56 1.00 -36.01
N SER E 884 -43.69 0.14 -35.49
CA SER E 884 -43.27 -1.05 -36.22
C SER E 884 -43.28 -2.31 -35.37
N GLY E 885 -43.60 -2.22 -34.08
CA GLY E 885 -43.59 -3.41 -33.24
C GLY E 885 -42.18 -3.90 -33.01
N TRP E 886 -41.97 -5.19 -33.27
CA TRP E 886 -40.64 -5.79 -33.15
C TRP E 886 -39.94 -5.97 -34.48
N THR E 887 -40.52 -5.47 -35.58
CA THR E 887 -39.93 -5.64 -36.89
C THR E 887 -38.67 -4.81 -37.09
N PHE E 888 -38.58 -3.63 -36.45
CA PHE E 888 -37.41 -2.78 -36.62
C PHE E 888 -36.18 -3.33 -35.92
N GLY E 889 -36.36 -4.09 -34.83
CA GLY E 889 -35.25 -4.74 -34.18
C GLY E 889 -34.66 -5.86 -35.01
N ALA E 890 -35.54 -6.63 -35.66
CA ALA E 890 -35.07 -7.75 -36.47
C ALA E 890 -34.50 -7.28 -37.79
N GLY E 891 -34.97 -6.14 -38.30
CA GLY E 891 -34.56 -5.67 -39.60
C GLY E 891 -35.17 -4.34 -39.99
N ALA E 892 -35.68 -4.26 -41.22
CA ALA E 892 -36.32 -3.04 -41.69
C ALA E 892 -37.59 -2.76 -40.92
N ALA E 893 -37.82 -1.47 -40.65
CA ALA E 893 -38.99 -1.04 -39.87
C ALA E 893 -40.23 -1.20 -40.72
N LEU E 894 -41.01 -2.24 -40.46
CA LEU E 894 -42.23 -2.52 -41.19
C LEU E 894 -43.38 -1.82 -40.48
N GLN E 895 -44.03 -0.88 -41.17
CA GLN E 895 -45.05 -0.07 -40.54
C GLN E 895 -46.30 -0.88 -40.21
N ILE E 896 -46.94 -0.54 -39.09
CA ILE E 896 -48.13 -1.23 -38.62
C ILE E 896 -48.98 -0.22 -37.85
N PRO E 897 -50.30 -0.22 -38.04
CA PRO E 897 -51.16 0.59 -37.18
C PRO E 897 -51.15 0.04 -35.76
N PHE E 898 -51.39 0.93 -34.79
CA PHE E 898 -51.19 0.57 -33.39
C PHE E 898 -52.24 -0.40 -32.90
N ALA E 899 -53.41 -0.45 -33.56
CA ALA E 899 -54.47 -1.35 -33.13
C ALA E 899 -54.10 -2.81 -33.38
N MET E 900 -53.63 -3.12 -34.59
CA MET E 900 -53.26 -4.49 -34.91
C MET E 900 -51.91 -4.86 -34.30
N GLN E 901 -51.13 -3.86 -33.91
CA GLN E 901 -49.91 -4.13 -33.15
C GLN E 901 -50.24 -4.69 -31.77
N MET E 902 -51.33 -4.20 -31.17
CA MET E 902 -51.71 -4.68 -29.85
C MET E 902 -52.33 -6.07 -29.91
N ALA E 903 -52.90 -6.44 -31.06
CA ALA E 903 -53.40 -7.81 -31.23
C ALA E 903 -52.25 -8.80 -31.23
N TYR E 904 -51.08 -8.37 -31.70
CA TYR E 904 -49.89 -9.22 -31.68
C TYR E 904 -49.46 -9.49 -30.24
N ARG E 905 -49.55 -8.47 -29.38
CA ARG E 905 -49.08 -8.60 -28.00
C ARG E 905 -50.04 -9.45 -27.17
N PHE E 906 -51.35 -9.26 -27.36
CA PHE E 906 -52.33 -10.02 -26.60
C PHE E 906 -52.33 -11.49 -27.00
N ASN E 907 -52.13 -11.78 -28.29
CA ASN E 907 -52.11 -13.15 -28.75
C ASN E 907 -50.85 -13.88 -28.31
N GLY E 908 -49.78 -13.14 -28.01
CA GLY E 908 -48.55 -13.76 -27.55
C GLY E 908 -48.60 -14.21 -26.11
N ILE E 909 -49.63 -13.81 -25.38
CA ILE E 909 -49.81 -14.19 -23.97
C ILE E 909 -50.85 -15.29 -23.82
N GLY E 910 -51.78 -15.40 -24.78
CA GLY E 910 -52.86 -16.34 -24.66
C GLY E 910 -54.22 -15.71 -24.54
N VAL E 911 -54.33 -14.41 -24.84
CA VAL E 911 -55.59 -13.68 -24.83
C VAL E 911 -56.01 -13.46 -26.27
N THR E 912 -57.25 -13.84 -26.59
CA THR E 912 -57.76 -13.69 -27.95
C THR E 912 -57.90 -12.22 -28.32
N GLN E 913 -57.59 -11.89 -29.57
CA GLN E 913 -57.56 -10.51 -30.03
C GLN E 913 -58.94 -9.86 -30.07
N ASN E 914 -60.01 -10.64 -29.95
CA ASN E 914 -61.35 -10.06 -29.88
C ASN E 914 -61.56 -9.25 -28.60
N VAL E 915 -60.91 -9.63 -27.50
CA VAL E 915 -60.99 -8.87 -26.26
C VAL E 915 -60.36 -7.50 -26.43
N LEU E 916 -59.34 -7.40 -27.29
CA LEU E 916 -58.65 -6.15 -27.54
C LEU E 916 -59.59 -5.10 -28.15
N TYR E 917 -60.27 -5.47 -29.23
CA TYR E 917 -61.05 -4.49 -29.99
C TYR E 917 -62.37 -4.17 -29.29
N GLU E 918 -62.92 -5.13 -28.55
CA GLU E 918 -64.19 -4.89 -27.86
C GLU E 918 -64.02 -3.94 -26.68
N ASN E 919 -62.82 -3.85 -26.13
CA ASN E 919 -62.53 -2.95 -25.01
C ASN E 919 -61.42 -1.96 -25.33
N GLN E 920 -61.39 -1.46 -26.58
CA GLN E 920 -60.31 -0.59 -27.02
C GLN E 920 -60.35 0.76 -26.30
N LYS E 921 -61.54 1.27 -26.01
CA LYS E 921 -61.65 2.51 -25.24
C LYS E 921 -61.19 2.33 -23.80
N LEU E 922 -61.52 1.18 -23.20
CA LEU E 922 -61.16 0.93 -21.80
C LEU E 922 -59.66 0.84 -21.60
N ILE E 923 -58.97 0.13 -22.49
CA ILE E 923 -57.52 -0.05 -22.35
C ILE E 923 -56.80 1.26 -22.63
N ALA E 924 -57.36 2.10 -23.50
CA ALA E 924 -56.77 3.41 -23.76
C ALA E 924 -56.90 4.31 -22.52
N ASN E 925 -58.02 4.23 -21.83
CA ASN E 925 -58.19 5.02 -20.62
C ASN E 925 -57.31 4.51 -19.48
N GLN E 926 -57.13 3.19 -19.41
CA GLN E 926 -56.29 2.62 -18.36
C GLN E 926 -54.83 2.96 -18.56
N PHE E 927 -54.34 2.88 -19.80
CA PHE E 927 -52.93 3.19 -20.08
C PHE E 927 -52.64 4.66 -19.87
N ASN E 928 -53.55 5.54 -20.28
CA ASN E 928 -53.33 6.97 -20.13
C ASN E 928 -53.45 7.40 -18.67
N SER E 929 -54.25 6.68 -17.88
CA SER E 929 -54.32 6.97 -16.46
C SER E 929 -53.08 6.44 -15.73
N ALA E 930 -52.53 5.32 -16.20
CA ALA E 930 -51.40 4.70 -15.53
C ALA E 930 -50.12 5.52 -15.73
N ILE E 931 -49.94 6.08 -16.93
CA ILE E 931 -48.75 6.90 -17.19
C ILE E 931 -48.84 8.22 -16.44
N GLY E 932 -50.06 8.67 -16.13
CA GLY E 932 -50.21 9.82 -15.26
C GLY E 932 -49.77 9.52 -13.84
N LYS E 933 -50.00 8.29 -13.37
CA LYS E 933 -49.54 7.90 -12.05
C LYS E 933 -48.01 7.82 -11.99
N ILE E 934 -47.37 7.51 -13.12
CA ILE E 934 -45.91 7.48 -13.16
C ILE E 934 -45.35 8.88 -12.96
N GLN E 935 -45.97 9.89 -13.59
CA GLN E 935 -45.53 11.27 -13.40
C GLN E 935 -45.72 11.72 -11.96
N ASP E 936 -46.82 11.29 -11.33
CA ASP E 936 -47.05 11.64 -9.93
C ASP E 936 -46.09 10.90 -9.01
N SER E 937 -45.71 9.67 -9.37
CA SER E 937 -44.86 8.87 -8.50
C SER E 937 -43.44 9.41 -8.45
N LEU E 938 -42.88 9.77 -9.62
CA LEU E 938 -41.51 10.25 -9.66
C LEU E 938 -41.40 11.66 -9.09
N SER E 939 -42.44 12.48 -9.26
CA SER E 939 -42.40 13.84 -8.78
C SER E 939 -42.54 13.92 -7.26
N SER E 940 -43.31 12.99 -6.68
CA SER E 940 -43.59 13.05 -5.24
C SER E 940 -42.35 12.70 -4.42
N THR E 941 -41.66 11.62 -4.79
CA THR E 941 -40.52 11.14 -4.02
C THR E 941 -39.29 11.04 -4.92
N ALA E 942 -38.13 11.42 -4.37
CA ALA E 942 -36.88 11.23 -5.09
C ALA E 942 -36.22 9.90 -4.72
N SER E 943 -36.81 9.17 -3.77
CA SER E 943 -36.26 7.90 -3.34
C SER E 943 -36.45 6.80 -4.38
N ALA E 944 -37.29 7.02 -5.39
CA ALA E 944 -37.43 6.04 -6.47
C ALA E 944 -36.13 5.91 -7.27
N LEU E 945 -35.44 7.02 -7.50
CA LEU E 945 -34.17 7.03 -8.23
C LEU E 945 -32.98 6.88 -7.30
N GLY E 946 -33.18 6.20 -6.16
CA GLY E 946 -32.10 6.02 -5.20
C GLY E 946 -30.99 5.14 -5.71
N LYS E 947 -31.30 4.18 -6.59
CA LYS E 947 -30.27 3.33 -7.18
C LYS E 947 -29.30 4.14 -8.02
N LEU E 948 -29.82 5.12 -8.77
CA LEU E 948 -28.95 6.08 -9.45
C LEU E 948 -28.20 6.96 -8.47
N GLN E 949 -28.85 7.36 -7.38
CA GLN E 949 -28.22 8.24 -6.41
C GLN E 949 -27.12 7.53 -5.63
N ASP E 950 -27.33 6.23 -5.33
CA ASP E 950 -26.33 5.46 -4.59
C ASP E 950 -25.05 5.30 -5.40
N VAL E 951 -25.18 5.14 -6.72
CA VAL E 951 -24.00 5.06 -7.58
C VAL E 951 -23.24 6.38 -7.56
N VAL E 952 -23.97 7.50 -7.63
CA VAL E 952 -23.34 8.82 -7.58
C VAL E 952 -22.72 9.06 -6.21
N ASN E 953 -23.43 8.68 -5.14
CA ASN E 953 -22.94 8.93 -3.79
C ASN E 953 -21.70 8.08 -3.49
N GLN E 954 -21.69 6.82 -3.92
CA GLN E 954 -20.53 5.97 -3.69
C GLN E 954 -19.33 6.42 -4.52
N ASN E 955 -19.57 6.90 -5.74
CA ASN E 955 -18.48 7.43 -6.55
C ASN E 955 -17.90 8.70 -5.94
N ALA E 956 -18.77 9.57 -5.40
CA ALA E 956 -18.29 10.78 -4.75
C ALA E 956 -17.57 10.47 -3.44
N GLN E 957 -18.09 9.50 -2.68
CA GLN E 957 -17.48 9.15 -1.40
C GLN E 957 -16.09 8.54 -1.59
N ALA E 958 -15.90 7.76 -2.66
CA ALA E 958 -14.58 7.22 -2.96
C ALA E 958 -13.61 8.33 -3.33
N LEU E 959 -14.09 9.33 -4.08
CA LEU E 959 -13.23 10.44 -4.46
C LEU E 959 -12.89 11.33 -3.27
N ASN E 960 -13.85 11.59 -2.38
CA ASN E 960 -13.57 12.40 -1.19
C ASN E 960 -12.60 11.69 -0.25
N THR E 961 -12.78 10.38 -0.08
CA THR E 961 -11.91 9.61 0.81
C THR E 961 -10.48 9.59 0.31
N LEU E 962 -10.29 9.54 -1.02
CA LEU E 962 -8.96 9.54 -1.60
C LEU E 962 -8.23 10.84 -1.33
N VAL E 963 -8.92 11.98 -1.44
CA VAL E 963 -8.28 13.27 -1.24
C VAL E 963 -8.04 13.52 0.25
N LYS E 964 -8.94 13.02 1.11
CA LYS E 964 -8.79 13.20 2.55
C LYS E 964 -7.54 12.51 3.08
N GLN E 965 -7.07 11.45 2.41
CA GLN E 965 -5.88 10.76 2.86
C GLN E 965 -4.60 11.54 2.60
N LEU E 966 -4.67 12.59 1.77
CA LEU E 966 -3.50 13.45 1.55
C LEU E 966 -3.13 14.24 2.79
N SER E 967 -4.08 14.49 3.69
CA SER E 967 -3.81 15.14 4.95
C SER E 967 -3.39 14.17 6.05
N SER E 968 -3.31 12.88 5.74
CA SER E 968 -2.89 11.89 6.71
C SER E 968 -1.38 11.78 6.77
N ASN E 969 -0.84 11.65 7.98
CA ASN E 969 0.60 11.55 8.17
C ASN E 969 1.15 10.19 7.76
N PHE E 970 0.38 9.12 7.99
CA PHE E 970 0.84 7.73 7.85
C PHE E 970 2.08 7.46 8.69
N GLY E 971 2.15 8.06 9.87
CA GLY E 971 3.30 7.92 10.75
C GLY E 971 4.39 8.95 10.54
N ALA E 972 4.31 9.75 9.48
CA ALA E 972 5.33 10.76 9.23
C ALA E 972 5.14 11.96 10.14
N ILE E 973 6.15 12.83 10.16
CA ILE E 973 6.13 13.99 11.04
C ILE E 973 5.21 15.07 10.48
N SER E 974 4.91 15.02 9.18
CA SER E 974 4.01 15.98 8.57
C SER E 974 3.42 15.36 7.30
N SER E 975 2.16 15.70 7.03
CA SER E 975 1.46 15.17 5.86
C SER E 975 1.69 15.99 4.61
N VAL E 976 2.30 17.16 4.72
CA VAL E 976 2.57 18.03 3.58
C VAL E 976 3.93 17.65 3.01
N LEU E 977 4.02 17.58 1.68
CA LEU E 977 5.28 17.20 1.06
C LEU E 977 6.35 18.28 1.26
N ASN E 978 5.95 19.55 1.13
CA ASN E 978 6.97 20.64 1.10
C ASN E 978 7.69 20.84 2.43
N ASP E 979 6.98 20.88 3.54
CA ASP E 979 7.65 21.23 4.79
C ASP E 979 8.65 20.16 5.20
N ILE E 980 8.48 18.94 4.71
CA ILE E 980 9.49 17.90 4.91
C ILE E 980 10.80 18.31 4.24
N LEU E 981 10.71 18.87 3.04
CA LEU E 981 11.92 19.29 2.33
C LEU E 981 12.52 20.54 2.96
N SER E 982 11.68 21.44 3.47
CA SER E 982 12.16 22.74 3.93
C SER E 982 12.93 22.69 5.24
N ARG E 983 12.39 22.00 6.27
CA ARG E 983 13.04 22.06 7.61
C ARG E 983 13.98 20.88 7.86
N LEU E 984 13.81 19.78 7.15
CA LEU E 984 14.60 18.58 7.37
C LEU E 984 15.69 18.44 6.31
N ASP E 985 16.80 17.82 6.69
CA ASP E 985 17.87 17.58 5.75
C ASP E 985 17.44 16.54 4.72
N PRO E 986 17.93 16.61 3.49
CA PRO E 986 17.58 15.62 2.45
C PRO E 986 17.91 14.18 2.84
N PRO E 987 19.00 13.88 3.57
CA PRO E 987 19.12 12.52 4.12
C PRO E 987 18.04 12.18 5.15
N GLU E 988 17.54 13.15 5.90
CA GLU E 988 16.50 12.93 6.89
C GLU E 988 15.10 13.10 6.32
N ALA E 989 14.94 13.90 5.28
CA ALA E 989 13.61 14.10 4.68
C ALA E 989 13.18 12.86 3.89
N GLU E 990 14.14 12.19 3.23
CA GLU E 990 13.80 11.06 2.37
C GLU E 990 13.26 9.88 3.17
N VAL E 991 13.67 9.74 4.43
CA VAL E 991 13.08 8.74 5.30
C VAL E 991 11.63 9.09 5.58
N GLN E 992 11.35 10.38 5.86
CA GLN E 992 9.98 10.83 6.08
C GLN E 992 9.15 10.75 4.80
N ILE E 993 9.75 11.07 3.66
CA ILE E 993 9.03 11.01 2.38
C ILE E 993 8.68 9.57 2.02
N ASP E 994 9.62 8.64 2.25
CA ASP E 994 9.40 7.24 1.89
C ASP E 994 8.23 6.64 2.67
N ARG E 995 8.12 6.99 3.95
CA ARG E 995 6.95 6.56 4.71
C ARG E 995 5.70 7.34 4.29
N LEU E 996 5.87 8.60 3.87
CA LEU E 996 4.74 9.39 3.41
C LEU E 996 4.20 8.86 2.08
N ILE E 997 5.08 8.51 1.15
CA ILE E 997 4.61 8.02 -0.14
C ILE E 997 4.07 6.61 -0.01
N THR E 998 4.54 5.85 1.00
CA THR E 998 4.07 4.48 1.20
C THR E 998 2.61 4.46 1.62
N GLY E 999 2.23 5.33 2.56
CA GLY E 999 0.83 5.43 2.95
C GLY E 999 -0.04 5.98 1.84
N ARG E 1000 0.51 6.91 1.04
CA ARG E 1000 -0.25 7.45 -0.07
C ARG E 1000 -0.42 6.43 -1.19
N LEU E 1001 0.57 5.57 -1.42
CA LEU E 1001 0.41 4.56 -2.46
C LEU E 1001 -0.52 3.44 -1.99
N GLN E 1002 -0.68 3.29 -0.68
CA GLN E 1002 -1.68 2.35 -0.18
C GLN E 1002 -3.08 2.92 -0.29
N SER E 1003 -3.22 4.24 -0.15
CA SER E 1003 -4.53 4.87 -0.27
C SER E 1003 -5.09 4.75 -1.68
N LEU E 1004 -4.25 5.03 -2.68
CA LEU E 1004 -4.66 4.85 -4.07
C LEU E 1004 -4.89 3.39 -4.42
N GLN E 1005 -4.08 2.48 -3.85
CA GLN E 1005 -4.24 1.07 -4.18
C GLN E 1005 -5.53 0.52 -3.59
N THR E 1006 -5.90 0.96 -2.39
CA THR E 1006 -7.21 0.63 -1.86
C THR E 1006 -8.31 1.30 -2.68
N TYR E 1007 -8.03 2.49 -3.20
CA TYR E 1007 -8.99 3.19 -4.04
C TYR E 1007 -9.17 2.49 -5.38
N VAL E 1008 -8.05 2.17 -6.05
CA VAL E 1008 -8.11 1.61 -7.40
C VAL E 1008 -8.75 0.23 -7.38
N THR E 1009 -8.37 -0.62 -6.41
CA THR E 1009 -9.01 -1.91 -6.27
C THR E 1009 -10.48 -1.78 -5.91
N GLN E 1010 -10.83 -0.66 -5.27
CA GLN E 1010 -12.28 -0.44 -5.01
C GLN E 1010 -12.91 -0.05 -6.34
N GLN E 1011 -12.22 0.76 -7.13
CA GLN E 1011 -12.79 1.18 -8.41
C GLN E 1011 -13.02 0.01 -9.35
N LEU E 1012 -12.10 -0.97 -9.34
CA LEU E 1012 -12.24 -2.10 -10.24
C LEU E 1012 -13.38 -3.02 -9.82
N ILE E 1013 -13.60 -3.16 -8.51
CA ILE E 1013 -14.64 -4.08 -8.06
C ILE E 1013 -16.02 -3.48 -8.25
N ARG E 1014 -16.15 -2.15 -8.15
CA ARG E 1014 -17.46 -1.55 -8.40
C ARG E 1014 -17.74 -1.47 -9.90
N ALA E 1015 -16.70 -1.65 -10.71
CA ALA E 1015 -16.91 -1.76 -12.15
C ALA E 1015 -17.58 -3.08 -12.51
N ALA E 1016 -17.50 -4.08 -11.62
CA ALA E 1016 -18.05 -5.40 -11.94
C ALA E 1016 -19.57 -5.40 -11.97
N GLU E 1017 -20.21 -4.83 -10.94
CA GLU E 1017 -21.68 -4.93 -10.87
C GLU E 1017 -22.34 -3.95 -11.83
N ILE E 1018 -21.72 -2.79 -12.07
CA ILE E 1018 -22.32 -1.83 -12.98
C ILE E 1018 -22.25 -2.34 -14.42
N ARG E 1019 -21.21 -3.12 -14.72
CA ARG E 1019 -21.15 -3.82 -16.00
C ARG E 1019 -22.08 -5.03 -16.00
N ALA E 1020 -22.22 -5.71 -14.86
CA ALA E 1020 -23.24 -6.74 -14.72
C ALA E 1020 -24.63 -6.15 -14.83
N SER E 1021 -24.84 -4.97 -14.24
CA SER E 1021 -26.10 -4.25 -14.42
C SER E 1021 -26.29 -3.83 -15.86
N ALA E 1022 -25.21 -3.40 -16.53
CA ALA E 1022 -25.29 -3.01 -17.93
C ALA E 1022 -25.54 -4.22 -18.83
N ASN E 1023 -24.94 -5.37 -18.50
CA ASN E 1023 -25.20 -6.59 -19.24
C ASN E 1023 -26.64 -7.02 -19.07
N LEU E 1024 -27.19 -6.84 -17.87
CA LEU E 1024 -28.63 -7.05 -17.67
C LEU E 1024 -29.44 -6.02 -18.43
N ALA E 1025 -28.95 -4.77 -18.48
CA ALA E 1025 -29.65 -3.71 -19.21
C ALA E 1025 -29.71 -4.00 -20.70
N ALA E 1026 -28.59 -4.43 -21.28
CA ALA E 1026 -28.58 -4.80 -22.70
C ALA E 1026 -29.44 -6.03 -22.94
N THR E 1027 -29.44 -6.98 -21.99
CA THR E 1027 -30.34 -8.12 -22.08
C THR E 1027 -31.80 -7.67 -21.97
N LYS E 1028 -32.09 -6.76 -21.04
CA LYS E 1028 -33.45 -6.26 -20.91
C LYS E 1028 -33.85 -5.41 -22.11
N MET E 1029 -32.91 -4.64 -22.66
CA MET E 1029 -33.22 -3.85 -23.85
C MET E 1029 -33.52 -4.73 -25.05
N SER E 1030 -32.78 -5.84 -25.20
CA SER E 1030 -32.99 -6.71 -26.35
C SER E 1030 -34.30 -7.47 -26.24
N GLU E 1031 -34.72 -7.82 -25.02
CA GLU E 1031 -35.88 -8.69 -24.85
C GLU E 1031 -37.14 -7.94 -24.51
N CYS E 1032 -37.08 -6.98 -23.57
CA CYS E 1032 -38.29 -6.36 -23.04
C CYS E 1032 -38.81 -5.25 -23.93
N VAL E 1033 -37.93 -4.54 -24.63
CA VAL E 1033 -38.36 -3.42 -25.48
C VAL E 1033 -38.37 -3.81 -26.94
N LEU E 1034 -37.27 -4.38 -27.44
CA LEU E 1034 -37.15 -4.73 -28.85
C LEU E 1034 -38.07 -5.88 -29.25
N GLY E 1035 -38.47 -6.72 -28.31
CA GLY E 1035 -39.39 -7.81 -28.56
C GLY E 1035 -40.48 -7.86 -27.50
N GLN E 1036 -40.96 -9.07 -27.24
CA GLN E 1036 -41.96 -9.31 -26.21
C GLN E 1036 -41.54 -10.55 -25.44
N SER E 1037 -40.89 -10.34 -24.30
CA SER E 1037 -40.37 -11.45 -23.51
C SER E 1037 -41.50 -12.24 -22.86
N LYS E 1038 -41.35 -13.56 -22.86
CA LYS E 1038 -42.30 -14.46 -22.21
C LYS E 1038 -41.82 -14.89 -20.84
N ARG E 1039 -40.70 -14.35 -20.37
CA ARG E 1039 -40.16 -14.72 -19.08
C ARG E 1039 -40.94 -14.05 -17.95
N VAL E 1040 -41.35 -14.84 -16.96
CA VAL E 1040 -42.18 -14.31 -15.88
C VAL E 1040 -41.33 -13.46 -14.95
N ASP E 1041 -41.83 -12.25 -14.64
CA ASP E 1041 -41.21 -11.27 -13.75
C ASP E 1041 -39.86 -10.76 -14.28
N PHE E 1042 -39.59 -10.96 -15.57
CA PHE E 1042 -38.42 -10.34 -16.19
C PHE E 1042 -38.69 -8.87 -16.46
N CYS E 1043 -39.95 -8.52 -16.68
CA CYS E 1043 -40.35 -7.14 -16.91
C CYS E 1043 -41.40 -6.71 -15.89
N GLY E 1044 -41.16 -7.03 -14.62
CA GLY E 1044 -42.06 -6.66 -13.56
C GLY E 1044 -43.17 -7.68 -13.35
N LYS E 1045 -43.99 -7.42 -12.32
CA LYS E 1045 -45.08 -8.31 -11.97
C LYS E 1045 -46.20 -8.24 -13.01
N GLY E 1046 -46.74 -9.39 -13.36
CA GLY E 1046 -47.83 -9.49 -14.32
C GLY E 1046 -47.35 -10.05 -15.64
N TYR E 1047 -48.31 -10.26 -16.54
CA TYR E 1047 -48.04 -10.76 -17.87
C TYR E 1047 -47.51 -9.61 -18.72
N HIS E 1048 -46.24 -9.71 -19.13
CA HIS E 1048 -45.59 -8.63 -19.85
C HIS E 1048 -46.15 -8.46 -21.25
N LEU E 1049 -46.37 -7.21 -21.66
CA LEU E 1049 -46.82 -6.90 -23.00
C LEU E 1049 -45.79 -6.11 -23.79
N MET E 1050 -45.38 -4.94 -23.29
CA MET E 1050 -44.36 -4.13 -23.94
C MET E 1050 -43.81 -3.15 -22.92
N SER E 1051 -42.71 -2.49 -23.28
CA SER E 1051 -42.06 -1.54 -22.39
C SER E 1051 -41.37 -0.47 -23.21
N PHE E 1052 -41.10 0.67 -22.56
CA PHE E 1052 -40.52 1.82 -23.23
C PHE E 1052 -39.30 2.30 -22.46
N PRO E 1053 -38.20 2.62 -23.13
CA PRO E 1053 -37.01 3.11 -22.43
C PRO E 1053 -37.05 4.62 -22.23
N GLN E 1054 -36.40 5.06 -21.16
CA GLN E 1054 -36.26 6.48 -20.85
C GLN E 1054 -34.82 6.76 -20.43
N SER E 1055 -34.28 7.89 -20.88
CA SER E 1055 -32.94 8.29 -20.52
C SER E 1055 -32.89 8.74 -19.06
N ALA E 1056 -31.79 8.39 -18.40
CA ALA E 1056 -31.60 8.70 -16.99
C ALA E 1056 -30.15 9.08 -16.77
N PRO E 1057 -29.85 9.90 -15.76
CA PRO E 1057 -28.44 10.19 -15.43
C PRO E 1057 -27.68 8.96 -14.97
N HIS E 1058 -26.70 8.54 -15.77
CA HIS E 1058 -25.88 7.35 -15.52
C HIS E 1058 -26.74 6.09 -15.37
N GLY E 1059 -27.82 6.01 -16.15
CA GLY E 1059 -28.71 4.88 -16.03
C GLY E 1059 -29.77 4.91 -17.11
N VAL E 1060 -30.64 3.90 -17.06
CA VAL E 1060 -31.76 3.77 -17.98
C VAL E 1060 -32.99 3.37 -17.17
N VAL E 1061 -34.14 3.92 -17.55
CA VAL E 1061 -35.40 3.64 -16.87
C VAL E 1061 -36.37 3.02 -17.87
N PHE E 1062 -36.89 1.86 -17.53
CA PHE E 1062 -37.87 1.15 -18.36
C PHE E 1062 -39.25 1.29 -17.76
N LEU E 1063 -40.25 1.45 -18.62
CA LEU E 1063 -41.64 1.58 -18.21
C LEU E 1063 -42.38 0.34 -18.70
N HIS E 1064 -42.44 -0.68 -17.86
CA HIS E 1064 -43.03 -1.98 -18.22
C HIS E 1064 -44.54 -1.85 -18.20
N VAL E 1065 -45.17 -2.19 -19.32
CA VAL E 1065 -46.63 -2.23 -19.42
C VAL E 1065 -47.05 -3.70 -19.40
N THR E 1066 -47.78 -4.08 -18.34
CA THR E 1066 -48.12 -5.48 -18.10
C THR E 1066 -49.62 -5.66 -18.08
N TYR E 1067 -50.05 -6.89 -18.36
CA TYR E 1067 -51.45 -7.27 -18.31
C TYR E 1067 -51.72 -7.98 -16.99
N VAL E 1068 -52.60 -7.41 -16.18
CA VAL E 1068 -52.90 -7.91 -14.84
C VAL E 1068 -54.40 -8.19 -14.75
N PRO E 1069 -54.81 -9.42 -14.47
CA PRO E 1069 -56.23 -9.69 -14.20
C PRO E 1069 -56.69 -8.96 -12.95
N ALA E 1070 -57.94 -8.51 -12.96
CA ALA E 1070 -58.50 -7.73 -11.86
C ALA E 1070 -59.67 -8.42 -11.17
N GLN E 1071 -60.71 -8.80 -11.91
CA GLN E 1071 -61.92 -9.37 -11.35
C GLN E 1071 -62.08 -10.80 -11.81
N GLU E 1072 -62.38 -11.70 -10.87
CA GLU E 1072 -62.47 -13.12 -11.14
C GLU E 1072 -63.74 -13.69 -10.55
N LYS E 1073 -64.10 -14.88 -11.00
CA LYS E 1073 -65.28 -15.59 -10.51
C LYS E 1073 -64.98 -17.07 -10.36
N ASN E 1074 -65.77 -17.74 -9.53
CA ASN E 1074 -65.64 -19.17 -9.29
C ASN E 1074 -66.47 -19.92 -10.32
N PHE E 1075 -65.88 -20.90 -10.99
CA PHE E 1075 -66.55 -21.70 -11.99
C PHE E 1075 -66.30 -23.18 -11.75
N THR E 1076 -67.27 -24.00 -12.14
CA THR E 1076 -67.13 -25.45 -12.07
C THR E 1076 -66.52 -25.99 -13.36
N THR E 1077 -65.48 -26.81 -13.22
CA THR E 1077 -64.70 -27.28 -14.37
C THR E 1077 -64.76 -28.81 -14.44
N ALA E 1078 -64.29 -29.33 -15.58
CA ALA E 1078 -64.19 -30.76 -15.84
C ALA E 1078 -63.15 -30.96 -16.92
N PRO E 1079 -62.34 -32.04 -16.86
CA PRO E 1079 -61.35 -32.27 -17.92
C PRO E 1079 -61.94 -32.56 -19.29
N ALA E 1080 -63.10 -33.19 -19.35
CA ALA E 1080 -63.68 -33.61 -20.62
C ALA E 1080 -65.17 -33.83 -20.42
N ILE E 1081 -65.87 -33.96 -21.54
CA ILE E 1081 -67.31 -34.20 -21.56
C ILE E 1081 -67.60 -35.40 -22.43
N CYS E 1082 -68.75 -36.04 -22.18
CA CYS E 1082 -69.18 -37.21 -22.93
C CYS E 1082 -70.28 -36.79 -23.91
N HIS E 1083 -70.11 -37.15 -25.18
CA HIS E 1083 -71.11 -36.85 -26.19
C HIS E 1083 -71.75 -38.13 -26.70
N ASP E 1084 -70.92 -39.05 -27.19
CA ASP E 1084 -71.35 -40.38 -27.60
C ASP E 1084 -70.49 -41.47 -26.99
N GLY E 1085 -69.96 -41.23 -25.78
CA GLY E 1085 -68.95 -42.08 -25.19
C GLY E 1085 -67.54 -41.65 -25.50
N LYS E 1086 -67.36 -40.69 -26.41
CA LYS E 1086 -66.05 -40.20 -26.76
C LYS E 1086 -65.62 -39.09 -25.80
N ALA E 1087 -64.32 -38.96 -25.62
CA ALA E 1087 -63.76 -37.92 -24.75
C ALA E 1087 -63.39 -36.71 -25.61
N HIS E 1088 -63.86 -35.54 -25.19
CA HIS E 1088 -63.63 -34.31 -25.93
C HIS E 1088 -62.71 -33.39 -25.14
N PHE E 1089 -61.61 -32.97 -25.76
CA PHE E 1089 -60.62 -32.10 -25.15
C PHE E 1089 -60.61 -30.75 -25.86
N PRO E 1090 -60.49 -29.64 -25.11
CA PRO E 1090 -60.41 -28.34 -25.77
C PRO E 1090 -59.08 -28.16 -26.50
N ARG E 1091 -59.16 -27.61 -27.71
CA ARG E 1091 -57.94 -27.32 -28.45
C ARG E 1091 -57.16 -26.19 -27.81
N GLU E 1092 -57.85 -25.14 -27.37
CA GLU E 1092 -57.23 -24.07 -26.61
C GLU E 1092 -58.24 -23.45 -25.65
N GLY E 1093 -58.28 -23.92 -24.42
CA GLY E 1093 -59.23 -23.40 -23.46
C GLY E 1093 -59.51 -24.42 -22.36
N VAL E 1094 -60.50 -24.09 -21.53
CA VAL E 1094 -60.88 -24.91 -20.40
C VAL E 1094 -62.41 -24.96 -20.33
N PHE E 1095 -62.95 -26.13 -19.99
CA PHE E 1095 -64.39 -26.27 -19.80
C PHE E 1095 -64.80 -25.66 -18.47
N VAL E 1096 -65.81 -24.79 -18.52
CA VAL E 1096 -66.34 -24.12 -17.34
C VAL E 1096 -67.86 -24.30 -17.31
N SER E 1097 -68.41 -24.18 -16.10
CA SER E 1097 -69.85 -24.28 -15.91
C SER E 1097 -70.30 -23.17 -14.96
N ASN E 1098 -71.43 -22.54 -15.29
CA ASN E 1098 -72.03 -21.54 -14.41
C ASN E 1098 -73.07 -22.14 -13.47
N GLY E 1099 -73.24 -23.46 -13.48
CA GLY E 1099 -74.18 -24.15 -12.63
C GLY E 1099 -75.25 -24.92 -13.38
N THR E 1100 -75.64 -24.46 -14.56
CA THR E 1100 -76.69 -25.13 -15.33
C THR E 1100 -76.17 -25.55 -16.71
N HIS E 1101 -75.27 -24.76 -17.28
CA HIS E 1101 -74.76 -25.01 -18.62
C HIS E 1101 -73.24 -25.02 -18.60
N TRP E 1102 -72.66 -25.78 -19.52
CA TRP E 1102 -71.22 -25.89 -19.67
C TRP E 1102 -70.75 -25.07 -20.86
N PHE E 1103 -69.59 -24.43 -20.71
CA PHE E 1103 -69.03 -23.59 -21.76
C PHE E 1103 -67.53 -23.82 -21.84
N VAL E 1104 -66.95 -23.39 -22.95
CA VAL E 1104 -65.51 -23.38 -23.15
C VAL E 1104 -65.06 -21.93 -23.31
N THR E 1105 -63.94 -21.59 -22.69
CA THR E 1105 -63.43 -20.22 -22.70
C THR E 1105 -61.91 -20.24 -22.63
N GLN E 1106 -61.31 -19.14 -23.08
CA GLN E 1106 -59.85 -19.04 -23.06
C GLN E 1106 -59.32 -18.86 -21.65
N ARG E 1107 -58.02 -19.08 -21.50
CA ARG E 1107 -57.43 -19.33 -20.18
C ARG E 1107 -57.37 -18.07 -19.32
N ASN E 1108 -56.94 -16.96 -19.90
CA ASN E 1108 -56.61 -15.75 -19.14
C ASN E 1108 -57.76 -14.75 -19.08
N PHE E 1109 -58.90 -15.09 -19.65
CA PHE E 1109 -60.04 -14.17 -19.66
C PHE E 1109 -61.35 -14.94 -19.79
N TYR E 1110 -62.39 -14.50 -19.10
CA TYR E 1110 -63.67 -15.18 -19.18
C TYR E 1110 -64.44 -14.72 -20.41
N GLU E 1111 -64.67 -15.64 -21.34
CA GLU E 1111 -65.50 -15.39 -22.51
C GLU E 1111 -66.17 -16.70 -22.90
N PRO E 1112 -67.35 -16.99 -22.34
CA PRO E 1112 -67.97 -18.31 -22.58
C PRO E 1112 -68.47 -18.46 -24.01
N GLN E 1113 -68.26 -19.64 -24.56
CA GLN E 1113 -68.69 -19.99 -25.91
C GLN E 1113 -69.38 -21.34 -25.90
N ILE E 1114 -70.22 -21.56 -26.91
CA ILE E 1114 -70.88 -22.85 -27.07
C ILE E 1114 -69.85 -23.90 -27.46
N ILE E 1115 -69.86 -25.03 -26.74
CA ILE E 1115 -68.92 -26.10 -27.00
C ILE E 1115 -69.32 -26.83 -28.27
N THR E 1116 -68.58 -26.58 -29.35
CA THR E 1116 -68.86 -27.18 -30.65
C THR E 1116 -67.70 -28.05 -31.08
N THR E 1117 -67.90 -28.77 -32.18
CA THR E 1117 -66.85 -29.61 -32.75
C THR E 1117 -65.66 -28.82 -33.26
N ASP E 1118 -65.85 -27.54 -33.61
CA ASP E 1118 -64.75 -26.67 -33.99
C ASP E 1118 -64.02 -26.11 -32.78
N ASN E 1119 -64.52 -26.35 -31.57
CA ASN E 1119 -63.88 -25.89 -30.35
C ASN E 1119 -63.17 -26.99 -29.58
N THR E 1120 -63.37 -28.25 -29.95
CA THR E 1120 -62.78 -29.39 -29.25
C THR E 1120 -62.29 -30.43 -30.25
N PHE E 1121 -61.52 -31.38 -29.74
CA PHE E 1121 -61.05 -32.52 -30.51
C PHE E 1121 -61.24 -33.79 -29.70
N VAL E 1122 -61.37 -34.91 -30.40
CA VAL E 1122 -61.73 -36.19 -29.81
C VAL E 1122 -60.49 -37.04 -29.64
N SER E 1123 -60.27 -37.52 -28.42
CA SER E 1123 -59.17 -38.45 -28.14
C SER E 1123 -59.55 -39.26 -26.92
N GLY E 1124 -59.59 -40.59 -27.06
CA GLY E 1124 -59.95 -41.43 -25.95
C GLY E 1124 -61.46 -41.60 -25.80
N ASN E 1125 -61.86 -42.10 -24.63
CA ASN E 1125 -63.26 -42.36 -24.34
C ASN E 1125 -63.54 -41.96 -22.90
N CYS E 1126 -64.81 -42.14 -22.47
CA CYS E 1126 -65.23 -41.71 -21.16
C CYS E 1126 -64.75 -42.64 -20.05
N ASP E 1127 -64.37 -43.87 -20.37
CA ASP E 1127 -63.95 -44.85 -19.37
C ASP E 1127 -62.54 -44.60 -18.85
N VAL E 1128 -61.73 -43.84 -19.57
CA VAL E 1128 -60.33 -43.64 -19.24
C VAL E 1128 -60.11 -42.33 -18.49
N VAL E 1129 -60.76 -41.26 -18.92
CA VAL E 1129 -60.55 -39.94 -18.35
C VAL E 1129 -61.17 -39.87 -16.97
N ILE E 1130 -60.38 -39.47 -15.98
CA ILE E 1130 -60.85 -39.33 -14.61
C ILE E 1130 -61.51 -37.96 -14.46
N GLY E 1131 -62.76 -37.95 -14.00
CA GLY E 1131 -63.49 -36.73 -13.80
C GLY E 1131 -64.32 -36.27 -14.98
N ILE E 1132 -64.50 -37.12 -16.00
CA ILE E 1132 -65.28 -36.75 -17.17
C ILE E 1132 -66.75 -36.64 -16.78
N VAL E 1133 -67.48 -35.75 -17.45
CA VAL E 1133 -68.89 -35.51 -17.18
C VAL E 1133 -69.69 -35.73 -18.46
N ASN E 1134 -71.00 -35.55 -18.34
CA ASN E 1134 -71.90 -35.70 -19.47
C ASN E 1134 -72.32 -34.32 -19.99
N ASN E 1135 -72.44 -34.21 -21.31
CA ASN E 1135 -72.79 -32.95 -21.96
C ASN E 1135 -73.33 -33.26 -23.35
N THR E 1136 -73.54 -32.21 -24.13
CA THR E 1136 -73.95 -32.31 -25.52
C THR E 1136 -73.05 -31.41 -26.37
N VAL E 1137 -72.48 -31.97 -27.43
CA VAL E 1137 -71.61 -31.23 -28.33
C VAL E 1137 -72.41 -30.83 -29.56
N TYR E 1138 -72.46 -29.53 -29.84
CA TYR E 1138 -73.18 -29.03 -31.01
C TYR E 1138 -72.34 -29.21 -32.26
N ASP E 1139 -72.94 -29.78 -33.30
CA ASP E 1139 -72.28 -29.93 -34.58
C ASP E 1139 -72.89 -28.92 -35.54
N PRO E 1140 -72.12 -27.93 -36.02
CA PRO E 1140 -72.68 -26.95 -36.97
C PRO E 1140 -73.11 -27.55 -38.31
N LEU E 1141 -72.57 -28.70 -38.68
CA LEU E 1141 -72.91 -29.31 -39.97
C LEU E 1141 -74.30 -29.90 -39.99
N GLN E 1142 -74.79 -30.38 -38.83
CA GLN E 1142 -76.08 -31.08 -38.79
C GLN E 1142 -77.27 -30.18 -39.14
N PRO E 1143 -77.41 -28.94 -38.62
CA PRO E 1143 -78.49 -28.09 -39.14
C PRO E 1143 -78.37 -27.73 -40.60
N GLU E 1144 -77.14 -27.65 -41.12
CA GLU E 1144 -76.95 -27.34 -42.54
C GLU E 1144 -77.40 -28.50 -43.41
N LEU E 1145 -77.16 -29.73 -42.98
CA LEU E 1145 -77.62 -30.89 -43.74
C LEU E 1145 -79.14 -31.04 -43.66
N ASP E 1146 -79.73 -30.72 -42.50
CA ASP E 1146 -81.17 -30.85 -42.35
C ASP E 1146 -81.92 -29.78 -43.14
N SER E 1147 -81.40 -28.56 -43.14
CA SER E 1147 -82.04 -27.47 -43.86
C SER E 1147 -81.75 -27.54 -45.36
C1 NAG F . 33.82 -28.73 19.71
C2 NAG F . 33.97 -27.39 18.98
C3 NAG F . 34.22 -27.63 17.48
C4 NAG F . 35.39 -28.57 17.27
C5 NAG F . 35.16 -29.87 18.04
C6 NAG F . 36.32 -30.83 17.97
C7 NAG F . 32.86 -25.34 19.73
C8 NAG F . 31.56 -24.62 19.86
N2 NAG F . 32.81 -26.55 19.17
O3 NAG F . 34.46 -26.38 16.84
O4 NAG F . 35.54 -28.86 15.88
O5 NAG F . 34.97 -29.57 19.44
O6 NAG F . 36.05 -32.04 18.67
O7 NAG F . 33.93 -24.85 20.11
C1 NAG F . 36.77 -28.27 15.40
C2 NAG F . 37.14 -28.95 14.07
C3 NAG F . 38.41 -28.33 13.50
C4 NAG F . 38.27 -26.81 13.39
C5 NAG F . 37.86 -26.22 14.73
C6 NAG F . 37.58 -24.73 14.67
C7 NAG F . 36.85 -31.28 13.35
C8 NAG F . 37.11 -32.71 13.69
N2 NAG F . 37.30 -30.38 14.24
O3 NAG F . 38.68 -28.87 12.22
O4 NAG F . 39.50 -26.23 12.99
O5 NAG F . 36.65 -26.84 15.19
O6 NAG F . 38.69 -24.02 14.15
O7 NAG F . 36.26 -30.94 12.33
C1 NAG G . -43.84 -47.17 -20.28
C2 NAG G . -44.80 -48.36 -20.33
C3 NAG G . -45.37 -48.63 -18.95
C4 NAG G . -44.25 -48.80 -17.93
C5 NAG G . -43.31 -47.60 -17.98
C6 NAG G . -42.10 -47.75 -17.07
C7 NAG G . -45.84 -48.53 -22.55
C8 NAG G . -47.04 -48.19 -23.39
N2 NAG G . -45.88 -48.11 -21.29
O3 NAG G . -46.18 -49.80 -18.99
O4 NAG G . -44.80 -48.93 -16.62
O5 NAG G . -42.81 -47.42 -19.30
O6 NAG G . -41.25 -46.62 -17.16
O7 NAG G . -44.89 -49.16 -23.01
C1 NAG G . -44.57 -50.26 -16.11
C2 NAG G . -45.10 -50.32 -14.68
C3 NAG G . -44.91 -51.73 -14.10
C4 NAG G . -45.53 -52.76 -15.03
C5 NAG G . -44.98 -52.61 -16.45
C6 NAG G . -45.64 -53.53 -17.45
C7 NAG G . -45.10 -48.29 -13.30
C8 NAG G . -44.27 -47.37 -12.46
N2 NAG G . -44.46 -49.34 -13.83
O3 NAG G . -45.51 -51.80 -12.82
O4 NAG G . -45.22 -54.07 -14.56
O5 NAG G . -45.21 -51.26 -16.91
O6 NAG G . -44.97 -53.50 -18.70
O7 NAG G . -46.30 -48.10 -13.51
C1 NAG H . -46.77 -40.17 0.48
C2 NAG H . -48.04 -40.82 1.01
C3 NAG H . -47.90 -41.12 2.51
C4 NAG H . -46.65 -41.94 2.77
C5 NAG H . -45.43 -41.24 2.16
C6 NAG H . -44.16 -42.06 2.28
C7 NAG H . -50.05 -40.16 -0.24
C8 NAG H . -51.19 -39.18 -0.33
N2 NAG H . -49.21 -39.97 0.78
O3 NAG H . -49.05 -41.82 2.96
O4 NAG H . -46.45 -42.07 4.18
O5 NAG H . -45.65 -41.01 0.76
O6 NAG H . -43.02 -41.28 1.92
O7 NAG H . -49.91 -41.07 -1.05
C1 NAG H . -46.63 -43.45 4.56
C2 NAG H . -45.89 -43.68 5.87
C3 NAG H . -46.09 -45.13 6.34
C4 NAG H . -47.57 -45.46 6.42
C5 NAG H . -48.25 -45.15 5.08
C6 NAG H . -49.75 -45.35 5.13
C7 NAG H . -43.94 -42.21 6.06
C8 NAG H . -42.46 -42.08 5.85
N2 NAG H . -44.47 -43.39 5.73
O3 NAG H . -45.48 -45.30 7.62
O4 NAG H . -47.74 -46.84 6.72
O5 NAG H . -48.02 -43.79 4.73
O6 NAG H . -50.31 -45.34 3.82
O7 NAG H . -44.61 -41.29 6.51
C1 NAG I . -49.91 -50.23 -39.78
C2 NAG I . -49.94 -51.75 -39.92
C3 NAG I . -51.28 -52.20 -40.51
C4 NAG I . -52.44 -51.64 -39.69
C5 NAG I . -52.31 -50.13 -39.53
C6 NAG I . -53.34 -49.53 -38.59
C7 NAG I . -47.69 -52.68 -40.22
C8 NAG I . -46.66 -53.12 -41.22
N2 NAG I . -48.84 -52.23 -40.74
O3 NAG I . -51.34 -53.62 -40.53
O4 NAG I . -53.67 -51.93 -40.37
O5 NAG I . -51.02 -49.80 -38.97
O6 NAG I . -54.23 -48.68 -39.29
O7 NAG I . -47.50 -52.73 -39.02
C1 NAG I . -54.50 -52.81 -39.57
C2 NAG I . -55.84 -52.98 -40.30
C3 NAG I . -56.76 -53.89 -39.50
C4 NAG I . -56.06 -55.21 -39.20
C5 NAG I . -54.72 -54.96 -38.52
C6 NAG I . -53.92 -56.22 -38.31
C7 NAG I . -56.37 -51.03 -41.70
C8 NAG I . -57.09 -49.71 -41.76
N2 NAG I . -56.47 -51.69 -40.53
O3 NAG I . -57.95 -54.12 -40.24
O4 NAG I . -56.88 -56.00 -38.33
O5 NAG I . -53.91 -54.09 -39.33
O6 NAG I . -54.41 -57.29 -39.10
O7 NAG I . -55.72 -51.46 -42.64
C1 NAG J . -48.53 -40.34 -57.74
C2 NAG J . -47.09 -40.41 -58.27
C3 NAG J . -46.98 -39.68 -59.60
C4 NAG J . -48.00 -40.20 -60.59
C5 NAG J . -49.41 -40.13 -59.98
C6 NAG J . -50.47 -40.75 -60.85
C7 NAG J . -45.30 -40.63 -56.60
C8 NAG J . -44.40 -39.91 -55.64
N2 NAG J . -46.15 -39.87 -57.30
O3 NAG J . -45.65 -39.84 -60.10
O4 NAG J . -47.99 -39.43 -61.78
O5 NAG J . -49.43 -40.84 -58.73
O6 NAG J . -51.76 -40.24 -60.53
O7 NAG J . -45.28 -41.85 -56.72
C1 NAG J . -47.33 -40.16 -62.84
C2 NAG J . -48.10 -39.99 -64.15
C3 NAG J . -47.36 -40.68 -65.30
C4 NAG J . -45.92 -40.18 -65.37
C5 NAG J . -45.23 -40.35 -64.02
C6 NAG J . -43.84 -39.78 -64.00
C7 NAG J . -50.51 -39.94 -64.62
C8 NAG J . -51.83 -40.61 -64.38
N2 NAG J . -49.45 -40.50 -64.03
O3 NAG J . -48.04 -40.42 -66.53
O4 NAG J . -45.21 -40.93 -66.36
O5 NAG J . -45.98 -39.67 -63.01
O6 NAG J . -43.81 -38.47 -64.56
O7 NAG J . -50.41 -38.92 -65.30
C1 NAG K . -19.18 -27.69 -50.26
C2 NAG K . -19.20 -28.59 -51.50
C3 NAG K . -17.77 -29.00 -51.87
C4 NAG K . -16.87 -27.78 -52.02
C5 NAG K . -16.95 -26.92 -50.75
C6 NAG K . -16.18 -25.63 -50.86
C7 NAG K . -21.32 -29.82 -51.60
C8 NAG K . -22.02 -31.11 -51.30
N2 NAG K . -20.02 -29.77 -51.27
O3 NAG K . -17.79 -29.73 -53.09
O4 NAG K . -15.52 -28.20 -52.23
O5 NAG K . -18.31 -26.56 -50.50
O6 NAG K . -16.51 -24.75 -49.80
O7 NAG K . -21.90 -28.87 -52.12
C1 NAG K . -15.12 -27.84 -53.56
C2 NAG K . -13.60 -27.63 -53.57
C3 NAG K . -13.13 -27.28 -54.98
C4 NAG K . -13.60 -28.33 -55.98
C5 NAG K . -15.11 -28.53 -55.88
C6 NAG K . -15.62 -29.64 -56.75
C7 NAG K . -12.80 -26.85 -51.39
C8 NAG K . -12.43 -25.64 -50.55
N2 NAG K . -13.21 -26.59 -52.63
O3 NAG K . -11.70 -27.19 -54.99
O4 NAG K . -13.26 -27.93 -57.30
O5 NAG K . -15.47 -28.85 -54.52
O6 NAG K . -16.90 -29.33 -57.29
O7 NAG K . -12.71 -27.99 -50.95
C1 NAG L . -55.61 -8.18 -56.43
C2 NAG L . -55.57 -7.65 -57.85
C3 NAG L . -56.69 -8.26 -58.68
C4 NAG L . -56.65 -9.78 -58.61
C5 NAG L . -56.62 -10.24 -57.15
C6 NAG L . -56.42 -11.73 -57.01
C7 NAG L . -54.56 -5.41 -57.97
C8 NAG L . -54.82 -3.93 -57.98
N2 NAG L . -55.64 -6.20 -57.88
O3 NAG L . -56.57 -7.83 -60.03
O4 NAG L . -57.81 -10.31 -59.26
O5 NAG L . -55.54 -9.61 -56.45
O6 NAG L . -55.38 -12.21 -57.86
O7 NAG L . -53.43 -5.87 -58.04
C1 NAG L . -57.44 -11.09 -60.41
C2 NAG L . -58.71 -11.74 -60.97
C3 NAG L . -58.38 -12.57 -62.20
C4 NAG L . -57.62 -11.72 -63.22
C5 NAG L . -56.41 -11.06 -62.58
C6 NAG L . -55.69 -10.12 -63.51
C7 NAG L . -60.37 -12.14 -59.22
C8 NAG L . -60.92 -13.13 -58.22
N2 NAG L . -59.35 -12.57 -59.95
O3 NAG L . -59.57 -13.08 -62.77
O4 NAG L . -57.20 -12.53 -64.31
O5 NAG L . -56.81 -10.30 -61.44
O6 NAG L . -54.29 -10.34 -63.51
O7 NAG L . -60.85 -11.01 -59.33
C1 NAG M . -71.04 -2.20 -44.60
C2 NAG M . -70.97 -0.84 -43.89
C3 NAG M . -72.26 -0.59 -43.12
C4 NAG M . -73.47 -0.72 -44.05
C5 NAG M . -73.44 -2.07 -44.76
C6 NAG M . -74.53 -2.23 -45.79
C7 NAG M . -68.68 -0.17 -43.32
C8 NAG M . -67.60 -0.19 -42.28
N2 NAG M . -69.82 -0.77 -43.00
O3 NAG M . -72.22 0.72 -42.54
O4 NAG M . -74.67 -0.62 -43.29
O5 NAG M . -72.20 -2.23 -45.45
O6 NAG M . -74.80 -3.60 -46.06
O7 NAG M . -68.52 0.38 -44.41
C1 NAG M . -75.32 0.64 -43.60
C2 NAG M . -76.80 0.52 -43.21
C3 NAG M . -77.51 1.85 -43.47
C4 NAG M . -76.79 2.99 -42.75
C5 NAG M . -75.32 3.01 -43.14
C6 NAG M . -74.51 4.03 -42.38
C7 NAG M . -77.70 -1.75 -43.41
C8 NAG M . -78.37 -2.74 -44.30
N2 NAG M . -77.45 -0.56 -43.94
O3 NAG M . -78.86 1.77 -43.00
O4 NAG M . -77.39 4.24 -43.11
O5 NAG M . -74.72 1.73 -42.87
O6 NAG M . -73.21 4.20 -42.94
O7 NAG M . -77.40 -2.02 -42.25
C1 NAG N . -63.44 -3.52 -15.69
C2 NAG N . -64.83 -3.12 -16.19
C3 NAG N . -64.83 -1.65 -16.62
C4 NAG N . -64.29 -0.76 -15.50
C5 NAG N . -62.92 -1.25 -15.06
C6 NAG N . -62.36 -0.48 -13.88
C7 NAG N . -65.99 -5.07 -17.12
C8 NAG N . -66.34 -5.82 -18.37
N2 NAG N . -65.26 -3.97 -17.29
O3 NAG N . -66.16 -1.26 -16.95
O4 NAG N . -64.20 0.59 -15.96
O5 NAG N . -63.01 -2.62 -14.65
O6 NAG N . -61.09 -1.01 -13.49
O7 NAG N . -66.35 -5.44 -16.01
C1 NAG N . -65.14 1.42 -15.26
C2 NAG N . -64.96 2.86 -15.71
C3 NAG N . -65.96 3.78 -15.01
C4 NAG N . -67.38 3.26 -15.22
C5 NAG N . -67.48 1.80 -14.79
C6 NAG N . -68.83 1.18 -15.08
C7 NAG N . -62.67 3.45 -16.42
C8 NAG N . -61.33 3.93 -15.98
N2 NAG N . -63.60 3.32 -15.45
O3 NAG N . -65.85 5.10 -15.54
O4 NAG N . -68.30 4.04 -14.45
O5 NAG N . -66.51 1.01 -15.50
O6 NAG N . -69.08 0.06 -14.24
O7 NAG N . -62.93 3.20 -17.60
C1 NAG O . -51.99 13.49 -23.66
C2 NAG O . -52.78 14.33 -24.66
C3 NAG O . -52.39 15.79 -24.57
C4 NAG O . -52.50 16.29 -23.14
C5 NAG O . -51.74 15.37 -22.18
C6 NAG O . -51.92 15.72 -20.72
C7 NAG O . -53.44 13.01 -26.63
C8 NAG O . -53.07 12.60 -28.03
N2 NAG O . -52.58 13.83 -26.02
O3 NAG O . -53.22 16.57 -25.42
O4 NAG O . -51.96 17.60 -23.05
O5 NAG O . -52.18 14.02 -22.34
O6 NAG O . -51.62 14.62 -19.88
O7 NAG O . -54.46 12.61 -26.09
C1 NAG O . -53.00 18.56 -22.77
C2 NAG O . -52.37 19.77 -22.07
C3 NAG O . -53.44 20.83 -21.80
C4 NAG O . -54.17 21.19 -23.08
C5 NAG O . -54.73 19.93 -23.74
C6 NAG O . -55.37 20.20 -25.09
C7 NAG O . -50.40 19.14 -20.76
C8 NAG O . -49.88 18.75 -19.41
N2 NAG O . -51.71 19.38 -20.83
O3 NAG O . -52.82 21.98 -21.25
O4 NAG O . -55.25 22.07 -22.79
O5 NAG O . -53.67 18.98 -23.96
O6 NAG O . -54.48 20.89 -25.95
O7 NAG O . -49.66 19.24 -21.72
C1 NAG P . -75.65 -20.13 -17.53
C2 NAG P . -76.94 -19.69 -16.86
C3 NAG P . -78.13 -19.95 -17.76
C4 NAG P . -77.92 -19.31 -19.13
C5 NAG P . -76.57 -19.74 -19.73
C6 NAG P . -76.23 -19.01 -21.00
C7 NAG P . -76.75 -19.80 -14.41
C8 NAG P . -77.01 -20.61 -13.18
N2 NAG P . -77.11 -20.35 -15.57
O3 NAG P . -79.31 -19.44 -17.16
O4 NAG P . -78.98 -19.69 -20.01
O5 NAG P . -75.52 -19.46 -18.80
O6 NAG P . -76.51 -17.62 -20.91
O7 NAG P . -76.24 -18.68 -14.35
C1 NAG P . -79.76 -18.54 -20.40
C2 NAG P . -80.81 -19.00 -21.41
C3 NAG P . -81.68 -17.81 -21.83
C4 NAG P . -82.26 -17.12 -20.61
C5 NAG P . -81.17 -16.75 -19.62
C6 NAG P . -81.70 -16.17 -18.33
C7 NAG P . -80.02 -20.92 -22.71
C8 NAG P . -79.35 -21.38 -23.97
N2 NAG P . -80.18 -19.61 -22.57
O3 NAG P . -82.72 -18.28 -22.68
O4 NAG P . -82.96 -15.94 -21.00
O5 NAG P . -80.41 -17.92 -19.27
O6 NAG P . -80.80 -15.21 -17.79
O7 NAG P . -80.39 -21.72 -21.85
C1 NAG Q . -72.81 -40.18 -18.29
C2 NAG Q . -72.49 -40.80 -16.92
C3 NAG Q . -72.34 -42.31 -17.06
C4 NAG Q . -73.55 -42.92 -17.73
C5 NAG Q . -73.83 -42.21 -19.06
C6 NAG Q . -75.11 -42.68 -19.73
C7 NAG Q . -71.37 -39.27 -15.38
C8 NAG Q . -70.05 -38.77 -14.88
N2 NAG Q . -71.31 -40.20 -16.34
O3 NAG Q . -72.12 -42.87 -15.77
O4 NAG Q . -73.34 -44.31 -17.98
O5 NAG Q . -73.97 -40.80 -18.85
O6 NAG Q . -75.11 -42.37 -21.11
O7 NAG Q . -72.43 -38.85 -14.94
C1 NAG Q . -74.08 -45.10 -17.03
C2 NAG Q . -74.73 -46.30 -17.74
C3 NAG Q . -75.46 -47.19 -16.73
C4 NAG Q . -74.50 -47.59 -15.60
C5 NAG Q . -73.87 -46.35 -14.97
C6 NAG Q . -72.83 -46.69 -13.94
C7 NAG Q . -75.78 -46.46 -19.95
C8 NAG Q . -76.78 -45.85 -20.89
N2 NAG Q . -75.66 -45.85 -18.77
O3 NAG Q . -75.95 -48.34 -17.39
O4 NAG Q . -75.21 -48.31 -14.61
O5 NAG Q . -73.21 -45.58 -15.98
O6 NAG Q . -71.84 -47.57 -14.46
O7 NAG Q . -75.11 -47.44 -20.25
C1 NAG R . 20.88 -49.08 8.04
C2 NAG R . 19.88 -50.11 7.49
C3 NAG R . 20.60 -51.41 7.14
C4 NAG R . 21.78 -51.15 6.21
C5 NAG R . 22.70 -50.09 6.82
C6 NAG R . 23.83 -49.69 5.90
C7 NAG R . 17.59 -49.82 8.33
C8 NAG R . 16.61 -50.17 9.41
N2 NAG R . 18.81 -50.35 8.45
O3 NAG R . 19.68 -52.30 6.53
O4 NAG R . 22.51 -52.35 6.00
O5 NAG R . 21.95 -48.90 7.10
O6 NAG R . 24.87 -49.04 6.60
O7 NAG R . 17.30 -49.06 7.40
C1 NAG S . 25.19 -42.38 44.91
C2 NAG S . 25.01 -42.63 46.41
C3 NAG S . 25.14 -41.32 47.18
C4 NAG S . 26.46 -40.62 46.85
C5 NAG S . 26.60 -40.45 45.34
C6 NAG S . 27.95 -39.90 44.95
C7 NAG S . 23.63 -44.48 47.21
C8 NAG S . 22.24 -44.99 47.43
N2 NAG S . 23.73 -43.26 46.68
O3 NAG S . 25.06 -41.58 48.57
O4 NAG S . 26.51 -39.35 47.49
O5 NAG S . 26.45 -41.70 44.67
O6 NAG S . 27.85 -38.99 43.86
O7 NAG S . 24.61 -45.15 47.50
C1 NAG T . -8.27 -37.01 29.73
C2 NAG T . -8.68 -38.12 28.76
C3 NAG T . -9.93 -38.83 29.26
C4 NAG T . -9.73 -39.31 30.69
C5 NAG T . -9.30 -38.15 31.59
C6 NAG T . -8.98 -38.58 33.00
C7 NAG T . -7.99 -37.70 26.44
C8 NAG T . -8.38 -37.10 25.12
N2 NAG T . -8.89 -37.59 27.42
O3 NAG T . -10.22 -39.93 28.41
O4 NAG T . -10.95 -39.86 31.19
O5 NAG T . -8.12 -37.54 31.05
O6 NAG T . -8.23 -37.58 33.68
O7 NAG T . -6.90 -38.25 26.62
C1 NAG U . 44.92 -16.07 -16.08
C2 NAG U . 45.16 -14.77 -16.88
C3 NAG U . 45.32 -15.07 -18.36
C4 NAG U . 46.40 -16.13 -18.59
C5 NAG U . 46.09 -17.37 -17.76
C6 NAG U . 47.17 -18.43 -17.85
C7 NAG U . 44.23 -12.50 -16.73
C8 NAG U . 43.00 -11.67 -16.50
N2 NAG U . 44.07 -13.83 -16.67
O3 NAG U . 45.67 -13.89 -19.07
O4 NAG U . 46.46 -16.48 -19.97
O5 NAG U . 45.97 -17.01 -16.38
O6 NAG U . 48.46 -17.85 -17.74
O7 NAG U . 45.32 -11.99 -16.96
C1 NAG V . -14.18 -45.19 5.15
C2 NAG V . -14.55 -45.00 6.62
C3 NAG V . -15.71 -45.93 7.00
C4 NAG V . -16.88 -45.73 6.05
C5 NAG V . -16.42 -45.92 4.61
C6 NAG V . -17.51 -45.64 3.59
C7 NAG V . -12.86 -44.30 8.27
C8 NAG V . -11.69 -44.73 9.09
N2 NAG V . -13.41 -45.24 7.49
O3 NAG V . -16.12 -45.65 8.33
O4 NAG V . -17.90 -46.68 6.34
O5 NAG V . -15.35 -45.01 4.32
O6 NAG V . -16.96 -45.31 2.33
O7 NAG V . -13.31 -43.16 8.30
C1 NAG W . 13.33 -36.04 -22.99
C2 NAG W . 12.45 -35.52 -24.13
C3 NAG W . 12.50 -36.49 -25.31
C4 NAG W . 13.94 -36.75 -25.73
C5 NAG W . 14.75 -37.22 -24.53
C6 NAG W . 16.23 -37.38 -24.85
C7 NAG W . 10.52 -34.11 -23.57
C8 NAG W . 9.10 -34.09 -23.11
N2 NAG W . 11.08 -35.33 -23.70
O3 NAG W . 11.76 -35.94 -26.40
O4 NAG W . 13.98 -37.74 -26.75
O5 NAG W . 14.67 -36.26 -23.46
O6 NAG W . 16.42 -37.98 -26.12
O7 NAG W . 11.13 -33.09 -23.82
C1 NAG X . -1.35 -50.62 -25.55
C2 NAG X . -0.13 -50.94 -24.69
C3 NAG X . 1.12 -50.97 -25.56
C4 NAG X . 0.94 -51.94 -26.72
C5 NAG X . -0.32 -51.60 -27.50
C6 NAG X . -0.63 -52.60 -28.58
C7 NAG X . -0.41 -50.17 -22.37
C8 NAG X . -0.18 -49.05 -21.40
N2 NAG X . 0.02 -49.96 -23.63
O3 NAG X . 2.24 -51.36 -24.77
O4 NAG X . 2.07 -51.87 -27.59
O5 NAG X . -1.45 -51.58 -26.62
O6 NAG X . -1.61 -52.09 -29.50
O7 NAG X . -0.98 -51.20 -22.06
C1 NAG Y . -32.96 -40.41 -50.07
C2 NAG Y . -33.86 -40.07 -51.26
C3 NAG Y . -33.75 -41.15 -52.34
C4 NAG Y . -32.29 -41.38 -52.73
C5 NAG Y . -31.46 -41.67 -51.49
C6 NAG Y . -29.98 -41.79 -51.78
C7 NAG Y . -35.78 -38.71 -50.57
C8 NAG Y . -37.22 -38.73 -50.14
N2 NAG Y . -35.24 -39.90 -50.84
O3 NAG Y . -34.50 -40.76 -53.48
O4 NAG Y . -32.20 -42.47 -53.62
O5 NAG Y . -31.61 -40.60 -50.53
O6 NAG Y . -29.46 -43.02 -51.31
O7 NAG Y . -35.14 -37.67 -50.67
C1 NAG Z . -33.23 -47.88 -36.11
C2 NAG Z . -33.06 -48.59 -34.76
C3 NAG Z . -31.59 -48.57 -34.34
C4 NAG Z . -30.70 -49.13 -35.44
C5 NAG Z . -30.95 -48.39 -36.75
C6 NAG Z . -30.18 -48.96 -37.91
C7 NAG Z . -34.68 -48.70 -32.93
C8 NAG Z . -35.47 -47.90 -31.92
N2 NAG Z . -33.89 -47.98 -33.74
O3 NAG Z . -31.43 -49.33 -33.15
O4 NAG Z . -29.33 -49.01 -35.08
O5 NAG Z . -32.33 -48.46 -37.09
O6 NAG Z . -28.78 -48.75 -37.77
O7 NAG Z . -34.76 -49.92 -33.00
C1 NAG AA . 52.84 0.86 6.26
C2 NAG AA . 52.00 -0.30 5.74
C3 NAG AA . 51.91 -1.39 6.80
C4 NAG AA . 53.31 -1.81 7.23
C5 NAG AA . 54.09 -0.60 7.70
C6 NAG AA . 55.52 -0.98 8.08
C7 NAG AA . 50.24 0.46 4.22
C8 NAG AA . 49.65 -0.65 3.40
N2 NAG AA . 50.65 0.13 5.44
O3 NAG AA . 51.22 -2.52 6.26
O4 NAG AA . 53.23 -2.76 8.29
O5 NAG AA . 54.12 0.40 6.69
O6 NAG AA . 56.16 0.14 8.70
O7 NAG AA . 50.34 1.59 3.78
C1 NAG BA . 18.76 24.61 -38.64
C2 NAG BA . 17.60 25.13 -37.80
C3 NAG BA . 16.56 25.80 -38.69
C4 NAG BA . 17.21 26.88 -39.55
C5 NAG BA . 18.39 26.29 -40.33
C6 NAG BA . 19.15 27.33 -41.12
C7 NAG BA . 17.14 23.94 -35.70
C8 NAG BA . 16.45 22.78 -35.06
N2 NAG BA . 16.99 24.06 -37.03
O3 NAG BA . 15.54 26.38 -37.88
O4 NAG BA . 16.25 27.41 -40.47
O5 NAG BA . 19.32 25.69 -39.42
O6 NAG BA . 19.97 26.73 -42.11
O7 NAG BA . 17.80 24.74 -35.04
C1 NAG CA . 54.21 11.22 -34.63
C2 NAG CA . 55.30 10.18 -34.37
C3 NAG CA . 55.39 9.87 -32.89
C4 NAG CA . 55.55 11.14 -32.08
C5 NAG CA . 54.45 12.14 -32.42
C6 NAG CA . 54.63 13.48 -31.75
C7 NAG CA . 55.86 8.57 -36.14
C8 NAG CA . 55.48 7.29 -36.82
N2 NAG CA . 55.06 8.96 -35.14
O3 NAG CA . 56.49 9.00 -32.64
O4 NAG CA . 55.50 10.84 -30.69
O5 NAG CA . 54.45 12.39 -33.83
O6 NAG CA . 53.93 13.53 -30.51
O7 NAG CA . 56.85 9.22 -36.48
C1 NAG DA . 35.77 23.79 -15.62
C2 NAG DA . 35.14 23.88 -14.24
C3 NAG DA . 34.06 24.95 -14.21
C4 NAG DA . 34.63 26.28 -14.68
C5 NAG DA . 35.28 26.13 -16.05
C6 NAG DA . 36.00 27.39 -16.51
C7 NAG DA . 35.05 21.90 -12.78
C8 NAG DA . 34.37 20.60 -12.50
N2 NAG DA . 34.60 22.59 -13.83
O3 NAG DA . 33.55 25.08 -12.89
O4 NAG DA . 33.60 27.26 -14.75
O5 NAG DA . 36.28 25.10 -16.01
O6 NAG DA . 35.58 27.76 -17.82
O7 NAG DA . 35.98 22.33 -12.08
C1 NAG EA . 24.29 -12.15 -37.50
C2 NAG EA . 23.33 -11.62 -38.59
C3 NAG EA . 23.28 -12.60 -39.75
C4 NAG EA . 24.68 -12.89 -40.27
C5 NAG EA . 25.58 -13.37 -39.13
C6 NAG EA . 27.02 -13.57 -39.54
C7 NAG EA . 21.49 -10.18 -37.85
C8 NAG EA . 20.10 -10.13 -37.29
N2 NAG EA . 22.00 -11.40 -38.04
O3 NAG EA . 22.49 -12.05 -40.80
O4 NAG EA . 24.64 -13.90 -41.28
O5 NAG EA . 25.58 -12.40 -38.07
O6 NAG EA . 27.82 -13.96 -38.44
O7 NAG EA . 22.11 -9.16 -38.11
C1 NAG FA . 0.97 48.00 4.87
C2 NAG FA . -0.41 47.87 5.51
C3 NAG FA . -1.49 48.28 4.50
C4 NAG FA . -1.21 49.67 3.96
C5 NAG FA . 0.20 49.73 3.38
C6 NAG FA . 0.59 51.12 2.92
C7 NAG FA . -0.55 46.17 7.27
C8 NAG FA . -0.82 44.73 7.59
N2 NAG FA . -0.64 46.51 5.99
O3 NAG FA . -2.76 48.25 5.15
O4 NAG FA . -2.15 49.98 2.94
O5 NAG FA . 1.16 49.35 4.38
O6 NAG FA . 2.00 51.28 2.90
O7 NAG FA . -0.29 46.99 8.14
C1 NAG GA . 1.72 -3.63 -43.21
C2 NAG GA . 1.05 -3.70 -44.58
C3 NAG GA . 1.60 -4.90 -45.37
C4 NAG GA . 3.12 -4.82 -45.45
C5 NAG GA . 3.71 -4.71 -44.04
C6 NAG GA . 5.21 -4.51 -44.05
C7 NAG GA . -1.22 -2.76 -44.59
C8 NAG GA . -2.68 -3.04 -44.43
N2 NAG GA . -0.40 -3.81 -44.46
O3 NAG GA . 1.05 -4.88 -46.68
O4 NAG GA . 3.62 -6.00 -46.06
O5 NAG GA . 3.15 -3.57 -43.37
O6 NAG GA . 5.66 -3.86 -42.86
O7 NAG GA . -0.80 -1.63 -44.85
C1 NAG HA . -11.72 29.33 -22.52
C2 NAG HA . -11.41 30.51 -23.45
C3 NAG HA . -12.70 31.27 -23.78
C4 NAG HA . -13.76 30.32 -24.34
C5 NAG HA . -13.98 29.17 -23.37
C6 NAG HA . -14.94 28.12 -23.90
C7 NAG HA . -9.49 32.04 -23.54
C8 NAG HA . -8.58 32.92 -22.76
N2 NAG HA . -10.44 31.40 -22.85
O3 NAG HA . -12.41 32.28 -24.74
O4 NAG HA . -14.99 31.01 -24.54
O5 NAG HA . -12.74 28.49 -23.11
O6 NAG HA . -15.32 27.20 -22.89
O7 NAG HA . -9.38 31.90 -24.75
C1 NAG IA . -20.18 24.55 -41.33
C2 NAG IA . -18.83 25.29 -41.33
C3 NAG IA . -19.01 26.70 -40.80
C4 NAG IA . -20.10 27.43 -41.58
C5 NAG IA . -21.39 26.61 -41.57
C6 NAG IA . -22.48 27.21 -42.43
C7 NAG IA . -16.94 23.75 -41.07
C8 NAG IA . -16.00 23.10 -40.10
N2 NAG IA . -17.85 24.57 -40.53
O3 NAG IA . -17.79 27.41 -40.91
O4 NAG IA . -20.35 28.71 -41.01
O5 NAG IA . -21.14 25.30 -42.09
O6 NAG IA . -23.72 26.52 -42.27
O7 NAG IA . -16.88 23.54 -42.27
C1 NAG JA . -57.70 6.96 -40.07
C2 NAG JA . -59.09 7.15 -39.49
C3 NAG JA . -59.92 8.07 -40.38
C4 NAG JA . -59.19 9.38 -40.62
C5 NAG JA . -57.79 9.11 -41.15
C6 NAG JA . -56.95 10.36 -41.29
C7 NAG JA . -59.83 5.24 -38.13
C8 NAG JA . -60.56 3.93 -38.12
N2 NAG JA . -59.76 5.87 -39.30
O3 NAG JA . -61.18 8.32 -39.76
O4 NAG JA . -59.90 10.18 -41.55
O5 NAG JA . -57.07 8.24 -40.26
O6 NAG JA . -56.08 10.29 -42.41
O7 NAG JA . -59.31 5.70 -37.11
C1 NAG KA . -35.85 -13.18 -53.81
C2 NAG KA . -36.68 -13.96 -54.83
C3 NAG KA . -35.78 -14.91 -55.63
C4 NAG KA . -34.62 -14.15 -56.25
C5 NAG KA . -33.87 -13.37 -55.18
C6 NAG KA . -32.77 -12.50 -55.74
C7 NAG KA . -39.01 -14.27 -54.12
C8 NAG KA . -39.98 -15.16 -53.41
N2 NAG KA . -37.75 -14.70 -54.18
O3 NAG KA . -36.55 -15.54 -56.64
O4 NAG KA . -33.72 -15.05 -56.88
O5 NAG KA . -34.78 -12.49 -54.49
O6 NAG KA . -31.60 -12.55 -54.93
O7 NAG KA . -39.35 -13.21 -54.63
C1 NAG LA . -44.62 2.92 -48.74
C2 NAG LA . -43.26 2.69 -49.42
C3 NAG LA . -42.22 3.67 -48.88
C4 NAG LA . -42.72 5.10 -48.99
C5 NAG LA . -44.08 5.24 -48.31
C6 NAG LA . -44.69 6.61 -48.48
C7 NAG LA . -42.68 0.47 -50.28
C8 NAG LA . -42.19 -0.91 -49.91
N2 NAG LA . -42.81 1.32 -49.26
O3 NAG LA . -41.01 3.52 -49.60
O4 NAG LA . -41.80 5.99 -48.37
O5 NAG LA . -45.01 4.29 -48.87
O6 NAG LA . -45.63 6.89 -47.45
O7 NAG LA . -42.93 0.78 -51.43
C1 NAG MA . 54.30 21.91 -13.05
C2 NAG MA . 53.97 23.39 -13.29
C3 NAG MA . 54.84 24.28 -12.40
C4 NAG MA . 54.73 23.85 -10.94
C5 NAG MA . 55.02 22.35 -10.79
C6 NAG MA . 54.80 21.85 -9.39
C7 NAG MA . 53.32 24.58 -15.33
C8 NAG MA . 53.65 24.84 -16.77
N2 NAG MA . 54.13 23.74 -14.68
O3 NAG MA . 54.44 25.64 -12.54
O4 NAG MA . 55.65 24.59 -10.14
O5 NAG MA . 54.15 21.60 -11.65
O6 NAG MA . 56.04 21.50 -8.77
O7 NAG MA . 52.38 25.12 -14.77
C1 NAG NA . 21.49 56.59 14.09
C2 NAG NA . 20.82 55.44 13.36
C3 NAG NA . 21.38 55.35 11.95
C4 NAG NA . 21.18 56.69 11.25
C5 NAG NA . 21.84 57.80 12.06
C6 NAG NA . 21.61 59.15 11.41
C7 NAG NA . 20.05 53.49 14.55
C8 NAG NA . 20.37 52.08 14.95
N2 NAG NA . 21.06 54.19 14.05
O3 NAG NA . 20.71 54.33 11.22
O4 NAG NA . 21.77 56.63 9.95
O5 NAG NA . 21.31 57.82 13.38
O6 NAG NA . 20.22 59.45 11.45
O7 NAG NA . 18.93 53.96 14.65
C1 NAG OA . -24.69 18.01 36.97
C2 NAG OA . -25.87 18.17 37.95
C3 NAG OA . -26.62 16.85 38.10
C4 NAG OA . -27.03 16.30 36.74
C5 NAG OA . -25.81 16.20 35.83
C6 NAG OA . -26.16 15.77 34.42
C7 NAG OA . -25.62 19.91 39.66
C8 NAG OA . -25.07 20.23 41.02
N2 NAG OA . -25.41 18.67 39.23
O3 NAG OA . -27.76 17.05 38.92
O4 NAG OA . -27.60 15.01 36.91
O5 NAG OA . -25.18 17.49 35.71
O6 NAG OA . -25.18 14.89 33.89
O7 NAG OA . -26.23 20.73 38.99
C1 NAG PA . -5.65 51.71 33.74
C2 NAG PA . -5.27 53.18 33.60
C3 NAG PA . -3.90 53.32 32.94
C4 NAG PA . -2.86 52.52 33.71
C5 NAG PA . -3.31 51.07 33.86
C6 NAG PA . -2.39 50.25 34.74
C7 NAG PA . -7.20 54.69 33.40
C8 NAG PA . -8.17 55.35 32.46
N2 NAG PA . -6.28 53.91 32.83
O3 NAG PA . -3.54 54.69 32.89
O4 NAG PA . -1.62 52.56 33.02
O5 NAG PA . -4.61 51.02 34.47
O6 NAG PA . -1.31 49.71 33.99
O7 NAG PA . -7.26 54.85 34.61
C1 NAG QA . 5.14 24.64 33.21
C2 NAG QA . 6.57 25.16 33.28
C3 NAG QA . 7.53 24.21 32.56
C4 NAG QA . 7.37 22.79 33.12
C5 NAG QA . 5.92 22.36 33.06
C6 NAG QA . 5.67 21.01 33.70
C7 NAG QA . 7.45 27.46 33.19
C8 NAG QA . 7.43 28.77 32.47
N2 NAG QA . 6.67 26.50 32.70
O3 NAG QA . 8.87 24.65 32.73
O4 NAG QA . 8.17 21.89 32.35
O5 NAG QA . 5.10 23.31 33.75
O6 NAG QA . 6.29 19.97 32.95
O7 NAG QA . 8.17 27.27 34.17
C1 NAG RA . -24.53 37.49 4.86
C2 NAG RA . -25.96 37.07 5.17
C3 NAG RA . -26.96 37.92 4.38
C4 NAG RA . -26.70 39.40 4.63
C5 NAG RA . -25.24 39.74 4.33
C6 NAG RA . -24.88 41.16 4.66
C7 NAG RA . -26.11 34.70 5.83
C8 NAG RA . -26.34 33.31 5.36
N2 NAG RA . -26.16 35.65 4.88
O3 NAG RA . -28.28 37.58 4.77
O4 NAG RA . -27.54 40.19 3.79
O5 NAG RA . -24.37 38.90 5.11
O6 NAG RA . -23.47 41.38 4.64
O7 NAG RA . -25.89 34.97 7.01
C1 NAG SA . -40.44 16.36 6.89
C2 NAG SA . -41.47 17.06 7.79
C3 NAG SA . -42.36 17.97 6.96
C4 NAG SA . -41.51 18.95 6.14
C5 NAG SA . -40.49 18.19 5.31
C6 NAG SA . -39.53 19.11 4.58
C7 NAG SA . -42.64 16.22 9.77
C8 NAG SA . -43.48 15.11 10.35
N2 NAG SA . -42.28 16.08 8.50
O3 NAG SA . -43.24 18.69 7.82
O4 NAG SA . -42.35 19.73 5.29
O5 NAG SA . -39.68 17.36 6.16
O6 NAG SA . -38.69 18.38 3.69
O7 NAG SA . -42.33 17.21 10.43
C1 NAG TA . -27.66 -13.91 29.54
C2 NAG TA . -27.42 -15.39 29.23
C3 NAG TA . -28.49 -16.25 29.88
C4 NAG TA . -28.55 -15.97 31.38
C5 NAG TA . -28.76 -14.47 31.62
C6 NAG TA . -28.71 -14.09 33.07
C7 NAG TA . -26.27 -15.86 27.10
C8 NAG TA . -26.42 -16.08 25.63
N2 NAG TA . -27.40 -15.63 27.79
O3 NAG TA . -28.20 -17.63 29.66
O4 NAG TA . -29.63 -16.69 31.97
O5 NAG TA . -27.72 -13.73 30.96
O6 NAG TA . -29.53 -12.96 33.35
O7 NAG TA . -25.17 -15.88 27.65
C1 NAG UA . -47.12 -11.71 24.46
C2 NAG UA . -46.82 -10.82 25.67
C3 NAG UA . -46.27 -11.66 26.83
C4 NAG UA . -47.21 -12.82 27.14
C5 NAG UA . -47.47 -13.64 25.87
C6 NAG UA . -48.48 -14.74 26.09
C7 NAG UA . -46.28 -8.51 25.08
C8 NAG UA . -45.20 -7.54 24.73
N2 NAG UA . -45.90 -9.76 25.32
O3 NAG UA . -46.12 -10.83 27.97
O4 NAG UA . -46.62 -13.66 28.12
O5 NAG UA . -48.00 -12.79 24.85
O6 NAG UA . -48.20 -15.87 25.25
O7 NAG UA . -47.47 -8.16 25.13
C1 NAG VA . -63.12 -34.88 -6.16
C2 NAG VA . -63.19 -36.32 -6.67
C3 NAG VA . -64.45 -37.01 -6.13
C4 NAG VA . -64.52 -36.89 -4.62
C5 NAG VA . -64.37 -35.44 -4.19
C6 NAG VA . -64.30 -35.27 -2.68
C7 NAG VA . -62.05 -36.60 -8.82
C8 NAG VA . -62.20 -36.62 -10.31
N2 NAG VA . -63.16 -36.36 -8.12
O3 NAG VA . -64.44 -38.37 -6.53
O4 NAG VA . -65.75 -37.41 -4.15
O5 NAG VA . -63.18 -34.87 -4.73
O6 NAG VA . -63.62 -36.36 -2.08
O7 NAG VA . -60.96 -36.81 -8.27
C1 NAG WA . -64.61 -18.86 -4.43
C2 NAG WA . -64.62 -17.37 -4.10
C3 NAG WA . -63.78 -17.10 -2.86
C4 NAG WA . -64.23 -17.98 -1.69
C5 NAG WA . -64.21 -19.45 -2.12
C6 NAG WA . -64.75 -20.38 -1.06
C7 NAG WA . -64.91 -15.69 -5.87
C8 NAG WA . -64.25 -14.95 -6.99
N2 NAG WA . -64.14 -16.57 -5.21
O3 NAG WA . -63.89 -15.72 -2.50
O4 NAG WA . -63.36 -17.80 -0.58
O5 NAG WA . -65.03 -19.62 -3.29
O6 NAG WA . -64.29 -21.70 -1.26
O7 NAG WA . -66.08 -15.49 -5.56
C1 NAG XA . 13.13 39.20 38.89
C2 NAG XA . 13.13 39.24 40.42
C3 NAG XA . 14.54 38.99 40.96
C4 NAG XA . 15.11 37.70 40.39
C5 NAG XA . 15.04 37.72 38.86
C6 NAG XA . 15.48 36.42 38.24
C7 NAG XA . 11.52 40.61 41.68
C8 NAG XA . 11.13 41.99 42.09
N2 NAG XA . 12.61 40.51 40.90
O3 NAG XA . 14.50 38.93 42.37
O4 NAG XA . 16.47 37.55 40.79
O5 NAG XA . 13.68 37.95 38.44
O6 NAG XA . 16.89 36.30 38.22
O7 NAG XA . 10.90 39.62 42.03
C1 NAG YA . 28.14 -2.44 46.31
C2 NAG YA . 26.63 -2.51 46.19
C3 NAG YA . 26.02 -1.11 46.22
C4 NAG YA . 26.51 -0.34 47.44
C5 NAG YA . 28.04 -0.34 47.50
C6 NAG YA . 28.58 0.29 48.75
C7 NAG YA . 25.20 -4.08 44.95
C8 NAG YA . 24.93 -4.71 43.62
N2 NAG YA . 26.22 -3.21 44.98
O3 NAG YA . 24.61 -1.19 46.23
O4 NAG YA . 26.06 1.01 47.38
O5 NAG YA . 28.51 -1.71 47.49
O6 NAG YA . 28.03 -0.30 49.93
O7 NAG YA . 24.53 -4.33 45.95
C1 NAG ZA . 3.39 -16.77 49.86
C2 NAG ZA . 4.30 -17.65 50.72
C3 NAG ZA . 3.72 -19.06 50.84
C4 NAG ZA . 2.28 -19.00 51.34
C5 NAG ZA . 1.45 -18.07 50.46
C6 NAG ZA . 0.04 -17.88 50.97
C7 NAG ZA . 6.74 -17.72 50.94
C8 NAG ZA . 8.05 -17.78 50.22
N2 NAG ZA . 5.65 -17.70 50.18
O3 NAG ZA . 4.51 -19.83 51.73
O4 NAG ZA . 1.71 -20.31 51.33
O5 NAG ZA . 2.06 -16.78 50.40
O6 NAG ZA . -0.56 -16.75 50.38
O7 NAG ZA . 6.68 -17.69 52.17
#